data_2H3Z
#
_entry.id   2H3Z
#
_cell.length_a   1.000
_cell.length_b   1.000
_cell.length_c   1.000
_cell.angle_alpha   90.00
_cell.angle_beta   90.00
_cell.angle_gamma   90.00
#
_symmetry.space_group_name_H-M   'P 1'
#
loop_
_entity.id
_entity.type
_entity.pdbx_description
1 polymer 'Gag polyprotein'
2 non-polymer '(2R)-3-{[(R)-HYDROXY{[(1R,2R,3S,4R,5R,6S)-2,3,6-TRIHYDROXY-4,5-BIS(PHOSPHONOOXY)CYCLOHEXYL]OXY}PHOSPHORYL]OXY}PROPANE-1 ,2-DIYL DIBUTANOATE'
#
_entity_poly.entity_id   1
_entity_poly.type   'polypeptide(L)'
_entity_poly.pdbx_seq_one_letter_code
;GARASVLSGGELDKWEKIRLRPGGKKQYKLKHIVWASRELERFAVNPGLLETSEGCRQILGQLQPSLQTGSEELRSLYNT
IAVLYCVHQRIDVKDTKEALDKIEEEQNKSKKKAQQAAADTGNNSQVSQNY
;
_entity_poly.pdbx_strand_id   A
#
loop_
_chem_comp.id
_chem_comp.type
_chem_comp.name
_chem_comp.formula
PBU non-polymer '(2R)-3-{[(R)-HYDROXY{[(1R,2R,3S,4R,5R,6S)-2,3,6-TRIHYDROXY-4,5-BIS(PHOSPHONOOXY)CYCLOHEXYL]OXY}PHOSPHORYL]OXY}PROPANE-1 ,2-DIYL DIBUTANOATE' 'C17 H33 O19 P3'
#
# COMPACT_ATOMS: atom_id res chain seq x y z
N GLY A 1 10.22 20.21 -6.10
CA GLY A 1 10.12 19.92 -7.52
C GLY A 1 8.69 19.75 -7.98
N ALA A 2 8.11 20.81 -8.53
CA ALA A 2 6.74 20.77 -9.02
C ALA A 2 5.78 20.29 -7.93
N ARG A 3 5.75 21.02 -6.81
CA ARG A 3 4.88 20.67 -5.70
C ARG A 3 5.18 19.26 -5.20
N ALA A 4 6.03 19.17 -4.18
CA ALA A 4 6.41 17.88 -3.62
C ALA A 4 5.32 17.35 -2.70
N SER A 5 4.12 17.16 -3.25
CA SER A 5 2.99 16.65 -2.48
C SER A 5 2.69 15.20 -2.83
N VAL A 6 2.32 14.41 -1.82
CA VAL A 6 2.00 13.01 -2.02
C VAL A 6 0.62 12.84 -2.64
N LEU A 7 -0.38 13.41 -1.98
CA LEU A 7 -1.76 13.32 -2.46
C LEU A 7 -2.27 14.70 -2.88
N SER A 8 -2.93 14.75 -4.03
CA SER A 8 -3.48 16.00 -4.55
C SER A 8 -4.73 16.41 -3.78
N GLY A 9 -5.44 17.39 -4.31
CA GLY A 9 -6.66 17.87 -3.66
C GLY A 9 -7.71 16.79 -3.55
N GLY A 10 -8.18 16.30 -4.70
CA GLY A 10 -9.19 15.26 -4.70
C GLY A 10 -8.76 14.02 -3.96
N GLU A 11 -7.46 13.72 -4.01
CA GLU A 11 -6.91 12.54 -3.34
C GLU A 11 -6.88 12.75 -1.83
N LEU A 12 -6.46 13.94 -1.41
CA LEU A 12 -6.37 14.26 0.01
C LEU A 12 -7.70 13.99 0.71
N ASP A 13 -8.78 14.51 0.14
CA ASP A 13 -10.11 14.32 0.72
C ASP A 13 -10.41 12.84 0.92
N LYS A 14 -10.40 12.08 -0.17
CA LYS A 14 -10.66 10.65 -0.11
C LYS A 14 -9.74 9.97 0.89
N TRP A 15 -8.48 10.36 0.89
CA TRP A 15 -7.50 9.79 1.81
C TRP A 15 -7.99 9.88 3.26
N GLU A 16 -8.51 11.04 3.63
CA GLU A 16 -9.02 11.25 4.98
C GLU A 16 -10.20 10.33 5.27
N LYS A 17 -10.82 9.83 4.21
CA LYS A 17 -11.96 8.94 4.35
C LYS A 17 -11.55 7.58 4.90
N ILE A 18 -10.74 6.85 4.12
CA ILE A 18 -10.26 5.55 4.53
C ILE A 18 -9.77 5.57 5.98
N ARG A 19 -9.96 4.46 6.68
CA ARG A 19 -9.52 4.35 8.07
C ARG A 19 -8.48 3.25 8.24
N LEU A 20 -7.71 3.33 9.32
CA LEU A 20 -6.68 2.34 9.59
C LEU A 20 -7.29 0.96 9.80
N ARG A 21 -8.44 0.92 10.47
CA ARG A 21 -9.12 -0.34 10.74
C ARG A 21 -10.53 -0.33 10.14
N PRO A 22 -11.06 -1.53 9.85
CA PRO A 22 -12.40 -1.69 9.27
C PRO A 22 -13.50 -1.32 10.26
N GLY A 23 -13.34 -1.77 11.51
CA GLY A 23 -14.33 -1.49 12.53
C GLY A 23 -13.85 -0.45 13.54
N GLY A 24 -12.99 0.46 13.08
CA GLY A 24 -12.47 1.48 13.96
C GLY A 24 -13.07 2.84 13.69
N LYS A 25 -12.62 3.85 14.44
CA LYS A 25 -13.13 5.21 14.28
C LYS A 25 -12.00 6.16 13.87
N LYS A 26 -10.78 5.64 13.81
CA LYS A 26 -9.63 6.44 13.43
C LYS A 26 -9.44 6.43 11.91
N GLN A 27 -9.62 7.60 11.30
CA GLN A 27 -9.45 7.72 9.85
C GLN A 27 -8.00 8.01 9.49
N TYR A 28 -7.72 8.06 8.19
CA TYR A 28 -6.37 8.32 7.71
C TYR A 28 -6.07 9.82 7.70
N LYS A 29 -4.83 10.17 8.02
CA LYS A 29 -4.42 11.57 8.05
C LYS A 29 -3.02 11.74 7.48
N LEU A 30 -2.61 12.99 7.27
CA LEU A 30 -1.29 13.28 6.73
C LEU A 30 -0.20 12.56 7.51
N LYS A 31 -0.39 12.47 8.83
CA LYS A 31 0.57 11.80 9.70
C LYS A 31 0.97 10.45 9.12
N HIS A 32 -0.02 9.64 8.81
CA HIS A 32 0.22 8.30 8.25
C HIS A 32 1.02 8.41 6.95
N ILE A 33 0.85 9.45 6.16
CA ILE A 33 1.59 9.59 4.91
C ILE A 33 3.06 9.97 5.17
N VAL A 34 3.27 11.18 5.65
CA VAL A 34 4.62 11.66 5.95
C VAL A 34 5.40 10.62 6.74
N TRP A 35 4.71 9.89 7.60
CA TRP A 35 5.34 8.87 8.42
C TRP A 35 6.09 7.86 7.54
N ALA A 36 5.36 7.22 6.63
CA ALA A 36 5.95 6.24 5.74
C ALA A 36 7.16 6.81 5.02
N SER A 37 7.09 8.10 4.69
CA SER A 37 8.18 8.77 3.99
C SER A 37 9.44 8.81 4.85
N ARG A 38 9.28 9.30 6.08
CA ARG A 38 10.41 9.40 7.01
C ARG A 38 11.08 8.03 7.19
N GLU A 39 10.32 6.98 6.97
CA GLU A 39 10.84 5.62 7.11
C GLU A 39 11.49 5.14 5.82
N LEU A 40 10.88 5.48 4.69
CA LEU A 40 11.39 5.09 3.39
C LEU A 40 12.84 5.53 3.22
N GLU A 41 13.14 6.74 3.66
CA GLU A 41 14.50 7.29 3.57
C GLU A 41 15.48 6.39 4.31
N ARG A 42 14.98 5.60 5.25
CA ARG A 42 15.82 4.71 6.04
C ARG A 42 15.99 3.37 5.33
N PHE A 43 15.06 3.06 4.43
CA PHE A 43 15.11 1.80 3.69
C PHE A 43 15.75 2.00 2.32
N ALA A 44 16.58 3.04 2.21
CA ALA A 44 17.26 3.35 0.95
C ALA A 44 16.26 3.71 -0.14
N VAL A 45 15.08 4.16 0.27
CA VAL A 45 14.03 4.54 -0.67
C VAL A 45 13.63 6.00 -0.48
N ASN A 46 13.45 6.71 -1.58
CA ASN A 46 13.06 8.12 -1.54
C ASN A 46 11.56 8.26 -1.30
N PRO A 47 11.18 9.25 -0.48
CA PRO A 47 9.78 9.52 -0.17
C PRO A 47 9.00 10.07 -1.36
N GLY A 48 9.73 10.40 -2.44
CA GLY A 48 9.09 10.92 -3.62
C GLY A 48 8.33 9.87 -4.40
N LEU A 49 8.65 8.61 -4.15
CA LEU A 49 7.99 7.50 -4.83
C LEU A 49 6.49 7.50 -4.54
N LEU A 50 6.10 8.19 -3.48
CA LEU A 50 4.70 8.26 -3.08
C LEU A 50 3.96 9.33 -3.90
N GLU A 51 4.72 10.06 -4.72
CA GLU A 51 4.14 11.11 -5.55
C GLU A 51 3.83 10.58 -6.95
N THR A 52 3.67 9.26 -7.05
CA THR A 52 3.37 8.64 -8.34
C THR A 52 2.88 7.21 -8.15
N SER A 53 1.63 6.97 -8.55
CA SER A 53 1.03 5.64 -8.41
C SER A 53 1.97 4.57 -8.94
N GLU A 54 2.67 4.88 -10.03
CA GLU A 54 3.60 3.94 -10.64
C GLU A 54 4.72 3.57 -9.66
N GLY A 55 5.10 4.53 -8.82
CA GLY A 55 6.15 4.29 -7.86
C GLY A 55 5.65 3.56 -6.63
N CYS A 56 4.45 3.90 -6.18
CA CYS A 56 3.86 3.25 -5.01
C CYS A 56 3.78 1.74 -5.19
N ARG A 57 3.70 1.31 -6.45
CA ARG A 57 3.61 -0.11 -6.75
C ARG A 57 4.97 -0.79 -6.54
N GLN A 58 6.03 -0.09 -6.88
CA GLN A 58 7.38 -0.63 -6.73
C GLN A 58 7.72 -0.83 -5.25
N ILE A 59 7.25 0.08 -4.41
CA ILE A 59 7.49 0.00 -2.98
C ILE A 59 6.97 -1.31 -2.39
N LEU A 60 5.70 -1.60 -2.63
CA LEU A 60 5.08 -2.81 -2.13
C LEU A 60 5.76 -4.05 -2.72
N GLY A 61 6.16 -3.94 -3.98
CA GLY A 61 6.83 -5.06 -4.63
C GLY A 61 8.23 -5.29 -4.12
N GLN A 62 8.85 -4.23 -3.59
CA GLN A 62 10.21 -4.32 -3.06
C GLN A 62 10.20 -4.91 -1.66
N LEU A 63 9.31 -4.41 -0.81
CA LEU A 63 9.21 -4.89 0.57
C LEU A 63 8.54 -6.25 0.61
N GLN A 64 7.75 -6.55 -0.41
CA GLN A 64 7.04 -7.82 -0.49
C GLN A 64 7.98 -8.98 -0.18
N PRO A 65 9.03 -9.14 -0.99
CA PRO A 65 10.01 -10.21 -0.83
C PRO A 65 10.89 -9.99 0.40
N SER A 66 10.61 -8.93 1.16
CA SER A 66 11.36 -8.62 2.35
C SER A 66 10.49 -8.76 3.61
N LEU A 67 9.20 -8.97 3.40
CA LEU A 67 8.26 -9.13 4.50
C LEU A 67 8.64 -10.31 5.38
N GLN A 68 9.48 -11.18 4.85
CA GLN A 68 9.94 -12.35 5.60
C GLN A 68 11.10 -12.01 6.50
N THR A 69 12.05 -11.24 5.97
CA THR A 69 13.23 -10.85 6.73
C THR A 69 13.05 -9.46 7.33
N GLY A 70 11.83 -9.16 7.76
CA GLY A 70 11.54 -7.85 8.35
C GLY A 70 10.48 -7.94 9.43
N SER A 71 10.60 -7.07 10.42
CA SER A 71 9.64 -7.04 11.53
C SER A 71 8.46 -6.14 11.21
N GLU A 72 7.68 -5.82 12.23
CA GLU A 72 6.51 -4.95 12.05
C GLU A 72 6.90 -3.64 11.39
N GLU A 73 8.13 -3.20 11.62
CA GLU A 73 8.62 -1.96 11.05
C GLU A 73 8.32 -1.89 9.55
N LEU A 74 8.40 -3.04 8.89
CA LEU A 74 8.13 -3.11 7.46
C LEU A 74 6.67 -3.48 7.19
N ARG A 75 6.05 -4.17 8.15
CA ARG A 75 4.66 -4.57 8.02
C ARG A 75 3.74 -3.36 7.99
N SER A 76 4.03 -2.37 8.84
CA SER A 76 3.23 -1.17 8.91
C SER A 76 3.27 -0.40 7.59
N LEU A 77 4.46 -0.29 7.01
CA LEU A 77 4.64 0.42 5.75
C LEU A 77 3.74 -0.17 4.67
N TYR A 78 3.87 -1.47 4.44
CA TYR A 78 3.06 -2.15 3.43
C TYR A 78 1.59 -1.78 3.56
N ASN A 79 1.10 -1.72 4.80
CA ASN A 79 -0.29 -1.37 5.06
C ASN A 79 -0.60 0.03 4.53
N THR A 80 0.09 1.02 5.05
CA THR A 80 -0.11 2.40 4.63
C THR A 80 -0.01 2.54 3.11
N ILE A 81 1.11 2.08 2.56
CA ILE A 81 1.32 2.15 1.12
C ILE A 81 0.14 1.55 0.36
N ALA A 82 -0.38 0.43 0.85
CA ALA A 82 -1.51 -0.23 0.23
C ALA A 82 -2.69 0.73 0.05
N VAL A 83 -2.99 1.49 1.10
CA VAL A 83 -4.09 2.44 1.06
C VAL A 83 -3.78 3.59 0.11
N LEU A 84 -2.59 4.16 0.24
CA LEU A 84 -2.17 5.27 -0.61
C LEU A 84 -2.20 4.87 -2.08
N TYR A 85 -1.46 3.82 -2.43
CA TYR A 85 -1.41 3.34 -3.80
C TYR A 85 -2.81 3.28 -4.41
N CYS A 86 -3.74 2.71 -3.67
CA CYS A 86 -5.12 2.58 -4.13
C CYS A 86 -5.70 3.95 -4.49
N VAL A 87 -5.49 4.92 -3.61
CA VAL A 87 -6.00 6.27 -3.83
C VAL A 87 -5.62 6.78 -5.22
N HIS A 88 -4.35 6.59 -5.58
CA HIS A 88 -3.86 7.03 -6.88
C HIS A 88 -4.58 6.30 -8.01
N GLN A 89 -4.87 5.01 -7.88
CA GLN A 89 -5.56 4.27 -8.93
C GLN A 89 -7.07 4.53 -8.88
N ARG A 90 -7.46 5.58 -8.15
CA ARG A 90 -8.87 5.92 -8.02
C ARG A 90 -9.60 4.89 -7.16
N ILE A 91 -8.98 4.50 -6.05
CA ILE A 91 -9.58 3.52 -5.14
C ILE A 91 -9.66 4.09 -3.73
N ASP A 92 -10.76 3.77 -3.05
CA ASP A 92 -10.98 4.24 -1.68
C ASP A 92 -11.48 3.10 -0.80
N VAL A 93 -10.70 2.03 -0.71
CA VAL A 93 -11.07 0.88 0.10
C VAL A 93 -11.75 1.31 1.40
N LYS A 94 -12.76 0.55 1.81
CA LYS A 94 -13.48 0.85 3.03
C LYS A 94 -12.54 0.96 4.22
N ASP A 95 -11.39 0.30 4.13
CA ASP A 95 -10.40 0.32 5.19
C ASP A 95 -9.08 -0.27 4.72
N THR A 96 -8.06 -0.17 5.57
CA THR A 96 -6.73 -0.70 5.23
C THR A 96 -6.78 -2.22 5.05
N LYS A 97 -7.88 -2.82 5.48
CA LYS A 97 -8.05 -4.27 5.36
C LYS A 97 -8.44 -4.66 3.94
N GLU A 98 -9.42 -3.94 3.39
CA GLU A 98 -9.90 -4.21 2.04
C GLU A 98 -8.83 -3.86 1.01
N ALA A 99 -7.82 -3.10 1.43
CA ALA A 99 -6.73 -2.70 0.55
C ALA A 99 -5.72 -3.83 0.39
N LEU A 100 -5.51 -4.58 1.47
CA LEU A 100 -4.56 -5.69 1.44
C LEU A 100 -5.13 -6.89 0.70
N ASP A 101 -6.44 -7.08 0.82
CA ASP A 101 -7.13 -8.18 0.16
C ASP A 101 -7.25 -7.92 -1.33
N LYS A 102 -7.37 -6.66 -1.71
CA LYS A 102 -7.50 -6.27 -3.11
C LYS A 102 -6.20 -6.51 -3.86
N ILE A 103 -5.08 -6.46 -3.14
CA ILE A 103 -3.77 -6.67 -3.73
C ILE A 103 -3.28 -8.10 -3.48
N GLU A 104 -3.87 -8.76 -2.49
CA GLU A 104 -3.50 -10.13 -2.15
C GLU A 104 -4.32 -11.13 -2.96
N GLU A 105 -5.60 -10.83 -3.13
CA GLU A 105 -6.49 -11.71 -3.87
C GLU A 105 -5.95 -11.97 -5.28
N GLU A 106 -5.37 -10.93 -5.88
CA GLU A 106 -4.81 -11.06 -7.21
C GLU A 106 -3.74 -12.14 -7.27
N GLN A 107 -3.01 -12.30 -6.16
CA GLN A 107 -1.95 -13.28 -6.09
C GLN A 107 -2.48 -14.61 -5.54
N ASN A 108 -3.55 -14.53 -4.75
CA ASN A 108 -4.16 -15.71 -4.16
C ASN A 108 -4.68 -16.65 -5.25
N LYS A 109 -5.23 -16.06 -6.30
CA LYS A 109 -5.77 -16.85 -7.42
C LYS A 109 -4.73 -17.84 -7.93
N SER A 110 -3.49 -17.37 -8.07
CA SER A 110 -2.41 -18.22 -8.56
C SER A 110 -1.99 -19.24 -7.50
N LYS A 111 -2.01 -18.82 -6.24
CA LYS A 111 -1.64 -19.71 -5.14
C LYS A 111 -2.64 -20.84 -4.99
N LYS A 112 -3.87 -20.51 -4.64
CA LYS A 112 -4.92 -21.52 -4.47
C LYS A 112 -5.00 -22.43 -5.69
N LYS A 113 -4.57 -21.91 -6.84
CA LYS A 113 -4.59 -22.68 -8.07
C LYS A 113 -3.40 -23.63 -8.14
N ALA A 114 -2.19 -23.09 -8.07
CA ALA A 114 -0.98 -23.89 -8.13
C ALA A 114 -1.01 -24.99 -7.06
N GLN A 115 -1.65 -24.70 -5.94
CA GLN A 115 -1.75 -25.66 -4.84
C GLN A 115 -3.11 -26.35 -4.84
N GLN A 116 -4.13 -25.62 -4.40
CA GLN A 116 -5.48 -26.17 -4.34
C GLN A 116 -5.52 -27.45 -3.53
N ALA A 117 -4.57 -27.61 -2.62
CA ALA A 117 -4.49 -28.79 -1.77
C ALA A 117 -3.46 -28.61 -0.67
N ALA A 118 -2.28 -28.10 -1.03
CA ALA A 118 -1.22 -27.87 -0.06
C ALA A 118 -1.22 -26.44 0.43
N ALA A 119 -2.34 -25.74 0.23
CA ALA A 119 -2.46 -24.35 0.64
C ALA A 119 -3.64 -24.17 1.59
N ASP A 120 -3.95 -25.22 2.35
CA ASP A 120 -5.06 -25.18 3.29
C ASP A 120 -5.17 -26.50 4.05
N THR A 121 -5.50 -27.56 3.34
CA THR A 121 -5.65 -28.88 3.95
C THR A 121 -6.72 -28.88 5.02
N GLY A 122 -6.76 -29.94 5.82
CA GLY A 122 -7.75 -30.03 6.88
C GLY A 122 -7.23 -29.53 8.22
N ASN A 123 -6.85 -30.46 9.09
CA ASN A 123 -6.34 -30.12 10.41
C ASN A 123 -4.83 -30.35 10.48
N ASN A 124 -4.08 -29.25 10.61
CA ASN A 124 -2.62 -29.34 10.69
C ASN A 124 -2.01 -27.97 10.94
N SER A 125 -2.58 -27.24 11.90
CA SER A 125 -2.09 -25.90 12.24
C SER A 125 -1.67 -25.83 13.69
N GLN A 126 -0.36 -25.71 13.91
CA GLN A 126 0.19 -25.64 15.26
C GLN A 126 0.74 -24.24 15.54
N VAL A 127 0.90 -23.93 16.83
CA VAL A 127 1.42 -22.63 17.23
C VAL A 127 1.88 -22.65 18.69
N SER A 128 2.98 -21.95 18.96
CA SER A 128 3.53 -21.88 20.31
C SER A 128 4.19 -20.54 20.56
N GLN A 129 3.53 -19.71 21.38
CA GLN A 129 4.06 -18.39 21.70
C GLN A 129 5.17 -18.49 22.75
N ASN A 130 5.91 -17.39 22.92
CA ASN A 130 7.01 -17.36 23.88
C ASN A 130 6.53 -16.81 25.22
N TYR A 131 7.48 -16.54 26.12
CA TYR A 131 7.16 -16.01 27.44
C TYR A 131 7.75 -14.62 27.62
P1 PBU B . 0.30 6.33 15.45
P4 PBU B . -4.07 -1.27 15.39
P5 PBU B . 0.33 -1.02 13.82
C3' PBU B . 2.54 5.94 14.40
C2' PBU B . 2.13 6.18 12.94
O2' PBU B . 2.99 5.45 12.08
C1' PBU B . 2.19 7.68 12.55
O1' PBU B . 3.38 8.24 13.08
C1 PBU B . -0.89 3.67 15.03
O1 PBU B . 0.19 4.66 15.47
C2 PBU B . -2.24 3.77 15.83
O2 PBU B . -2.08 3.62 17.22
C3 PBU B . -3.24 2.71 15.31
O3 PBU B . -4.45 2.84 16.09
C4 PBU B . -2.64 1.25 15.42
O4 PBU B . -3.64 0.26 14.87
C5 PBU B . -1.29 1.21 14.60
O5 PBU B . -0.71 -0.12 14.74
C6 PBU B . -0.27 2.27 15.08
O6 PBU B . 0.91 2.30 14.26
C7 PBU B . 2.50 4.25 11.52
O7 PBU B . 3.10 3.21 11.63
C8 PBU B . 1.16 4.28 10.74
C9 PBU B . 1.06 3.07 9.80
C10 PBU B . -0.37 2.96 9.25
C11 PBU B . 3.64 9.62 13.01
O11 PBU B . 2.98 10.42 12.39
C12 PBU B . 4.92 10.09 13.76
C13 PBU B . 4.64 10.67 15.16
C14 PBU B . 4.14 12.11 15.07
O41 PBU B . -3.38 -2.08 14.29
O42 PBU B . -3.46 -1.41 16.75
O43 PBU B . -5.58 -1.39 15.44
O51 PBU B . -0.35 -2.37 13.87
O52 PBU B . 0.35 -0.28 12.49
O53 PBU B . 1.63 -0.94 14.60
OP1 PBU B . 1.75 6.68 15.31
OP2 PBU B . -0.54 6.68 14.22
OP3 PBU B . -0.23 6.75 16.79
H3'1 PBU B . 3.56 6.23 14.52
H3'2 PBU B . 2.46 4.91 14.60
H2' PBU B . 1.13 5.89 12.82
H1'1 PBU B . 2.24 7.78 11.50
H1'2 PBU B . 1.33 8.19 12.88
H1 PBU B . -1.21 3.93 14.01
H2 PBU B . -2.65 4.76 15.63
H02 PBU B . -1.62 2.87 17.52
H3 PBU B . -3.48 2.88 14.26
H03 PBU B . -4.30 2.61 17.00
H4 PBU B . -2.42 0.96 16.44
H5 PBU B . -1.57 1.41 13.57
H6 PBU B . 0.02 2.02 16.09
H06 PBU B . 1.50 1.60 14.47
H81 PBU B . 1.09 5.16 10.19
H82 PBU B . 0.37 4.24 11.44
H91 PBU B . 1.30 2.19 10.33
H92 PBU B . 1.73 3.19 8.99
H11 PBU B . -0.61 3.84 8.73
H12 PBU B . -1.05 2.83 10.03
H13 PBU B . -0.43 2.14 8.59
H121 PBU B . 5.57 9.27 13.86
H122 PBU B . 5.38 10.84 13.18
H131 PBU B . 3.90 10.07 15.63
H132 PBU B . 5.52 10.64 15.73
H141 PBU B . 3.28 12.15 14.47
H142 PBU B . 4.87 12.75 14.67
H143 PBU B . 3.90 12.45 16.04
N GLY A 1 -2.47 23.68 -4.68
CA GLY A 1 -2.57 23.36 -6.10
C GLY A 1 -1.21 23.19 -6.74
N ALA A 2 -0.39 24.24 -6.70
CA ALA A 2 0.94 24.19 -7.28
C ALA A 2 1.92 23.50 -6.35
N ARG A 3 1.69 23.61 -5.06
CA ARG A 3 2.56 22.99 -4.06
C ARG A 3 2.76 21.51 -4.36
N ALA A 4 3.92 20.98 -3.98
CA ALA A 4 4.24 19.58 -4.21
C ALA A 4 3.84 18.73 -3.02
N SER A 5 2.78 17.93 -3.20
CA SER A 5 2.30 17.06 -2.13
C SER A 5 2.15 15.62 -2.63
N VAL A 6 2.14 14.68 -1.69
CA VAL A 6 2.00 13.27 -2.02
C VAL A 6 0.64 12.99 -2.63
N LEU A 7 -0.41 13.46 -1.97
CA LEU A 7 -1.78 13.26 -2.45
C LEU A 7 -2.38 14.56 -2.95
N SER A 8 -2.99 14.50 -4.14
CA SER A 8 -3.60 15.67 -4.75
C SER A 8 -4.90 16.03 -4.03
N GLY A 9 -5.66 16.95 -4.63
CA GLY A 9 -6.92 17.37 -4.04
C GLY A 9 -7.89 16.22 -3.87
N GLY A 10 -8.31 15.63 -4.99
CA GLY A 10 -9.25 14.52 -4.95
C GLY A 10 -8.74 13.37 -4.09
N GLU A 11 -7.44 13.11 -4.16
CA GLU A 11 -6.83 12.04 -3.39
C GLU A 11 -6.84 12.37 -1.90
N LEU A 12 -6.61 13.63 -1.58
CA LEU A 12 -6.59 14.07 -0.19
C LEU A 12 -7.91 13.75 0.51
N ASP A 13 -9.01 14.17 -0.09
CA ASP A 13 -10.33 13.91 0.48
C ASP A 13 -10.53 12.43 0.75
N LYS A 14 -10.46 11.63 -0.32
CA LYS A 14 -10.64 10.19 -0.20
C LYS A 14 -9.71 9.62 0.86
N TRP A 15 -8.46 10.07 0.86
CA TRP A 15 -7.47 9.60 1.83
C TRP A 15 -8.01 9.72 3.26
N GLU A 16 -8.50 10.91 3.60
CA GLU A 16 -9.04 11.15 4.93
C GLU A 16 -10.24 10.24 5.20
N LYS A 17 -10.84 9.72 4.14
CA LYS A 17 -12.00 8.84 4.26
C LYS A 17 -11.59 7.49 4.83
N ILE A 18 -10.76 6.76 4.09
CA ILE A 18 -10.30 5.45 4.52
C ILE A 18 -9.86 5.48 5.98
N ARG A 19 -10.11 4.39 6.70
CA ARG A 19 -9.73 4.29 8.10
C ARG A 19 -8.65 3.23 8.30
N LEU A 20 -7.94 3.35 9.42
CA LEU A 20 -6.86 2.40 9.73
C LEU A 20 -7.42 1.01 9.99
N ARG A 21 -8.56 0.96 10.67
CA ARG A 21 -9.21 -0.32 10.99
C ARG A 21 -10.60 -0.39 10.38
N PRO A 22 -11.10 -1.61 10.15
CA PRO A 22 -12.42 -1.84 9.57
C PRO A 22 -13.55 -1.46 10.54
N GLY A 23 -13.32 -1.70 11.83
CA GLY A 23 -14.33 -1.38 12.83
C GLY A 23 -13.85 -0.32 13.80
N GLY A 24 -13.04 0.62 13.31
CA GLY A 24 -12.53 1.68 14.16
C GLY A 24 -13.13 3.02 13.81
N LYS A 25 -12.62 4.08 14.45
CA LYS A 25 -13.11 5.43 14.21
C LYS A 25 -11.97 6.36 13.81
N LYS A 26 -10.76 5.82 13.78
CA LYS A 26 -9.59 6.60 13.42
C LYS A 26 -9.37 6.58 11.90
N GLN A 27 -9.62 7.72 11.26
CA GLN A 27 -9.45 7.84 9.83
C GLN A 27 -8.00 8.14 9.46
N TYR A 28 -7.72 8.15 8.17
CA TYR A 28 -6.36 8.43 7.70
C TYR A 28 -6.09 9.92 7.67
N LYS A 29 -4.86 10.30 7.99
CA LYS A 29 -4.45 11.70 8.01
C LYS A 29 -3.05 11.87 7.44
N LEU A 30 -2.66 13.13 7.19
CA LEU A 30 -1.35 13.43 6.65
C LEU A 30 -0.25 12.74 7.46
N LYS A 31 -0.44 12.71 8.78
CA LYS A 31 0.53 12.08 9.68
C LYS A 31 0.93 10.70 9.15
N HIS A 32 -0.06 9.86 8.88
CA HIS A 32 0.19 8.51 8.38
C HIS A 32 1.00 8.56 7.08
N ILE A 33 0.85 9.59 6.26
CA ILE A 33 1.60 9.68 5.01
C ILE A 33 3.05 10.05 5.27
N VAL A 34 3.28 11.29 5.71
CA VAL A 34 4.63 11.76 6.00
C VAL A 34 5.42 10.72 6.80
N TRP A 35 4.73 10.00 7.66
CA TRP A 35 5.37 8.97 8.48
C TRP A 35 6.12 7.98 7.61
N ALA A 36 5.39 7.33 6.69
CA ALA A 36 6.00 6.35 5.80
C ALA A 36 7.15 6.96 5.01
N SER A 37 6.98 8.23 4.62
CA SER A 37 8.00 8.93 3.86
C SER A 37 9.30 9.05 4.65
N ARG A 38 9.16 9.25 5.96
CA ARG A 38 10.32 9.39 6.84
C ARG A 38 11.02 8.04 7.04
N GLU A 39 10.24 6.96 6.93
CA GLU A 39 10.79 5.62 7.09
C GLU A 39 11.47 5.14 5.81
N LEU A 40 10.87 5.48 4.67
CA LEU A 40 11.41 5.09 3.38
C LEU A 40 12.85 5.60 3.21
N GLU A 41 13.08 6.84 3.62
CA GLU A 41 14.41 7.44 3.52
C GLU A 41 15.43 6.63 4.30
N ARG A 42 14.95 5.88 5.29
CA ARG A 42 15.83 5.06 6.11
C ARG A 42 16.15 3.73 5.43
N PHE A 43 15.27 3.32 4.52
CA PHE A 43 15.45 2.07 3.78
C PHE A 43 16.07 2.33 2.41
N ALA A 44 16.81 3.42 2.30
CA ALA A 44 17.47 3.78 1.05
C ALA A 44 16.45 4.06 -0.05
N VAL A 45 15.25 4.47 0.36
CA VAL A 45 14.18 4.76 -0.59
C VAL A 45 13.70 6.20 -0.43
N ASN A 46 13.65 6.93 -1.54
CA ASN A 46 13.21 8.32 -1.53
C ASN A 46 11.71 8.41 -1.26
N PRO A 47 11.31 9.39 -0.43
CA PRO A 47 9.91 9.61 -0.08
C PRO A 47 9.09 10.13 -1.26
N GLY A 48 9.77 10.48 -2.34
CA GLY A 48 9.09 11.00 -3.51
C GLY A 48 8.37 9.90 -4.28
N LEU A 49 8.80 8.66 -4.09
CA LEU A 49 8.18 7.53 -4.78
C LEU A 49 6.71 7.38 -4.37
N LEU A 50 6.36 7.94 -3.22
CA LEU A 50 4.99 7.88 -2.73
C LEU A 50 4.14 8.97 -3.34
N GLU A 51 4.79 9.95 -3.97
CA GLU A 51 4.09 11.06 -4.60
C GLU A 51 3.39 10.61 -5.89
N THR A 52 3.96 9.59 -6.54
CA THR A 52 3.40 9.07 -7.77
C THR A 52 3.10 7.58 -7.66
N SER A 53 1.92 7.18 -8.12
CA SER A 53 1.51 5.78 -8.07
C SER A 53 2.62 4.86 -8.60
N GLU A 54 3.26 5.31 -9.68
CA GLU A 54 4.34 4.53 -10.29
C GLU A 54 5.43 4.20 -9.26
N GLY A 55 5.74 5.18 -8.41
CA GLY A 55 6.76 4.98 -7.40
C GLY A 55 6.34 3.97 -6.35
N CYS A 56 5.08 4.04 -5.92
CA CYS A 56 4.56 3.13 -4.91
C CYS A 56 4.47 1.71 -5.46
N ARG A 57 4.39 1.59 -6.78
CA ARG A 57 4.29 0.29 -7.42
C ARG A 57 5.58 -0.50 -7.24
N GLN A 58 6.70 0.21 -7.13
CA GLN A 58 8.01 -0.42 -6.96
C GLN A 58 8.28 -0.69 -5.48
N ILE A 59 7.69 0.13 -4.61
CA ILE A 59 7.88 -0.03 -3.18
C ILE A 59 7.13 -1.25 -2.65
N LEU A 60 5.94 -1.48 -3.20
CA LEU A 60 5.11 -2.61 -2.79
C LEU A 60 5.70 -3.93 -3.30
N GLY A 61 6.08 -3.94 -4.57
CA GLY A 61 6.65 -5.13 -5.16
C GLY A 61 7.98 -5.51 -4.53
N GLN A 62 8.59 -4.57 -3.83
CA GLN A 62 9.87 -4.81 -3.18
C GLN A 62 9.67 -5.36 -1.77
N LEU A 63 8.83 -4.70 -0.98
CA LEU A 63 8.56 -5.14 0.38
C LEU A 63 7.71 -6.40 0.39
N GLN A 64 6.85 -6.53 -0.61
CA GLN A 64 5.97 -7.70 -0.71
C GLN A 64 6.76 -8.98 -0.48
N PRO A 65 7.76 -9.23 -1.34
CA PRO A 65 8.61 -10.42 -1.25
C PRO A 65 9.53 -10.39 -0.04
N SER A 66 9.55 -9.25 0.65
CA SER A 66 10.40 -9.09 1.84
C SER A 66 9.56 -9.17 3.11
N LEU A 67 8.25 -9.36 2.95
CA LEU A 67 7.34 -9.45 4.08
C LEU A 67 7.65 -10.68 4.93
N GLN A 68 8.27 -11.68 4.31
CA GLN A 68 8.62 -12.91 5.01
C GLN A 68 9.53 -12.61 6.21
N THR A 69 10.55 -11.81 5.98
CA THR A 69 11.48 -11.44 7.04
C THR A 69 11.49 -9.94 7.27
N GLY A 70 10.32 -9.31 7.18
CA GLY A 70 10.22 -7.88 7.39
C GLY A 70 9.89 -7.53 8.82
N SER A 71 10.70 -6.66 9.42
CA SER A 71 10.49 -6.24 10.80
C SER A 71 9.13 -5.57 10.96
N GLU A 72 8.87 -5.06 12.16
CA GLU A 72 7.60 -4.39 12.45
C GLU A 72 7.47 -3.11 11.63
N GLU A 73 8.59 -2.42 11.43
CA GLU A 73 8.60 -1.18 10.67
C GLU A 73 8.12 -1.41 9.24
N LEU A 74 8.60 -2.49 8.63
CA LEU A 74 8.22 -2.82 7.26
C LEU A 74 6.74 -3.17 7.17
N ARG A 75 6.20 -3.73 8.25
CA ARG A 75 4.79 -4.10 8.30
C ARG A 75 3.90 -2.88 8.15
N SER A 76 4.14 -1.86 8.97
CA SER A 76 3.36 -0.64 8.94
C SER A 76 3.40 -0.01 7.54
N LEU A 77 4.59 0.01 6.95
CA LEU A 77 4.76 0.58 5.62
C LEU A 77 3.79 -0.05 4.62
N TYR A 78 3.87 -1.37 4.49
CA TYR A 78 3.01 -2.11 3.57
C TYR A 78 1.56 -1.67 3.73
N ASN A 79 1.13 -1.52 4.99
CA ASN A 79 -0.24 -1.12 5.29
C ASN A 79 -0.55 0.24 4.67
N THR A 80 0.19 1.27 5.09
CA THR A 80 -0.02 2.62 4.57
C THR A 80 0.09 2.65 3.05
N ILE A 81 1.24 2.18 2.54
CA ILE A 81 1.47 2.16 1.10
C ILE A 81 0.30 1.51 0.36
N ALA A 82 -0.19 0.40 0.90
CA ALA A 82 -1.30 -0.32 0.30
C ALA A 82 -2.50 0.60 0.10
N VAL A 83 -2.80 1.41 1.12
CA VAL A 83 -3.93 2.33 1.06
C VAL A 83 -3.62 3.49 0.12
N LEU A 84 -2.45 4.11 0.30
CA LEU A 84 -2.04 5.24 -0.52
C LEU A 84 -2.03 4.86 -1.99
N TYR A 85 -1.20 3.88 -2.35
CA TYR A 85 -1.10 3.42 -3.73
C TYR A 85 -2.48 3.21 -4.34
N CYS A 86 -3.35 2.56 -3.59
CA CYS A 86 -4.71 2.29 -4.05
C CYS A 86 -5.41 3.60 -4.45
N VAL A 87 -5.32 4.61 -3.59
CA VAL A 87 -5.94 5.89 -3.85
C VAL A 87 -5.51 6.45 -5.21
N HIS A 88 -4.21 6.35 -5.49
CA HIS A 88 -3.67 6.84 -6.75
C HIS A 88 -4.35 6.16 -7.93
N GLN A 89 -4.68 4.89 -7.85
CA GLN A 89 -5.34 4.19 -8.96
C GLN A 89 -6.86 4.29 -8.84
N ARG A 90 -7.33 5.36 -8.23
CA ARG A 90 -8.77 5.57 -8.05
C ARG A 90 -9.40 4.39 -7.33
N ILE A 91 -8.66 3.80 -6.40
CA ILE A 91 -9.16 2.66 -5.63
C ILE A 91 -9.54 3.07 -4.22
N ASP A 92 -10.79 2.80 -3.85
CA ASP A 92 -11.28 3.14 -2.53
C ASP A 92 -11.54 1.88 -1.69
N VAL A 93 -10.90 1.80 -0.53
CA VAL A 93 -11.07 0.65 0.35
C VAL A 93 -11.84 1.02 1.61
N LYS A 94 -12.60 0.07 2.13
CA LYS A 94 -13.38 0.30 3.34
C LYS A 94 -12.49 0.45 4.56
N ASP A 95 -11.28 -0.10 4.46
CA ASP A 95 -10.32 -0.02 5.56
C ASP A 95 -8.95 -0.50 5.11
N THR A 96 -7.94 -0.28 5.96
CA THR A 96 -6.58 -0.70 5.65
C THR A 96 -6.49 -2.20 5.46
N LYS A 97 -7.51 -2.91 5.92
CA LYS A 97 -7.54 -4.37 5.81
C LYS A 97 -7.93 -4.80 4.39
N GLU A 98 -9.10 -4.35 3.94
CA GLU A 98 -9.57 -4.68 2.61
C GLU A 98 -8.60 -4.18 1.54
N ALA A 99 -7.75 -3.24 1.93
CA ALA A 99 -6.79 -2.66 1.00
C ALA A 99 -5.64 -3.63 0.72
N LEU A 100 -5.32 -4.45 1.73
CA LEU A 100 -4.25 -5.44 1.59
C LEU A 100 -4.76 -6.72 0.93
N ASP A 101 -6.04 -7.00 1.12
CA ASP A 101 -6.64 -8.19 0.54
C ASP A 101 -7.03 -7.95 -0.92
N LYS A 102 -7.28 -6.68 -1.26
CA LYS A 102 -7.65 -6.32 -2.62
C LYS A 102 -6.42 -6.19 -3.51
N ILE A 103 -5.32 -5.71 -2.92
CA ILE A 103 -4.08 -5.56 -3.65
C ILE A 103 -3.51 -6.90 -4.10
N GLU A 104 -3.91 -7.95 -3.40
CA GLU A 104 -3.45 -9.30 -3.73
C GLU A 104 -4.33 -9.94 -4.80
N GLU A 105 -5.57 -9.45 -4.91
CA GLU A 105 -6.52 -9.96 -5.88
C GLU A 105 -6.43 -9.20 -7.19
N GLU A 106 -6.68 -7.90 -7.12
CA GLU A 106 -6.63 -7.05 -8.31
C GLU A 106 -5.30 -7.23 -9.06
N GLN A 107 -4.21 -7.27 -8.31
CA GLN A 107 -2.89 -7.44 -8.90
C GLN A 107 -2.76 -8.81 -9.55
N ASN A 108 -3.45 -9.80 -8.99
CA ASN A 108 -3.41 -11.16 -9.50
C ASN A 108 -3.79 -11.19 -10.98
N LYS A 109 -4.98 -10.67 -11.29
CA LYS A 109 -5.46 -10.63 -12.66
C LYS A 109 -4.83 -9.47 -13.43
N SER A 110 -4.57 -8.38 -12.72
CA SER A 110 -3.98 -7.20 -13.34
C SER A 110 -2.45 -7.21 -13.18
N LYS A 111 -1.85 -8.37 -13.42
CA LYS A 111 -0.41 -8.52 -13.31
C LYS A 111 0.27 -8.27 -14.65
N LYS A 112 -0.33 -7.40 -15.46
CA LYS A 112 0.21 -7.08 -16.78
C LYS A 112 0.03 -5.60 -17.08
N LYS A 113 -1.08 -5.03 -16.64
CA LYS A 113 -1.37 -3.63 -16.88
C LYS A 113 -0.68 -2.75 -15.84
N ALA A 114 0.13 -3.38 -14.99
CA ALA A 114 0.85 -2.65 -13.95
C ALA A 114 2.33 -2.53 -14.30
N GLN A 115 2.69 -2.98 -15.50
CA GLN A 115 4.08 -2.93 -15.95
C GLN A 115 4.16 -2.31 -17.34
N GLN A 116 3.28 -1.35 -17.63
CA GLN A 116 3.26 -0.68 -18.92
C GLN A 116 4.25 0.48 -18.95
N ALA A 117 4.42 1.13 -17.80
CA ALA A 117 5.34 2.26 -17.70
C ALA A 117 6.78 1.79 -17.64
N ALA A 118 7.05 0.80 -16.80
CA ALA A 118 8.40 0.26 -16.64
C ALA A 118 8.78 -0.59 -17.85
N ALA A 119 9.11 0.06 -18.96
CA ALA A 119 9.49 -0.64 -20.18
C ALA A 119 9.89 0.34 -21.27
N ASP A 120 8.91 1.06 -21.80
CA ASP A 120 9.15 2.03 -22.86
C ASP A 120 9.32 3.43 -22.27
N THR A 121 10.54 3.74 -21.85
CA THR A 121 10.83 5.05 -21.27
C THR A 121 10.45 6.18 -22.23
N GLY A 122 9.30 6.78 -22.00
CA GLY A 122 8.84 7.86 -22.85
C GLY A 122 7.61 8.56 -22.30
N ASN A 123 6.47 7.90 -22.39
CA ASN A 123 5.21 8.46 -21.90
C ASN A 123 4.55 7.51 -20.90
N ASN A 124 3.77 8.08 -19.99
CA ASN A 124 3.08 7.30 -18.98
C ASN A 124 1.70 7.87 -18.69
N SER A 125 0.75 6.99 -18.38
CA SER A 125 -0.62 7.41 -18.08
C SER A 125 -0.63 8.51 -17.02
N GLN A 126 -1.17 9.67 -17.39
CA GLN A 126 -1.23 10.80 -16.47
C GLN A 126 -2.17 10.49 -15.30
N VAL A 127 -2.25 11.41 -14.35
CA VAL A 127 -3.10 11.24 -13.18
C VAL A 127 -4.47 11.89 -13.40
N SER A 128 -5.30 11.85 -12.37
CA SER A 128 -6.65 12.44 -12.45
C SER A 128 -6.75 13.66 -11.54
N GLN A 129 -7.83 14.42 -11.73
CA GLN A 129 -8.07 15.62 -10.93
C GLN A 129 -9.54 15.74 -10.56
N ASN A 130 -9.89 15.29 -9.37
CA ASN A 130 -11.27 15.35 -8.89
C ASN A 130 -11.44 16.50 -7.89
N TYR A 131 -12.69 16.92 -7.70
CA TYR A 131 -12.99 18.00 -6.77
C TYR A 131 -13.90 17.52 -5.64
P1 PBU B . 0.33 6.76 15.49
P4 PBU B . -4.76 -0.08 15.23
P5 PBU B . -0.54 -1.24 14.31
C3' PBU B . 2.58 6.37 14.43
C2' PBU B . 2.12 6.51 12.96
O2' PBU B . 3.00 5.77 12.15
C1' PBU B . 2.10 7.97 12.49
O1' PBU B . 3.30 8.62 12.90
C1 PBU B . -0.72 4.05 15.10
O1 PBU B . 0.28 5.09 15.62
C2 PBU B . -2.13 4.10 15.76
O2 PBU B . -2.09 3.97 17.18
C3 PBU B . -3.03 2.97 15.20
O3 PBU B . -4.30 3.06 15.85
C4 PBU B . -2.37 1.56 15.39
O4 PBU B . -3.27 0.49 14.78
C5 PBU B . -0.95 1.56 14.70
O5 PBU B . -0.31 0.27 14.94
C6 PBU B . -0.03 2.68 15.25
O6 PBU B . 1.22 2.76 14.54
C7 PBU B . 2.56 4.51 11.65
O7 PBU B . 3.21 3.51 11.83
C8 PBU B . 1.21 4.43 10.90
C9 PBU B . 1.27 3.31 9.84
C10 PBU B . -0.12 3.14 9.21
C11 PBU B . 3.30 9.93 13.40
O11 PBU B . 2.68 10.86 12.92
C12 PBU B . 4.25 10.19 14.61
C13 PBU B . 3.60 11.02 15.73
C14 PBU B . 4.66 11.71 16.60
O41 PBU B . -4.89 -1.21 14.23
O42 PBU B . -4.61 -0.52 16.66
O43 PBU B . -5.79 1.03 15.11
O51 PBU B . -0.62 -0.91 12.83
O52 PBU B . 0.69 -2.01 14.78
O53 PBU B . -1.84 -1.68 14.91
OP1 PBU B . 1.77 7.14 15.30
OP2 PBU B . -0.54 7.02 14.26
OP3 PBU B . -0.17 7.26 16.82
H3'1 PBU B . 3.58 6.71 14.51
H3'2 PBU B . 2.53 5.36 14.69
H2' PBU B . 1.13 6.16 12.88
H1'1 PBU B . 2.08 8.01 11.44
H1'2 PBU B . 1.24 8.47 12.84
H1 PBU B . -0.94 4.27 14.06
H2 PBU B . -2.56 5.07 15.51
H02 PBU B . -1.62 3.25 17.53
H3 PBU B . -3.16 3.12 14.13
H03 PBU B . -4.22 2.85 16.79
H4 PBU B . -2.23 1.29 16.43
H5 PBU B . -1.14 1.72 13.64
H6 PBU B . 0.19 2.46 16.29
H06 PBU B . 1.83 2.10 14.81
H81 PBU B . 1.00 5.35 10.45
H82 PBU B . 0.45 4.20 11.60
H91 PBU B . 1.58 2.42 10.28
H92 PBU B . 1.95 3.59 9.08
H11 PBU B . -0.43 4.05 8.78
H12 PBU B . -0.80 2.86 9.95
H13 PBU B . -0.08 2.40 8.47
H121 PBU B . 4.54 9.26 15.00
H122 PBU B . 5.09 10.70 14.25
H131 PBU B . 2.98 11.75 15.29
H132 PBU B . 3.01 10.38 16.33
H141 PBU B . 5.27 12.30 15.99
H142 PBU B . 5.25 11.01 17.10
H143 PBU B . 4.18 12.32 17.31
N GLY A 1 15.10 21.76 -3.69
CA GLY A 1 15.16 22.01 -2.27
C GLY A 1 13.93 22.74 -1.75
N ALA A 2 12.78 22.10 -1.85
CA ALA A 2 11.52 22.69 -1.38
C ALA A 2 10.55 21.62 -0.92
N ARG A 3 9.48 22.05 -0.25
CA ARG A 3 8.47 21.12 0.26
C ARG A 3 7.53 20.69 -0.87
N ALA A 4 6.93 19.51 -0.70
CA ALA A 4 6.01 18.98 -1.70
C ALA A 4 4.92 18.13 -1.04
N SER A 5 3.92 17.76 -1.82
CA SER A 5 2.81 16.95 -1.31
C SER A 5 2.79 15.58 -1.98
N VAL A 6 2.00 14.67 -1.42
CA VAL A 6 1.90 13.32 -1.96
C VAL A 6 0.53 13.09 -2.60
N LEU A 7 -0.53 13.53 -1.92
CA LEU A 7 -1.89 13.38 -2.43
C LEU A 7 -2.46 14.72 -2.86
N SER A 8 -3.12 14.73 -4.01
CA SER A 8 -3.71 15.96 -4.54
C SER A 8 -4.98 16.32 -3.76
N GLY A 9 -5.73 17.28 -4.28
CA GLY A 9 -6.95 17.70 -3.62
C GLY A 9 -7.97 16.59 -3.51
N GLY A 10 -8.42 16.09 -4.66
CA GLY A 10 -9.41 15.02 -4.66
C GLY A 10 -8.92 13.79 -3.91
N GLU A 11 -7.63 13.52 -4.01
CA GLU A 11 -7.04 12.36 -3.35
C GLU A 11 -7.02 12.57 -1.83
N LEU A 12 -6.61 13.75 -1.41
CA LEU A 12 -6.54 14.08 0.02
C LEU A 12 -7.85 13.74 0.72
N ASP A 13 -8.96 14.21 0.16
CA ASP A 13 -10.28 13.96 0.73
C ASP A 13 -10.49 12.46 0.95
N LYS A 14 -10.48 11.70 -0.14
CA LYS A 14 -10.67 10.26 -0.06
C LYS A 14 -9.73 9.64 0.96
N TRP A 15 -8.47 10.07 0.93
CA TRP A 15 -7.46 9.56 1.86
C TRP A 15 -7.95 9.63 3.30
N GLU A 16 -8.48 10.80 3.68
CA GLU A 16 -8.98 11.00 5.03
C GLU A 16 -10.18 10.09 5.31
N LYS A 17 -10.81 9.60 4.25
CA LYS A 17 -11.96 8.72 4.38
C LYS A 17 -11.52 7.35 4.90
N ILE A 18 -10.71 6.66 4.13
CA ILE A 18 -10.22 5.34 4.51
C ILE A 18 -9.77 5.32 5.97
N ARG A 19 -9.98 4.19 6.64
CA ARG A 19 -9.60 4.04 8.03
C ARG A 19 -8.51 2.99 8.19
N LEU A 20 -7.76 3.09 9.28
CA LEU A 20 -6.67 2.15 9.55
C LEU A 20 -7.21 0.74 9.76
N ARG A 21 -8.35 0.65 10.44
CA ARG A 21 -8.98 -0.64 10.70
C ARG A 21 -10.38 -0.70 10.12
N PRO A 22 -10.89 -1.92 9.90
CA PRO A 22 -12.22 -2.14 9.34
C PRO A 22 -13.33 -1.75 10.32
N GLY A 23 -13.16 -2.14 11.57
CA GLY A 23 -14.15 -1.82 12.58
C GLY A 23 -13.66 -0.79 13.58
N GLY A 24 -12.88 0.16 13.10
CA GLY A 24 -12.35 1.20 13.97
C GLY A 24 -12.96 2.56 13.69
N LYS A 25 -12.45 3.59 14.36
CA LYS A 25 -12.95 4.94 14.19
C LYS A 25 -11.81 5.90 13.81
N LYS A 26 -10.60 5.37 13.75
CA LYS A 26 -9.43 6.17 13.41
C LYS A 26 -9.23 6.21 11.90
N GLN A 27 -9.49 7.37 11.30
CA GLN A 27 -9.34 7.54 9.86
C GLN A 27 -7.89 7.85 9.50
N TYR A 28 -7.61 7.93 8.20
CA TYR A 28 -6.27 8.22 7.72
C TYR A 28 -6.00 9.72 7.73
N LYS A 29 -4.76 10.10 8.04
CA LYS A 29 -4.37 11.50 8.08
C LYS A 29 -2.98 11.69 7.50
N LEU A 30 -2.60 12.95 7.27
CA LEU A 30 -1.29 13.26 6.73
C LEU A 30 -0.18 12.59 7.53
N LYS A 31 -0.38 12.50 8.83
CA LYS A 31 0.61 11.86 9.71
C LYS A 31 1.05 10.51 9.15
N HIS A 32 0.08 9.67 8.82
CA HIS A 32 0.36 8.35 8.28
C HIS A 32 1.15 8.46 6.98
N ILE A 33 0.97 9.51 6.18
CA ILE A 33 1.70 9.66 4.93
C ILE A 33 3.15 10.08 5.19
N VAL A 34 3.33 11.30 5.68
CA VAL A 34 4.66 11.82 5.96
C VAL A 34 5.47 10.81 6.75
N TRP A 35 4.81 10.06 7.62
CA TRP A 35 5.47 9.06 8.44
C TRP A 35 6.26 8.08 7.58
N ALA A 36 5.57 7.42 6.65
CA ALA A 36 6.21 6.47 5.76
C ALA A 36 7.35 7.11 4.99
N SER A 37 7.18 8.38 4.64
CA SER A 37 8.20 9.11 3.89
C SER A 37 9.50 9.19 4.69
N ARG A 38 9.38 9.23 6.00
CA ARG A 38 10.54 9.30 6.88
C ARG A 38 11.17 7.93 7.08
N GLU A 39 10.41 6.88 6.76
CA GLU A 39 10.89 5.51 6.90
C GLU A 39 11.55 5.03 5.62
N LEU A 40 10.94 5.38 4.49
CA LEU A 40 11.47 4.98 3.18
C LEU A 40 12.90 5.46 3.01
N GLU A 41 13.17 6.68 3.45
CA GLU A 41 14.51 7.25 3.35
C GLU A 41 15.54 6.38 4.07
N ARG A 42 15.05 5.54 4.97
CA ARG A 42 15.93 4.65 5.73
C ARG A 42 16.12 3.33 5.00
N PHE A 43 15.22 3.03 4.07
CA PHE A 43 15.30 1.80 3.30
C PHE A 43 15.97 2.04 1.95
N ALA A 44 16.78 3.09 1.88
CA ALA A 44 17.48 3.44 0.65
C ALA A 44 16.50 3.82 -0.46
N VAL A 45 15.30 4.24 -0.05
CA VAL A 45 14.28 4.64 -1.01
C VAL A 45 13.83 6.08 -0.78
N ASN A 46 13.80 6.87 -1.85
CA ASN A 46 13.40 8.26 -1.77
C ASN A 46 11.90 8.39 -1.57
N PRO A 47 11.48 9.34 -0.72
CA PRO A 47 10.07 9.59 -0.43
C PRO A 47 9.33 10.19 -1.61
N GLY A 48 10.07 10.51 -2.66
CA GLY A 48 9.46 11.10 -3.85
C GLY A 48 8.69 10.08 -4.67
N LEU A 49 8.89 8.80 -4.36
CA LEU A 49 8.21 7.73 -5.07
C LEU A 49 6.83 7.46 -4.48
N LEU A 50 6.39 8.36 -3.60
CA LEU A 50 5.09 8.23 -2.96
C LEU A 50 4.08 9.18 -3.59
N GLU A 51 4.57 10.27 -4.16
CA GLU A 51 3.71 11.26 -4.79
C GLU A 51 3.09 10.69 -6.07
N THR A 52 3.74 9.69 -6.65
CA THR A 52 3.26 9.07 -7.88
C THR A 52 2.92 7.61 -7.64
N SER A 53 1.69 7.22 -7.99
CA SER A 53 1.26 5.84 -7.83
C SER A 53 2.27 4.86 -8.41
N GLU A 54 2.92 5.27 -9.50
CA GLU A 54 3.93 4.44 -10.15
C GLU A 54 5.07 4.12 -9.21
N GLY A 55 5.42 5.08 -8.36
CA GLY A 55 6.51 4.88 -7.41
C GLY A 55 6.11 3.98 -6.27
N CYS A 56 4.86 4.10 -5.81
CA CYS A 56 4.36 3.29 -4.71
C CYS A 56 4.29 1.82 -5.11
N ARG A 57 4.30 1.56 -6.41
CA ARG A 57 4.24 0.20 -6.92
C ARG A 57 5.55 -0.54 -6.67
N GLN A 58 6.67 0.14 -6.96
CA GLN A 58 7.99 -0.45 -6.76
C GLN A 58 8.27 -0.67 -5.28
N ILE A 59 7.69 0.18 -4.43
CA ILE A 59 7.89 0.09 -3.00
C ILE A 59 7.17 -1.14 -2.43
N LEU A 60 5.96 -1.38 -2.90
CA LEU A 60 5.17 -2.52 -2.44
C LEU A 60 5.72 -3.82 -3.02
N GLY A 61 6.08 -3.80 -4.29
CA GLY A 61 6.62 -5.00 -4.93
C GLY A 61 7.98 -5.38 -4.39
N GLN A 62 8.65 -4.43 -3.74
CA GLN A 62 9.97 -4.67 -3.17
C GLN A 62 9.86 -5.33 -1.81
N LEU A 63 8.95 -4.81 -0.97
CA LEU A 63 8.75 -5.35 0.36
C LEU A 63 7.94 -6.64 0.32
N GLN A 64 7.13 -6.79 -0.72
CA GLN A 64 6.30 -7.98 -0.88
C GLN A 64 6.97 -9.19 -0.26
N PRO A 65 8.16 -9.53 -0.76
CA PRO A 65 8.93 -10.67 -0.26
C PRO A 65 9.47 -10.44 1.15
N SER A 66 10.08 -9.28 1.36
CA SER A 66 10.64 -8.94 2.66
C SER A 66 9.61 -9.12 3.76
N LEU A 67 8.35 -9.23 3.38
CA LEU A 67 7.26 -9.41 4.33
C LEU A 67 7.41 -10.72 5.09
N GLN A 68 8.20 -11.64 4.53
CA GLN A 68 8.44 -12.93 5.16
C GLN A 68 8.89 -12.76 6.60
N THR A 69 9.81 -11.82 6.83
CA THR A 69 10.32 -11.55 8.16
C THR A 69 10.51 -10.06 8.39
N GLY A 70 9.52 -9.27 7.98
CA GLY A 70 9.59 -7.83 8.16
C GLY A 70 9.07 -7.38 9.50
N SER A 71 9.76 -6.42 10.11
CA SER A 71 9.36 -5.90 11.42
C SER A 71 8.25 -4.87 11.27
N GLU A 72 7.89 -4.24 12.38
CA GLU A 72 6.85 -3.22 12.39
C GLU A 72 7.15 -2.12 11.37
N GLU A 73 8.43 -1.79 11.22
CA GLU A 73 8.85 -0.76 10.28
C GLU A 73 8.41 -1.11 8.86
N LEU A 74 8.59 -2.36 8.49
CA LEU A 74 8.21 -2.83 7.15
C LEU A 74 6.71 -3.08 7.07
N ARG A 75 6.15 -3.64 8.14
CA ARG A 75 4.72 -3.94 8.19
C ARG A 75 3.90 -2.67 8.01
N SER A 76 4.18 -1.67 8.84
CA SER A 76 3.45 -0.40 8.78
C SER A 76 3.51 0.19 7.37
N LEU A 77 4.70 0.19 6.79
CA LEU A 77 4.91 0.73 5.44
C LEU A 77 3.94 0.08 4.46
N TYR A 78 4.02 -1.24 4.36
CA TYR A 78 3.15 -1.99 3.44
C TYR A 78 1.70 -1.55 3.59
N ASN A 79 1.25 -1.44 4.84
CA ASN A 79 -0.13 -1.03 5.12
C ASN A 79 -0.42 0.35 4.55
N THR A 80 0.31 1.35 5.06
CA THR A 80 0.14 2.72 4.60
C THR A 80 0.25 2.82 3.09
N ILE A 81 1.39 2.40 2.55
CA ILE A 81 1.62 2.43 1.11
C ILE A 81 0.46 1.79 0.35
N ALA A 82 0.01 0.63 0.84
CA ALA A 82 -1.10 -0.08 0.21
C ALA A 82 -2.31 0.83 0.03
N VAL A 83 -2.71 1.50 1.10
CA VAL A 83 -3.85 2.41 1.07
C VAL A 83 -3.58 3.58 0.13
N LEU A 84 -2.40 4.18 0.25
CA LEU A 84 -2.03 5.31 -0.58
C LEU A 84 -2.08 4.94 -2.07
N TYR A 85 -1.29 3.93 -2.44
CA TYR A 85 -1.25 3.48 -3.83
C TYR A 85 -2.66 3.33 -4.40
N CYS A 86 -3.54 2.70 -3.63
CA CYS A 86 -4.92 2.48 -4.06
C CYS A 86 -5.60 3.82 -4.36
N VAL A 87 -5.49 4.75 -3.42
CA VAL A 87 -6.10 6.07 -3.59
C VAL A 87 -5.66 6.72 -4.89
N HIS A 88 -4.38 6.62 -5.19
CA HIS A 88 -3.83 7.19 -6.42
C HIS A 88 -4.49 6.58 -7.65
N GLN A 89 -4.84 5.29 -7.64
CA GLN A 89 -5.48 4.67 -8.80
C GLN A 89 -7.00 4.78 -8.70
N ARG A 90 -7.47 5.80 -8.01
CA ARG A 90 -8.90 6.02 -7.85
C ARG A 90 -9.57 4.79 -7.24
N ILE A 91 -8.87 4.14 -6.30
CA ILE A 91 -9.40 2.96 -5.64
C ILE A 91 -9.82 3.28 -4.21
N ASP A 92 -11.06 2.99 -3.88
CA ASP A 92 -11.59 3.23 -2.54
C ASP A 92 -11.76 1.92 -1.78
N VAL A 93 -11.09 1.81 -0.63
CA VAL A 93 -11.16 0.62 0.19
C VAL A 93 -11.90 0.90 1.50
N LYS A 94 -12.57 -0.13 2.02
CA LYS A 94 -13.33 0.00 3.26
C LYS A 94 -12.39 0.19 4.45
N ASP A 95 -11.16 -0.30 4.31
CA ASP A 95 -10.17 -0.18 5.38
C ASP A 95 -8.80 -0.63 4.89
N THR A 96 -7.79 -0.44 5.72
CA THR A 96 -6.42 -0.81 5.37
C THR A 96 -6.31 -2.31 5.15
N LYS A 97 -7.32 -3.05 5.60
CA LYS A 97 -7.33 -4.51 5.45
C LYS A 97 -7.71 -4.91 4.02
N GLU A 98 -8.91 -4.51 3.61
CA GLU A 98 -9.39 -4.84 2.27
C GLU A 98 -8.50 -4.21 1.21
N ALA A 99 -7.71 -3.21 1.62
CA ALA A 99 -6.81 -2.53 0.70
C ALA A 99 -5.61 -3.41 0.36
N LEU A 100 -5.23 -4.27 1.28
CA LEU A 100 -4.10 -5.18 1.07
C LEU A 100 -4.51 -6.37 0.21
N ASP A 101 -5.73 -6.83 0.40
CA ASP A 101 -6.25 -7.96 -0.36
C ASP A 101 -6.61 -7.54 -1.79
N LYS A 102 -7.04 -6.30 -1.93
CA LYS A 102 -7.42 -5.77 -3.24
C LYS A 102 -6.20 -5.52 -4.11
N ILE A 103 -5.13 -5.01 -3.49
CA ILE A 103 -3.90 -4.74 -4.21
C ILE A 103 -3.23 -6.02 -4.69
N GLU A 104 -3.42 -7.09 -3.92
CA GLU A 104 -2.83 -8.39 -4.26
C GLU A 104 -3.43 -8.93 -5.57
N GLU A 105 -4.67 -8.55 -5.84
CA GLU A 105 -5.35 -8.99 -7.05
C GLU A 105 -4.85 -8.22 -8.27
N GLU A 106 -4.65 -6.92 -8.10
CA GLU A 106 -4.17 -6.08 -9.19
C GLU A 106 -2.69 -6.34 -9.47
N GLN A 107 -1.98 -6.82 -8.46
CA GLN A 107 -0.56 -7.12 -8.60
C GLN A 107 -0.35 -8.41 -9.38
N ASN A 108 -1.42 -9.15 -9.59
CA ASN A 108 -1.36 -10.42 -10.32
C ASN A 108 -0.68 -10.22 -11.67
N LYS A 109 -1.13 -9.21 -12.41
CA LYS A 109 -0.56 -8.91 -13.73
C LYS A 109 0.89 -8.45 -13.60
N SER A 110 1.29 -8.07 -12.39
CA SER A 110 2.64 -7.60 -12.13
C SER A 110 3.57 -8.76 -11.82
N LYS A 111 3.15 -9.60 -10.88
CA LYS A 111 3.93 -10.76 -10.47
C LYS A 111 4.02 -11.79 -11.60
N LYS A 112 2.86 -12.10 -12.19
CA LYS A 112 2.81 -13.06 -13.28
C LYS A 112 3.79 -12.68 -14.39
N LYS A 113 4.02 -11.39 -14.55
CA LYS A 113 4.94 -10.90 -15.58
C LYS A 113 6.31 -10.62 -14.98
N ALA A 114 6.39 -10.61 -13.66
CA ALA A 114 7.65 -10.35 -12.97
C ALA A 114 8.01 -11.51 -12.05
N GLN A 115 7.73 -12.73 -12.50
CA GLN A 115 8.02 -13.93 -11.72
C GLN A 115 7.55 -15.18 -12.44
N GLN A 116 8.00 -15.35 -13.67
CA GLN A 116 7.62 -16.51 -14.47
C GLN A 116 7.77 -17.79 -13.67
N ALA A 117 8.82 -17.85 -12.84
CA ALA A 117 9.07 -19.02 -12.02
C ALA A 117 7.91 -19.29 -11.07
N ALA A 118 7.59 -18.31 -10.23
CA ALA A 118 6.50 -18.45 -9.28
C ALA A 118 5.14 -18.33 -9.98
N ALA A 119 4.82 -19.33 -10.80
CA ALA A 119 3.56 -19.33 -11.53
C ALA A 119 3.03 -20.76 -11.67
N ASP A 120 3.74 -21.59 -12.41
CA ASP A 120 3.34 -22.98 -12.62
C ASP A 120 3.64 -23.82 -11.40
N THR A 121 4.93 -24.04 -11.14
CA THR A 121 5.36 -24.84 -9.99
C THR A 121 4.74 -26.24 -10.03
N GLY A 122 5.14 -27.09 -9.09
CA GLY A 122 4.63 -28.44 -9.03
C GLY A 122 3.31 -28.52 -8.29
N ASN A 123 3.23 -27.83 -7.15
CA ASN A 123 2.03 -27.83 -6.34
C ASN A 123 1.95 -26.58 -5.47
N ASN A 124 0.79 -25.94 -5.45
CA ASN A 124 0.59 -24.73 -4.66
C ASN A 124 -0.49 -24.95 -3.60
N SER A 125 -0.32 -24.29 -2.45
CA SER A 125 -1.28 -24.41 -1.36
C SER A 125 -1.88 -23.06 -1.00
N GLN A 126 -3.20 -22.99 -1.00
CA GLN A 126 -3.91 -21.75 -0.69
C GLN A 126 -4.67 -21.88 0.63
N VAL A 127 -4.90 -20.75 1.28
CA VAL A 127 -5.63 -20.73 2.55
C VAL A 127 -6.88 -19.88 2.45
N SER A 128 -7.73 -19.97 3.48
CA SER A 128 -8.97 -19.21 3.51
C SER A 128 -9.01 -18.27 4.72
N GLN A 129 -8.73 -17.00 4.48
CA GLN A 129 -8.73 -16.00 5.55
C GLN A 129 -10.10 -15.91 6.21
N ASN A 130 -10.18 -16.34 7.46
CA ASN A 130 -11.43 -16.31 8.21
C ASN A 130 -11.40 -15.25 9.30
N TYR A 131 -10.33 -15.26 10.09
CA TYR A 131 -10.17 -14.29 11.17
C TYR A 131 -10.39 -12.87 10.67
P1 PBU B . 0.49 6.05 15.51
P4 PBU B . -3.93 -1.24 13.87
P5 PBU B . 0.47 -1.66 13.27
C3' PBU B . 2.74 5.87 14.40
C2' PBU B . 2.30 6.23 12.95
O2' PBU B . 3.15 5.57 12.04
C1' PBU B . 2.37 7.76 12.70
O1' PBU B . 3.55 8.27 13.26
C1 PBU B . -0.38 3.39 14.62
O1 PBU B . 0.49 4.38 15.41
C2 PBU B . -1.90 3.39 14.98
O2 PBU B . -2.16 3.16 16.36
C3 PBU B . -2.66 2.33 14.15
O3 PBU B . -4.04 2.37 14.52
C4 PBU B . -2.04 0.89 14.36
O4 PBU B . -2.78 -0.11 13.49
C5 PBU B . -0.50 0.94 13.98
O5 PBU B . 0.09 -0.38 14.24
C6 PBU B . 0.28 2.01 14.80
O6 PBU B . 1.64 2.12 14.37
C7 PBU B . 2.68 4.35 11.48
O7 PBU B . 3.34 3.33 11.60
C8 PBU B . 1.33 4.32 10.75
C9 PBU B . 1.31 3.16 9.73
C10 PBU B . -0.12 2.98 9.18
C11 PBU B . 3.53 9.27 14.26
O11 PBU B . 2.89 10.30 14.18
C12 PBU B . 4.42 9.01 15.50
C13 PBU B . 3.89 9.63 16.80
C14 PBU B . 4.83 10.75 17.30
O41 PBU B . -5.16 -0.34 13.82
O42 PBU B . -3.87 -2.27 12.77
O43 PBU B . -3.62 -1.87 15.22
O51 PBU B . 0.08 -2.81 14.18
O52 PBU B . -0.39 -1.43 12.04
O53 PBU B . 1.94 -1.51 13.06
OP1 PBU B . 1.91 6.49 15.37
OP2 PBU B . -0.40 6.45 14.33
OP3 PBU B . -0.02 6.35 16.88
H3'1 PBU B . 3.73 6.19 14.53
H3'2 PBU B . 2.68 4.82 14.50
H2' PBU B . 1.29 5.95 12.82
H1'1 PBU B . 2.42 7.95 11.65
H1'2 PBU B . 1.50 8.25 13.06
H1 PBU B . -0.38 3.69 13.57
H2 PBU B . -2.28 4.38 14.73
H02 PBU B . -1.76 2.41 16.74
H3 PBU B . -2.56 2.55 13.09
H03 PBU B . -4.15 2.09 15.44
H4 PBU B . -2.11 0.54 15.39
H5 PBU B . -0.47 1.19 12.92
H6 PBU B . 0.27 1.70 15.83
H06 PBU B . 2.18 1.44 14.71
H81 PBU B . 1.18 5.22 10.25
H82 PBU B . 0.56 4.16 11.46
H91 PBU B . 1.63 2.27 10.19
H92 PBU B . 1.96 3.38 8.93
H11 PBU B . -0.44 3.88 8.73
H12 PBU B . -0.76 2.75 9.97
H13 PBU B . -0.12 2.20 8.47
H121 PBU B . 4.51 7.96 15.63
H122 PBU B . 5.38 9.41 15.29
H131 PBU B . 2.94 10.04 16.61
H132 PBU B . 3.82 8.88 17.53
H141 PBU B . 4.93 11.47 16.55
H142 PBU B . 5.77 10.36 17.57
H143 PBU B . 4.40 11.19 18.16
N GLY A 1 3.99 21.60 -14.46
CA GLY A 1 4.05 21.94 -13.05
C GLY A 1 3.17 21.03 -12.21
N ALA A 2 3.50 20.93 -10.92
CA ALA A 2 2.73 20.09 -10.00
C ALA A 2 2.84 20.61 -8.56
N ARG A 3 2.20 19.90 -7.64
CA ARG A 3 2.22 20.29 -6.23
C ARG A 3 3.43 19.68 -5.53
N ALA A 4 3.56 19.97 -4.23
CA ALA A 4 4.67 19.46 -3.44
C ALA A 4 4.17 18.54 -2.33
N SER A 5 3.16 17.74 -2.64
CA SER A 5 2.58 16.82 -1.67
C SER A 5 2.47 15.41 -2.25
N VAL A 6 2.09 14.46 -1.41
CA VAL A 6 1.95 13.07 -1.84
C VAL A 6 0.58 12.83 -2.46
N LEU A 7 -0.45 13.36 -1.82
CA LEU A 7 -1.82 13.20 -2.31
C LEU A 7 -2.38 14.54 -2.78
N SER A 8 -3.05 14.52 -3.94
CA SER A 8 -3.64 15.73 -4.50
C SER A 8 -4.92 16.11 -3.75
N GLY A 9 -5.68 17.04 -4.33
CA GLY A 9 -6.91 17.48 -3.70
C GLY A 9 -7.92 16.35 -3.56
N GLY A 10 -8.35 15.80 -4.68
CA GLY A 10 -9.31 14.72 -4.67
C GLY A 10 -8.82 13.51 -3.89
N GLU A 11 -7.51 13.30 -3.92
CA GLU A 11 -6.91 12.16 -3.22
C GLU A 11 -6.88 12.41 -1.71
N LEU A 12 -6.60 13.65 -1.33
CA LEU A 12 -6.54 14.01 0.08
C LEU A 12 -7.87 13.70 0.78
N ASP A 13 -8.96 14.18 0.19
CA ASP A 13 -10.29 13.96 0.75
C ASP A 13 -10.57 12.47 0.90
N LYS A 14 -10.45 11.73 -0.20
CA LYS A 14 -10.69 10.29 -0.19
C LYS A 14 -9.74 9.59 0.76
N TRP A 15 -8.57 10.20 0.97
CA TRP A 15 -7.57 9.62 1.86
C TRP A 15 -8.02 9.70 3.31
N GLU A 16 -8.54 10.85 3.71
CA GLU A 16 -9.02 11.04 5.08
C GLU A 16 -10.21 10.13 5.37
N LYS A 17 -10.83 9.61 4.32
CA LYS A 17 -11.98 8.72 4.46
C LYS A 17 -11.56 7.38 5.04
N ILE A 18 -10.76 6.64 4.27
CA ILE A 18 -10.29 5.33 4.70
C ILE A 18 -9.78 5.38 6.14
N ARG A 19 -9.98 4.27 6.86
CA ARG A 19 -9.54 4.19 8.25
C ARG A 19 -8.65 2.96 8.46
N LEU A 20 -7.80 3.03 9.48
CA LEU A 20 -6.90 1.93 9.79
C LEU A 20 -7.67 0.64 10.05
N ARG A 21 -8.82 0.77 10.70
CA ARG A 21 -9.66 -0.38 11.00
C ARG A 21 -11.04 -0.25 10.37
N PRO A 22 -11.65 -1.39 10.04
CA PRO A 22 -12.98 -1.42 9.43
C PRO A 22 -14.08 -0.98 10.38
N GLY A 23 -13.91 -1.28 11.66
CA GLY A 23 -14.89 -0.90 12.66
C GLY A 23 -14.46 0.30 13.46
N GLY A 24 -13.17 0.41 13.74
CA GLY A 24 -12.66 1.52 14.51
C GLY A 24 -13.12 2.86 13.97
N LYS A 25 -12.53 3.94 14.47
CA LYS A 25 -12.88 5.28 14.03
C LYS A 25 -11.63 6.09 13.68
N LYS A 26 -10.47 5.44 13.75
CA LYS A 26 -9.21 6.10 13.45
C LYS A 26 -8.99 6.19 11.93
N GLN A 27 -9.47 7.28 11.34
CA GLN A 27 -9.33 7.48 9.90
C GLN A 27 -7.88 7.76 9.53
N TYR A 28 -7.62 7.86 8.23
CA TYR A 28 -6.27 8.14 7.75
C TYR A 28 -5.99 9.64 7.73
N LYS A 29 -4.76 10.01 8.06
CA LYS A 29 -4.37 11.41 8.08
C LYS A 29 -2.95 11.58 7.53
N LEU A 30 -2.57 12.83 7.29
CA LEU A 30 -1.24 13.13 6.76
C LEU A 30 -0.15 12.44 7.58
N LYS A 31 -0.38 12.36 8.89
CA LYS A 31 0.57 11.72 9.79
C LYS A 31 1.01 10.37 9.25
N HIS A 32 0.04 9.53 8.91
CA HIS A 32 0.31 8.21 8.38
C HIS A 32 1.14 8.30 7.09
N ILE A 33 0.96 9.32 6.27
CA ILE A 33 1.71 9.45 5.03
C ILE A 33 3.16 9.84 5.32
N VAL A 34 3.36 11.08 5.77
CA VAL A 34 4.69 11.58 6.08
C VAL A 34 5.49 10.55 6.87
N TRP A 35 4.81 9.80 7.73
CA TRP A 35 5.46 8.78 8.54
C TRP A 35 6.19 7.77 7.66
N ALA A 36 5.47 7.16 6.73
CA ALA A 36 6.05 6.19 5.83
C ALA A 36 7.14 6.81 4.97
N SER A 37 6.90 8.04 4.51
CA SER A 37 7.86 8.74 3.67
C SER A 37 9.17 8.97 4.43
N ARG A 38 9.07 9.10 5.74
CA ARG A 38 10.25 9.32 6.58
C ARG A 38 10.99 8.01 6.81
N GLU A 39 10.29 6.89 6.68
CA GLU A 39 10.89 5.58 6.87
C GLU A 39 11.58 5.10 5.61
N LEU A 40 11.00 5.41 4.46
CA LEU A 40 11.56 5.02 3.18
C LEU A 40 12.93 5.65 2.96
N GLU A 41 13.06 6.92 3.33
CA GLU A 41 14.31 7.64 3.18
C GLU A 41 15.38 7.08 4.12
N ARG A 42 14.93 6.43 5.18
CA ARG A 42 15.83 5.85 6.17
C ARG A 42 16.32 4.47 5.71
N PHE A 43 15.46 3.75 5.01
CA PHE A 43 15.79 2.41 4.52
C PHE A 43 16.77 2.49 3.35
N ALA A 44 16.32 3.12 2.26
CA ALA A 44 17.16 3.26 1.08
C ALA A 44 16.33 3.69 -0.13
N VAL A 45 15.13 4.20 0.14
CA VAL A 45 14.24 4.64 -0.93
C VAL A 45 13.86 6.11 -0.75
N ASN A 46 13.80 6.84 -1.86
CA ASN A 46 13.45 8.26 -1.83
C ASN A 46 11.96 8.44 -1.60
N PRO A 47 11.61 9.45 -0.78
CA PRO A 47 10.21 9.75 -0.46
C PRO A 47 9.45 10.33 -1.65
N GLY A 48 10.18 10.59 -2.74
CA GLY A 48 9.55 11.14 -3.93
C GLY A 48 8.83 10.08 -4.74
N LEU A 49 9.01 8.82 -4.36
CA LEU A 49 8.36 7.71 -5.06
C LEU A 49 6.97 7.44 -4.49
N LEU A 50 6.49 8.37 -3.67
CA LEU A 50 5.16 8.24 -3.06
C LEU A 50 4.17 9.23 -3.67
N GLU A 51 4.70 10.29 -4.28
CA GLU A 51 3.86 11.30 -4.91
C GLU A 51 3.23 10.76 -6.19
N THR A 52 3.87 9.76 -6.79
CA THR A 52 3.37 9.16 -8.01
C THR A 52 3.08 7.68 -7.82
N SER A 53 1.90 7.25 -8.24
CA SER A 53 1.49 5.86 -8.11
C SER A 53 2.58 4.93 -8.64
N GLU A 54 3.23 5.33 -9.72
CA GLU A 54 4.28 4.53 -10.33
C GLU A 54 5.40 4.25 -9.32
N GLY A 55 5.71 5.25 -8.50
CA GLY A 55 6.75 5.09 -7.50
C GLY A 55 6.34 4.16 -6.38
N CYS A 56 5.06 4.20 -6.02
CA CYS A 56 4.54 3.36 -4.95
C CYS A 56 4.43 1.90 -5.41
N ARG A 57 4.34 1.71 -6.72
CA ARG A 57 4.22 0.37 -7.29
C ARG A 57 5.50 -0.43 -7.07
N GLN A 58 6.64 0.26 -7.06
CA GLN A 58 7.93 -0.39 -6.86
C GLN A 58 8.15 -0.69 -5.38
N ILE A 59 7.61 0.16 -4.51
CA ILE A 59 7.76 -0.03 -3.07
C ILE A 59 7.02 -1.27 -2.61
N LEU A 60 5.75 -1.39 -3.00
CA LEU A 60 4.94 -2.54 -2.62
C LEU A 60 5.54 -3.84 -3.14
N GLY A 61 5.90 -3.84 -4.42
CA GLY A 61 6.48 -5.02 -5.02
C GLY A 61 7.78 -5.42 -4.37
N GLN A 62 8.39 -4.49 -3.64
CA GLN A 62 9.66 -4.75 -2.97
C GLN A 62 9.42 -5.32 -1.58
N LEU A 63 8.55 -4.67 -0.82
CA LEU A 63 8.23 -5.12 0.53
C LEU A 63 7.43 -6.42 0.51
N GLN A 64 6.60 -6.58 -0.52
CA GLN A 64 5.78 -7.78 -0.67
C GLN A 64 6.61 -9.03 -0.41
N PRO A 65 7.64 -9.24 -1.25
CA PRO A 65 8.53 -10.41 -1.13
C PRO A 65 9.43 -10.33 0.10
N SER A 66 9.38 -9.20 0.79
CA SER A 66 10.18 -9.00 1.99
C SER A 66 9.33 -9.12 3.25
N LEU A 67 8.04 -9.37 3.06
CA LEU A 67 7.10 -9.51 4.17
C LEU A 67 7.51 -10.67 5.07
N GLN A 68 8.33 -11.57 4.55
CA GLN A 68 8.80 -12.72 5.30
C GLN A 68 9.84 -12.32 6.34
N THR A 69 10.80 -11.51 5.91
CA THR A 69 11.87 -11.05 6.79
C THR A 69 11.76 -9.54 7.04
N GLY A 70 10.53 -9.05 7.10
CA GLY A 70 10.32 -7.63 7.33
C GLY A 70 10.03 -7.32 8.79
N SER A 71 10.85 -6.46 9.38
CA SER A 71 10.69 -6.08 10.78
C SER A 71 9.33 -5.42 11.02
N GLU A 72 9.15 -4.86 12.20
CA GLU A 72 7.90 -4.20 12.55
C GLU A 72 7.71 -2.93 11.73
N GLU A 73 8.81 -2.22 11.48
CA GLU A 73 8.77 -0.98 10.71
C GLU A 73 8.30 -1.25 9.28
N LEU A 74 8.70 -2.39 8.74
CA LEU A 74 8.32 -2.78 7.38
C LEU A 74 6.85 -3.16 7.31
N ARG A 75 6.33 -3.73 8.40
CA ARG A 75 4.94 -4.14 8.45
C ARG A 75 4.01 -2.94 8.30
N SER A 76 4.22 -1.92 9.12
CA SER A 76 3.40 -0.71 9.07
C SER A 76 3.46 -0.08 7.69
N LEU A 77 4.65 -0.05 7.10
CA LEU A 77 4.84 0.54 5.78
C LEU A 77 3.89 -0.10 4.77
N TYR A 78 3.97 -1.42 4.61
CA TYR A 78 3.12 -2.13 3.67
C TYR A 78 1.66 -1.72 3.85
N ASN A 79 1.25 -1.55 5.10
CA ASN A 79 -0.13 -1.16 5.40
C ASN A 79 -0.46 0.19 4.78
N THR A 80 0.23 1.23 5.23
CA THR A 80 0.01 2.57 4.72
C THR A 80 0.16 2.61 3.19
N ILE A 81 1.32 2.20 2.70
CA ILE A 81 1.59 2.19 1.27
C ILE A 81 0.45 1.51 0.51
N ALA A 82 -0.01 0.39 1.04
CA ALA A 82 -1.10 -0.36 0.41
C ALA A 82 -2.32 0.52 0.18
N VAL A 83 -2.65 1.33 1.19
CA VAL A 83 -3.79 2.22 1.11
C VAL A 83 -3.50 3.40 0.18
N LEU A 84 -2.36 4.05 0.39
CA LEU A 84 -1.96 5.19 -0.43
C LEU A 84 -1.91 4.81 -1.91
N TYR A 85 -1.06 3.84 -2.23
CA TYR A 85 -0.92 3.38 -3.62
C TYR A 85 -2.29 3.19 -4.27
N CYS A 86 -3.18 2.53 -3.55
CA CYS A 86 -4.53 2.27 -4.06
C CYS A 86 -5.24 3.58 -4.38
N VAL A 87 -5.10 4.56 -3.50
CA VAL A 87 -5.73 5.86 -3.68
C VAL A 87 -5.34 6.47 -5.03
N HIS A 88 -4.10 6.24 -5.44
CA HIS A 88 -3.61 6.77 -6.71
C HIS A 88 -4.23 6.02 -7.88
N GLN A 89 -4.47 4.72 -7.78
CA GLN A 89 -5.06 3.96 -8.88
C GLN A 89 -6.58 4.03 -8.84
N ARG A 90 -7.10 5.12 -8.29
CA ARG A 90 -8.54 5.31 -8.19
C ARG A 90 -9.20 4.13 -7.48
N ILE A 91 -8.49 3.57 -6.50
CA ILE A 91 -9.01 2.44 -5.74
C ILE A 91 -9.55 2.89 -4.39
N ASP A 92 -10.86 2.74 -4.20
CA ASP A 92 -11.51 3.12 -2.95
C ASP A 92 -11.71 1.91 -2.06
N VAL A 93 -11.11 1.95 -0.87
CA VAL A 93 -11.23 0.86 0.09
C VAL A 93 -12.00 1.28 1.33
N LYS A 94 -12.85 0.38 1.83
CA LYS A 94 -13.64 0.67 3.02
C LYS A 94 -12.75 0.79 4.26
N ASP A 95 -11.56 0.21 4.19
CA ASP A 95 -10.62 0.26 5.29
C ASP A 95 -9.28 -0.36 4.90
N THR A 96 -8.30 -0.26 5.80
CA THR A 96 -6.98 -0.80 5.54
C THR A 96 -7.03 -2.31 5.39
N LYS A 97 -8.14 -2.91 5.79
CA LYS A 97 -8.31 -4.35 5.70
C LYS A 97 -8.64 -4.77 4.26
N GLU A 98 -9.66 -4.14 3.69
CA GLU A 98 -10.06 -4.45 2.32
C GLU A 98 -9.01 -4.00 1.32
N ALA A 99 -8.11 -3.13 1.77
CA ALA A 99 -7.04 -2.62 0.92
C ALA A 99 -5.96 -3.68 0.72
N LEU A 100 -5.78 -4.54 1.71
CA LEU A 100 -4.78 -5.59 1.63
C LEU A 100 -5.28 -6.77 0.80
N ASP A 101 -6.59 -6.98 0.82
CA ASP A 101 -7.21 -8.07 0.06
C ASP A 101 -7.32 -7.70 -1.41
N LYS A 102 -7.82 -6.50 -1.67
CA LYS A 102 -7.99 -6.02 -3.04
C LYS A 102 -6.66 -6.01 -3.78
N ILE A 103 -5.58 -5.70 -3.07
CA ILE A 103 -4.26 -5.67 -3.67
C ILE A 103 -3.66 -7.06 -3.76
N GLU A 104 -4.18 -7.98 -2.94
CA GLU A 104 -3.69 -9.36 -2.94
C GLU A 104 -4.30 -10.16 -4.09
N GLU A 105 -5.57 -9.88 -4.38
CA GLU A 105 -6.27 -10.57 -5.46
C GLU A 105 -5.85 -10.02 -6.82
N GLU A 106 -5.64 -8.71 -6.89
CA GLU A 106 -5.24 -8.06 -8.14
C GLU A 106 -3.82 -8.46 -8.52
N GLN A 107 -2.93 -8.53 -7.53
CA GLN A 107 -1.55 -8.89 -7.76
C GLN A 107 -1.39 -10.41 -7.82
N ASN A 108 -2.47 -11.13 -7.51
CA ASN A 108 -2.45 -12.58 -7.52
C ASN A 108 -1.92 -13.10 -8.85
N LYS A 109 -2.49 -12.62 -9.95
CA LYS A 109 -2.07 -13.04 -11.28
C LYS A 109 -0.73 -12.41 -11.65
N SER A 110 -0.62 -11.10 -11.45
CA SER A 110 0.61 -10.38 -11.76
C SER A 110 1.82 -11.12 -11.21
N LYS A 111 1.68 -11.68 -10.01
CA LYS A 111 2.75 -12.41 -9.38
C LYS A 111 3.08 -13.69 -10.14
N LYS A 112 2.08 -14.53 -10.34
CA LYS A 112 2.25 -15.79 -11.07
C LYS A 112 2.80 -15.53 -12.46
N LYS A 113 2.42 -14.41 -13.05
CA LYS A 113 2.88 -14.05 -14.38
C LYS A 113 4.20 -13.27 -14.31
N ALA A 114 4.60 -12.90 -13.11
CA ALA A 114 5.84 -12.16 -12.90
C ALA A 114 7.03 -13.11 -12.84
N GLN A 115 6.85 -14.24 -12.18
CA GLN A 115 7.91 -15.23 -12.06
C GLN A 115 7.40 -16.63 -12.36
N GLN A 116 6.61 -16.75 -13.43
CA GLN A 116 6.06 -18.03 -13.83
C GLN A 116 7.15 -19.00 -14.26
N ALA A 117 8.29 -18.45 -14.67
CA ALA A 117 9.42 -19.25 -15.10
C ALA A 117 10.23 -19.76 -13.91
N ALA A 118 10.01 -19.14 -12.76
CA ALA A 118 10.72 -19.54 -11.54
C ALA A 118 9.73 -19.78 -10.40
N ALA A 119 8.49 -20.06 -10.75
CA ALA A 119 7.46 -20.31 -9.75
C ALA A 119 6.26 -21.02 -10.37
N ASP A 120 6.53 -22.03 -11.19
CA ASP A 120 5.47 -22.79 -11.84
C ASP A 120 5.96 -24.18 -12.23
N THR A 121 7.20 -24.26 -12.69
CA THR A 121 7.78 -25.53 -13.09
C THR A 121 7.81 -26.52 -11.93
N GLY A 122 7.16 -27.66 -12.11
CA GLY A 122 7.13 -28.67 -11.07
C GLY A 122 5.79 -28.70 -10.34
N ASN A 123 5.84 -28.45 -9.04
CA ASN A 123 4.62 -28.45 -8.22
C ASN A 123 4.53 -27.18 -7.38
N ASN A 124 3.31 -26.69 -7.19
CA ASN A 124 3.09 -25.48 -6.41
C ASN A 124 2.13 -25.76 -5.25
N SER A 125 2.34 -25.06 -4.14
CA SER A 125 1.49 -25.23 -2.96
C SER A 125 0.97 -23.88 -2.47
N GLN A 126 -0.30 -23.87 -2.07
CA GLN A 126 -0.92 -22.65 -1.58
C GLN A 126 -1.41 -22.82 -0.14
N VAL A 127 -0.58 -22.44 0.82
CA VAL A 127 -0.93 -22.57 2.23
C VAL A 127 -1.03 -21.20 2.89
N SER A 128 -1.70 -21.14 4.03
CA SER A 128 -1.88 -19.89 4.76
C SER A 128 -1.59 -20.09 6.25
N GLN A 129 -2.43 -20.89 6.90
CA GLN A 129 -2.27 -21.15 8.33
C GLN A 129 -2.49 -19.89 9.15
N ASN A 130 -3.74 -19.61 9.47
CA ASN A 130 -4.09 -18.42 10.25
C ASN A 130 -5.16 -18.75 11.28
N TYR A 131 -5.09 -18.07 12.42
CA TYR A 131 -6.05 -18.28 13.50
C TYR A 131 -6.98 -17.09 13.65
P1 PBU B . 0.51 5.78 15.75
P4 PBU B . -4.62 -1.12 15.87
P5 PBU B . 0.66 -1.35 13.68
C3' PBU B . 2.69 5.44 14.55
C2' PBU B . 2.22 5.77 13.11
O2' PBU B . 3.09 5.13 12.20
C1' PBU B . 2.24 7.30 12.84
O1' PBU B . 3.39 7.86 13.42
C1 PBU B . -0.68 3.13 15.33
O1 PBU B . 0.43 4.12 15.75
C2 PBU B . -1.94 3.11 16.25
O2 PBU B . -1.65 2.85 17.61
C3 PBU B . -2.96 2.07 15.75
O3 PBU B . -4.10 2.09 16.63
C4 PBU B . -2.31 0.63 15.67
O4 PBU B . -3.33 -0.36 15.13
C5 PBU B . -1.05 0.70 14.73
O5 PBU B . -0.40 -0.62 14.71
C6 PBU B . -0.01 1.75 15.20
O6 PBU B . 1.08 1.90 14.29
C7 PBU B . 2.61 3.95 11.58
O7 PBU B . 3.26 2.92 11.65
C8 PBU B . 1.27 3.96 10.82
C9 PBU B . 1.25 2.84 9.77
C10 PBU B . -0.19 2.65 9.26
C11 PBU B . 3.32 8.81 14.47
O11 PBU B . 2.48 9.68 14.55
C12 PBU B . 4.44 8.71 15.53
C13 PBU B . 5.56 9.75 15.35
C14 PBU B . 5.26 11.04 16.14
O41 PBU B . -4.45 -2.51 15.26
O42 PBU B . -4.34 -1.04 17.34
O43 PBU B . -5.91 -0.39 15.51
O51 PBU B . 0.43 -2.80 14.05
O52 PBU B . 0.19 -0.88 12.31
O53 PBU B . 2.00 -0.79 14.12
OP1 PBU B . 1.95 6.15 15.52
OP2 PBU B . -0.42 6.17 14.59
OP3 PBU B . 0.08 6.18 17.13
H3'1 PBU B . 3.71 5.70 14.64
H3'2 PBU B . 2.57 4.40 14.69
H2' PBU B . 1.22 5.46 13.00
H1'1 PBU B . 2.29 7.47 11.80
H1'2 PBU B . 1.35 7.75 13.19
H1 PBU B . -1.09 3.46 14.37
H2 PBU B . -2.39 4.11 16.19
H02 PBU B . -1.13 2.10 17.79
H3 PBU B . -3.29 2.31 14.74
H03 PBU B . -3.84 1.78 17.51
H4 PBU B . -1.99 0.25 16.63
H5 PBU B . -1.43 0.97 13.75
H6 PBU B . 0.39 1.43 16.15
H06 PBU B . 1.71 1.20 14.38
H81 PBU B . 1.15 4.89 10.34
H82 PBU B . 0.50 3.81 11.51
H91 PBU B . 1.60 1.94 10.20
H92 PBU B . 1.87 3.09 8.95
H11 PBU B . -0.54 3.54 8.84
H12 PBU B . -0.81 2.37 10.07
H13 PBU B . -0.21 1.89 8.53
H121 PBU B . 4.01 8.85 16.48
H122 PBU B . 4.86 7.75 15.47
H131 PBU B . 6.47 9.35 15.69
H132 PBU B . 5.64 9.98 14.32
H141 PBU B . 5.14 10.79 17.15
H142 PBU B . 4.40 11.50 15.78
H143 PBU B . 6.08 11.69 16.03
N GLY A 1 4.66 23.27 -12.23
CA GLY A 1 4.69 23.57 -10.81
C GLY A 1 5.12 22.37 -9.98
N ALA A 2 4.18 21.46 -9.74
CA ALA A 2 4.46 20.27 -8.94
C ALA A 2 4.91 20.63 -7.55
N ARG A 3 3.99 20.61 -6.59
CA ARG A 3 4.29 20.94 -5.21
C ARG A 3 4.76 19.71 -4.45
N ALA A 4 5.00 19.88 -3.15
CA ALA A 4 5.44 18.78 -2.31
C ALA A 4 4.27 18.06 -1.67
N SER A 5 3.25 17.77 -2.47
CA SER A 5 2.06 17.09 -1.98
C SER A 5 1.96 15.69 -2.57
N VAL A 6 1.94 14.68 -1.69
CA VAL A 6 1.85 13.29 -2.12
C VAL A 6 0.50 13.01 -2.78
N LEU A 7 -0.57 13.43 -2.13
CA LEU A 7 -1.92 13.23 -2.65
C LEU A 7 -2.52 14.53 -3.14
N SER A 8 -3.12 14.50 -4.33
CA SER A 8 -3.74 15.69 -4.91
C SER A 8 -5.01 16.06 -4.15
N GLY A 9 -5.78 16.99 -4.73
CA GLY A 9 -7.02 17.41 -4.10
C GLY A 9 -8.01 16.28 -3.93
N GLY A 10 -8.45 15.72 -5.05
CA GLY A 10 -9.41 14.63 -5.01
C GLY A 10 -8.90 13.44 -4.21
N GLU A 11 -7.58 13.21 -4.28
CA GLU A 11 -6.98 12.10 -3.57
C GLU A 11 -6.95 12.37 -2.06
N LEU A 12 -6.62 13.60 -1.69
CA LEU A 12 -6.56 13.99 -0.28
C LEU A 12 -7.87 13.67 0.42
N ASP A 13 -8.98 14.12 -0.16
CA ASP A 13 -10.29 13.89 0.41
C ASP A 13 -10.50 12.40 0.70
N LYS A 14 -10.48 11.59 -0.36
CA LYS A 14 -10.68 10.16 -0.22
C LYS A 14 -9.73 9.58 0.82
N TRP A 15 -8.47 10.01 0.79
CA TRP A 15 -7.47 9.54 1.74
C TRP A 15 -7.97 9.69 3.18
N GLU A 16 -8.43 10.89 3.51
CA GLU A 16 -8.93 11.17 4.86
C GLU A 16 -10.13 10.28 5.18
N LYS A 17 -10.78 9.79 4.14
CA LYS A 17 -11.95 8.92 4.31
C LYS A 17 -11.54 7.57 4.86
N ILE A 18 -10.76 6.82 4.09
CA ILE A 18 -10.31 5.50 4.51
C ILE A 18 -9.84 5.51 5.95
N ARG A 19 -10.06 4.40 6.65
CA ARG A 19 -9.66 4.28 8.05
C ARG A 19 -8.57 3.24 8.22
N LEU A 20 -7.81 3.35 9.31
CA LEU A 20 -6.73 2.40 9.58
C LEU A 20 -7.27 1.02 9.90
N ARG A 21 -8.39 0.99 10.63
CA ARG A 21 -9.02 -0.27 11.01
C ARG A 21 -10.42 -0.39 10.40
N PRO A 22 -10.88 -1.62 10.22
CA PRO A 22 -12.20 -1.91 9.64
C PRO A 22 -13.34 -1.52 10.58
N GLY A 23 -13.13 -1.72 11.88
CA GLY A 23 -14.14 -1.39 12.86
C GLY A 23 -13.68 -0.32 13.83
N GLY A 24 -12.86 0.61 13.33
CA GLY A 24 -12.36 1.67 14.17
C GLY A 24 -13.00 3.02 13.86
N LYS A 25 -12.49 4.08 14.49
CA LYS A 25 -13.02 5.43 14.26
C LYS A 25 -11.90 6.37 13.83
N LYS A 26 -10.69 5.85 13.77
CA LYS A 26 -9.54 6.66 13.37
C LYS A 26 -9.34 6.62 11.86
N GLN A 27 -9.54 7.76 11.20
CA GLN A 27 -9.38 7.84 9.76
C GLN A 27 -7.93 8.14 9.38
N TYR A 28 -7.64 8.10 8.09
CA TYR A 28 -6.30 8.36 7.60
C TYR A 28 -6.01 9.86 7.56
N LYS A 29 -4.78 10.23 7.88
CA LYS A 29 -4.37 11.63 7.87
C LYS A 29 -2.95 11.79 7.34
N LEU A 30 -2.56 13.03 7.10
CA LEU A 30 -1.22 13.32 6.58
C LEU A 30 -0.16 12.64 7.43
N LYS A 31 -0.39 12.56 8.73
CA LYS A 31 0.55 11.93 9.65
C LYS A 31 0.99 10.56 9.12
N HIS A 32 0.02 9.73 8.77
CA HIS A 32 0.31 8.40 8.25
C HIS A 32 1.15 8.48 6.97
N ILE A 33 0.98 9.51 6.14
CA ILE A 33 1.75 9.64 4.92
C ILE A 33 3.19 10.06 5.22
N VAL A 34 3.35 11.29 5.66
CA VAL A 34 4.68 11.82 5.99
C VAL A 34 5.46 10.83 6.83
N TRP A 35 4.77 10.10 7.70
CA TRP A 35 5.41 9.11 8.56
C TRP A 35 6.21 8.11 7.75
N ALA A 36 5.54 7.43 6.82
CA ALA A 36 6.19 6.44 5.97
C ALA A 36 7.33 7.08 5.17
N SER A 37 7.13 8.32 4.75
CA SER A 37 8.13 9.02 3.97
C SER A 37 9.42 9.20 4.78
N ARG A 38 9.29 9.21 6.10
CA ARG A 38 10.44 9.36 6.98
C ARG A 38 11.13 8.02 7.23
N GLU A 39 10.36 6.94 7.08
CA GLU A 39 10.90 5.59 7.28
C GLU A 39 11.61 5.10 6.03
N LEU A 40 11.01 5.36 4.88
CA LEU A 40 11.59 4.94 3.61
C LEU A 40 12.91 5.67 3.33
N GLU A 41 12.96 6.96 3.66
CA GLU A 41 14.16 7.75 3.47
C GLU A 41 15.28 7.30 4.40
N ARG A 42 14.90 6.56 5.44
CA ARG A 42 15.87 6.06 6.41
C ARG A 42 16.38 4.68 6.02
N PHE A 43 15.54 3.92 5.34
CA PHE A 43 15.89 2.57 4.90
C PHE A 43 16.83 2.62 3.69
N ALA A 44 16.33 3.19 2.60
CA ALA A 44 17.12 3.30 1.38
C ALA A 44 16.23 3.68 0.19
N VAL A 45 15.03 4.15 0.49
CA VAL A 45 14.08 4.54 -0.57
C VAL A 45 13.66 6.00 -0.39
N ASN A 46 13.47 6.69 -1.52
CA ASN A 46 13.06 8.09 -1.49
C ASN A 46 11.57 8.21 -1.26
N PRO A 47 11.17 9.23 -0.48
CA PRO A 47 9.76 9.49 -0.16
C PRO A 47 8.98 9.98 -1.37
N GLY A 48 9.69 10.29 -2.45
CA GLY A 48 9.04 10.77 -3.66
C GLY A 48 8.29 9.66 -4.39
N LEU A 49 8.67 8.42 -4.13
CA LEU A 49 8.02 7.28 -4.76
C LEU A 49 6.58 7.12 -4.28
N LEU A 50 6.24 7.85 -3.23
CA LEU A 50 4.89 7.80 -2.68
C LEU A 50 4.02 8.90 -3.25
N GLU A 51 4.66 9.94 -3.79
CA GLU A 51 3.93 11.06 -4.38
C GLU A 51 3.27 10.65 -5.69
N THR A 52 3.84 9.64 -6.35
CA THR A 52 3.31 9.15 -7.62
C THR A 52 2.99 7.67 -7.55
N SER A 53 1.82 7.29 -8.04
CA SER A 53 1.40 5.90 -8.03
C SER A 53 2.49 5.00 -8.57
N GLU A 54 3.15 5.44 -9.64
CA GLU A 54 4.23 4.66 -10.25
C GLU A 54 5.30 4.31 -9.22
N GLY A 55 5.65 5.28 -8.37
CA GLY A 55 6.65 5.05 -7.36
C GLY A 55 6.27 3.93 -6.40
N CYS A 56 5.02 3.96 -5.93
CA CYS A 56 4.53 2.94 -5.00
C CYS A 56 4.46 1.58 -5.68
N ARG A 57 4.01 1.58 -6.94
CA ARG A 57 3.88 0.33 -7.69
C ARG A 57 5.17 -0.47 -7.63
N GLN A 58 6.30 0.22 -7.46
CA GLN A 58 7.59 -0.44 -7.39
C GLN A 58 7.94 -0.78 -5.93
N ILE A 59 7.50 0.06 -5.01
CA ILE A 59 7.77 -0.14 -3.59
C ILE A 59 7.04 -1.38 -3.07
N LEU A 60 5.75 -1.45 -3.34
CA LEU A 60 4.94 -2.58 -2.91
C LEU A 60 5.55 -3.90 -3.37
N GLY A 61 6.00 -3.93 -4.62
CA GLY A 61 6.60 -5.13 -5.17
C GLY A 61 7.88 -5.51 -4.46
N GLN A 62 8.48 -4.55 -3.75
CA GLN A 62 9.72 -4.79 -3.02
C GLN A 62 9.44 -5.36 -1.64
N LEU A 63 8.58 -4.69 -0.89
CA LEU A 63 8.22 -5.13 0.46
C LEU A 63 7.41 -6.42 0.41
N GLN A 64 6.60 -6.56 -0.63
CA GLN A 64 5.77 -7.75 -0.79
C GLN A 64 6.57 -9.02 -0.53
N PRO A 65 7.60 -9.24 -1.36
CA PRO A 65 8.48 -10.41 -1.24
C PRO A 65 9.36 -10.35 0.00
N SER A 66 9.32 -9.23 0.69
CA SER A 66 10.12 -9.04 1.90
C SER A 66 9.26 -9.16 3.15
N LEU A 67 7.97 -9.40 2.95
CA LEU A 67 7.03 -9.55 4.05
C LEU A 67 7.41 -10.73 4.94
N GLN A 68 8.23 -11.63 4.40
CA GLN A 68 8.66 -12.80 5.14
C GLN A 68 9.70 -12.42 6.20
N THR A 69 10.67 -11.61 5.80
CA THR A 69 11.72 -11.17 6.72
C THR A 69 11.63 -9.68 6.99
N GLY A 70 10.40 -9.17 7.02
CA GLY A 70 10.19 -7.76 7.28
C GLY A 70 9.88 -7.47 8.74
N SER A 71 10.70 -6.62 9.36
CA SER A 71 10.52 -6.27 10.77
C SER A 71 9.17 -5.60 10.98
N GLU A 72 8.98 -5.05 12.18
CA GLU A 72 7.73 -4.38 12.52
C GLU A 72 7.57 -3.09 11.71
N GLU A 73 8.67 -2.40 11.48
CA GLU A 73 8.65 -1.15 10.72
C GLU A 73 8.20 -1.39 9.29
N LEU A 74 8.74 -2.44 8.66
CA LEU A 74 8.40 -2.78 7.29
C LEU A 74 6.92 -3.16 7.18
N ARG A 75 6.38 -3.74 8.25
CA ARG A 75 4.99 -4.15 8.28
C ARG A 75 4.07 -2.95 8.11
N SER A 76 4.21 -1.98 9.00
CA SER A 76 3.38 -0.77 8.95
C SER A 76 3.44 -0.12 7.58
N LEU A 77 4.63 -0.10 6.98
CA LEU A 77 4.81 0.49 5.67
C LEU A 77 3.85 -0.13 4.65
N TYR A 78 3.90 -1.44 4.52
CA TYR A 78 3.02 -2.15 3.59
C TYR A 78 1.57 -1.73 3.78
N ASN A 79 1.17 -1.55 5.04
CA ASN A 79 -0.19 -1.16 5.36
C ASN A 79 -0.53 0.19 4.73
N THR A 80 0.20 1.23 5.12
CA THR A 80 -0.01 2.57 4.58
C THR A 80 0.12 2.58 3.07
N ILE A 81 1.26 2.14 2.57
CA ILE A 81 1.51 2.11 1.13
C ILE A 81 0.36 1.44 0.40
N ALA A 82 -0.11 0.32 0.93
CA ALA A 82 -1.22 -0.42 0.34
C ALA A 82 -2.43 0.49 0.12
N VAL A 83 -2.79 1.24 1.15
CA VAL A 83 -3.93 2.14 1.07
C VAL A 83 -3.64 3.32 0.15
N LEU A 84 -2.48 3.95 0.34
CA LEU A 84 -2.09 5.09 -0.47
C LEU A 84 -2.07 4.72 -1.96
N TYR A 85 -1.22 3.75 -2.31
CA TYR A 85 -1.11 3.32 -3.69
C TYR A 85 -2.49 3.13 -4.32
N CYS A 86 -3.39 2.50 -3.57
CA CYS A 86 -4.74 2.26 -4.05
C CYS A 86 -5.44 3.57 -4.41
N VAL A 87 -5.36 4.54 -3.50
CA VAL A 87 -5.98 5.84 -3.72
C VAL A 87 -5.53 6.45 -5.04
N HIS A 88 -4.23 6.36 -5.31
CA HIS A 88 -3.66 6.91 -6.54
C HIS A 88 -4.27 6.23 -7.76
N GLN A 89 -4.57 4.94 -7.71
CA GLN A 89 -5.16 4.24 -8.85
C GLN A 89 -6.68 4.35 -8.83
N ARG A 90 -7.19 5.41 -8.21
CA ARG A 90 -8.62 5.62 -8.13
C ARG A 90 -9.32 4.43 -7.46
N ILE A 91 -8.65 3.87 -6.46
CA ILE A 91 -9.19 2.72 -5.74
C ILE A 91 -9.63 3.12 -4.33
N ASP A 92 -10.90 2.87 -4.02
CA ASP A 92 -11.45 3.21 -2.71
C ASP A 92 -11.61 1.95 -1.86
N VAL A 93 -10.99 1.96 -0.68
CA VAL A 93 -11.07 0.81 0.23
C VAL A 93 -11.79 1.20 1.52
N LYS A 94 -12.58 0.26 2.05
CA LYS A 94 -13.32 0.50 3.27
C LYS A 94 -12.37 0.69 4.45
N ASP A 95 -11.28 -0.05 4.45
CA ASP A 95 -10.28 0.04 5.51
C ASP A 95 -8.92 -0.48 5.05
N THR A 96 -7.90 -0.29 5.87
CA THR A 96 -6.55 -0.74 5.55
C THR A 96 -6.50 -2.25 5.44
N LYS A 97 -7.55 -2.92 5.90
CA LYS A 97 -7.62 -4.38 5.85
C LYS A 97 -8.01 -4.87 4.46
N GLU A 98 -8.95 -4.15 3.85
CA GLU A 98 -9.41 -4.51 2.51
C GLU A 98 -8.29 -4.42 1.49
N ALA A 99 -7.85 -3.20 1.21
CA ALA A 99 -6.78 -2.97 0.25
C ALA A 99 -5.67 -4.00 0.41
N LEU A 100 -5.36 -4.33 1.67
CA LEU A 100 -4.31 -5.31 1.96
C LEU A 100 -4.59 -6.63 1.26
N ASP A 101 -5.77 -7.19 1.49
CA ASP A 101 -6.16 -8.46 0.88
C ASP A 101 -6.41 -8.27 -0.61
N LYS A 102 -6.68 -7.04 -1.02
CA LYS A 102 -6.94 -6.73 -2.42
C LYS A 102 -5.63 -6.71 -3.22
N ILE A 103 -4.54 -6.37 -2.55
CA ILE A 103 -3.24 -6.32 -3.20
C ILE A 103 -2.58 -7.70 -3.23
N GLU A 104 -3.06 -8.60 -2.38
CA GLU A 104 -2.52 -9.94 -2.31
C GLU A 104 -3.40 -10.92 -3.10
N GLU A 105 -4.71 -10.80 -2.93
CA GLU A 105 -5.65 -11.67 -3.63
C GLU A 105 -5.40 -11.65 -5.13
N GLU A 106 -4.94 -10.51 -5.64
CA GLU A 106 -4.67 -10.36 -7.05
C GLU A 106 -3.59 -11.35 -7.51
N GLN A 107 -2.70 -11.70 -6.58
CA GLN A 107 -1.63 -12.63 -6.89
C GLN A 107 -2.00 -14.06 -6.49
N ASN A 108 -2.65 -14.20 -5.33
CA ASN A 108 -3.07 -15.50 -4.84
C ASN A 108 -4.13 -16.10 -5.75
N LYS A 109 -4.96 -15.25 -6.35
CA LYS A 109 -6.02 -15.69 -7.23
C LYS A 109 -5.46 -16.56 -8.36
N SER A 110 -4.23 -16.27 -8.78
CA SER A 110 -3.57 -17.02 -9.84
C SER A 110 -3.20 -18.42 -9.36
N LYS A 111 -2.18 -18.50 -8.50
CA LYS A 111 -1.72 -19.77 -7.98
C LYS A 111 -2.90 -20.61 -7.50
N LYS A 112 -3.87 -19.96 -6.86
CA LYS A 112 -5.05 -20.66 -6.37
C LYS A 112 -5.66 -21.55 -7.43
N LYS A 113 -5.74 -21.03 -8.66
CA LYS A 113 -6.30 -21.79 -9.77
C LYS A 113 -5.58 -23.12 -9.94
N ALA A 114 -4.25 -23.09 -9.89
CA ALA A 114 -3.44 -24.29 -10.04
C ALA A 114 -3.77 -25.30 -8.94
N GLN A 115 -4.36 -24.82 -7.85
CA GLN A 115 -4.73 -25.68 -6.74
C GLN A 115 -6.21 -25.57 -6.42
N GLN A 116 -7.02 -25.44 -7.46
CA GLN A 116 -8.47 -25.32 -7.29
C GLN A 116 -9.07 -26.63 -6.79
N ALA A 117 -8.25 -27.69 -6.80
CA ALA A 117 -8.70 -29.00 -6.35
C ALA A 117 -8.28 -29.26 -4.91
N ALA A 118 -7.03 -28.94 -4.60
CA ALA A 118 -6.51 -29.14 -3.26
C ALA A 118 -6.74 -27.91 -2.39
N ALA A 119 -7.78 -27.15 -2.71
CA ALA A 119 -8.12 -25.96 -1.95
C ALA A 119 -9.61 -25.92 -1.62
N ASP A 120 -10.18 -27.09 -1.38
CA ASP A 120 -11.60 -27.19 -1.04
C ASP A 120 -11.97 -28.62 -0.66
N THR A 121 -11.86 -29.52 -1.63
CA THR A 121 -12.18 -30.93 -1.41
C THR A 121 -13.57 -31.07 -0.78
N GLY A 122 -13.88 -32.29 -0.33
CA GLY A 122 -15.17 -32.53 0.29
C GLY A 122 -15.07 -32.75 1.78
N ASN A 123 -15.62 -31.81 2.55
CA ASN A 123 -15.59 -31.89 4.01
C ASN A 123 -14.15 -31.83 4.52
N ASN A 124 -13.78 -30.68 5.07
CA ASN A 124 -12.43 -30.49 5.60
C ASN A 124 -12.37 -30.86 7.08
N SER A 125 -11.20 -30.66 7.68
CA SER A 125 -11.02 -30.98 9.10
C SER A 125 -11.80 -30.00 9.98
N GLN A 126 -11.54 -30.06 11.28
CA GLN A 126 -12.22 -29.18 12.22
C GLN A 126 -11.28 -28.09 12.74
N VAL A 127 -10.26 -27.77 11.94
CA VAL A 127 -9.29 -26.76 12.32
C VAL A 127 -8.68 -27.05 13.69
N SER A 128 -7.57 -27.78 13.69
CA SER A 128 -6.89 -28.13 14.93
C SER A 128 -5.77 -27.15 15.22
N GLN A 129 -6.13 -25.97 15.72
CA GLN A 129 -5.14 -24.94 16.05
C GLN A 129 -5.46 -24.29 17.38
N ASN A 130 -4.45 -23.75 18.04
CA ASN A 130 -4.62 -23.09 19.33
C ASN A 130 -3.88 -21.76 19.36
N TYR A 131 -4.57 -20.71 19.83
CA TYR A 131 -3.98 -19.39 19.92
C TYR A 131 -4.34 -18.71 21.23
P1 PBU B . 0.30 6.52 15.48
P4 PBU B . -4.65 -0.60 16.20
P5 PBU B . -0.63 -1.25 14.07
C3' PBU B . 2.54 6.11 14.43
C2' PBU B . 2.13 6.33 12.96
O2' PBU B . 3.03 5.61 12.12
C1' PBU B . 2.17 7.82 12.56
O1' PBU B . 3.34 8.41 13.10
C1 PBU B . -0.92 3.87 15.22
O1 PBU B . 0.21 4.85 15.55
C2 PBU B . -2.22 4.00 16.08
O2 PBU B . -1.98 3.90 17.48
C3 PBU B . -3.26 2.94 15.67
O3 PBU B . -4.42 3.11 16.50
C4 PBU B . -2.66 1.48 15.79
O4 PBU B . -3.69 0.47 15.34
C5 PBU B . -1.36 1.39 14.90
O5 PBU B . -0.77 0.06 15.06
C6 PBU B . -0.30 2.46 15.28
O6 PBU B . 0.82 2.45 14.40
C7 PBU B . 2.54 4.41 11.53
O7 PBU B . 3.14 3.37 11.68
C8 PBU B . 1.25 4.44 10.70
C9 PBU B . 1.23 3.28 9.69
C10 PBU B . -0.21 3.01 9.23
C11 PBU B . 3.30 9.57 13.90
O11 PBU B . 2.28 10.15 14.20
C12 PBU B . 4.68 10.13 14.35
C13 PBU B . 4.74 11.66 14.36
C14 PBU B . 6.19 12.16 14.22
O41 PBU B . -5.97 -0.34 15.50
O42 PBU B . -4.05 -1.95 15.96
O43 PBU B . -4.61 -0.24 17.68
O51 PBU B . 0.02 -2.24 15.01
O52 PBU B . -2.06 -1.53 13.65
O53 PBU B . 0.27 -0.75 12.97
OP1 PBU B . 1.75 6.87 15.31
OP2 PBU B . -0.55 6.84 14.25
OP3 PBU B . -0.20 6.99 16.81
H3'1 PBU B . 3.55 6.38 14.54
H3'2 PBU B . 2.43 5.08 14.64
H2' PBU B . 1.14 6.01 12.82
H1'1 PBU B . 2.24 7.92 11.51
H1'2 PBU B . 1.31 8.32 12.88
H1 PBU B . -1.29 4.08 14.21
H2 PBU B . -2.63 5.00 15.88
H02 PBU B . -1.51 3.16 17.77
H3 PBU B . -3.54 3.07 14.63
H03 PBU B . -4.21 2.91 17.42
H4 PBU B . -2.38 1.22 16.81
H5 PBU B . -1.70 1.56 13.88
H6 PBU B . 0.05 2.24 16.29
H06 PBU B . 1.42 1.75 14.59
H81 PBU B . 1.18 5.35 10.17
H82 PBU B . 0.42 4.35 11.34
H91 PBU B . 1.63 2.42 10.14
H92 PBU B . 1.81 3.53 8.85
H11 PBU B . -0.60 3.88 8.79
H12 PBU B . -0.79 2.74 10.06
H13 PBU B . -0.21 2.23 8.53
H121 PBU B . 4.88 9.77 15.32
H122 PBU B . 5.40 9.76 13.67
H131 PBU B . 4.17 12.04 13.54
H132 PBU B . 4.33 12.02 15.26
H141 PBU B . 6.61 11.77 13.33
H142 PBU B . 6.76 11.87 15.05
H143 PBU B . 6.19 13.21 14.17
N GLY A 1 -1.46 22.61 -11.91
CA GLY A 1 -0.90 21.39 -12.42
C GLY A 1 -0.71 20.32 -11.35
N ALA A 2 0.28 20.52 -10.49
CA ALA A 2 0.55 19.57 -9.42
C ALA A 2 1.22 20.27 -8.23
N ARG A 3 1.32 19.56 -7.11
CA ARG A 3 1.93 20.11 -5.91
C ARG A 3 3.00 19.17 -5.37
N ALA A 4 3.62 19.57 -4.26
CA ALA A 4 4.65 18.75 -3.63
C ALA A 4 4.05 17.61 -2.82
N SER A 5 2.95 17.90 -2.13
CA SER A 5 2.27 16.90 -1.31
C SER A 5 2.14 15.58 -2.05
N VAL A 6 1.96 14.51 -1.31
CA VAL A 6 1.81 13.17 -1.90
C VAL A 6 0.43 13.00 -2.51
N LEU A 7 -0.59 13.50 -1.82
CA LEU A 7 -1.96 13.40 -2.31
C LEU A 7 -2.51 14.77 -2.69
N SER A 8 -3.21 14.83 -3.81
CA SER A 8 -3.79 16.07 -4.30
C SER A 8 -5.04 16.44 -3.51
N GLY A 9 -5.82 17.37 -4.05
CA GLY A 9 -7.05 17.79 -3.38
C GLY A 9 -8.11 16.70 -3.38
N GLY A 10 -8.51 16.27 -4.56
CA GLY A 10 -9.53 15.23 -4.66
C GLY A 10 -9.09 13.93 -4.02
N GLU A 11 -7.78 13.71 -3.96
CA GLU A 11 -7.23 12.49 -3.37
C GLU A 11 -7.21 12.59 -1.85
N LEU A 12 -6.84 13.77 -1.34
CA LEU A 12 -6.77 13.99 0.10
C LEU A 12 -8.09 13.59 0.76
N ASP A 13 -9.20 14.00 0.17
CA ASP A 13 -10.52 13.68 0.71
C ASP A 13 -10.71 12.17 0.82
N LYS A 14 -10.50 11.47 -0.28
CA LYS A 14 -10.64 10.02 -0.31
C LYS A 14 -9.65 9.35 0.63
N TRP A 15 -8.60 10.08 0.99
CA TRP A 15 -7.58 9.56 1.89
C TRP A 15 -8.03 9.66 3.34
N GLU A 16 -8.52 10.83 3.74
CA GLU A 16 -8.98 11.04 5.10
C GLU A 16 -10.17 10.13 5.42
N LYS A 17 -10.83 9.63 4.38
CA LYS A 17 -11.96 8.75 4.55
C LYS A 17 -11.54 7.39 5.10
N ILE A 18 -10.72 6.68 4.32
CA ILE A 18 -10.23 5.37 4.72
C ILE A 18 -9.71 5.39 6.15
N ARG A 19 -9.91 4.29 6.87
CA ARG A 19 -9.48 4.19 8.25
C ARG A 19 -8.39 3.12 8.39
N LEU A 20 -7.63 3.20 9.48
CA LEU A 20 -6.55 2.25 9.72
C LEU A 20 -7.10 0.84 9.93
N ARG A 21 -8.24 0.75 10.62
CA ARG A 21 -8.88 -0.53 10.88
C ARG A 21 -10.31 -0.56 10.31
N PRO A 22 -10.83 -1.78 10.10
CA PRO A 22 -12.17 -1.97 9.56
C PRO A 22 -13.26 -1.56 10.55
N GLY A 23 -13.08 -1.94 11.81
CA GLY A 23 -14.05 -1.61 12.83
C GLY A 23 -13.52 -0.59 13.82
N GLY A 24 -12.70 0.33 13.33
CA GLY A 24 -12.14 1.35 14.20
C GLY A 24 -12.75 2.72 13.96
N LYS A 25 -12.27 3.72 14.68
CA LYS A 25 -12.77 5.09 14.54
C LYS A 25 -11.66 6.04 14.12
N LYS A 26 -10.45 5.51 13.99
CA LYS A 26 -9.30 6.31 13.59
C LYS A 26 -9.16 6.33 12.07
N GLN A 27 -9.43 7.47 11.47
CA GLN A 27 -9.33 7.63 10.02
C GLN A 27 -7.90 7.98 9.61
N TYR A 28 -7.64 7.95 8.30
CA TYR A 28 -6.32 8.27 7.78
C TYR A 28 -6.08 9.78 7.78
N LYS A 29 -4.84 10.18 8.07
CA LYS A 29 -4.49 11.59 8.09
C LYS A 29 -3.11 11.81 7.51
N LEU A 30 -2.75 13.07 7.30
CA LEU A 30 -1.45 13.41 6.74
C LEU A 30 -0.32 12.73 7.50
N LYS A 31 -0.48 12.66 8.82
CA LYS A 31 0.52 12.03 9.68
C LYS A 31 0.97 10.69 9.10
N HIS A 32 0.00 9.83 8.81
CA HIS A 32 0.30 8.52 8.26
C HIS A 32 1.07 8.64 6.95
N ILE A 33 0.88 9.70 6.17
CA ILE A 33 1.60 9.86 4.91
C ILE A 33 3.04 10.29 5.16
N VAL A 34 3.22 11.51 5.65
CA VAL A 34 4.55 12.04 5.94
C VAL A 34 5.37 11.05 6.76
N TRP A 35 4.69 10.31 7.63
CA TRP A 35 5.36 9.33 8.48
C TRP A 35 6.14 8.33 7.64
N ALA A 36 5.43 7.64 6.75
CA ALA A 36 6.06 6.65 5.87
C ALA A 36 7.17 7.27 5.04
N SER A 37 6.99 8.53 4.66
CA SER A 37 7.98 9.24 3.86
C SER A 37 9.32 9.30 4.58
N ARG A 38 9.28 9.27 5.90
CA ARG A 38 10.48 9.32 6.71
C ARG A 38 11.06 7.92 6.93
N GLU A 39 10.22 6.91 6.72
CA GLU A 39 10.64 5.52 6.90
C GLU A 39 11.24 4.97 5.60
N LEU A 40 10.69 5.41 4.47
CA LEU A 40 11.17 4.95 3.17
C LEU A 40 12.66 5.26 3.00
N GLU A 41 13.05 6.46 3.41
CA GLU A 41 14.45 6.88 3.31
C GLU A 41 15.36 5.91 4.06
N ARG A 42 14.79 5.18 5.01
CA ARG A 42 15.54 4.23 5.80
C ARG A 42 15.69 2.89 5.07
N PHE A 43 14.79 2.65 4.13
CA PHE A 43 14.82 1.41 3.35
C PHE A 43 15.51 1.63 2.01
N ALA A 44 16.33 2.67 1.94
CA ALA A 44 17.06 2.99 0.71
C ALA A 44 16.10 3.37 -0.41
N VAL A 45 14.89 3.78 -0.04
CA VAL A 45 13.89 4.17 -1.02
C VAL A 45 13.53 5.64 -0.88
N ASN A 46 13.69 6.39 -1.96
CA ASN A 46 13.39 7.81 -1.96
C ASN A 46 11.90 8.04 -1.72
N PRO A 47 11.58 9.06 -0.91
CA PRO A 47 10.20 9.41 -0.57
C PRO A 47 9.45 10.01 -1.76
N GLY A 48 10.19 10.26 -2.84
CA GLY A 48 9.57 10.83 -4.03
C GLY A 48 8.72 9.84 -4.78
N LEU A 49 8.86 8.56 -4.43
CA LEU A 49 8.10 7.50 -5.09
C LEU A 49 6.67 7.46 -4.57
N LEU A 50 6.37 8.33 -3.61
CA LEU A 50 5.03 8.39 -3.02
C LEU A 50 4.16 9.40 -3.78
N GLU A 51 4.79 10.28 -4.54
CA GLU A 51 4.07 11.29 -5.31
C GLU A 51 3.80 10.80 -6.73
N THR A 52 3.66 9.48 -6.88
CA THR A 52 3.40 8.88 -8.19
C THR A 52 2.96 7.44 -8.04
N SER A 53 1.71 7.17 -8.41
CA SER A 53 1.16 5.81 -8.34
C SER A 53 2.12 4.80 -8.94
N GLU A 54 2.75 5.18 -10.05
CA GLU A 54 3.70 4.30 -10.73
C GLU A 54 4.92 4.03 -9.86
N GLY A 55 5.31 5.03 -9.08
CA GLY A 55 6.46 4.89 -8.21
C GLY A 55 6.11 4.22 -6.89
N CYS A 56 4.84 4.26 -6.53
CA CYS A 56 4.38 3.64 -5.28
C CYS A 56 4.35 2.12 -5.41
N ARG A 57 4.26 1.63 -6.65
CA ARG A 57 4.23 0.20 -6.90
C ARG A 57 5.57 -0.45 -6.56
N GLN A 58 6.65 0.26 -6.87
CA GLN A 58 8.00 -0.25 -6.62
C GLN A 58 8.21 -0.48 -5.12
N ILE A 59 7.58 0.35 -4.30
CA ILE A 59 7.69 0.24 -2.86
C ILE A 59 7.07 -1.06 -2.35
N LEU A 60 5.80 -1.25 -2.63
CA LEU A 60 5.09 -2.45 -2.21
C LEU A 60 5.75 -3.70 -2.78
N GLY A 61 6.18 -3.61 -4.03
CA GLY A 61 6.83 -4.73 -4.67
C GLY A 61 8.19 -5.05 -4.07
N GLN A 62 8.78 -4.06 -3.40
CA GLN A 62 10.09 -4.24 -2.78
C GLN A 62 9.94 -4.88 -1.40
N LEU A 63 9.08 -4.31 -0.57
CA LEU A 63 8.85 -4.82 0.77
C LEU A 63 8.12 -6.15 0.73
N GLN A 64 7.34 -6.36 -0.33
CA GLN A 64 6.59 -7.60 -0.50
C GLN A 64 7.46 -8.81 -0.20
N PRO A 65 8.51 -9.00 -1.02
CA PRO A 65 9.44 -10.11 -0.86
C PRO A 65 10.31 -9.98 0.38
N SER A 66 10.07 -8.94 1.16
CA SER A 66 10.83 -8.69 2.37
C SER A 66 9.94 -8.85 3.61
N LEU A 67 8.65 -9.06 3.38
CA LEU A 67 7.70 -9.22 4.47
C LEU A 67 8.10 -10.40 5.36
N GLN A 68 8.96 -11.26 4.84
CA GLN A 68 9.41 -12.43 5.58
C GLN A 68 10.56 -12.07 6.52
N THR A 69 11.49 -11.26 6.02
CA THR A 69 12.64 -10.83 6.82
C THR A 69 12.42 -9.44 7.40
N GLY A 70 11.20 -9.18 7.84
CA GLY A 70 10.87 -7.89 8.41
C GLY A 70 9.84 -7.98 9.52
N SER A 71 10.01 -7.17 10.55
CA SER A 71 9.10 -7.17 11.69
C SER A 71 7.91 -6.24 11.43
N GLU A 72 7.21 -5.87 12.49
CA GLU A 72 6.06 -4.98 12.38
C GLU A 72 6.47 -3.64 11.78
N GLU A 73 7.70 -3.22 12.04
CA GLU A 73 8.21 -1.96 11.52
C GLU A 73 7.99 -1.86 10.02
N LEU A 74 7.93 -3.01 9.36
CA LEU A 74 7.72 -3.04 7.91
C LEU A 74 6.24 -3.25 7.58
N ARG A 75 5.51 -3.88 8.50
CA ARG A 75 4.09 -4.14 8.30
C ARG A 75 3.33 -2.83 8.09
N SER A 76 3.54 -1.87 9.00
CA SER A 76 2.87 -0.58 8.92
C SER A 76 3.06 0.04 7.54
N LEU A 77 4.30 0.03 7.05
CA LEU A 77 4.60 0.60 5.74
C LEU A 77 3.78 -0.09 4.65
N TYR A 78 3.88 -1.42 4.58
CA TYR A 78 3.14 -2.18 3.58
C TYR A 78 1.67 -1.80 3.58
N ASN A 79 1.05 -1.84 4.75
CA ASN A 79 -0.36 -1.50 4.88
C ASN A 79 -0.62 -0.08 4.40
N THR A 80 0.03 0.89 5.04
CA THR A 80 -0.13 2.29 4.67
C THR A 80 0.05 2.50 3.18
N ILE A 81 1.23 2.14 2.67
CA ILE A 81 1.53 2.27 1.25
C ILE A 81 0.42 1.68 0.39
N ALA A 82 -0.09 0.53 0.81
CA ALA A 82 -1.16 -0.14 0.07
C ALA A 82 -2.37 0.78 -0.08
N VAL A 83 -2.74 1.47 0.99
CA VAL A 83 -3.87 2.38 0.97
C VAL A 83 -3.60 3.57 0.07
N LEU A 84 -2.43 4.17 0.23
CA LEU A 84 -2.05 5.33 -0.58
C LEU A 84 -2.05 4.98 -2.06
N TYR A 85 -1.26 3.99 -2.44
CA TYR A 85 -1.17 3.56 -3.83
C TYR A 85 -2.56 3.39 -4.43
N CYS A 86 -3.44 2.72 -3.70
CA CYS A 86 -4.81 2.49 -4.17
C CYS A 86 -5.50 3.80 -4.48
N VAL A 87 -5.36 4.77 -3.58
CA VAL A 87 -5.99 6.08 -3.75
C VAL A 87 -5.58 6.70 -5.08
N HIS A 88 -4.29 6.63 -5.40
CA HIS A 88 -3.78 7.18 -6.65
C HIS A 88 -4.45 6.53 -7.86
N GLN A 89 -4.76 5.24 -7.81
CA GLN A 89 -5.40 4.56 -8.93
C GLN A 89 -6.91 4.66 -8.84
N ARG A 90 -7.39 5.75 -8.25
CA ARG A 90 -8.83 5.96 -8.08
C ARG A 90 -9.48 4.77 -7.39
N ILE A 91 -8.74 4.14 -6.49
CA ILE A 91 -9.25 2.99 -5.76
C ILE A 91 -9.61 3.35 -4.32
N ASP A 92 -10.85 3.10 -3.93
CA ASP A 92 -11.32 3.41 -2.59
C ASP A 92 -11.57 2.13 -1.80
N VAL A 93 -10.94 2.02 -0.64
CA VAL A 93 -11.09 0.85 0.21
C VAL A 93 -11.84 1.19 1.50
N LYS A 94 -12.59 0.22 2.01
CA LYS A 94 -13.35 0.42 3.24
C LYS A 94 -12.44 0.57 4.44
N ASP A 95 -11.21 0.06 4.31
CA ASP A 95 -10.23 0.14 5.39
C ASP A 95 -8.86 -0.34 4.91
N THR A 96 -7.86 -0.18 5.76
CA THR A 96 -6.50 -0.60 5.43
C THR A 96 -6.45 -2.10 5.11
N LYS A 97 -7.51 -2.81 5.50
CA LYS A 97 -7.58 -4.24 5.25
C LYS A 97 -7.90 -4.54 3.79
N GLU A 98 -8.95 -3.90 3.28
CA GLU A 98 -9.37 -4.08 1.89
C GLU A 98 -8.27 -3.61 0.94
N ALA A 99 -7.37 -2.78 1.44
CA ALA A 99 -6.27 -2.27 0.63
C ALA A 99 -5.25 -3.35 0.33
N LEU A 100 -4.94 -4.16 1.33
CA LEU A 100 -3.97 -5.25 1.18
C LEU A 100 -4.50 -6.31 0.22
N ASP A 101 -5.81 -6.51 0.21
CA ASP A 101 -6.45 -7.49 -0.66
C ASP A 101 -6.21 -7.14 -2.13
N LYS A 102 -6.19 -5.85 -2.43
CA LYS A 102 -5.99 -5.38 -3.79
C LYS A 102 -4.54 -5.61 -4.23
N ILE A 103 -3.63 -5.66 -3.27
CA ILE A 103 -2.21 -5.87 -3.55
C ILE A 103 -1.90 -7.36 -3.66
N GLU A 104 -2.68 -8.19 -2.95
CA GLU A 104 -2.47 -9.63 -2.97
C GLU A 104 -2.89 -10.21 -4.32
N GLU A 105 -3.99 -9.71 -4.85
CA GLU A 105 -4.50 -10.19 -6.14
C GLU A 105 -3.45 -10.03 -7.24
N GLU A 106 -2.65 -8.97 -7.12
CA GLU A 106 -1.60 -8.70 -8.10
C GLU A 106 -0.51 -9.76 -8.04
N GLN A 107 -0.37 -10.37 -6.87
CA GLN A 107 0.65 -11.41 -6.68
C GLN A 107 0.10 -12.78 -7.03
N ASN A 108 -1.20 -12.84 -7.35
CA ASN A 108 -1.84 -14.09 -7.70
C ASN A 108 -1.03 -14.84 -8.76
N LYS A 109 -0.47 -14.10 -9.71
CA LYS A 109 0.32 -14.69 -10.77
C LYS A 109 1.43 -15.57 -10.20
N SER A 110 2.20 -15.01 -9.27
CA SER A 110 3.29 -15.73 -8.63
C SER A 110 2.88 -17.17 -8.31
N LYS A 111 1.72 -17.32 -7.67
CA LYS A 111 1.21 -18.63 -7.31
C LYS A 111 0.79 -19.41 -8.55
N LYS A 112 0.08 -18.74 -9.45
CA LYS A 112 -0.39 -19.37 -10.68
C LYS A 112 0.76 -20.05 -11.41
N LYS A 113 1.95 -19.49 -11.29
CA LYS A 113 3.13 -20.05 -11.93
C LYS A 113 3.99 -20.84 -10.94
N ALA A 114 3.62 -20.74 -9.66
CA ALA A 114 4.34 -21.45 -8.61
C ALA A 114 3.43 -22.43 -7.89
N GLN A 115 2.59 -23.13 -8.64
CA GLN A 115 1.68 -24.10 -8.07
C GLN A 115 1.11 -25.02 -9.15
N GLN A 116 1.95 -25.38 -10.10
CA GLN A 116 1.54 -26.26 -11.19
C GLN A 116 1.25 -27.66 -10.68
N ALA A 117 2.12 -28.16 -9.81
CA ALA A 117 1.96 -29.50 -9.24
C ALA A 117 0.54 -29.71 -8.73
N ALA A 118 -0.09 -28.63 -8.29
CA ALA A 118 -1.46 -28.71 -7.78
C ALA A 118 -2.47 -28.44 -8.89
N ALA A 119 -3.75 -28.55 -8.55
CA ALA A 119 -4.82 -28.32 -9.52
C ALA A 119 -4.91 -29.47 -10.52
N ASP A 120 -4.77 -30.69 -10.02
CA ASP A 120 -4.83 -31.88 -10.86
C ASP A 120 -5.51 -33.02 -10.14
N THR A 121 -6.58 -32.71 -9.41
CA THR A 121 -7.32 -33.72 -8.66
C THR A 121 -8.77 -33.30 -8.46
N GLY A 122 -8.97 -32.18 -7.75
CA GLY A 122 -10.31 -31.69 -7.50
C GLY A 122 -10.50 -31.25 -6.06
N ASN A 123 -11.73 -30.89 -5.72
CA ASN A 123 -12.05 -30.45 -4.37
C ASN A 123 -11.27 -29.18 -4.01
N ASN A 124 -11.69 -28.51 -2.94
CA ASN A 124 -11.03 -27.28 -2.51
C ASN A 124 -11.50 -26.89 -1.11
N SER A 125 -10.72 -26.03 -0.46
CA SER A 125 -11.05 -25.57 0.89
C SER A 125 -10.62 -24.12 1.10
N GLN A 126 -11.57 -23.21 1.05
CA GLN A 126 -11.29 -21.79 1.23
C GLN A 126 -11.72 -21.33 2.62
N VAL A 127 -10.81 -20.66 3.33
CA VAL A 127 -11.10 -20.15 4.66
C VAL A 127 -11.30 -18.64 4.65
N SER A 128 -12.00 -18.15 3.63
CA SER A 128 -12.27 -16.73 3.50
C SER A 128 -12.84 -16.16 4.80
N GLN A 129 -12.17 -15.16 5.34
CA GLN A 129 -12.61 -14.52 6.58
C GLN A 129 -11.94 -13.17 6.78
N ASN A 130 -12.20 -12.54 7.91
CA ASN A 130 -11.62 -11.24 8.22
C ASN A 130 -11.93 -10.23 7.13
N TYR A 131 -13.19 -9.78 7.08
CA TYR A 131 -13.63 -8.82 6.08
C TYR A 131 -14.98 -8.23 6.44
P1 PBU B . 0.61 6.44 15.60
P4 PBU B . -3.93 -0.98 15.57
P5 PBU B . 0.17 -1.42 14.42
C3' PBU B . 2.81 6.20 14.42
C2' PBU B . 2.29 6.46 12.98
O2' PBU B . 3.10 5.72 12.08
C1' PBU B . 2.36 7.96 12.60
O1' PBU B . 3.54 8.52 13.13
C1 PBU B . -0.42 3.74 15.08
O1 PBU B . 0.60 4.76 15.58
C2 PBU B . -1.87 3.92 15.63
O2 PBU B . -1.94 3.93 17.05
C3 PBU B . -2.80 2.80 15.09
O3 PBU B . -4.11 3.02 15.63
C4 PBU B . -2.24 1.37 15.45
O4 PBU B . -3.16 0.31 14.87
C5 PBU B . -0.78 1.23 14.88
O5 PBU B . -0.24 -0.07 15.27
C6 PBU B . 0.16 2.35 15.40
O6 PBU B . 1.46 2.29 14.78
C7 PBU B . 2.55 4.51 11.56
O7 PBU B . 3.16 3.47 11.68
C8 PBU B . 1.19 4.52 10.87
C9 PBU B . 1.07 3.33 9.89
C10 PBU B . -0.38 3.20 9.41
C11 PBU B . 3.66 9.90 13.37
O11 PBU B . 3.67 10.76 12.51
C12 PBU B . 3.86 10.29 14.87
C13 PBU B . 2.58 10.14 15.72
C14 PBU B . 2.26 11.43 16.47
O41 PBU B . -5.30 -0.36 15.77
O42 PBU B . -3.89 -2.09 14.54
O43 PBU B . -3.20 -1.40 16.83
O51 PBU B . -0.76 -2.44 15.06
O52 PBU B . -0.09 -1.04 12.98
O53 PBU B . 1.62 -1.62 14.78
OP1 PBU B . 2.02 6.88 15.38
OP2 PBU B . -0.33 6.76 14.44
OP3 PBU B . 0.14 6.81 16.99
H3'1 PBU B . 3.81 6.55 14.48
H3'2 PBU B . 2.77 5.17 14.59
H2' PBU B . 1.28 6.18 12.92
H1'1 PBU B . 2.41 8.06 11.55
H1'2 PBU B . 1.50 8.46 12.93
H1 PBU B . -0.55 3.86 14.00
H2 PBU B . -2.23 4.89 15.26
H02 PBU B . -1.55 3.22 17.49
H3 PBU B . -2.85 2.85 14.00
H03 PBU B . -4.11 2.89 16.58
H4 PBU B . -2.19 1.20 16.52
H5 PBU B . -0.88 1.31 13.80
H6 PBU B . 0.30 2.21 16.46
H06 PBU B . 2.00 1.62 15.16
H81 PBU B . 1.07 5.42 10.33
H82 PBU B . 0.44 4.44 11.59
H91 PBU B . 1.36 2.45 10.38
H92 PBU B . 1.69 3.49 9.06
H11 PBU B . -0.68 4.09 8.93
H12 PBU B . -1.02 3.03 10.24
H13 PBU B . -0.46 2.40 8.74
H121 PBU B . 4.62 9.68 15.27
H122 PBU B . 4.16 11.31 14.90
H131 PBU B . 1.78 9.90 15.08
H132 PBU B . 2.73 9.36 16.41
H141 PBU B . 2.16 12.22 15.78
H142 PBU B . 3.01 11.66 17.16
H143 PBU B . 1.34 11.31 16.99
N GLY A 1 -6.19 21.86 -7.32
CA GLY A 1 -5.53 20.69 -7.86
C GLY A 1 -4.07 20.58 -7.46
N ALA A 2 -3.18 20.55 -8.44
CA ALA A 2 -1.76 20.46 -8.17
C ALA A 2 -1.41 19.18 -7.42
N ARG A 3 -0.18 19.09 -6.94
CA ARG A 3 0.26 17.91 -6.21
C ARG A 3 0.48 18.23 -4.72
N ALA A 4 0.93 19.45 -4.46
CA ALA A 4 1.16 19.89 -3.08
C ALA A 4 2.34 19.15 -2.48
N SER A 5 2.12 17.90 -2.08
CA SER A 5 3.17 17.09 -1.47
C SER A 5 3.13 15.66 -2.01
N VAL A 6 2.17 14.88 -1.54
CA VAL A 6 2.03 13.49 -1.99
C VAL A 6 0.65 13.26 -2.62
N LEU A 7 -0.39 13.70 -1.93
CA LEU A 7 -1.76 13.54 -2.43
C LEU A 7 -2.37 14.88 -2.79
N SER A 8 -3.03 14.94 -3.95
CA SER A 8 -3.65 16.17 -4.41
C SER A 8 -4.89 16.50 -3.58
N GLY A 9 -5.68 17.46 -4.06
CA GLY A 9 -6.89 17.84 -3.35
C GLY A 9 -7.88 16.72 -3.22
N GLY A 10 -8.37 16.23 -4.37
CA GLY A 10 -9.34 15.14 -4.36
C GLY A 10 -8.82 13.92 -3.63
N GLU A 11 -7.53 13.63 -3.82
CA GLU A 11 -6.91 12.47 -3.18
C GLU A 11 -6.85 12.64 -1.68
N LEU A 12 -6.51 13.86 -1.24
CA LEU A 12 -6.41 14.15 0.18
C LEU A 12 -7.70 13.77 0.92
N ASP A 13 -8.83 14.22 0.38
CA ASP A 13 -10.12 13.93 0.98
C ASP A 13 -10.32 12.42 1.13
N LYS A 14 -10.26 11.71 0.02
CA LYS A 14 -10.44 10.26 0.02
C LYS A 14 -9.47 9.61 0.98
N TRP A 15 -8.21 10.05 0.97
CA TRP A 15 -7.19 9.50 1.85
C TRP A 15 -7.68 9.46 3.30
N GLU A 16 -8.17 10.61 3.79
CA GLU A 16 -8.67 10.70 5.15
C GLU A 16 -9.94 9.87 5.32
N LYS A 17 -10.58 9.55 4.21
CA LYS A 17 -11.81 8.77 4.22
C LYS A 17 -11.52 7.32 4.61
N ILE A 18 -10.53 6.72 3.96
CA ILE A 18 -10.15 5.35 4.24
C ILE A 18 -9.99 5.10 5.73
N ARG A 19 -10.50 3.97 6.20
CA ARG A 19 -10.41 3.62 7.62
C ARG A 19 -9.17 2.78 7.89
N LEU A 20 -8.59 2.97 9.07
CA LEU A 20 -7.39 2.23 9.46
C LEU A 20 -7.74 0.77 9.77
N ARG A 21 -8.76 0.57 10.59
CA ARG A 21 -9.19 -0.76 10.96
C ARG A 21 -10.57 -1.08 10.38
N PRO A 22 -10.90 -2.37 10.31
CA PRO A 22 -12.19 -2.83 9.78
C PRO A 22 -13.35 -2.49 10.70
N GLY A 23 -13.09 -2.48 12.00
CA GLY A 23 -14.13 -2.17 12.97
C GLY A 23 -13.68 -1.15 13.99
N GLY A 24 -12.92 -0.15 13.54
CA GLY A 24 -12.44 0.88 14.44
C GLY A 24 -13.06 2.23 14.17
N LYS A 25 -12.39 3.30 14.60
CA LYS A 25 -12.88 4.66 14.40
C LYS A 25 -11.75 5.59 13.99
N LYS A 26 -10.54 5.04 13.87
CA LYS A 26 -9.38 5.83 13.49
C LYS A 26 -9.22 5.86 11.97
N GLN A 27 -9.28 7.06 11.40
CA GLN A 27 -9.14 7.22 9.96
C GLN A 27 -7.70 7.55 9.59
N TYR A 28 -7.47 7.83 8.31
CA TYR A 28 -6.14 8.16 7.82
C TYR A 28 -5.91 9.67 7.83
N LYS A 29 -4.67 10.07 8.12
CA LYS A 29 -4.32 11.47 8.16
C LYS A 29 -2.94 11.71 7.55
N LEU A 30 -2.60 12.97 7.32
CA LEU A 30 -1.31 13.32 6.74
C LEU A 30 -0.17 12.67 7.51
N LYS A 31 -0.32 12.59 8.83
CA LYS A 31 0.69 11.98 9.69
C LYS A 31 1.14 10.65 9.12
N HIS A 32 0.18 9.78 8.81
CA HIS A 32 0.49 8.46 8.25
C HIS A 32 1.25 8.58 6.95
N ILE A 33 1.04 9.63 6.16
CA ILE A 33 1.75 9.79 4.89
C ILE A 33 3.18 10.23 5.12
N VAL A 34 3.36 11.47 5.59
CA VAL A 34 4.68 12.00 5.86
C VAL A 34 5.53 11.02 6.66
N TRP A 35 4.86 10.27 7.55
CA TRP A 35 5.55 9.30 8.37
C TRP A 35 6.35 8.32 7.53
N ALA A 36 5.67 7.63 6.62
CA ALA A 36 6.30 6.67 5.73
C ALA A 36 7.42 7.32 4.92
N SER A 37 7.21 8.58 4.54
CA SER A 37 8.18 9.31 3.75
C SER A 37 9.51 9.43 4.50
N ARG A 38 9.44 9.35 5.82
CA ARG A 38 10.63 9.44 6.67
C ARG A 38 11.28 8.07 6.85
N GLU A 39 10.55 7.02 6.48
CA GLU A 39 11.05 5.66 6.61
C GLU A 39 11.73 5.21 5.31
N LEU A 40 11.14 5.57 4.18
CA LEU A 40 11.69 5.20 2.88
C LEU A 40 13.12 5.69 2.75
N GLU A 41 13.38 6.90 3.21
CA GLU A 41 14.72 7.49 3.15
C GLU A 41 15.73 6.60 3.86
N ARG A 42 15.24 5.74 4.74
CA ARG A 42 16.11 4.84 5.49
C ARG A 42 16.35 3.54 4.72
N PHE A 43 15.47 3.26 3.76
CA PHE A 43 15.59 2.06 2.95
C PHE A 43 16.27 2.36 1.62
N ALA A 44 17.06 3.44 1.60
CA ALA A 44 17.77 3.84 0.39
C ALA A 44 16.80 4.23 -0.72
N VAL A 45 15.58 4.61 -0.33
CA VAL A 45 14.56 5.00 -1.29
C VAL A 45 14.09 6.43 -1.03
N ASN A 46 13.85 7.18 -2.10
CA ASN A 46 13.40 8.56 -1.99
C ASN A 46 11.89 8.62 -1.77
N PRO A 47 11.47 9.55 -0.90
CA PRO A 47 10.05 9.74 -0.58
C PRO A 47 9.26 10.31 -1.75
N GLY A 48 9.97 10.69 -2.81
CA GLY A 48 9.32 11.26 -3.97
C GLY A 48 8.57 10.21 -4.78
N LEU A 49 8.83 8.95 -4.49
CA LEU A 49 8.18 7.85 -5.20
C LEU A 49 6.80 7.55 -4.59
N LEU A 50 6.48 8.25 -3.51
CA LEU A 50 5.21 8.06 -2.83
C LEU A 50 4.12 8.94 -3.45
N GLU A 51 4.53 10.11 -3.94
CA GLU A 51 3.59 11.04 -4.55
C GLU A 51 3.10 10.50 -5.90
N THR A 52 3.87 9.60 -6.49
CA THR A 52 3.52 9.01 -7.77
C THR A 52 3.15 7.54 -7.62
N SER A 53 1.93 7.19 -8.02
CA SER A 53 1.45 5.81 -7.92
C SER A 53 2.48 4.84 -8.49
N GLU A 54 3.16 5.27 -9.54
CA GLU A 54 4.17 4.43 -10.19
C GLU A 54 5.25 4.02 -9.19
N GLY A 55 5.59 4.93 -8.29
CA GLY A 55 6.61 4.65 -7.29
C GLY A 55 6.10 3.75 -6.19
N CYS A 56 4.89 4.02 -5.73
CA CYS A 56 4.28 3.23 -4.66
C CYS A 56 4.08 1.78 -5.10
N ARG A 57 3.93 1.58 -6.40
CA ARG A 57 3.73 0.25 -6.96
C ARG A 57 5.01 -0.57 -6.89
N GLN A 58 6.15 0.11 -6.99
CA GLN A 58 7.44 -0.55 -6.94
C GLN A 58 7.84 -0.87 -5.50
N ILE A 59 7.36 -0.06 -4.56
CA ILE A 59 7.65 -0.26 -3.15
C ILE A 59 6.94 -1.49 -2.61
N LEU A 60 5.63 -1.57 -2.85
CA LEU A 60 4.84 -2.70 -2.38
C LEU A 60 5.38 -4.01 -2.95
N GLY A 61 5.74 -4.00 -4.22
CA GLY A 61 6.27 -5.19 -4.86
C GLY A 61 7.67 -5.53 -4.37
N GLN A 62 8.33 -4.57 -3.76
CA GLN A 62 9.69 -4.76 -3.26
C GLN A 62 9.66 -5.39 -1.87
N LEU A 63 8.80 -4.88 -1.01
CA LEU A 63 8.67 -5.38 0.35
C LEU A 63 7.89 -6.69 0.37
N GLN A 64 7.02 -6.87 -0.62
CA GLN A 64 6.21 -8.08 -0.72
C GLN A 64 6.93 -9.28 -0.11
N PRO A 65 8.11 -9.60 -0.66
CA PRO A 65 8.93 -10.72 -0.18
C PRO A 65 9.54 -10.46 1.18
N SER A 66 10.13 -9.27 1.35
CA SER A 66 10.76 -8.89 2.60
C SER A 66 9.78 -9.08 3.77
N LEU A 67 8.51 -9.20 3.44
CA LEU A 67 7.47 -9.37 4.46
C LEU A 67 7.64 -10.70 5.19
N GLN A 68 8.45 -11.59 4.60
CA GLN A 68 8.69 -12.90 5.18
C GLN A 68 9.11 -12.77 6.65
N THR A 69 9.99 -11.81 6.92
CA THR A 69 10.48 -11.59 8.28
C THR A 69 10.60 -10.10 8.58
N GLY A 70 9.60 -9.33 8.16
CA GLY A 70 9.62 -7.89 8.39
C GLY A 70 9.00 -7.52 9.72
N SER A 71 9.63 -6.59 10.43
CA SER A 71 9.14 -6.14 11.72
C SER A 71 8.05 -5.09 11.55
N GLU A 72 7.58 -4.53 12.67
CA GLU A 72 6.55 -3.50 12.64
C GLU A 72 6.92 -2.37 11.70
N GLU A 73 8.20 -1.97 11.75
CA GLU A 73 8.69 -0.87 10.92
C GLU A 73 8.38 -1.15 9.45
N LEU A 74 8.38 -2.42 9.08
CA LEU A 74 8.10 -2.81 7.70
C LEU A 74 6.60 -2.99 7.47
N ARG A 75 5.91 -3.55 8.46
CA ARG A 75 4.48 -3.77 8.37
C ARG A 75 3.74 -2.46 8.10
N SER A 76 4.02 -1.45 8.93
CA SER A 76 3.38 -0.15 8.79
C SER A 76 3.50 0.36 7.35
N LEU A 77 4.71 0.33 6.82
CA LEU A 77 4.96 0.78 5.46
C LEU A 77 4.02 0.09 4.47
N TYR A 78 4.06 -1.24 4.47
CA TYR A 78 3.21 -2.02 3.57
C TYR A 78 1.76 -1.59 3.68
N ASN A 79 1.26 -1.50 4.91
CA ASN A 79 -0.12 -1.10 5.15
C ASN A 79 -0.40 0.28 4.57
N THR A 80 0.33 1.28 5.06
CA THR A 80 0.18 2.65 4.59
C THR A 80 0.29 2.73 3.08
N ILE A 81 1.42 2.31 2.55
CA ILE A 81 1.66 2.33 1.11
C ILE A 81 0.49 1.69 0.35
N ALA A 82 0.05 0.53 0.84
CA ALA A 82 -1.06 -0.17 0.22
C ALA A 82 -2.26 0.73 0.03
N VAL A 83 -2.61 1.47 1.08
CA VAL A 83 -3.74 2.39 1.03
C VAL A 83 -3.47 3.56 0.09
N LEU A 84 -2.29 4.14 0.22
CA LEU A 84 -1.89 5.28 -0.61
C LEU A 84 -1.92 4.89 -2.09
N TYR A 85 -1.19 3.85 -2.44
CA TYR A 85 -1.14 3.38 -3.82
C TYR A 85 -2.53 3.34 -4.44
N CYS A 86 -3.47 2.73 -3.72
CA CYS A 86 -4.85 2.62 -4.20
C CYS A 86 -5.47 4.00 -4.38
N VAL A 87 -5.19 4.90 -3.44
CA VAL A 87 -5.72 6.26 -3.49
C VAL A 87 -5.28 6.96 -4.77
N HIS A 88 -4.08 6.65 -5.23
CA HIS A 88 -3.53 7.26 -6.44
C HIS A 88 -4.18 6.65 -7.69
N GLN A 89 -4.48 5.36 -7.71
CA GLN A 89 -5.09 4.74 -8.87
C GLN A 89 -6.61 4.90 -8.85
N ARG A 90 -7.07 5.92 -8.13
CA ARG A 90 -8.51 6.18 -8.01
C ARG A 90 -9.24 4.97 -7.44
N ILE A 91 -8.65 4.36 -6.42
CA ILE A 91 -9.24 3.19 -5.78
C ILE A 91 -9.65 3.49 -4.34
N ASP A 92 -10.89 3.18 -4.01
CA ASP A 92 -11.40 3.42 -2.66
C ASP A 92 -11.71 2.10 -1.96
N VAL A 93 -11.15 1.93 -0.77
CA VAL A 93 -11.36 0.71 0.02
C VAL A 93 -12.09 1.02 1.32
N LYS A 94 -12.91 0.08 1.77
CA LYS A 94 -13.67 0.24 3.00
C LYS A 94 -12.73 0.45 4.18
N ASP A 95 -11.62 -0.28 4.20
CA ASP A 95 -10.65 -0.17 5.27
C ASP A 95 -9.27 -0.64 4.81
N THR A 96 -8.27 -0.51 5.68
CA THR A 96 -6.92 -0.92 5.35
C THR A 96 -6.84 -2.41 5.11
N LYS A 97 -7.87 -3.13 5.51
CA LYS A 97 -7.92 -4.58 5.34
C LYS A 97 -8.28 -4.94 3.90
N GLU A 98 -9.31 -4.28 3.36
CA GLU A 98 -9.74 -4.54 1.99
C GLU A 98 -8.75 -3.95 0.99
N ALA A 99 -7.91 -3.03 1.46
CA ALA A 99 -6.92 -2.40 0.61
C ALA A 99 -5.74 -3.34 0.35
N LEU A 100 -5.54 -4.30 1.24
CA LEU A 100 -4.44 -5.25 1.11
C LEU A 100 -4.88 -6.46 0.26
N ASP A 101 -6.13 -6.85 0.41
CA ASP A 101 -6.68 -7.98 -0.34
C ASP A 101 -6.79 -7.65 -1.82
N LYS A 102 -7.13 -6.40 -2.11
CA LYS A 102 -7.28 -5.95 -3.49
C LYS A 102 -5.92 -5.82 -4.17
N ILE A 103 -4.88 -5.55 -3.38
CA ILE A 103 -3.53 -5.41 -3.90
C ILE A 103 -2.81 -6.76 -3.92
N GLU A 104 -3.23 -7.65 -3.03
CA GLU A 104 -2.62 -8.98 -2.93
C GLU A 104 -2.98 -9.83 -4.15
N GLU A 105 -4.19 -9.64 -4.65
CA GLU A 105 -4.67 -10.39 -5.81
C GLU A 105 -4.06 -9.84 -7.10
N GLU A 106 -3.95 -8.53 -7.18
CA GLU A 106 -3.39 -7.88 -8.36
C GLU A 106 -1.87 -8.03 -8.40
N GLN A 107 -1.28 -8.27 -7.23
CA GLN A 107 0.17 -8.42 -7.12
C GLN A 107 0.60 -9.78 -7.70
N ASN A 108 -0.31 -10.74 -7.67
CA ASN A 108 -0.01 -12.08 -8.18
C ASN A 108 0.46 -12.01 -9.63
N LYS A 109 -0.32 -11.34 -10.47
CA LYS A 109 0.02 -11.20 -11.89
C LYS A 109 1.23 -10.29 -12.06
N SER A 110 1.61 -9.60 -10.99
CA SER A 110 2.75 -8.69 -11.04
C SER A 110 4.05 -9.43 -10.73
N LYS A 111 4.04 -10.20 -9.64
CA LYS A 111 5.21 -10.97 -9.23
C LYS A 111 5.56 -12.03 -10.27
N LYS A 112 4.56 -12.81 -10.66
CA LYS A 112 4.75 -13.87 -11.65
C LYS A 112 5.39 -13.31 -12.92
N LYS A 113 5.02 -12.09 -13.28
CA LYS A 113 5.57 -11.43 -14.47
C LYS A 113 6.87 -10.73 -14.15
N ALA A 114 7.13 -10.51 -12.87
CA ALA A 114 8.35 -9.83 -12.43
C ALA A 114 9.24 -10.79 -11.65
N GLN A 115 9.22 -12.07 -12.02
CA GLN A 115 10.02 -13.07 -11.34
C GLN A 115 10.47 -14.16 -12.32
N GLN A 116 10.52 -13.80 -13.60
CA GLN A 116 10.93 -14.75 -14.64
C GLN A 116 12.36 -14.46 -15.11
N ALA A 117 12.64 -13.18 -15.34
CA ALA A 117 13.96 -12.76 -15.80
C ALA A 117 15.00 -12.94 -14.69
N ALA A 118 14.59 -12.68 -13.46
CA ALA A 118 15.49 -12.81 -12.31
C ALA A 118 15.32 -14.15 -11.63
N ALA A 119 15.02 -15.18 -12.41
CA ALA A 119 14.82 -16.52 -11.88
C ALA A 119 15.99 -17.43 -12.25
N ASP A 120 17.14 -16.83 -12.56
CA ASP A 120 18.33 -17.59 -12.94
C ASP A 120 19.43 -17.41 -11.91
N THR A 121 19.04 -17.13 -10.66
CA THR A 121 20.00 -16.93 -9.59
C THR A 121 20.13 -18.18 -8.73
N GLY A 122 21.06 -18.14 -7.78
CA GLY A 122 21.26 -19.29 -6.90
C GLY A 122 21.90 -18.89 -5.58
N ASN A 123 21.76 -17.63 -5.20
CA ASN A 123 22.32 -17.13 -3.97
C ASN A 123 21.22 -16.62 -3.03
N ASN A 124 20.64 -17.54 -2.27
CA ASN A 124 19.57 -17.18 -1.33
C ASN A 124 19.58 -18.12 -0.12
N SER A 125 20.09 -17.62 1.00
CA SER A 125 20.16 -18.41 2.22
C SER A 125 18.99 -18.09 3.14
N GLN A 126 18.89 -18.84 4.24
CA GLN A 126 17.80 -18.63 5.19
C GLN A 126 18.32 -18.74 6.63
N VAL A 127 18.04 -17.72 7.44
CA VAL A 127 18.48 -17.70 8.82
C VAL A 127 17.35 -17.24 9.75
N SER A 128 17.06 -18.04 10.77
CA SER A 128 16.01 -17.71 11.72
C SER A 128 15.91 -18.77 12.82
N GLN A 129 15.27 -18.41 13.92
CA GLN A 129 15.12 -19.33 15.05
C GLN A 129 13.79 -19.10 15.76
N ASN A 130 13.55 -19.88 16.81
CA ASN A 130 12.32 -19.76 17.58
C ASN A 130 12.28 -18.45 18.35
N TYR A 131 11.40 -17.55 17.94
CA TYR A 131 11.27 -16.25 18.59
C TYR A 131 10.73 -16.40 20.01
P1 PBU B . 0.25 6.24 15.11
P4 PBU B . -4.51 -1.07 15.47
P5 PBU B . 0.21 -0.71 13.64
C3' PBU B . 2.61 5.88 14.34
C2' PBU B . 2.40 6.31 12.87
O2' PBU B . 3.36 5.63 12.07
C1' PBU B . 2.58 7.83 12.68
O1' PBU B . 3.77 8.25 13.30
C1 PBU B . -1.11 3.68 14.70
O1 PBU B . 0.10 4.59 14.93
C2 PBU B . -2.03 3.43 15.95
O2 PBU B . -1.32 2.93 17.07
C3 PBU B . -3.18 2.47 15.60
O3 PBU B . -3.97 2.30 16.78
C4 PBU B . -2.64 1.10 15.05
O4 PBU B . -3.81 0.22 14.68
C5 PBU B . -1.73 1.39 13.78
O5 PBU B . -1.18 0.12 13.31
C6 PBU B . -0.56 2.37 14.11
O6 PBU B . 0.18 2.71 12.94
C7 PBU B . 2.94 4.46 11.39
O7 PBU B . 3.57 3.44 11.48
C8 PBU B . 1.65 4.49 10.54
C9 PBU B . 1.57 3.24 9.64
C10 PBU B . 0.11 2.95 9.29
C11 PBU B . 3.80 9.32 14.21
O11 PBU B . 2.84 10.00 14.51
C12 PBU B . 5.20 9.66 14.80
C13 PBU B . 5.44 11.16 14.99
C14 PBU B . 5.22 11.57 16.46
O41 PBU B . -3.86 -2.21 14.70
O42 PBU B . -4.07 -0.94 16.91
O43 PBU B . -6.02 -0.98 15.36
O51 PBU B . -0.20 -2.10 13.20
O52 PBU B . 1.26 0.00 12.82
O53 PBU B . 0.35 -0.56 15.14
OP1 PBU B . 1.72 6.54 15.20
OP2 PBU B . -0.41 6.77 13.83
OP3 PBU B . -0.43 6.55 16.42
H3'1 PBU B . 3.59 6.11 14.62
H3'2 PBU B . 2.46 4.83 14.40
H2' PBU B . 1.42 6.08 12.57
H1'1 PBU B . 2.67 8.06 11.65
H1'2 PBU B . 1.73 8.35 13.05
H1 PBU B . -1.79 4.16 14.00
H2 PBU B . -2.44 4.41 16.22
H02 PBU B . -0.81 2.17 16.93
H3 PBU B . -3.81 2.91 14.82
H03 PBU B . -3.48 1.84 17.47
H4 PBU B . -2.04 0.56 15.76
H5 PBU B . -2.39 1.83 13.05
H6 PBU B . 0.10 1.87 14.80
H06 PBU B . 0.79 2.03 12.68
H81 PBU B . 1.65 5.35 9.94
H82 PBU B . 0.82 4.51 11.19
H91 PBU B . 2.00 2.42 10.14
H92 PBU B . 2.11 3.41 8.75
H11 PBU B . -0.31 3.78 8.79
H12 PBU B . -0.43 2.76 10.16
H13 PBU B . 0.06 2.11 8.66
H121 PBU B . 5.29 9.18 15.74
H122 PBU B . 5.93 9.29 14.13
H131 PBU B . 6.44 11.39 14.73
H132 PBU B . 4.78 11.70 14.38
H141 PBU B . 5.85 11.00 17.08
H142 PBU B . 4.22 11.42 16.74
H143 PBU B . 5.45 12.59 16.58
N GLY A 1 14.16 23.20 -4.76
CA GLY A 1 13.61 24.42 -4.22
C GLY A 1 12.09 24.45 -4.24
N ALA A 2 11.49 23.42 -3.66
CA ALA A 2 10.04 23.32 -3.61
C ALA A 2 9.60 22.17 -2.72
N ARG A 3 8.45 22.33 -2.06
CA ARG A 3 7.93 21.31 -1.17
C ARG A 3 7.12 20.27 -1.96
N ALA A 4 7.66 19.07 -2.08
CA ALA A 4 6.99 18.00 -2.80
C ALA A 4 5.76 17.52 -2.05
N SER A 5 4.62 17.53 -2.73
CA SER A 5 3.36 17.09 -2.12
C SER A 5 3.05 15.65 -2.49
N VAL A 6 2.47 14.91 -1.55
CA VAL A 6 2.11 13.52 -1.77
C VAL A 6 0.70 13.38 -2.35
N LEU A 7 -0.27 13.95 -1.65
CA LEU A 7 -1.66 13.90 -2.08
C LEU A 7 -2.17 15.29 -2.45
N SER A 8 -2.91 15.37 -3.55
CA SER A 8 -3.45 16.65 -4.01
C SER A 8 -4.67 17.05 -3.16
N GLY A 9 -5.41 18.05 -3.65
CA GLY A 9 -6.58 18.52 -2.94
C GLY A 9 -7.65 17.45 -2.84
N GLY A 10 -8.15 17.00 -3.99
CA GLY A 10 -9.20 15.99 -4.00
C GLY A 10 -8.76 14.71 -3.30
N GLU A 11 -7.50 14.33 -3.49
CA GLU A 11 -6.98 13.12 -2.87
C GLU A 11 -6.92 13.27 -1.35
N LEU A 12 -6.46 14.43 -0.89
CA LEU A 12 -6.35 14.69 0.54
C LEU A 12 -7.65 14.33 1.26
N ASP A 13 -8.77 14.77 0.72
CA ASP A 13 -10.08 14.49 1.31
C ASP A 13 -10.34 12.99 1.36
N LYS A 14 -10.21 12.33 0.21
CA LYS A 14 -10.41 10.89 0.13
C LYS A 14 -9.46 10.14 1.05
N TRP A 15 -8.27 10.69 1.24
CA TRP A 15 -7.27 10.08 2.10
C TRP A 15 -7.77 9.98 3.54
N GLU A 16 -8.30 11.09 4.05
CA GLU A 16 -8.82 11.12 5.42
C GLU A 16 -10.05 10.24 5.55
N LYS A 17 -10.59 9.81 4.42
CA LYS A 17 -11.77 8.96 4.41
C LYS A 17 -11.44 7.55 4.88
N ILE A 18 -10.64 6.84 4.09
CA ILE A 18 -10.24 5.47 4.43
C ILE A 18 -9.81 5.38 5.89
N ARG A 19 -10.16 4.27 6.53
CA ARG A 19 -9.81 4.06 7.93
C ARG A 19 -8.71 3.02 8.06
N LEU A 20 -8.00 3.06 9.18
CA LEU A 20 -6.91 2.13 9.43
C LEU A 20 -7.43 0.70 9.56
N ARG A 21 -8.57 0.55 10.21
CA ARG A 21 -9.17 -0.76 10.41
C ARG A 21 -10.61 -0.78 9.87
N PRO A 22 -11.12 -1.98 9.61
CA PRO A 22 -12.48 -2.18 9.08
C PRO A 22 -13.55 -1.83 10.12
N GLY A 23 -13.26 -2.14 11.38
CA GLY A 23 -14.20 -1.86 12.45
C GLY A 23 -13.68 -0.85 13.44
N GLY A 24 -12.87 0.09 12.95
CA GLY A 24 -12.31 1.11 13.81
C GLY A 24 -12.92 2.47 13.57
N LYS A 25 -12.42 3.49 14.28
CA LYS A 25 -12.92 4.85 14.14
C LYS A 25 -11.79 5.81 13.78
N LYS A 26 -10.56 5.29 13.76
CA LYS A 26 -9.40 6.11 13.44
C LYS A 26 -9.17 6.16 11.94
N GLN A 27 -9.36 7.35 11.35
CA GLN A 27 -9.17 7.53 9.92
C GLN A 27 -7.70 7.82 9.59
N TYR A 28 -7.44 8.07 8.32
CA TYR A 28 -6.08 8.37 7.88
C TYR A 28 -5.78 9.86 7.98
N LYS A 29 -4.54 10.19 8.33
CA LYS A 29 -4.13 11.58 8.46
C LYS A 29 -2.74 11.79 7.88
N LEU A 30 -2.35 13.05 7.71
CA LEU A 30 -1.04 13.39 7.17
C LEU A 30 0.07 12.63 7.89
N LYS A 31 -0.07 12.50 9.21
CA LYS A 31 0.91 11.79 10.02
C LYS A 31 1.28 10.45 9.37
N HIS A 32 0.27 9.66 9.04
CA HIS A 32 0.49 8.36 8.42
C HIS A 32 1.27 8.51 7.12
N ILE A 33 1.11 9.59 6.37
CA ILE A 33 1.83 9.78 5.11
C ILE A 33 3.29 10.11 5.37
N VAL A 34 3.54 11.29 5.92
CA VAL A 34 4.90 11.72 6.21
C VAL A 34 5.68 10.63 6.93
N TRP A 35 4.98 9.86 7.76
CA TRP A 35 5.61 8.78 8.51
C TRP A 35 6.29 7.80 7.57
N ALA A 36 5.51 7.19 6.68
CA ALA A 36 6.04 6.23 5.73
C ALA A 36 7.19 6.83 4.91
N SER A 37 7.05 8.11 4.59
CA SER A 37 8.07 8.80 3.81
C SER A 37 9.39 8.85 4.56
N ARG A 38 9.31 9.01 5.87
CA ARG A 38 10.51 9.07 6.71
C ARG A 38 11.15 7.70 6.84
N GLU A 39 10.35 6.65 6.66
CA GLU A 39 10.85 5.28 6.75
C GLU A 39 11.44 4.82 5.43
N LEU A 40 10.82 5.23 4.34
CA LEU A 40 11.28 4.87 3.00
C LEU A 40 12.74 5.29 2.80
N GLU A 41 13.06 6.50 3.24
CA GLU A 41 14.41 7.03 3.11
C GLU A 41 15.43 6.11 3.78
N ARG A 42 14.95 5.31 4.74
CA ARG A 42 15.81 4.38 5.45
C ARG A 42 15.92 3.05 4.71
N PHE A 43 14.96 2.80 3.83
CA PHE A 43 14.94 1.56 3.05
C PHE A 43 15.60 1.76 1.69
N ALA A 44 16.49 2.74 1.61
CA ALA A 44 17.20 3.03 0.37
C ALA A 44 16.22 3.43 -0.74
N VAL A 45 15.03 3.85 -0.34
CA VAL A 45 14.00 4.26 -1.30
C VAL A 45 13.60 5.72 -1.10
N ASN A 46 13.55 6.47 -2.18
CA ASN A 46 13.18 7.88 -2.13
C ASN A 46 11.69 8.04 -1.84
N PRO A 47 11.36 9.00 -0.96
CA PRO A 47 9.98 9.28 -0.58
C PRO A 47 9.17 9.91 -1.71
N GLY A 48 9.85 10.21 -2.82
CA GLY A 48 9.20 10.81 -3.96
C GLY A 48 8.38 9.80 -4.75
N LEU A 49 8.56 8.52 -4.44
CA LEU A 49 7.83 7.46 -5.14
C LEU A 49 6.45 7.27 -4.52
N LEU A 50 6.04 8.20 -3.69
CA LEU A 50 4.73 8.13 -3.03
C LEU A 50 3.74 9.10 -3.68
N GLU A 51 4.28 10.08 -4.41
CA GLU A 51 3.44 11.08 -5.08
C GLU A 51 2.76 10.47 -6.31
N THR A 52 3.40 9.46 -6.88
CA THR A 52 2.86 8.79 -8.07
C THR A 52 2.52 7.34 -7.78
N SER A 53 1.27 6.96 -8.01
CA SER A 53 0.81 5.60 -7.77
C SER A 53 1.76 4.59 -8.41
N GLU A 54 2.35 4.97 -9.54
CA GLU A 54 3.28 4.09 -10.24
C GLU A 54 4.52 3.82 -9.38
N GLY A 55 4.92 4.81 -8.60
CA GLY A 55 6.09 4.66 -7.74
C GLY A 55 5.76 3.99 -6.42
N CYS A 56 4.47 3.88 -6.13
CA CYS A 56 4.02 3.26 -4.89
C CYS A 56 3.93 1.74 -5.04
N ARG A 57 3.76 1.28 -6.29
CA ARG A 57 3.67 -0.14 -6.56
C ARG A 57 5.01 -0.83 -6.37
N GLN A 58 6.07 -0.21 -6.89
CA GLN A 58 7.42 -0.77 -6.76
C GLN A 58 7.79 -0.97 -5.29
N ILE A 59 7.18 -0.18 -4.42
CA ILE A 59 7.44 -0.28 -2.99
C ILE A 59 6.92 -1.59 -2.42
N LEU A 60 5.72 -1.98 -2.85
CA LEU A 60 5.11 -3.22 -2.38
C LEU A 60 5.87 -4.43 -2.90
N GLY A 61 6.39 -4.33 -4.12
CA GLY A 61 7.14 -5.42 -4.71
C GLY A 61 8.54 -5.53 -4.17
N GLN A 62 9.05 -4.43 -3.63
CA GLN A 62 10.40 -4.40 -3.07
C GLN A 62 10.38 -4.71 -1.58
N LEU A 63 9.18 -4.67 -0.99
CA LEU A 63 9.03 -4.94 0.44
C LEU A 63 8.47 -6.35 0.66
N GLN A 64 7.62 -6.79 -0.27
CA GLN A 64 7.02 -8.12 -0.17
C GLN A 64 7.96 -9.10 0.54
N PRO A 65 9.16 -9.28 -0.03
CA PRO A 65 10.18 -10.18 0.53
C PRO A 65 10.76 -9.65 1.83
N SER A 66 11.14 -8.39 1.83
CA SER A 66 11.72 -7.76 3.01
C SER A 66 10.81 -7.94 4.23
N LEU A 67 9.52 -8.07 3.97
CA LEU A 67 8.54 -8.24 5.03
C LEU A 67 8.79 -9.54 5.80
N GLN A 68 9.04 -10.62 5.06
CA GLN A 68 9.30 -11.91 5.67
C GLN A 68 10.40 -11.81 6.72
N THR A 69 11.48 -11.13 6.37
CA THR A 69 12.60 -10.96 7.28
C THR A 69 12.59 -9.58 7.93
N GLY A 70 11.39 -9.08 8.23
CA GLY A 70 11.25 -7.78 8.86
C GLY A 70 10.16 -7.76 9.90
N SER A 71 10.26 -6.82 10.83
CA SER A 71 9.28 -6.69 11.90
C SER A 71 8.22 -5.64 11.55
N GLU A 72 7.40 -5.29 12.52
CA GLU A 72 6.35 -4.29 12.32
C GLU A 72 6.90 -3.06 11.62
N GLU A 73 8.15 -2.73 11.90
CA GLU A 73 8.79 -1.56 11.31
C GLU A 73 8.58 -1.54 9.79
N LEU A 74 8.53 -2.73 9.19
CA LEU A 74 8.33 -2.85 7.75
C LEU A 74 6.86 -3.15 7.43
N ARG A 75 6.19 -3.82 8.34
CA ARG A 75 4.78 -4.16 8.15
C ARG A 75 3.93 -2.91 8.03
N SER A 76 4.12 -1.97 8.96
CA SER A 76 3.36 -0.73 8.96
C SER A 76 3.42 -0.06 7.60
N LEU A 77 4.61 -0.04 7.01
CA LEU A 77 4.80 0.57 5.69
C LEU A 77 3.85 -0.04 4.66
N TYR A 78 3.94 -1.34 4.48
CA TYR A 78 3.10 -2.05 3.53
C TYR A 78 1.63 -1.61 3.66
N ASN A 79 1.17 -1.53 4.90
CA ASN A 79 -0.21 -1.13 5.17
C ASN A 79 -0.50 0.23 4.56
N THR A 80 0.29 1.24 4.93
CA THR A 80 0.12 2.60 4.42
C THR A 80 0.24 2.62 2.90
N ILE A 81 1.36 2.09 2.40
CA ILE A 81 1.61 2.06 0.96
C ILE A 81 0.38 1.53 0.21
N ALA A 82 -0.19 0.44 0.70
CA ALA A 82 -1.36 -0.15 0.07
C ALA A 82 -2.46 0.89 -0.13
N VAL A 83 -2.78 1.62 0.93
CA VAL A 83 -3.81 2.65 0.85
C VAL A 83 -3.39 3.79 -0.05
N LEU A 84 -2.17 4.30 0.18
CA LEU A 84 -1.65 5.40 -0.61
C LEU A 84 -1.77 5.11 -2.12
N TYR A 85 -1.68 3.84 -2.46
CA TYR A 85 -1.79 3.41 -3.86
C TYR A 85 -3.22 3.54 -4.36
N CYS A 86 -4.18 3.08 -3.55
CA CYS A 86 -5.58 3.14 -3.91
C CYS A 86 -6.06 4.59 -4.01
N VAL A 87 -5.37 5.47 -3.30
CA VAL A 87 -5.71 6.90 -3.30
C VAL A 87 -5.38 7.54 -4.64
N HIS A 88 -4.27 7.11 -5.24
CA HIS A 88 -3.84 7.64 -6.53
C HIS A 88 -4.48 6.86 -7.68
N GLN A 89 -4.58 5.54 -7.60
CA GLN A 89 -5.18 4.77 -8.68
C GLN A 89 -6.70 4.89 -8.66
N ARG A 90 -7.22 5.52 -7.62
CA ARG A 90 -8.66 5.70 -7.48
C ARG A 90 -9.35 4.36 -7.21
N ILE A 91 -8.75 3.55 -6.35
CA ILE A 91 -9.30 2.25 -6.00
C ILE A 91 -10.14 2.33 -4.73
N ASP A 92 -11.45 2.20 -4.89
CA ASP A 92 -12.37 2.25 -3.75
C ASP A 92 -11.98 1.22 -2.70
N VAL A 93 -11.97 1.64 -1.44
CA VAL A 93 -11.63 0.75 -0.34
C VAL A 93 -12.35 1.15 0.94
N LYS A 94 -13.15 0.24 1.48
CA LYS A 94 -13.90 0.49 2.71
C LYS A 94 -12.95 0.69 3.89
N ASP A 95 -11.72 0.23 3.73
CA ASP A 95 -10.72 0.35 4.79
C ASP A 95 -9.37 -0.18 4.32
N THR A 96 -8.36 -0.05 5.18
CA THR A 96 -7.02 -0.51 4.85
C THR A 96 -7.00 -2.01 4.54
N LYS A 97 -8.05 -2.70 4.96
CA LYS A 97 -8.17 -4.13 4.72
C LYS A 97 -8.55 -4.42 3.28
N GLU A 98 -9.63 -3.79 2.82
CA GLU A 98 -10.10 -3.97 1.46
C GLU A 98 -9.04 -3.53 0.45
N ALA A 99 -8.10 -2.72 0.91
CA ALA A 99 -7.03 -2.23 0.05
C ALA A 99 -5.89 -3.24 -0.04
N LEU A 100 -5.67 -3.98 1.03
CA LEU A 100 -4.61 -4.99 1.08
C LEU A 100 -5.11 -6.33 0.53
N ASP A 101 -6.32 -6.70 0.92
CA ASP A 101 -6.91 -7.95 0.47
C ASP A 101 -6.86 -8.06 -1.05
N LYS A 102 -7.03 -6.93 -1.73
CA LYS A 102 -7.01 -6.90 -3.19
C LYS A 102 -5.58 -7.07 -3.71
N ILE A 103 -4.78 -6.03 -3.59
CA ILE A 103 -3.39 -6.07 -4.04
C ILE A 103 -2.73 -7.39 -3.67
N GLU A 104 -3.10 -7.92 -2.51
CA GLU A 104 -2.55 -9.19 -2.05
C GLU A 104 -3.12 -10.36 -2.82
N GLU A 105 -4.45 -10.44 -2.86
CA GLU A 105 -5.13 -11.52 -3.58
C GLU A 105 -4.67 -11.59 -5.03
N GLU A 106 -4.21 -10.46 -5.55
CA GLU A 106 -3.74 -10.39 -6.93
C GLU A 106 -2.47 -11.22 -7.12
N GLN A 107 -1.60 -11.17 -6.12
CA GLN A 107 -0.35 -11.92 -6.17
C GLN A 107 -0.50 -13.29 -5.53
N ASN A 108 -1.48 -13.41 -4.64
CA ASN A 108 -1.74 -14.68 -3.96
C ASN A 108 -2.29 -15.72 -4.92
N LYS A 109 -3.01 -15.25 -5.93
CA LYS A 109 -3.61 -16.14 -6.93
C LYS A 109 -2.52 -16.87 -7.71
N SER A 110 -1.45 -16.16 -8.05
CA SER A 110 -0.35 -16.74 -8.80
C SER A 110 0.56 -17.56 -7.88
N LYS A 111 0.46 -17.29 -6.59
CA LYS A 111 1.28 -18.00 -5.60
C LYS A 111 0.62 -19.32 -5.20
N LYS A 112 -0.53 -19.21 -4.53
CA LYS A 112 -1.27 -20.39 -4.09
C LYS A 112 -1.41 -21.40 -5.22
N LYS A 113 -1.50 -20.90 -6.44
CA LYS A 113 -1.65 -21.76 -7.61
C LYS A 113 -0.56 -22.83 -7.63
N ALA A 114 0.69 -22.39 -7.53
CA ALA A 114 1.83 -23.31 -7.53
C ALA A 114 1.62 -24.44 -6.54
N GLN A 115 0.88 -24.16 -5.47
CA GLN A 115 0.62 -25.15 -4.45
C GLN A 115 -0.89 -25.34 -4.24
N GLN A 116 -1.63 -25.31 -5.34
CA GLN A 116 -3.08 -25.46 -5.29
C GLN A 116 -3.46 -26.93 -5.10
N ALA A 117 -2.71 -27.82 -5.74
CA ALA A 117 -2.97 -29.25 -5.64
C ALA A 117 -2.09 -29.89 -4.58
N ALA A 118 -1.80 -29.13 -3.52
CA ALA A 118 -0.95 -29.63 -2.44
C ALA A 118 -1.40 -29.05 -1.10
N ALA A 119 -2.69 -28.75 -0.98
CA ALA A 119 -3.24 -28.19 0.24
C ALA A 119 -4.69 -28.62 0.45
N ASP A 120 -4.94 -29.92 0.36
CA ASP A 120 -6.28 -30.45 0.54
C ASP A 120 -6.39 -31.20 1.86
N THR A 121 -5.26 -31.50 2.47
CA THR A 121 -5.23 -32.21 3.74
C THR A 121 -5.91 -31.41 4.85
N GLY A 122 -6.46 -32.10 5.83
CA GLY A 122 -7.13 -31.44 6.93
C GLY A 122 -6.77 -32.03 8.27
N ASN A 123 -5.48 -32.24 8.51
CA ASN A 123 -5.02 -32.80 9.76
C ASN A 123 -5.00 -31.75 10.87
N ASN A 124 -6.17 -31.49 11.45
CA ASN A 124 -6.29 -30.50 12.51
C ASN A 124 -7.35 -30.92 13.53
N SER A 125 -7.13 -30.59 14.78
CA SER A 125 -8.05 -30.93 15.85
C SER A 125 -8.13 -29.82 16.89
N GLN A 126 -7.89 -28.59 16.46
CA GLN A 126 -7.94 -27.44 17.34
C GLN A 126 -9.33 -27.28 17.96
N VAL A 127 -9.37 -26.64 19.14
CA VAL A 127 -10.64 -26.43 19.83
C VAL A 127 -11.42 -25.27 19.22
N SER A 128 -12.73 -25.44 19.14
CA SER A 128 -13.59 -24.40 18.57
C SER A 128 -13.64 -23.17 19.47
N GLN A 129 -14.44 -22.19 19.08
CA GLN A 129 -14.57 -20.96 19.85
C GLN A 129 -13.24 -20.22 19.92
N ASN A 130 -13.29 -18.96 20.34
CA ASN A 130 -12.09 -18.15 20.45
C ASN A 130 -12.21 -17.13 21.59
N TYR A 131 -12.86 -17.56 22.68
CA TYR A 131 -13.05 -16.70 23.83
C TYR A 131 -13.91 -15.48 23.47
P1 PBU B . 0.50 6.39 15.43
P4 PBU B . -5.16 0.09 15.85
P5 PBU B . -0.29 -0.68 12.95
C3' PBU B . 2.75 5.89 14.46
C2' PBU B . 2.38 6.15 12.98
O2' PBU B . 3.26 5.41 12.15
C1' PBU B . 2.49 7.65 12.61
O1' PBU B . 3.63 8.21 13.23
C1 PBU B . -0.89 3.83 15.15
O1 PBU B . 0.31 4.73 15.47
C2 PBU B . -2.01 3.79 16.24
O2 PBU B . -1.52 3.43 17.53
C3 PBU B . -3.14 2.81 15.84
O3 PBU B . -4.13 2.83 16.88
C4 PBU B . -2.57 1.36 15.57
O4 PBU B . -3.70 0.45 15.13
C5 PBU B . -1.45 1.45 14.47
O5 PBU B . -0.88 0.11 14.26
C6 PBU B . -0.31 2.43 14.85
O6 PBU B . 0.65 2.59 13.79
C7 PBU B . 2.76 4.22 11.56
O7 PBU B . 3.33 3.16 11.75
C8 PBU B . 1.50 4.27 10.70
C9 PBU B . 1.50 3.13 9.67
C10 PBU B . 0.09 2.93 9.11
C11 PBU B . 3.66 9.53 13.70
O11 PBU B . 3.10 10.47 13.15
C12 PBU B . 4.55 9.78 14.95
C13 PBU B . 3.95 9.20 16.24
C14 PBU B . 4.15 10.15 17.43
O41 PBU B . -5.41 -1.26 15.19
O42 PBU B . -4.87 0.01 17.33
O43 PBU B . -6.18 1.17 15.54
O51 PBU B . 0.68 -1.64 13.62
O52 PBU B . -1.52 -1.26 12.29
O53 PBU B . 0.39 0.43 12.16
OP1 PBU B . 1.98 6.67 15.34
OP2 PBU B . -0.29 6.82 14.19
OP3 PBU B . -0.03 6.86 16.77
H3'1 PBU B . 3.77 6.13 14.59
H3'2 PBU B . 2.60 4.86 14.65
H2' PBU B . 1.38 5.87 12.81
H1'1 PBU B . 2.62 7.76 11.57
H1'2 PBU B . 1.61 8.16 12.87
H1 PBU B . -1.42 4.23 14.29
H2 PBU B . -2.42 4.80 16.31
H02 PBU B . -1.04 2.65 17.59
H3 PBU B . -3.59 3.15 14.91
H03 PBU B . -3.76 2.46 17.68
H4 PBU B . -2.12 0.92 16.45
H5 PBU B . -1.95 1.81 13.57
H6 PBU B . 0.20 2.03 15.70
H06 PBU B . 1.25 1.88 13.74
H81 PBU B . 1.45 5.18 10.19
H82 PBU B . 0.65 4.16 11.32
H91 PBU B . 1.83 2.24 10.13
H92 PBU B . 2.16 3.36 8.87
H11 PBU B . -0.23 3.82 8.65
H12 PBU B . -0.57 2.68 9.88
H13 PBU B . 0.10 2.16 8.39
H121 PBU B . 5.48 9.35 14.79
H122 PBU B . 4.64 10.82 15.07
H131 PBU B . 2.92 9.04 16.10
H132 PBU B . 4.41 8.28 16.45
H141 PBU B . 3.72 11.08 17.20
H142 PBU B . 5.16 10.27 17.64
H143 PBU B . 3.67 9.75 18.27
N GLY A 1 16.24 18.44 1.81
CA GLY A 1 16.13 18.16 0.39
C GLY A 1 15.02 18.96 -0.27
N ALA A 2 14.29 18.32 -1.17
CA ALA A 2 13.19 18.97 -1.87
C ALA A 2 11.84 18.56 -1.30
N ARG A 3 11.02 19.56 -0.96
CA ARG A 3 9.70 19.31 -0.40
C ARG A 3 8.63 19.33 -1.49
N ALA A 4 7.57 18.54 -1.29
CA ALA A 4 6.49 18.48 -2.25
C ALA A 4 5.24 17.83 -1.63
N SER A 5 4.20 17.67 -2.44
CA SER A 5 2.96 17.07 -1.98
C SER A 5 2.84 15.62 -2.46
N VAL A 6 2.12 14.81 -1.69
CA VAL A 6 1.92 13.41 -2.05
C VAL A 6 0.51 13.16 -2.57
N LEU A 7 -0.48 13.68 -1.85
CA LEU A 7 -1.87 13.51 -2.25
C LEU A 7 -2.48 14.85 -2.69
N SER A 8 -3.16 14.83 -3.82
CA SER A 8 -3.78 16.04 -4.35
C SER A 8 -5.06 16.37 -3.59
N GLY A 9 -5.86 17.29 -4.14
CA GLY A 9 -7.09 17.68 -3.49
C GLY A 9 -8.07 16.53 -3.36
N GLY A 10 -8.50 15.97 -4.49
CA GLY A 10 -9.43 14.87 -4.48
C GLY A 10 -8.90 13.67 -3.73
N GLU A 11 -7.60 13.43 -3.84
CA GLU A 11 -6.96 12.31 -3.17
C GLU A 11 -6.95 12.51 -1.66
N LEU A 12 -6.72 13.74 -1.24
CA LEU A 12 -6.67 14.08 0.18
C LEU A 12 -7.98 13.70 0.87
N ASP A 13 -9.09 14.11 0.28
CA ASP A 13 -10.41 13.80 0.83
C ASP A 13 -10.62 12.29 0.93
N LYS A 14 -10.41 11.60 -0.18
CA LYS A 14 -10.58 10.15 -0.22
C LYS A 14 -9.59 9.46 0.72
N TRP A 15 -8.49 10.16 1.02
CA TRP A 15 -7.47 9.61 1.91
C TRP A 15 -7.95 9.62 3.36
N GLU A 16 -8.48 10.75 3.79
CA GLU A 16 -8.97 10.89 5.16
C GLU A 16 -10.14 9.95 5.41
N LYS A 17 -10.73 9.44 4.34
CA LYS A 17 -11.85 8.52 4.45
C LYS A 17 -11.41 7.16 4.98
N ILE A 18 -10.60 6.46 4.21
CA ILE A 18 -10.10 5.15 4.61
C ILE A 18 -9.62 5.17 6.06
N ARG A 19 -9.82 4.06 6.76
CA ARG A 19 -9.42 3.95 8.15
C ARG A 19 -8.34 2.89 8.32
N LEU A 20 -7.59 2.97 9.41
CA LEU A 20 -6.51 2.01 9.68
C LEU A 20 -7.08 0.60 9.83
N ARG A 21 -8.24 0.49 10.46
CA ARG A 21 -8.88 -0.80 10.66
C ARG A 21 -10.30 -0.79 10.11
N PRO A 22 -10.82 -2.00 9.82
CA PRO A 22 -12.18 -2.16 9.29
C PRO A 22 -13.26 -1.82 10.31
N GLY A 23 -13.03 -2.21 11.56
CA GLY A 23 -13.98 -1.93 12.61
C GLY A 23 -13.47 -0.91 13.60
N GLY A 24 -12.64 0.03 13.12
CA GLY A 24 -12.10 1.05 13.98
C GLY A 24 -12.75 2.40 13.76
N LYS A 25 -12.28 3.41 14.48
CA LYS A 25 -12.83 4.76 14.36
C LYS A 25 -11.75 5.76 13.95
N LYS A 26 -10.51 5.27 13.88
CA LYS A 26 -9.38 6.11 13.51
C LYS A 26 -9.19 6.12 11.99
N GLN A 27 -9.39 7.29 11.38
CA GLN A 27 -9.23 7.43 9.94
C GLN A 27 -7.80 7.78 9.57
N TYR A 28 -7.53 7.87 8.27
CA TYR A 28 -6.19 8.20 7.79
C TYR A 28 -5.97 9.71 7.82
N LYS A 29 -4.74 10.11 8.13
CA LYS A 29 -4.39 11.53 8.18
C LYS A 29 -3.00 11.77 7.59
N LEU A 30 -2.67 13.04 7.37
CA LEU A 30 -1.38 13.40 6.80
C LEU A 30 -0.24 12.74 7.57
N LYS A 31 -0.39 12.67 8.89
CA LYS A 31 0.62 12.06 9.74
C LYS A 31 1.08 10.72 9.18
N HIS A 32 0.12 9.85 8.89
CA HIS A 32 0.42 8.53 8.34
C HIS A 32 1.19 8.65 7.02
N ILE A 33 0.97 9.70 6.24
CA ILE A 33 1.69 9.86 4.98
C ILE A 33 3.13 10.29 5.20
N VAL A 34 3.30 11.52 5.68
CA VAL A 34 4.64 12.05 5.95
C VAL A 34 5.47 11.06 6.76
N TRP A 35 4.80 10.34 7.66
CA TRP A 35 5.49 9.35 8.49
C TRP A 35 6.24 8.34 7.64
N ALA A 36 5.52 7.66 6.77
CA ALA A 36 6.12 6.67 5.88
C ALA A 36 7.20 7.29 5.01
N SER A 37 6.96 8.53 4.57
CA SER A 37 7.91 9.23 3.72
C SER A 37 9.25 9.42 4.42
N ARG A 38 9.22 9.45 5.75
CA ARG A 38 10.42 9.62 6.55
C ARG A 38 11.12 8.28 6.77
N GLU A 39 10.35 7.19 6.66
CA GLU A 39 10.90 5.85 6.86
C GLU A 39 11.51 5.33 5.55
N LEU A 40 10.88 5.68 4.43
CA LEU A 40 11.37 5.24 3.13
C LEU A 40 12.77 5.77 2.85
N GLU A 41 12.99 7.04 3.19
CA GLU A 41 14.30 7.67 2.99
C GLU A 41 15.34 7.06 3.91
N ARG A 42 14.88 6.42 4.98
CA ARG A 42 15.79 5.79 5.94
C ARG A 42 16.11 4.36 5.53
N PHE A 43 15.14 3.70 4.92
CA PHE A 43 15.33 2.31 4.47
C PHE A 43 16.29 2.25 3.29
N ALA A 44 15.91 2.88 2.18
CA ALA A 44 16.74 2.89 0.99
C ALA A 44 15.96 3.38 -0.22
N VAL A 45 14.77 3.91 0.03
CA VAL A 45 13.92 4.42 -1.04
C VAL A 45 13.69 5.92 -0.90
N ASN A 46 13.62 6.61 -2.03
CA ASN A 46 13.41 8.06 -2.03
C ASN A 46 11.95 8.39 -1.74
N PRO A 47 11.73 9.46 -0.96
CA PRO A 47 10.39 9.91 -0.59
C PRO A 47 9.63 10.50 -1.78
N GLY A 48 10.32 10.66 -2.90
CA GLY A 48 9.70 11.21 -4.09
C GLY A 48 8.85 10.18 -4.83
N LEU A 49 9.03 8.91 -4.47
CA LEU A 49 8.28 7.83 -5.11
C LEU A 49 6.86 7.76 -4.56
N LEU A 50 6.56 8.62 -3.59
CA LEU A 50 5.23 8.65 -2.98
C LEU A 50 4.30 9.56 -3.78
N GLU A 51 4.88 10.44 -4.58
CA GLU A 51 4.11 11.37 -5.39
C GLU A 51 3.90 10.81 -6.79
N THR A 52 3.90 9.48 -6.91
CA THR A 52 3.70 8.83 -8.19
C THR A 52 3.17 7.42 -8.02
N SER A 53 1.91 7.21 -8.42
CA SER A 53 1.28 5.90 -8.30
C SER A 53 2.20 4.80 -8.81
N GLU A 54 2.92 5.08 -9.90
CA GLU A 54 3.84 4.12 -10.49
C GLU A 54 4.91 3.71 -9.48
N GLY A 55 5.28 4.64 -8.61
CA GLY A 55 6.30 4.34 -7.61
C GLY A 55 5.74 3.60 -6.42
N CYS A 56 4.56 4.01 -5.96
CA CYS A 56 3.92 3.39 -4.82
C CYS A 56 3.75 1.88 -5.05
N ARG A 57 3.61 1.50 -6.31
CA ARG A 57 3.44 0.09 -6.66
C ARG A 57 4.74 -0.68 -6.47
N GLN A 58 5.86 -0.05 -6.83
CA GLN A 58 7.17 -0.67 -6.69
C GLN A 58 7.54 -0.83 -5.22
N ILE A 59 7.27 0.21 -4.43
CA ILE A 59 7.58 0.18 -3.01
C ILE A 59 6.96 -1.04 -2.33
N LEU A 60 5.76 -1.39 -2.76
CA LEU A 60 5.05 -2.55 -2.19
C LEU A 60 5.63 -3.85 -2.72
N GLY A 61 6.03 -3.84 -3.99
CA GLY A 61 6.60 -5.04 -4.59
C GLY A 61 7.91 -5.45 -3.94
N GLN A 62 8.53 -4.51 -3.22
CA GLN A 62 9.80 -4.79 -2.55
C GLN A 62 9.55 -5.42 -1.18
N LEU A 63 8.69 -4.81 -0.39
CA LEU A 63 8.37 -5.31 0.94
C LEU A 63 7.56 -6.60 0.85
N GLN A 64 6.73 -6.71 -0.18
CA GLN A 64 5.90 -7.89 -0.37
C GLN A 64 6.72 -9.16 -0.18
N PRO A 65 7.75 -9.34 -1.01
CA PRO A 65 8.62 -10.52 -0.95
C PRO A 65 9.51 -10.51 0.30
N SER A 66 9.44 -9.43 1.07
CA SER A 66 10.23 -9.30 2.28
C SER A 66 9.35 -9.43 3.52
N LEU A 67 8.06 -9.60 3.30
CA LEU A 67 7.10 -9.74 4.40
C LEU A 67 7.41 -10.96 5.24
N GLN A 68 8.21 -11.88 4.68
CA GLN A 68 8.59 -13.10 5.39
C GLN A 68 9.38 -12.77 6.66
N THR A 69 10.34 -11.87 6.53
CA THR A 69 11.18 -11.47 7.66
C THR A 69 11.17 -9.95 7.85
N GLY A 70 9.99 -9.35 7.68
CA GLY A 70 9.87 -7.92 7.84
C GLY A 70 9.45 -7.51 9.23
N SER A 71 10.26 -6.68 9.88
CA SER A 71 9.97 -6.23 11.23
C SER A 71 8.66 -5.45 11.28
N GLU A 72 8.31 -4.96 12.46
CA GLU A 72 7.07 -4.21 12.64
C GLU A 72 7.07 -2.96 11.75
N GLU A 73 8.22 -2.32 11.65
CA GLU A 73 8.35 -1.11 10.83
C GLU A 73 7.95 -1.39 9.38
N LEU A 74 8.49 -2.48 8.82
CA LEU A 74 8.20 -2.85 7.45
C LEU A 74 6.71 -3.11 7.26
N ARG A 75 6.08 -3.68 8.28
CA ARG A 75 4.65 -3.98 8.23
C ARG A 75 3.83 -2.71 8.03
N SER A 76 4.04 -1.75 8.93
CA SER A 76 3.32 -0.48 8.86
C SER A 76 3.43 0.13 7.46
N LEU A 77 4.65 0.15 6.93
CA LEU A 77 4.90 0.71 5.60
C LEU A 77 4.04 0.01 4.55
N TYR A 78 4.17 -1.31 4.46
CA TYR A 78 3.41 -2.09 3.50
C TYR A 78 1.93 -1.75 3.57
N ASN A 79 1.39 -1.76 4.79
CA ASN A 79 -0.02 -1.46 5.00
C ASN A 79 -0.36 -0.06 4.51
N THR A 80 0.30 0.94 5.08
CA THR A 80 0.08 2.33 4.69
C THR A 80 0.22 2.51 3.18
N ILE A 81 1.41 2.20 2.67
CA ILE A 81 1.69 2.33 1.25
C ILE A 81 0.56 1.72 0.41
N ALA A 82 0.06 0.57 0.85
CA ALA A 82 -1.01 -0.11 0.15
C ALA A 82 -2.22 0.81 -0.03
N VAL A 83 -2.58 1.52 1.03
CA VAL A 83 -3.72 2.44 1.00
C VAL A 83 -3.43 3.62 0.08
N LEU A 84 -2.28 4.25 0.28
CA LEU A 84 -1.89 5.41 -0.53
C LEU A 84 -1.82 5.04 -2.01
N TYR A 85 -1.31 3.85 -2.29
CA TYR A 85 -1.19 3.37 -3.66
C TYR A 85 -2.55 3.35 -4.35
N CYS A 86 -3.53 2.74 -3.71
CA CYS A 86 -4.87 2.65 -4.26
C CYS A 86 -5.47 4.04 -4.45
N VAL A 87 -5.13 4.95 -3.54
CA VAL A 87 -5.64 6.31 -3.60
C VAL A 87 -5.25 6.98 -4.92
N HIS A 88 -4.06 6.67 -5.42
CA HIS A 88 -3.57 7.24 -6.67
C HIS A 88 -4.25 6.58 -7.86
N GLN A 89 -4.56 5.28 -7.81
CA GLN A 89 -5.19 4.61 -8.93
C GLN A 89 -6.71 4.80 -8.89
N ARG A 90 -7.15 5.86 -8.21
CA ARG A 90 -8.57 6.15 -8.09
C ARG A 90 -9.32 4.97 -7.50
N ILE A 91 -8.72 4.33 -6.49
CA ILE A 91 -9.32 3.19 -5.83
C ILE A 91 -9.68 3.51 -4.39
N ASP A 92 -10.93 3.25 -4.01
CA ASP A 92 -11.40 3.51 -2.66
C ASP A 92 -11.63 2.20 -1.91
N VAL A 93 -10.98 2.05 -0.77
CA VAL A 93 -11.12 0.85 0.05
C VAL A 93 -11.88 1.15 1.32
N LYS A 94 -12.52 0.11 1.88
CA LYS A 94 -13.29 0.27 3.11
C LYS A 94 -12.37 0.39 4.32
N ASP A 95 -11.17 -0.17 4.21
CA ASP A 95 -10.20 -0.12 5.29
C ASP A 95 -8.82 -0.59 4.81
N THR A 96 -7.81 -0.40 5.66
CA THR A 96 -6.45 -0.80 5.32
C THR A 96 -6.38 -2.30 5.05
N LYS A 97 -7.41 -3.03 5.46
CA LYS A 97 -7.47 -4.47 5.26
C LYS A 97 -7.85 -4.81 3.82
N GLU A 98 -9.06 -4.39 3.42
CA GLU A 98 -9.54 -4.65 2.08
C GLU A 98 -8.61 -4.05 1.04
N ALA A 99 -7.80 -3.08 1.46
CA ALA A 99 -6.85 -2.42 0.57
C ALA A 99 -5.72 -3.36 0.18
N LEU A 100 -5.35 -4.25 1.10
CA LEU A 100 -4.27 -5.20 0.85
C LEU A 100 -4.75 -6.33 -0.06
N ASP A 101 -6.01 -6.72 0.09
CA ASP A 101 -6.58 -7.78 -0.74
C ASP A 101 -6.70 -7.34 -2.19
N LYS A 102 -7.09 -6.08 -2.39
CA LYS A 102 -7.24 -5.53 -3.73
C LYS A 102 -5.90 -5.52 -4.47
N ILE A 103 -4.83 -5.26 -3.74
CA ILE A 103 -3.49 -5.22 -4.32
C ILE A 103 -2.98 -6.63 -4.61
N GLU A 104 -3.50 -7.61 -3.89
CA GLU A 104 -3.10 -9.00 -4.06
C GLU A 104 -3.68 -9.57 -5.36
N GLU A 105 -4.84 -9.06 -5.76
CA GLU A 105 -5.49 -9.52 -6.97
C GLU A 105 -4.92 -8.83 -8.20
N GLU A 106 -4.53 -7.57 -8.03
CA GLU A 106 -3.97 -6.80 -9.13
C GLU A 106 -2.51 -7.20 -9.39
N GLN A 107 -1.78 -7.48 -8.31
CA GLN A 107 -0.39 -7.88 -8.43
C GLN A 107 -0.25 -9.12 -9.32
N ASN A 108 -1.30 -9.92 -9.38
CA ASN A 108 -1.30 -11.13 -10.19
C ASN A 108 -1.00 -10.80 -11.65
N LYS A 109 -1.51 -9.67 -12.12
CA LYS A 109 -1.30 -9.24 -13.50
C LYS A 109 0.08 -8.61 -13.67
N SER A 110 0.62 -8.09 -12.57
CA SER A 110 1.93 -7.44 -12.60
C SER A 110 3.04 -8.47 -12.79
N LYS A 111 2.96 -9.57 -12.03
CA LYS A 111 3.95 -10.63 -12.13
C LYS A 111 4.15 -11.07 -13.56
N LYS A 112 3.06 -11.20 -14.30
CA LYS A 112 3.11 -11.60 -15.70
C LYS A 112 3.88 -10.58 -16.53
N LYS A 113 3.79 -9.31 -16.14
CA LYS A 113 4.48 -8.23 -16.84
C LYS A 113 5.39 -7.46 -15.90
N ALA A 114 6.20 -8.20 -15.14
CA ALA A 114 7.13 -7.59 -14.20
C ALA A 114 8.55 -7.56 -14.77
N GLN A 115 8.75 -8.28 -15.86
CA GLN A 115 10.06 -8.34 -16.50
C GLN A 115 10.28 -7.14 -17.40
N GLN A 116 9.23 -6.72 -18.08
CA GLN A 116 9.32 -5.57 -18.99
C GLN A 116 8.96 -4.28 -18.25
N ALA A 117 7.81 -4.28 -17.58
CA ALA A 117 7.35 -3.11 -16.84
C ALA A 117 8.47 -2.54 -15.97
N ALA A 118 9.06 -3.39 -15.13
CA ALA A 118 10.14 -2.98 -14.25
C ALA A 118 11.33 -2.47 -15.05
N ALA A 119 11.31 -2.71 -16.36
CA ALA A 119 12.40 -2.28 -17.23
C ALA A 119 12.04 -0.98 -17.94
N ASP A 120 10.88 -0.94 -18.57
CA ASP A 120 10.42 0.24 -19.28
C ASP A 120 10.00 1.33 -18.31
N THR A 121 10.97 1.94 -17.64
CA THR A 121 10.69 2.99 -16.68
C THR A 121 9.84 4.10 -17.30
N GLY A 122 9.43 5.05 -16.48
CA GLY A 122 8.61 6.15 -16.95
C GLY A 122 8.97 7.48 -16.31
N ASN A 123 8.57 8.58 -16.95
CA ASN A 123 8.85 9.90 -16.43
C ASN A 123 7.98 10.95 -17.11
N ASN A 124 8.05 12.19 -16.62
CA ASN A 124 7.26 13.28 -17.18
C ASN A 124 5.77 13.03 -17.00
N SER A 125 5.32 13.07 -15.76
CA SER A 125 3.91 12.85 -15.45
C SER A 125 3.19 14.16 -15.16
N GLN A 126 1.98 14.30 -15.70
CA GLN A 126 1.19 15.51 -15.51
C GLN A 126 -0.10 15.20 -14.76
N VAL A 127 -0.36 15.97 -13.70
CA VAL A 127 -1.56 15.79 -12.90
C VAL A 127 -2.69 16.67 -13.39
N SER A 128 -3.85 16.08 -13.61
CA SER A 128 -5.02 16.82 -14.09
C SER A 128 -5.52 17.78 -13.02
N GLN A 129 -6.07 18.91 -13.45
CA GLN A 129 -6.59 19.92 -12.54
C GLN A 129 -5.47 20.51 -11.70
N ASN A 130 -5.15 21.78 -11.96
CA ASN A 130 -4.09 22.47 -11.23
C ASN A 130 -4.57 22.87 -9.84
N TYR A 131 -3.62 23.25 -8.98
CA TYR A 131 -3.95 23.66 -7.62
C TYR A 131 -4.73 22.57 -6.90
P1 PBU B . 0.59 6.34 15.60
P4 PBU B . -4.82 -0.20 15.87
P5 PBU B . 0.37 -1.37 14.94
C3' PBU B . 2.86 6.13 14.55
C2' PBU B . 2.44 6.46 13.10
O2' PBU B . 3.30 5.75 12.21
C1' PBU B . 2.56 7.97 12.79
O1' PBU B . 3.76 8.47 13.34
C1 PBU B . -0.48 3.64 15.16
O1 PBU B . 0.59 4.67 15.55
C2 PBU B . -1.92 3.93 15.71
O2 PBU B . -1.96 4.06 17.13
C3 PBU B . -2.90 2.81 15.28
O3 PBU B . -4.19 3.13 15.82
C4 PBU B . -2.40 1.40 15.74
O4 PBU B . -3.36 0.33 15.26
C5 PBU B . -0.95 1.15 15.16
O5 PBU B . -0.46 -0.14 15.64
C6 PBU B . 0.05 2.26 15.56
O6 PBU B . 1.33 2.10 14.93
C7 PBU B . 2.79 4.56 11.63
O7 PBU B . 3.38 3.51 11.76
C8 PBU B . 1.46 4.59 10.86
C9 PBU B . 1.40 3.41 9.87
C10 PBU B . -0.07 3.18 9.44
C11 PBU B . 3.79 9.65 14.11
O11 PBU B . 2.85 10.41 14.26
C12 PBU B . 5.16 9.98 14.76
C13 PBU B . 5.04 10.65 16.14
C14 PBU B . 6.36 11.35 16.54
O41 PBU B . -4.66 -1.69 15.60
O42 PBU B . -4.80 0.18 17.33
O43 PBU B . -5.96 0.49 15.16
O51 PBU B . -0.50 -2.55 15.33
O52 PBU B . 0.40 -0.98 13.47
O53 PBU B . 1.71 -1.34 15.63
OP1 PBU B . 2.02 6.78 15.48
OP2 PBU B . -0.28 6.71 14.39
OP3 PBU B . 0.04 6.67 16.97
H3'1 PBU B . 3.85 6.46 14.70
H3'2 PBU B . 2.80 5.09 14.67
H2' PBU B . 1.43 6.21 12.95
H1'1 PBU B . 2.61 8.13 11.74
H1'2 PBU B . 1.72 8.49 13.14
H1 PBU B . -0.64 3.70 14.07
H2 PBU B . -2.24 4.87 15.27
H02 PBU B . -1.58 3.36 17.62
H3 PBU B . -2.97 2.78 14.18
H03 PBU B . -4.17 3.07 16.78
H4 PBU B . -2.33 1.30 16.82
H5 PBU B . -1.08 1.15 14.07
H6 PBU B . 0.19 2.20 16.64
H06 PBU B . 1.85 1.43 15.36
H81 PBU B . 1.39 5.50 10.33
H82 PBU B . 0.66 4.51 11.53
H91 PBU B . 1.78 2.55 10.32
H92 PBU B . 1.96 3.64 9.01
H11 PBU B . -0.45 4.05 8.99
H12 PBU B . -0.64 2.94 10.29
H13 PBU B . -0.11 2.39 8.76
H121 PBU B . 5.71 9.08 14.87
H122 PBU B . 5.68 10.64 14.12
H131 PBU B . 4.27 11.36 16.11
H132 PBU B . 4.82 9.92 16.86
H141 PBU B . 6.61 12.05 15.79
H142 PBU B . 7.13 10.66 16.64
H143 PBU B . 6.21 11.85 17.45
N GLY A 1 8.09 27.23 -1.11
CA GLY A 1 8.72 26.02 -1.60
C GLY A 1 8.19 24.77 -0.91
N ALA A 2 7.12 24.21 -1.46
CA ALA A 2 6.52 23.01 -0.89
C ALA A 2 7.56 21.92 -0.68
N ARG A 3 7.56 21.33 0.52
CA ARG A 3 8.51 20.28 0.86
C ARG A 3 8.37 19.10 -0.10
N ALA A 4 7.22 18.42 -0.04
CA ALA A 4 6.97 17.27 -0.89
C ALA A 4 5.52 16.79 -0.73
N SER A 5 4.72 16.98 -1.78
CA SER A 5 3.32 16.56 -1.75
C SER A 5 3.19 15.10 -2.16
N VAL A 6 2.18 14.43 -1.61
CA VAL A 6 1.93 13.02 -1.92
C VAL A 6 0.58 12.83 -2.60
N LEU A 7 -0.47 13.35 -1.99
CA LEU A 7 -1.81 13.24 -2.54
C LEU A 7 -2.34 14.61 -2.97
N SER A 8 -2.98 14.65 -4.13
CA SER A 8 -3.53 15.90 -4.65
C SER A 8 -4.78 16.31 -3.88
N GLY A 9 -5.50 17.29 -4.41
CA GLY A 9 -6.71 17.75 -3.76
C GLY A 9 -7.77 16.67 -3.66
N GLY A 10 -8.24 16.18 -4.80
CA GLY A 10 -9.26 15.15 -4.81
C GLY A 10 -8.82 13.90 -4.06
N GLU A 11 -7.53 13.60 -4.13
CA GLU A 11 -6.98 12.43 -3.44
C GLU A 11 -6.95 12.64 -1.94
N LEU A 12 -6.55 13.83 -1.52
CA LEU A 12 -6.47 14.17 -0.10
C LEU A 12 -7.77 13.83 0.61
N ASP A 13 -8.88 14.26 0.03
CA ASP A 13 -10.20 14.00 0.61
C ASP A 13 -10.41 12.50 0.83
N LYS A 14 -10.33 11.73 -0.25
CA LYS A 14 -10.51 10.29 -0.17
C LYS A 14 -9.59 9.68 0.88
N TRP A 15 -8.34 10.14 0.90
CA TRP A 15 -7.36 9.63 1.85
C TRP A 15 -7.90 9.72 3.29
N GLU A 16 -8.44 10.88 3.64
CA GLU A 16 -8.99 11.09 4.97
C GLU A 16 -10.19 10.17 5.22
N LYS A 17 -10.78 9.68 4.14
CA LYS A 17 -11.92 8.78 4.24
C LYS A 17 -11.51 7.42 4.78
N ILE A 18 -10.62 6.74 4.05
CA ILE A 18 -10.15 5.43 4.47
C ILE A 18 -9.75 5.43 5.95
N ARG A 19 -10.02 4.31 6.63
CA ARG A 19 -9.69 4.18 8.04
C ARG A 19 -8.59 3.14 8.25
N LEU A 20 -7.84 3.29 9.34
CA LEU A 20 -6.75 2.37 9.66
C LEU A 20 -7.28 0.95 9.83
N ARG A 21 -8.45 0.83 10.45
CA ARG A 21 -9.08 -0.47 10.67
C ARG A 21 -10.48 -0.52 10.07
N PRO A 22 -10.97 -1.74 9.81
CA PRO A 22 -12.30 -1.95 9.22
C PRO A 22 -13.41 -1.61 10.20
N GLY A 23 -13.19 -1.94 11.48
CA GLY A 23 -14.19 -1.67 12.49
C GLY A 23 -13.74 -0.61 13.49
N GLY A 24 -12.95 0.35 13.01
CA GLY A 24 -12.46 1.39 13.88
C GLY A 24 -13.05 2.75 13.54
N LYS A 25 -12.60 3.79 14.23
CA LYS A 25 -13.10 5.14 14.01
C LYS A 25 -11.95 6.08 13.66
N LYS A 26 -10.73 5.57 13.69
CA LYS A 26 -9.54 6.36 13.38
C LYS A 26 -9.30 6.40 11.87
N GLN A 27 -9.62 7.53 11.25
CA GLN A 27 -9.43 7.70 9.82
C GLN A 27 -7.97 7.98 9.50
N TYR A 28 -7.67 8.08 8.20
CA TYR A 28 -6.31 8.34 7.75
C TYR A 28 -6.02 9.84 7.72
N LYS A 29 -4.78 10.20 8.05
CA LYS A 29 -4.37 11.61 8.06
C LYS A 29 -2.96 11.76 7.51
N LEU A 30 -2.56 13.00 7.28
CA LEU A 30 -1.22 13.30 6.76
C LEU A 30 -0.15 12.59 7.59
N LYS A 31 -0.38 12.51 8.90
CA LYS A 31 0.56 11.86 9.80
C LYS A 31 0.98 10.50 9.26
N HIS A 32 0.00 9.68 8.91
CA HIS A 32 0.27 8.34 8.38
C HIS A 32 1.09 8.42 7.10
N ILE A 33 0.93 9.46 6.27
CA ILE A 33 1.69 9.60 5.04
C ILE A 33 3.14 10.00 5.32
N VAL A 34 3.33 11.23 5.78
CA VAL A 34 4.64 11.74 6.10
C VAL A 34 5.44 10.73 6.92
N TRP A 35 4.75 10.02 7.80
CA TRP A 35 5.38 9.02 8.64
C TRP A 35 6.14 8.00 7.81
N ALA A 36 5.44 7.34 6.90
CA ALA A 36 6.05 6.34 6.03
C ALA A 36 7.10 6.97 5.12
N SER A 37 6.81 8.16 4.62
CA SER A 37 7.73 8.87 3.74
C SER A 37 9.07 9.11 4.42
N ARG A 38 9.05 9.11 5.76
CA ARG A 38 10.27 9.32 6.54
C ARG A 38 11.03 8.01 6.74
N GLU A 39 10.31 6.90 6.60
CA GLU A 39 10.91 5.57 6.77
C GLU A 39 11.62 5.13 5.49
N LEU A 40 11.00 5.41 4.35
CA LEU A 40 11.57 5.04 3.06
C LEU A 40 12.91 5.75 2.83
N GLU A 41 12.96 7.02 3.21
CA GLU A 41 14.18 7.82 3.04
C GLU A 41 15.28 7.31 3.97
N ARG A 42 14.88 6.58 5.01
CA ARG A 42 15.84 6.05 5.97
C ARG A 42 16.35 4.68 5.53
N PHE A 43 15.51 3.94 4.82
CA PHE A 43 15.87 2.61 4.34
C PHE A 43 16.83 2.70 3.15
N ALA A 44 16.35 3.31 2.06
CA ALA A 44 17.15 3.47 0.87
C ALA A 44 16.29 3.88 -0.32
N VAL A 45 15.08 4.35 -0.04
CA VAL A 45 14.16 4.78 -1.09
C VAL A 45 13.73 6.23 -0.89
N ASN A 46 13.62 6.97 -1.98
CA ASN A 46 13.22 8.37 -1.93
C ASN A 46 11.71 8.49 -1.75
N PRO A 47 11.29 9.48 -0.94
CA PRO A 47 9.87 9.73 -0.68
C PRO A 47 9.14 10.29 -1.89
N GLY A 48 9.90 10.59 -2.95
CA GLY A 48 9.32 11.12 -4.16
C GLY A 48 8.54 10.08 -4.94
N LEU A 49 8.73 8.82 -4.58
CA LEU A 49 8.04 7.72 -5.26
C LEU A 49 6.66 7.49 -4.67
N LEU A 50 6.32 8.27 -3.64
CA LEU A 50 5.02 8.16 -2.99
C LEU A 50 4.01 9.10 -3.63
N GLU A 51 4.50 10.20 -4.20
CA GLU A 51 3.64 11.18 -4.84
C GLU A 51 3.03 10.62 -6.13
N THR A 52 3.69 9.62 -6.69
CA THR A 52 3.22 8.99 -7.92
C THR A 52 2.90 7.51 -7.69
N SER A 53 1.70 7.10 -8.08
CA SER A 53 1.27 5.72 -7.91
C SER A 53 2.32 4.76 -8.48
N GLU A 54 2.97 5.17 -9.56
CA GLU A 54 3.99 4.34 -10.19
C GLU A 54 5.13 4.06 -9.22
N GLY A 55 5.47 5.05 -8.40
CA GLY A 55 6.54 4.89 -7.45
C GLY A 55 6.15 4.02 -6.26
N CYS A 56 4.86 4.07 -5.91
CA CYS A 56 4.35 3.29 -4.78
C CYS A 56 4.24 1.82 -5.16
N ARG A 57 4.19 1.55 -6.45
CA ARG A 57 4.06 0.18 -6.95
C ARG A 57 5.37 -0.59 -6.72
N GLN A 58 6.49 0.09 -6.86
CA GLN A 58 7.79 -0.54 -6.66
C GLN A 58 8.04 -0.83 -5.18
N ILE A 59 7.49 0.02 -4.32
CA ILE A 59 7.65 -0.16 -2.88
C ILE A 59 6.94 -1.42 -2.39
N LEU A 60 5.66 -1.56 -2.76
CA LEU A 60 4.88 -2.72 -2.36
C LEU A 60 5.47 -3.99 -2.94
N GLY A 61 5.81 -3.95 -4.23
CA GLY A 61 6.37 -5.12 -4.88
C GLY A 61 7.75 -5.47 -4.35
N GLN A 62 8.36 -4.53 -3.63
CA GLN A 62 9.69 -4.75 -3.06
C GLN A 62 9.60 -5.33 -1.67
N LEU A 63 8.73 -4.74 -0.85
CA LEU A 63 8.55 -5.20 0.53
C LEU A 63 7.70 -6.47 0.58
N GLN A 64 6.83 -6.62 -0.42
CA GLN A 64 5.96 -7.79 -0.49
C GLN A 64 6.75 -9.08 -0.27
N PRO A 65 7.78 -9.29 -1.11
CA PRO A 65 8.64 -10.47 -1.02
C PRO A 65 9.54 -10.46 0.20
N SER A 66 9.53 -9.34 0.92
CA SER A 66 10.34 -9.20 2.12
C SER A 66 9.48 -9.29 3.37
N LEU A 67 8.18 -9.49 3.18
CA LEU A 67 7.24 -9.60 4.29
C LEU A 67 7.56 -10.82 5.14
N GLN A 68 8.36 -11.73 4.60
CA GLN A 68 8.74 -12.95 5.30
C GLN A 68 9.71 -12.64 6.44
N THR A 69 10.71 -11.83 6.14
CA THR A 69 11.71 -11.45 7.13
C THR A 69 11.68 -9.95 7.40
N GLY A 70 10.49 -9.37 7.33
CA GLY A 70 10.34 -7.94 7.58
C GLY A 70 9.89 -7.64 9.00
N SER A 71 10.68 -6.83 9.70
CA SER A 71 10.35 -6.45 11.08
C SER A 71 9.02 -5.73 11.15
N GLU A 72 8.71 -5.19 12.33
CA GLU A 72 7.46 -4.48 12.53
C GLU A 72 7.43 -3.18 11.72
N GLU A 73 8.58 -2.52 11.63
CA GLU A 73 8.69 -1.27 10.89
C GLU A 73 8.26 -1.46 9.44
N LEU A 74 8.68 -2.56 8.85
CA LEU A 74 8.34 -2.87 7.46
C LEU A 74 6.86 -3.24 7.34
N ARG A 75 6.32 -3.84 8.39
CA ARG A 75 4.91 -4.25 8.39
C ARG A 75 4.00 -3.04 8.23
N SER A 76 4.14 -2.08 9.14
CA SER A 76 3.31 -0.87 9.10
C SER A 76 3.37 -0.21 7.72
N LEU A 77 4.57 -0.19 7.13
CA LEU A 77 4.77 0.41 5.82
C LEU A 77 3.82 -0.22 4.80
N TYR A 78 3.90 -1.54 4.64
CA TYR A 78 3.06 -2.25 3.69
C TYR A 78 1.59 -1.86 3.88
N ASN A 79 1.17 -1.73 5.13
CA ASN A 79 -0.20 -1.36 5.44
C ASN A 79 -0.54 0.00 4.86
N THR A 80 0.14 1.03 5.35
CA THR A 80 -0.08 2.39 4.87
C THR A 80 0.04 2.48 3.36
N ILE A 81 1.19 2.06 2.84
CA ILE A 81 1.44 2.09 1.41
C ILE A 81 0.30 1.44 0.64
N ALA A 82 -0.18 0.31 1.15
CA ALA A 82 -1.27 -0.41 0.51
C ALA A 82 -2.49 0.49 0.31
N VAL A 83 -2.78 1.30 1.32
CA VAL A 83 -3.91 2.22 1.25
C VAL A 83 -3.62 3.40 0.33
N LEU A 84 -2.46 4.01 0.52
CA LEU A 84 -2.07 5.16 -0.30
C LEU A 84 -2.05 4.78 -1.78
N TYR A 85 -1.22 3.80 -2.13
CA TYR A 85 -1.11 3.35 -3.51
C TYR A 85 -2.49 3.21 -4.15
N CYS A 86 -3.41 2.59 -3.42
CA CYS A 86 -4.76 2.38 -3.92
C CYS A 86 -5.43 3.72 -4.24
N VAL A 87 -5.33 4.67 -3.31
CA VAL A 87 -5.92 5.98 -3.50
C VAL A 87 -5.55 6.57 -4.85
N HIS A 88 -4.28 6.40 -5.24
CA HIS A 88 -3.79 6.91 -6.51
C HIS A 88 -4.42 6.16 -7.68
N GLN A 89 -4.65 4.85 -7.57
CA GLN A 89 -5.25 4.10 -8.66
C GLN A 89 -6.77 4.31 -8.70
N ARG A 90 -7.23 5.39 -8.06
CA ARG A 90 -8.65 5.70 -8.03
C ARG A 90 -9.39 4.75 -7.09
N ILE A 91 -8.63 3.94 -6.37
CA ILE A 91 -9.22 2.98 -5.43
C ILE A 91 -9.49 3.64 -4.08
N ASP A 92 -10.69 3.42 -3.54
CA ASP A 92 -11.06 3.98 -2.26
C ASP A 92 -11.37 2.87 -1.25
N VAL A 93 -10.43 1.96 -1.09
CA VAL A 93 -10.60 0.84 -0.15
C VAL A 93 -11.37 1.27 1.08
N LYS A 94 -12.35 0.46 1.47
CA LYS A 94 -13.16 0.77 2.64
C LYS A 94 -12.29 0.94 3.88
N ASP A 95 -11.24 0.13 3.98
CA ASP A 95 -10.33 0.18 5.11
C ASP A 95 -8.96 -0.37 4.74
N THR A 96 -8.01 -0.26 5.66
CA THR A 96 -6.66 -0.75 5.43
C THR A 96 -6.66 -2.26 5.18
N LYS A 97 -7.75 -2.92 5.53
CA LYS A 97 -7.88 -4.35 5.35
C LYS A 97 -8.15 -4.69 3.89
N GLU A 98 -9.19 -4.09 3.33
CA GLU A 98 -9.56 -4.33 1.93
C GLU A 98 -8.44 -3.89 0.99
N ALA A 99 -7.52 -3.08 1.51
CA ALA A 99 -6.40 -2.59 0.71
C ALA A 99 -5.38 -3.70 0.47
N LEU A 100 -5.23 -4.59 1.44
CA LEU A 100 -4.29 -5.70 1.33
C LEU A 100 -4.85 -6.79 0.42
N ASP A 101 -6.17 -6.88 0.35
CA ASP A 101 -6.83 -7.88 -0.50
C ASP A 101 -6.91 -7.41 -1.95
N LYS A 102 -7.08 -6.10 -2.12
CA LYS A 102 -7.17 -5.51 -3.46
C LYS A 102 -5.82 -5.53 -4.16
N ILE A 103 -4.76 -5.30 -3.39
CA ILE A 103 -3.41 -5.30 -3.94
C ILE A 103 -3.08 -6.64 -4.60
N GLU A 104 -3.78 -7.68 -4.17
CA GLU A 104 -3.55 -9.02 -4.72
C GLU A 104 -4.44 -9.26 -5.93
N GLU A 105 -5.65 -8.70 -5.89
CA GLU A 105 -6.60 -8.86 -7.00
C GLU A 105 -6.14 -8.08 -8.22
N GLU A 106 -5.55 -6.92 -8.00
CA GLU A 106 -5.06 -6.08 -9.09
C GLU A 106 -4.10 -6.85 -9.98
N GLN A 107 -3.34 -7.76 -9.37
CA GLN A 107 -2.38 -8.58 -10.11
C GLN A 107 -3.09 -9.56 -11.04
N ASN A 108 -4.24 -10.05 -10.60
CA ASN A 108 -5.02 -11.00 -11.39
C ASN A 108 -5.46 -10.37 -12.71
N LYS A 109 -5.71 -9.07 -12.69
CA LYS A 109 -6.13 -8.35 -13.88
C LYS A 109 -5.14 -8.57 -15.02
N SER A 110 -3.86 -8.41 -14.74
CA SER A 110 -2.82 -8.59 -15.74
C SER A 110 -3.12 -9.79 -16.64
N LYS A 111 -3.51 -10.89 -16.01
CA LYS A 111 -3.84 -12.11 -16.75
C LYS A 111 -5.19 -11.98 -17.44
N LYS A 112 -6.23 -11.72 -16.66
CA LYS A 112 -7.58 -11.57 -17.19
C LYS A 112 -7.55 -10.83 -18.53
N LYS A 113 -6.72 -9.80 -18.62
CA LYS A 113 -6.60 -9.03 -19.84
C LYS A 113 -5.89 -9.83 -20.94
N ALA A 114 -4.72 -10.38 -20.60
CA ALA A 114 -3.95 -11.16 -21.55
C ALA A 114 -4.33 -12.64 -21.46
N GLN A 115 -5.62 -12.90 -21.22
CA GLN A 115 -6.10 -14.28 -21.11
C GLN A 115 -7.60 -14.30 -20.84
N GLN A 116 -8.35 -13.43 -21.51
CA GLN A 116 -9.78 -13.34 -21.33
C GLN A 116 -10.45 -14.70 -21.59
N ALA A 117 -9.84 -15.48 -22.47
CA ALA A 117 -10.36 -16.80 -22.81
C ALA A 117 -10.22 -17.77 -21.64
N ALA A 118 -9.50 -17.34 -20.61
CA ALA A 118 -9.28 -18.17 -19.43
C ALA A 118 -10.23 -17.76 -18.30
N ALA A 119 -11.45 -17.37 -18.67
CA ALA A 119 -12.44 -16.95 -17.69
C ALA A 119 -13.76 -17.71 -17.90
N ASP A 120 -14.16 -17.86 -19.15
CA ASP A 120 -15.39 -18.56 -19.48
C ASP A 120 -15.18 -20.07 -19.46
N THR A 121 -13.91 -20.49 -19.42
CA THR A 121 -13.58 -21.91 -19.40
C THR A 121 -13.64 -22.47 -17.98
N GLY A 122 -14.56 -23.40 -17.75
CA GLY A 122 -14.70 -23.99 -16.44
C GLY A 122 -15.91 -23.47 -15.70
N ASN A 123 -16.97 -24.28 -15.65
CA ASN A 123 -18.20 -23.88 -14.96
C ASN A 123 -18.39 -24.70 -13.69
N ASN A 124 -17.29 -25.07 -13.05
CA ASN A 124 -17.33 -25.85 -11.83
C ASN A 124 -17.00 -24.99 -10.61
N SER A 125 -17.59 -25.33 -9.48
CA SER A 125 -17.36 -24.59 -8.24
C SER A 125 -18.10 -25.23 -7.08
N GLN A 126 -17.66 -24.93 -5.86
CA GLN A 126 -18.28 -25.48 -4.66
C GLN A 126 -18.66 -24.37 -3.69
N VAL A 127 -19.96 -24.11 -3.57
CA VAL A 127 -20.46 -23.07 -2.67
C VAL A 127 -20.39 -23.52 -1.22
N SER A 128 -20.04 -22.59 -0.34
CA SER A 128 -19.94 -22.89 1.08
C SER A 128 -20.18 -21.64 1.93
N GLN A 129 -21.26 -21.67 2.70
CA GLN A 129 -21.62 -20.53 3.55
C GLN A 129 -20.60 -20.36 4.67
N ASN A 130 -20.70 -19.25 5.39
CA ASN A 130 -19.79 -18.96 6.49
C ASN A 130 -20.39 -19.39 7.83
N TYR A 131 -19.54 -19.87 8.72
CA TYR A 131 -19.98 -20.32 10.03
C TYR A 131 -20.54 -19.16 10.85
P1 PBU B . 0.35 6.42 15.64
P4 PBU B . -3.02 -0.35 12.49
P5 PBU B . 0.16 -1.11 14.91
C3' PBU B . 2.58 5.98 14.58
C2' PBU B . 2.14 6.20 13.12
O2' PBU B . 3.00 5.47 12.26
C1' PBU B . 2.19 7.70 12.71
O1' PBU B . 3.36 8.28 13.25
C1 PBU B . -0.76 3.76 15.03
O1 PBU B . 0.22 4.75 15.69
C2 PBU B . -2.09 3.52 15.81
O2 PBU B . -1.89 3.08 17.15
C3 PBU B . -2.97 2.48 15.07
O3 PBU B . -4.17 2.29 15.83
C4 PBU B . -2.19 1.13 14.85
O4 PBU B . -3.07 0.16 14.08
C5 PBU B . -0.86 1.42 14.05
O5 PBU B . -0.11 0.17 13.91
C6 PBU B . 0.04 2.47 14.77
O6 PBU B . 1.19 2.83 14.00
C7 PBU B . 2.50 4.28 11.69
O7 PBU B . 3.10 3.24 11.80
C8 PBU B . 1.16 4.31 10.92
C9 PBU B . 1.07 3.11 9.96
C10 PBU B . -0.39 2.94 9.49
C11 PBU B . 3.32 9.34 14.18
O11 PBU B . 2.52 10.26 14.13
C12 PBU B . 4.40 9.30 15.29
C13 PBU B . 4.91 10.70 15.70
C14 PBU B . 6.37 10.64 16.16
O41 PBU B . -4.22 -1.28 12.49
O42 PBU B . -3.19 0.90 11.66
O43 PBU B . -1.68 -1.01 12.20
O51 PBU B . -0.99 -2.01 14.49
O52 PBU B . 1.57 -1.55 14.55
O53 PBU B . 0.01 -0.51 16.29
OP1 PBU B . 1.80 6.74 15.48
OP2 PBU B . -0.50 6.78 14.42
OP3 PBU B . -0.15 6.87 16.98
H3'1 PBU B . 3.59 6.27 14.68
H3'2 PBU B . 2.47 4.96 14.79
H2' PBU B . 1.13 5.90 13.00
H1'1 PBU B . 2.25 7.79 11.67
H1'2 PBU B . 1.32 8.21 13.03
H1 PBU B . -1.11 4.19 14.09
H2 PBU B . -2.62 4.48 15.83
H02 PBU B . -1.33 2.34 17.26
H3 PBU B . -3.23 2.86 14.07
H03 PBU B . -3.97 1.88 16.67
H4 PBU B . -1.92 0.65 15.78
H5 PBU B . -1.18 1.81 13.09
H6 PBU B . 0.37 2.03 15.71
H06 PBU B . 1.87 2.18 14.05
H81 PBU B . 1.09 5.20 10.38
H82 PBU B . 0.37 4.26 11.62
H91 PBU B . 1.38 2.23 10.46
H92 PBU B . 1.69 3.28 9.13
H11 PBU B . -0.70 3.82 9.00
H12 PBU B . -1.01 2.75 10.31
H13 PBU B . -0.44 2.13 8.83
H121 PBU B . 4.00 8.83 16.13
H122 PBU B . 5.22 8.75 14.91
H131 PBU B . 4.84 11.34 14.87
H132 PBU B . 4.31 11.06 16.48
H141 PBU B . 6.96 10.23 15.39
H142 PBU B . 6.48 10.06 17.02
H143 PBU B . 6.71 11.62 16.38
N GLY A 1 2.17 23.27 3.59
CA GLY A 1 2.02 22.79 2.23
C GLY A 1 3.11 23.30 1.31
N ALA A 2 3.57 22.43 0.42
CA ALA A 2 4.62 22.80 -0.53
C ALA A 2 4.17 22.56 -1.97
N ARG A 3 5.03 22.90 -2.92
CA ARG A 3 4.72 22.73 -4.33
C ARG A 3 4.37 21.28 -4.64
N ALA A 4 5.25 20.36 -4.25
CA ALA A 4 5.02 18.94 -4.48
C ALA A 4 4.24 18.31 -3.32
N SER A 5 3.09 17.73 -3.63
CA SER A 5 2.26 17.10 -2.62
C SER A 5 2.04 15.63 -2.94
N VAL A 6 1.92 14.81 -1.89
CA VAL A 6 1.71 13.38 -2.05
C VAL A 6 0.32 13.10 -2.61
N LEU A 7 -0.70 13.63 -1.93
CA LEU A 7 -2.09 13.43 -2.35
C LEU A 7 -2.67 14.71 -2.93
N SER A 8 -3.44 14.58 -4.00
CA SER A 8 -4.05 15.73 -4.65
C SER A 8 -5.26 16.22 -3.85
N GLY A 9 -6.12 17.01 -4.51
CA GLY A 9 -7.30 17.52 -3.85
C GLY A 9 -8.30 16.44 -3.53
N GLY A 10 -8.76 15.74 -4.56
CA GLY A 10 -9.73 14.68 -4.36
C GLY A 10 -9.20 13.56 -3.48
N GLU A 11 -7.90 13.31 -3.57
CA GLU A 11 -7.27 12.25 -2.79
C GLU A 11 -7.16 12.66 -1.32
N LEU A 12 -7.00 13.96 -1.09
CA LEU A 12 -6.88 14.48 0.27
C LEU A 12 -8.16 14.21 1.07
N ASP A 13 -9.30 14.50 0.46
CA ASP A 13 -10.59 14.29 1.11
C ASP A 13 -10.85 12.80 1.33
N LYS A 14 -10.59 12.01 0.29
CA LYS A 14 -10.80 10.56 0.36
C LYS A 14 -9.79 9.92 1.32
N TRP A 15 -8.63 10.54 1.44
CA TRP A 15 -7.58 10.02 2.32
C TRP A 15 -8.05 10.01 3.77
N GLU A 16 -8.67 11.11 4.20
CA GLU A 16 -9.16 11.23 5.56
C GLU A 16 -10.41 10.37 5.77
N LYS A 17 -10.88 9.77 4.69
CA LYS A 17 -12.07 8.93 4.74
C LYS A 17 -11.69 7.45 4.90
N ILE A 18 -10.43 7.15 4.64
CA ILE A 18 -9.94 5.78 4.75
C ILE A 18 -9.64 5.42 6.21
N ARG A 19 -10.11 4.25 6.63
CA ARG A 19 -9.88 3.80 8.00
C ARG A 19 -8.62 2.95 8.09
N LEU A 20 -7.82 3.19 9.13
CA LEU A 20 -6.59 2.45 9.33
C LEU A 20 -6.87 0.96 9.54
N ARG A 21 -8.00 0.66 10.18
CA ARG A 21 -8.37 -0.72 10.44
C ARG A 21 -9.76 -1.02 9.87
N PRO A 22 -10.09 -2.31 9.74
CA PRO A 22 -11.37 -2.76 9.21
C PRO A 22 -12.53 -2.46 10.16
N GLY A 23 -12.27 -2.59 11.45
CA GLY A 23 -13.30 -2.33 12.45
C GLY A 23 -12.90 -1.23 13.42
N GLY A 24 -11.95 -0.41 13.01
CA GLY A 24 -11.49 0.68 13.87
C GLY A 24 -12.18 1.99 13.54
N LYS A 25 -11.81 3.04 14.27
CA LYS A 25 -12.41 4.36 14.06
C LYS A 25 -11.33 5.38 13.69
N LYS A 26 -10.07 4.97 13.81
CA LYS A 26 -8.94 5.85 13.48
C LYS A 26 -8.75 5.93 11.97
N GLN A 27 -9.16 7.05 11.39
CA GLN A 27 -9.02 7.26 9.95
C GLN A 27 -7.58 7.63 9.59
N TYR A 28 -7.34 7.88 8.31
CA TYR A 28 -6.01 8.25 7.83
C TYR A 28 -5.81 9.76 7.93
N LYS A 29 -4.64 10.16 8.44
CA LYS A 29 -4.31 11.57 8.58
C LYS A 29 -2.91 11.85 8.07
N LEU A 30 -2.61 13.13 7.83
CA LEU A 30 -1.30 13.53 7.33
C LEU A 30 -0.19 12.77 8.05
N LYS A 31 -0.35 12.59 9.36
CA LYS A 31 0.64 11.88 10.16
C LYS A 31 1.21 10.69 9.39
N HIS A 32 0.34 9.97 8.70
CA HIS A 32 0.76 8.81 7.92
C HIS A 32 1.41 9.24 6.60
N ILE A 33 0.89 10.24 5.90
CA ILE A 33 1.48 10.68 4.65
C ILE A 33 2.89 11.23 4.88
N VAL A 34 3.23 11.50 6.13
CA VAL A 34 4.55 12.03 6.48
C VAL A 34 5.40 10.95 7.15
N TRP A 35 4.76 10.10 7.93
CA TRP A 35 5.47 9.02 8.63
C TRP A 35 6.03 8.02 7.64
N ALA A 36 5.27 7.73 6.58
CA ALA A 36 5.68 6.78 5.56
C ALA A 36 6.89 7.31 4.78
N SER A 37 6.81 8.57 4.38
CA SER A 37 7.89 9.19 3.62
C SER A 37 9.17 9.26 4.45
N ARG A 38 9.01 9.61 5.73
CA ARG A 38 10.16 9.71 6.63
C ARG A 38 10.78 8.35 6.88
N GLU A 39 9.95 7.32 6.92
CA GLU A 39 10.42 5.96 7.15
C GLU A 39 11.10 5.40 5.90
N LEU A 40 10.58 5.76 4.73
CA LEU A 40 11.15 5.30 3.47
C LEU A 40 12.61 5.74 3.33
N GLU A 41 12.90 6.96 3.75
CA GLU A 41 14.25 7.50 3.67
C GLU A 41 15.20 6.69 4.55
N ARG A 42 14.66 6.08 5.60
CA ARG A 42 15.46 5.28 6.51
C ARG A 42 15.76 3.90 5.92
N PHE A 43 14.89 3.45 5.02
CA PHE A 43 15.07 2.16 4.38
C PHE A 43 15.76 2.31 3.03
N ALA A 44 16.55 3.37 2.89
CA ALA A 44 17.29 3.63 1.66
C ALA A 44 16.32 3.85 0.49
N VAL A 45 15.13 4.34 0.80
CA VAL A 45 14.12 4.59 -0.23
C VAL A 45 13.70 6.06 -0.24
N ASN A 46 13.66 6.64 -1.42
CA ASN A 46 13.27 8.05 -1.57
C ASN A 46 11.79 8.24 -1.28
N PRO A 47 11.47 9.29 -0.51
CA PRO A 47 10.09 9.61 -0.14
C PRO A 47 9.27 10.10 -1.33
N GLY A 48 9.95 10.37 -2.44
CA GLY A 48 9.27 10.84 -3.63
C GLY A 48 8.58 9.72 -4.39
N LEU A 49 9.00 8.49 -4.12
CA LEU A 49 8.41 7.33 -4.80
C LEU A 49 6.92 7.24 -4.53
N LEU A 50 6.49 7.76 -3.38
CA LEU A 50 5.08 7.74 -3.00
C LEU A 50 4.32 8.88 -3.69
N GLU A 51 5.05 9.72 -4.42
CA GLU A 51 4.45 10.84 -5.12
C GLU A 51 3.68 10.37 -6.34
N THR A 52 4.14 9.27 -6.93
CA THR A 52 3.50 8.70 -8.11
C THR A 52 3.05 7.27 -7.86
N SER A 53 1.82 6.96 -8.27
CA SER A 53 1.27 5.62 -8.10
C SER A 53 2.27 4.55 -8.56
N GLU A 54 2.90 4.80 -9.70
CA GLU A 54 3.88 3.86 -10.25
C GLU A 54 4.95 3.54 -9.22
N GLY A 55 5.42 4.56 -8.52
CA GLY A 55 6.45 4.36 -7.51
C GLY A 55 6.06 3.32 -6.48
N CYS A 56 4.84 3.44 -5.96
CA CYS A 56 4.35 2.51 -4.95
C CYS A 56 4.30 1.09 -5.51
N ARG A 57 3.94 0.96 -6.78
CA ARG A 57 3.85 -0.34 -7.43
C ARG A 57 5.16 -1.11 -7.28
N GLN A 58 6.27 -0.37 -7.25
CA GLN A 58 7.58 -1.00 -7.10
C GLN A 58 7.92 -1.24 -5.63
N ILE A 59 7.36 -0.42 -4.76
CA ILE A 59 7.59 -0.55 -3.32
C ILE A 59 6.87 -1.77 -2.76
N LEU A 60 5.60 -1.91 -3.13
CA LEU A 60 4.80 -3.04 -2.65
C LEU A 60 5.39 -4.36 -3.11
N GLY A 61 5.79 -4.42 -4.38
CA GLY A 61 6.38 -5.64 -4.92
C GLY A 61 7.69 -5.99 -4.26
N GLN A 62 8.25 -5.04 -3.52
CA GLN A 62 9.52 -5.26 -2.83
C GLN A 62 9.29 -5.73 -1.39
N LEU A 63 8.41 -5.02 -0.68
CA LEU A 63 8.10 -5.37 0.70
C LEU A 63 7.23 -6.61 0.77
N GLN A 64 6.39 -6.79 -0.24
CA GLN A 64 5.49 -7.95 -0.29
C GLN A 64 6.26 -9.24 0.02
N PRO A 65 7.28 -9.53 -0.81
CA PRO A 65 8.11 -10.73 -0.65
C PRO A 65 9.01 -10.65 0.59
N SER A 66 9.03 -9.49 1.21
CA SER A 66 9.85 -9.28 2.40
C SER A 66 8.99 -9.25 3.67
N LEU A 67 7.68 -9.45 3.49
CA LEU A 67 6.75 -9.44 4.60
C LEU A 67 7.09 -10.54 5.61
N GLN A 68 7.86 -11.52 5.16
CA GLN A 68 8.26 -12.64 6.03
C GLN A 68 9.35 -12.20 6.99
N THR A 69 10.36 -11.51 6.47
CA THR A 69 11.47 -11.04 7.29
C THR A 69 11.50 -9.51 7.35
N GLY A 70 10.32 -8.91 7.38
CA GLY A 70 10.24 -7.46 7.44
C GLY A 70 9.99 -6.95 8.85
N SER A 71 10.87 -6.08 9.33
CA SER A 71 10.75 -5.52 10.67
C SER A 71 9.42 -4.80 10.83
N GLU A 72 9.23 -4.18 11.99
CA GLU A 72 8.00 -3.45 12.28
C GLU A 72 7.77 -2.34 11.26
N GLU A 73 8.86 -1.69 10.85
CA GLU A 73 8.77 -0.60 9.88
C GLU A 73 8.17 -1.09 8.57
N LEU A 74 8.54 -2.31 8.17
CA LEU A 74 8.04 -2.89 6.93
C LEU A 74 6.54 -3.19 7.05
N ARG A 75 6.11 -3.60 8.23
CA ARG A 75 4.71 -3.92 8.47
C ARG A 75 3.84 -2.68 8.30
N SER A 76 4.23 -1.60 8.96
CA SER A 76 3.48 -0.34 8.90
C SER A 76 3.51 0.23 7.49
N LEU A 77 4.68 0.18 6.86
CA LEU A 77 4.84 0.70 5.51
C LEU A 77 3.82 0.06 4.56
N TYR A 78 3.83 -1.26 4.49
CA TYR A 78 2.91 -1.99 3.63
C TYR A 78 1.48 -1.50 3.82
N ASN A 79 1.12 -1.20 5.06
CA ASN A 79 -0.22 -0.73 5.39
C ASN A 79 -0.52 0.58 4.65
N THR A 80 0.28 1.61 4.95
CA THR A 80 0.09 2.91 4.31
C THR A 80 0.22 2.81 2.80
N ILE A 81 1.34 2.24 2.34
CA ILE A 81 1.59 2.09 0.91
C ILE A 81 0.39 1.48 0.22
N ALA A 82 -0.20 0.46 0.84
CA ALA A 82 -1.37 -0.20 0.27
C ALA A 82 -2.47 0.79 -0.06
N VAL A 83 -2.76 1.68 0.88
CA VAL A 83 -3.79 2.70 0.69
C VAL A 83 -3.33 3.79 -0.25
N LEU A 84 -2.16 4.36 0.04
CA LEU A 84 -1.60 5.42 -0.79
C LEU A 84 -1.59 5.02 -2.26
N TYR A 85 -1.35 3.74 -2.51
CA TYR A 85 -1.32 3.23 -3.88
C TYR A 85 -2.73 3.11 -4.45
N CYS A 86 -3.66 2.62 -3.64
CA CYS A 86 -5.04 2.45 -4.06
C CYS A 86 -5.68 3.81 -4.35
N VAL A 87 -5.33 4.81 -3.56
CA VAL A 87 -5.87 6.16 -3.72
C VAL A 87 -5.37 6.79 -5.02
N HIS A 88 -4.12 6.50 -5.37
CA HIS A 88 -3.52 7.04 -6.59
C HIS A 88 -4.09 6.36 -7.83
N GLN A 89 -4.44 5.08 -7.77
CA GLN A 89 -4.99 4.38 -8.92
C GLN A 89 -6.49 4.65 -9.05
N ARG A 90 -7.01 5.51 -8.18
CA ARG A 90 -8.43 5.84 -8.20
C ARG A 90 -9.28 4.66 -7.70
N ILE A 91 -8.79 3.98 -6.68
CA ILE A 91 -9.49 2.84 -6.10
C ILE A 91 -10.12 3.18 -4.76
N ASP A 92 -11.43 3.00 -4.65
CA ASP A 92 -12.13 3.29 -3.41
C ASP A 92 -12.03 2.12 -2.43
N VAL A 93 -11.17 2.27 -1.43
CA VAL A 93 -10.96 1.23 -0.44
C VAL A 93 -11.78 1.52 0.82
N LYS A 94 -12.22 0.45 1.48
CA LYS A 94 -13.01 0.57 2.71
C LYS A 94 -12.10 0.75 3.92
N ASP A 95 -10.97 0.08 3.92
CA ASP A 95 -10.01 0.17 5.02
C ASP A 95 -8.66 -0.42 4.62
N THR A 96 -7.65 -0.16 5.44
CA THR A 96 -6.31 -0.66 5.17
C THR A 96 -6.30 -2.17 4.96
N LYS A 97 -7.39 -2.81 5.38
CA LYS A 97 -7.53 -4.26 5.23
C LYS A 97 -7.91 -4.62 3.80
N GLU A 98 -9.05 -4.12 3.35
CA GLU A 98 -9.53 -4.39 2.00
C GLU A 98 -8.57 -3.83 0.96
N ALA A 99 -7.87 -2.76 1.32
CA ALA A 99 -6.92 -2.12 0.42
C ALA A 99 -5.76 -3.05 0.09
N LEU A 100 -5.40 -3.90 1.05
CA LEU A 100 -4.32 -4.86 0.85
C LEU A 100 -4.80 -6.08 0.08
N ASP A 101 -5.98 -6.57 0.43
CA ASP A 101 -6.55 -7.74 -0.24
C ASP A 101 -6.99 -7.40 -1.66
N LYS A 102 -7.29 -6.13 -1.88
CA LYS A 102 -7.73 -5.66 -3.19
C LYS A 102 -6.57 -5.64 -4.18
N ILE A 103 -5.43 -5.11 -3.74
CA ILE A 103 -4.24 -5.03 -4.57
C ILE A 103 -3.76 -6.41 -4.98
N GLU A 104 -3.96 -7.38 -4.09
CA GLU A 104 -3.53 -8.76 -4.35
C GLU A 104 -4.60 -9.50 -5.15
N GLU A 105 -5.86 -9.29 -4.78
CA GLU A 105 -6.97 -9.94 -5.46
C GLU A 105 -7.05 -9.51 -6.93
N GLU A 106 -6.55 -8.31 -7.20
CA GLU A 106 -6.57 -7.78 -8.56
C GLU A 106 -5.59 -8.54 -9.46
N GLN A 107 -4.40 -8.80 -8.94
CA GLN A 107 -3.38 -9.53 -9.68
C GLN A 107 -3.85 -10.94 -10.00
N ASN A 108 -4.67 -11.51 -9.12
CA ASN A 108 -5.19 -12.86 -9.31
C ASN A 108 -6.48 -12.84 -10.12
N LYS A 109 -7.19 -11.72 -10.06
CA LYS A 109 -8.45 -11.57 -10.78
C LYS A 109 -8.19 -11.44 -12.28
N SER A 110 -7.22 -10.61 -12.65
CA SER A 110 -6.87 -10.41 -14.05
C SER A 110 -6.59 -11.73 -14.75
N LYS A 111 -6.18 -12.73 -13.96
CA LYS A 111 -5.87 -14.04 -14.50
C LYS A 111 -7.12 -14.90 -14.59
N LYS A 112 -7.70 -15.23 -13.44
CA LYS A 112 -8.91 -16.05 -13.39
C LYS A 112 -9.93 -15.58 -14.41
N LYS A 113 -10.05 -14.26 -14.54
CA LYS A 113 -11.00 -13.67 -15.48
C LYS A 113 -10.77 -14.22 -16.89
N ALA A 114 -9.54 -14.11 -17.37
CA ALA A 114 -9.19 -14.61 -18.70
C ALA A 114 -9.85 -15.95 -18.98
N GLN A 115 -9.79 -16.85 -18.01
CA GLN A 115 -10.39 -18.18 -18.16
C GLN A 115 -11.42 -18.43 -17.07
N GLN A 116 -12.31 -17.46 -16.87
CA GLN A 116 -13.35 -17.59 -15.85
C GLN A 116 -14.60 -18.23 -16.44
N ALA A 117 -14.54 -18.59 -17.71
CA ALA A 117 -15.67 -19.21 -18.39
C ALA A 117 -15.44 -20.71 -18.58
N ALA A 118 -14.20 -21.07 -18.89
CA ALA A 118 -13.84 -22.48 -19.09
C ALA A 118 -13.10 -23.03 -17.89
N ALA A 119 -13.40 -22.50 -16.71
CA ALA A 119 -12.77 -22.95 -15.48
C ALA A 119 -13.76 -22.92 -14.31
N ASP A 120 -15.05 -23.00 -14.63
CA ASP A 120 -16.08 -22.98 -13.61
C ASP A 120 -16.10 -24.30 -12.84
N THR A 121 -16.11 -25.41 -13.57
CA THR A 121 -16.12 -26.73 -12.94
C THR A 121 -17.24 -26.83 -11.92
N GLY A 122 -17.18 -27.88 -11.09
CA GLY A 122 -18.19 -28.07 -10.07
C GLY A 122 -18.03 -27.12 -8.90
N ASN A 123 -17.03 -27.38 -8.07
CA ASN A 123 -16.77 -26.53 -6.90
C ASN A 123 -15.34 -26.74 -6.39
N ASN A 124 -14.71 -25.65 -5.98
CA ASN A 124 -13.34 -25.71 -5.48
C ASN A 124 -13.09 -24.60 -4.45
N SER A 125 -14.07 -24.40 -3.56
CA SER A 125 -13.96 -23.37 -2.54
C SER A 125 -14.81 -23.72 -1.32
N GLN A 126 -14.30 -24.62 -0.49
CA GLN A 126 -15.01 -25.04 0.71
C GLN A 126 -14.11 -24.98 1.94
N VAL A 127 -14.05 -23.80 2.55
CA VAL A 127 -13.23 -23.59 3.74
C VAL A 127 -14.07 -23.16 4.93
N SER A 128 -13.75 -23.71 6.09
CA SER A 128 -14.49 -23.39 7.32
C SER A 128 -14.43 -21.89 7.60
N GLN A 129 -15.59 -21.28 7.80
CA GLN A 129 -15.68 -19.85 8.08
C GLN A 129 -15.31 -19.57 9.53
N ASN A 130 -14.39 -18.63 9.73
CA ASN A 130 -13.95 -18.26 11.07
C ASN A 130 -14.18 -16.77 11.33
N TYR A 131 -15.42 -16.42 11.66
CA TYR A 131 -15.77 -15.03 11.93
C TYR A 131 -15.53 -14.68 13.39
P1 PBU B . 0.89 6.04 15.40
P4 PBU B . -4.82 -0.39 16.02
P5 PBU B . -0.13 -0.89 12.91
C3' PBU B . 3.01 5.55 14.16
C2' PBU B . 2.50 5.96 12.76
O2' PBU B . 3.32 5.33 11.78
C1' PBU B . 2.53 7.49 12.55
O1' PBU B . 3.56 8.05 13.34
C1 PBU B . -0.64 3.58 15.01
O1 PBU B . 0.62 4.40 15.29
C2 PBU B . -1.73 3.62 16.14
O2 PBU B . -1.23 3.23 17.42
C3 PBU B . -2.93 2.72 15.77
O3 PBU B . -3.88 2.80 16.85
C4 PBU B . -2.47 1.23 15.51
O4 PBU B . -3.67 0.40 15.10
C5 PBU B . -1.39 1.24 14.36
O5 PBU B . -0.92 -0.14 14.16
C6 PBU B . -0.17 2.14 14.70
O6 PBU B . 0.76 2.24 13.61
C7 PBU B . 2.87 4.13 11.21
O7 PBU B . 3.52 3.11 11.33
C8 PBU B . 1.52 4.09 10.47
C9 PBU B . 1.56 3.03 9.35
C10 PBU B . 0.15 2.88 8.73
C11 PBU B . 3.29 8.89 14.43
O11 PBU B . 2.23 9.46 14.62
C12 PBU B . 4.47 9.14 15.41
C13 PBU B . 4.90 10.62 15.50
C14 PBU B . 3.95 11.41 16.43
O41 PBU B . -4.59 -1.81 15.52
O42 PBU B . -4.41 -0.17 17.46
O43 PBU B . -6.20 0.20 15.75
O51 PBU B . -0.45 -2.34 13.23
O52 PBU B . -0.77 -0.29 11.67
O53 PBU B . 1.31 -0.51 13.14
OP1 PBU B . 2.35 6.28 15.18
OP2 PBU B . 0.00 6.60 14.29
OP3 PBU B . 0.52 6.40 16.82
H3'1 PBU B . 4.04 5.75 14.21
H3'2 PBU B . 2.83 4.52 14.27
H2' PBU B . 1.49 5.67 12.66
H1'1 PBU B . 2.78 7.71 11.54
H1'2 PBU B . 1.60 7.92 12.75
H1 PBU B . -1.17 4.01 14.16
H2 PBU B . -2.06 4.66 16.21
H02 PBU B . -0.79 2.41 17.46
H3 PBU B . -3.40 3.08 14.85
H03 PBU B . -3.52 2.40 17.64
H4 PBU B . -2.03 0.76 16.38
H5 PBU B . -1.89 1.62 13.47
H6 PBU B . 0.35 1.71 15.54
H06 PBU B . 1.32 1.48 13.55
H81 PBU B . 1.33 5.02 10.05
H82 PBU B . 0.76 3.85 11.15
H91 PBU B . 1.87 2.11 9.76
H92 PBU B . 2.23 3.32 8.60
H11 PBU B . -0.15 3.80 8.34
H12 PBU B . -0.52 2.56 9.48
H13 PBU B . 0.19 2.16 7.97
H121 PBU B . 4.19 8.81 16.36
H122 PBU B . 5.29 8.58 15.06
H131 PBU B . 5.87 10.66 15.89
H132 PBU B . 4.87 11.04 14.54
H141 PBU B . 3.94 10.95 17.37
H142 PBU B . 2.98 11.43 16.04
H143 PBU B . 4.30 12.40 16.51
N GLY A 1 12.07 13.93 -6.24
CA GLY A 1 12.18 14.26 -4.83
C GLY A 1 12.37 15.75 -4.60
N ALA A 2 11.28 16.50 -4.62
CA ALA A 2 11.34 17.94 -4.41
C ALA A 2 10.08 18.45 -3.72
N ARG A 3 10.04 19.75 -3.45
CA ARG A 3 8.90 20.36 -2.79
C ARG A 3 7.60 20.00 -3.51
N ALA A 4 6.82 19.11 -2.91
CA ALA A 4 5.55 18.68 -3.50
C ALA A 4 4.68 17.96 -2.47
N SER A 5 3.53 17.48 -2.92
CA SER A 5 2.61 16.77 -2.03
C SER A 5 2.41 15.33 -2.51
N VAL A 6 2.08 14.45 -1.55
CA VAL A 6 1.86 13.04 -1.87
C VAL A 6 0.49 12.83 -2.49
N LEU A 7 -0.55 13.34 -1.83
CA LEU A 7 -1.92 13.20 -2.32
C LEU A 7 -2.46 14.55 -2.79
N SER A 8 -3.15 14.54 -3.93
CA SER A 8 -3.72 15.76 -4.47
C SER A 8 -4.95 16.19 -3.67
N GLY A 9 -5.70 17.16 -4.20
CA GLY A 9 -6.89 17.65 -3.52
C GLY A 9 -7.93 16.57 -3.34
N GLY A 10 -8.44 16.05 -4.45
CA GLY A 10 -9.45 15.01 -4.37
C GLY A 10 -8.99 13.80 -3.58
N GLU A 11 -7.69 13.49 -3.68
CA GLU A 11 -7.13 12.35 -2.97
C GLU A 11 -7.03 12.63 -1.48
N LEU A 12 -6.69 13.86 -1.13
CA LEU A 12 -6.56 14.27 0.26
C LEU A 12 -7.85 13.99 1.03
N ASP A 13 -8.97 14.47 0.48
CA ASP A 13 -10.27 14.27 1.11
C ASP A 13 -10.55 12.79 1.35
N LYS A 14 -10.53 12.01 0.27
CA LYS A 14 -10.77 10.57 0.37
C LYS A 14 -9.81 9.92 1.35
N TRP A 15 -8.55 10.32 1.30
CA TRP A 15 -7.53 9.77 2.19
C TRP A 15 -7.99 9.84 3.64
N GLU A 16 -8.54 10.99 4.05
CA GLU A 16 -9.01 11.18 5.40
C GLU A 16 -10.28 10.38 5.65
N LYS A 17 -10.93 9.95 4.57
CA LYS A 17 -12.16 9.17 4.66
C LYS A 17 -11.84 7.69 4.82
N ILE A 18 -10.57 7.34 4.68
CA ILE A 18 -10.15 5.95 4.82
C ILE A 18 -9.84 5.60 6.27
N ARG A 19 -10.31 4.44 6.71
CA ARG A 19 -10.08 3.99 8.08
C ARG A 19 -8.87 3.07 8.15
N LEU A 20 -8.07 3.25 9.20
CA LEU A 20 -6.87 2.44 9.40
C LEU A 20 -7.23 0.96 9.51
N ARG A 21 -8.38 0.69 10.11
CA ARG A 21 -8.84 -0.69 10.28
C ARG A 21 -10.24 -0.87 9.71
N PRO A 22 -10.64 -2.14 9.50
CA PRO A 22 -11.96 -2.47 8.96
C PRO A 22 -13.08 -2.18 9.95
N GLY A 23 -12.78 -2.34 11.23
CA GLY A 23 -13.78 -2.10 12.26
C GLY A 23 -13.34 -1.03 13.26
N GLY A 24 -12.49 -0.12 12.80
CA GLY A 24 -12.00 0.94 13.66
C GLY A 24 -12.64 2.29 13.35
N LYS A 25 -12.22 3.32 14.06
CA LYS A 25 -12.74 4.67 13.85
C LYS A 25 -11.62 5.65 13.57
N LYS A 26 -10.38 5.18 13.66
CA LYS A 26 -9.22 6.02 13.40
C LYS A 26 -8.98 6.19 11.91
N GLN A 27 -9.41 7.33 11.37
CA GLN A 27 -9.24 7.60 9.95
C GLN A 27 -7.78 7.87 9.62
N TYR A 28 -7.50 8.04 8.33
CA TYR A 28 -6.13 8.29 7.87
C TYR A 28 -5.83 9.79 7.89
N LYS A 29 -4.59 10.12 8.26
CA LYS A 29 -4.16 11.52 8.33
C LYS A 29 -2.77 11.68 7.71
N LEU A 30 -2.40 12.94 7.44
CA LEU A 30 -1.10 13.23 6.85
C LEU A 30 0.01 12.53 7.62
N LYS A 31 -0.14 12.45 8.93
CA LYS A 31 0.85 11.80 9.78
C LYS A 31 1.24 10.44 9.22
N HIS A 32 0.24 9.61 8.92
CA HIS A 32 0.47 8.29 8.38
C HIS A 32 1.24 8.37 7.06
N ILE A 33 1.03 9.39 6.23
CA ILE A 33 1.74 9.51 4.97
C ILE A 33 3.19 9.91 5.19
N VAL A 34 3.39 11.16 5.62
CA VAL A 34 4.74 11.66 5.88
C VAL A 34 5.56 10.66 6.66
N TRP A 35 4.90 9.93 7.56
CA TRP A 35 5.58 8.93 8.37
C TRP A 35 6.34 7.93 7.51
N ALA A 36 5.62 7.27 6.61
CA ALA A 36 6.23 6.29 5.72
C ALA A 36 7.38 6.91 4.93
N SER A 37 7.21 8.17 4.56
CA SER A 37 8.24 8.88 3.78
C SER A 37 9.52 9.01 4.59
N ARG A 38 9.39 9.25 5.89
CA ARG A 38 10.54 9.39 6.76
C ARG A 38 11.22 8.05 6.99
N GLU A 39 10.44 6.97 6.90
CA GLU A 39 10.97 5.63 7.10
C GLU A 39 11.67 5.12 5.85
N LEU A 40 11.26 5.65 4.69
CA LEU A 40 11.84 5.25 3.42
C LEU A 40 13.13 6.03 3.15
N GLU A 41 13.15 7.29 3.58
CA GLU A 41 14.32 8.14 3.37
C GLU A 41 15.49 7.66 4.23
N ARG A 42 15.18 6.91 5.27
CA ARG A 42 16.21 6.38 6.17
C ARG A 42 16.68 5.00 5.72
N PHE A 43 15.78 4.27 5.06
CA PHE A 43 16.10 2.94 4.58
C PHE A 43 16.99 2.99 3.35
N ALA A 44 16.48 3.58 2.27
CA ALA A 44 17.24 3.71 1.04
C ALA A 44 16.32 4.06 -0.13
N VAL A 45 15.13 4.53 0.18
CA VAL A 45 14.15 4.91 -0.84
C VAL A 45 13.72 6.36 -0.68
N ASN A 46 13.48 7.03 -1.80
CA ASN A 46 13.05 8.43 -1.78
C ASN A 46 11.56 8.54 -1.48
N PRO A 47 11.19 9.52 -0.65
CA PRO A 47 9.80 9.75 -0.27
C PRO A 47 8.96 10.28 -1.43
N GLY A 48 9.61 10.60 -2.53
CA GLY A 48 8.92 11.11 -3.70
C GLY A 48 8.22 10.01 -4.48
N LEU A 49 8.73 8.79 -4.35
CA LEU A 49 8.14 7.66 -5.07
C LEU A 49 6.70 7.43 -4.64
N LEU A 50 6.35 7.92 -3.45
CA LEU A 50 5.00 7.78 -2.93
C LEU A 50 4.05 8.80 -3.56
N GLU A 51 4.63 9.79 -4.23
CA GLU A 51 3.84 10.83 -4.88
C GLU A 51 3.19 10.30 -6.16
N THR A 52 3.84 9.31 -6.78
CA THR A 52 3.33 8.73 -8.01
C THR A 52 2.95 7.26 -7.79
N SER A 53 1.72 6.91 -8.19
CA SER A 53 1.23 5.56 -8.04
C SER A 53 2.25 4.55 -8.56
N GLU A 54 2.91 4.89 -9.66
CA GLU A 54 3.91 4.02 -10.27
C GLU A 54 5.01 3.68 -9.25
N GLY A 55 5.38 4.65 -8.43
CA GLY A 55 6.41 4.42 -7.43
C GLY A 55 5.97 3.45 -6.36
N CYS A 56 4.76 3.64 -5.85
CA CYS A 56 4.22 2.77 -4.81
C CYS A 56 4.10 1.33 -5.31
N ARG A 57 3.98 1.18 -6.62
CA ARG A 57 3.85 -0.14 -7.23
C ARG A 57 5.13 -0.95 -7.06
N GLN A 58 6.27 -0.26 -7.16
CA GLN A 58 7.57 -0.91 -7.03
C GLN A 58 7.88 -1.20 -5.57
N ILE A 59 7.36 -0.35 -4.68
CA ILE A 59 7.59 -0.52 -3.25
C ILE A 59 6.88 -1.76 -2.72
N LEU A 60 5.59 -1.87 -3.03
CA LEU A 60 4.80 -3.02 -2.59
C LEU A 60 5.38 -4.32 -3.12
N GLY A 61 5.72 -4.34 -4.40
CA GLY A 61 6.28 -5.53 -5.01
C GLY A 61 7.68 -5.84 -4.51
N GLN A 62 8.36 -4.80 -4.01
CA GLN A 62 9.71 -4.97 -3.49
C GLN A 62 9.70 -5.54 -2.08
N LEU A 63 8.81 -5.01 -1.25
CA LEU A 63 8.68 -5.47 0.13
C LEU A 63 7.92 -6.79 0.20
N GLN A 64 7.09 -7.04 -0.80
CA GLN A 64 6.30 -8.26 -0.85
C GLN A 64 7.03 -9.41 -0.16
N PRO A 65 8.23 -9.74 -0.66
CA PRO A 65 9.05 -10.82 -0.10
C PRO A 65 9.62 -10.47 1.27
N SER A 66 10.19 -9.27 1.37
CA SER A 66 10.77 -8.81 2.62
C SER A 66 9.77 -8.93 3.77
N LEU A 67 8.49 -9.05 3.42
CA LEU A 67 7.44 -9.18 4.41
C LEU A 67 7.59 -10.46 5.22
N GLN A 68 8.27 -11.44 4.63
CA GLN A 68 8.48 -12.72 5.29
C GLN A 68 9.06 -12.52 6.69
N THR A 69 10.03 -11.62 6.81
CA THR A 69 10.66 -11.33 8.08
C THR A 69 10.82 -9.82 8.30
N GLY A 70 9.80 -9.07 7.92
CA GLY A 70 9.86 -7.62 8.07
C GLY A 70 9.43 -7.17 9.45
N SER A 71 10.22 -6.29 10.05
CA SER A 71 9.92 -5.79 11.39
C SER A 71 8.67 -4.90 11.37
N GLU A 72 8.41 -4.24 12.49
CA GLU A 72 7.25 -3.37 12.60
C GLU A 72 7.31 -2.23 11.60
N GLU A 73 8.53 -1.84 11.24
CA GLU A 73 8.74 -0.75 10.29
C GLU A 73 8.33 -1.17 8.88
N LEU A 74 8.86 -2.32 8.45
CA LEU A 74 8.55 -2.84 7.11
C LEU A 74 7.08 -3.22 7.01
N ARG A 75 6.54 -3.81 8.07
CA ARG A 75 5.14 -4.21 8.09
C ARG A 75 4.22 -3.01 7.94
N SER A 76 4.38 -2.03 8.82
CA SER A 76 3.57 -0.83 8.79
C SER A 76 3.57 -0.20 7.40
N LEU A 77 4.74 -0.19 6.77
CA LEU A 77 4.89 0.38 5.43
C LEU A 77 3.93 -0.28 4.45
N TYR A 78 4.03 -1.59 4.32
CA TYR A 78 3.16 -2.34 3.43
C TYR A 78 1.70 -1.95 3.63
N ASN A 79 1.29 -1.82 4.89
CA ASN A 79 -0.08 -1.44 5.21
C ASN A 79 -0.42 -0.08 4.63
N THR A 80 0.26 0.95 5.10
CA THR A 80 0.03 2.32 4.64
C THR A 80 0.09 2.39 3.11
N ILE A 81 1.20 1.91 2.54
CA ILE A 81 1.39 1.93 1.10
C ILE A 81 0.18 1.34 0.39
N ALA A 82 -0.38 0.27 0.96
CA ALA A 82 -1.54 -0.38 0.37
C ALA A 82 -2.69 0.61 0.15
N VAL A 83 -2.87 1.51 1.11
CA VAL A 83 -3.92 2.52 1.02
C VAL A 83 -3.50 3.67 0.11
N LEU A 84 -2.33 4.24 0.39
CA LEU A 84 -1.81 5.35 -0.39
C LEU A 84 -1.78 5.00 -1.89
N TYR A 85 -1.42 3.75 -2.18
CA TYR A 85 -1.34 3.29 -3.56
C TYR A 85 -2.74 3.19 -4.18
N CYS A 86 -3.66 2.58 -3.43
CA CYS A 86 -5.03 2.42 -3.90
C CYS A 86 -5.65 3.77 -4.26
N VAL A 87 -5.43 4.76 -3.40
CA VAL A 87 -5.96 6.10 -3.61
C VAL A 87 -5.58 6.62 -4.99
N HIS A 88 -4.32 6.43 -5.36
CA HIS A 88 -3.83 6.89 -6.66
C HIS A 88 -4.49 6.11 -7.79
N GLN A 89 -4.71 4.81 -7.65
CA GLN A 89 -5.34 4.02 -8.71
C GLN A 89 -6.82 4.34 -8.81
N ARG A 90 -7.28 5.30 -8.02
CA ARG A 90 -8.68 5.70 -8.02
C ARG A 90 -9.49 4.82 -7.09
N ILE A 91 -8.82 3.89 -6.41
CA ILE A 91 -9.49 2.99 -5.48
C ILE A 91 -9.80 3.69 -4.16
N ASP A 92 -11.05 3.57 -3.72
CA ASP A 92 -11.48 4.19 -2.46
C ASP A 92 -11.73 3.13 -1.39
N VAL A 93 -10.77 2.22 -1.24
CA VAL A 93 -10.88 1.15 -0.25
C VAL A 93 -11.61 1.64 1.00
N LYS A 94 -12.56 0.85 1.47
CA LYS A 94 -13.34 1.21 2.65
C LYS A 94 -12.45 1.20 3.90
N ASP A 95 -11.38 0.42 3.85
CA ASP A 95 -10.45 0.33 4.97
C ASP A 95 -9.12 -0.28 4.52
N THR A 96 -8.10 -0.17 5.37
CA THR A 96 -6.78 -0.71 5.06
C THR A 96 -6.84 -2.21 4.83
N LYS A 97 -7.97 -2.82 5.21
CA LYS A 97 -8.15 -4.26 5.04
C LYS A 97 -8.46 -4.59 3.59
N GLU A 98 -9.51 -3.98 3.05
CA GLU A 98 -9.91 -4.22 1.67
C GLU A 98 -8.81 -3.80 0.70
N ALA A 99 -7.90 -2.95 1.18
CA ALA A 99 -6.79 -2.47 0.36
C ALA A 99 -5.74 -3.56 0.16
N LEU A 100 -5.35 -4.20 1.26
CA LEU A 100 -4.35 -5.27 1.21
C LEU A 100 -4.83 -6.43 0.34
N ASP A 101 -6.13 -6.70 0.41
CA ASP A 101 -6.73 -7.79 -0.36
C ASP A 101 -6.58 -7.53 -1.86
N LYS A 102 -6.68 -6.26 -2.25
CA LYS A 102 -6.56 -5.88 -3.65
C LYS A 102 -5.13 -6.02 -4.13
N ILE A 103 -4.18 -5.93 -3.20
CA ILE A 103 -2.76 -6.05 -3.53
C ILE A 103 -2.40 -7.50 -3.85
N GLU A 104 -3.09 -8.44 -3.21
CA GLU A 104 -2.84 -9.85 -3.44
C GLU A 104 -3.63 -10.36 -4.63
N GLU A 105 -4.91 -10.05 -4.67
CA GLU A 105 -5.78 -10.48 -5.75
C GLU A 105 -5.20 -10.08 -7.11
N GLU A 106 -4.53 -8.93 -7.14
CA GLU A 106 -3.92 -8.44 -8.36
C GLU A 106 -2.89 -9.42 -8.90
N GLN A 107 -2.11 -10.01 -8.00
CA GLN A 107 -1.09 -10.97 -8.38
C GLN A 107 -1.72 -12.30 -8.80
N ASN A 108 -2.71 -12.74 -8.03
CA ASN A 108 -3.40 -14.00 -8.32
C ASN A 108 -4.02 -13.97 -9.71
N LYS A 109 -4.52 -12.81 -10.11
CA LYS A 109 -5.14 -12.65 -11.41
C LYS A 109 -4.14 -12.93 -12.53
N SER A 110 -2.85 -12.81 -12.21
CA SER A 110 -1.79 -13.05 -13.18
C SER A 110 -1.01 -14.32 -12.83
N LYS A 111 -1.57 -15.12 -11.94
CA LYS A 111 -0.92 -16.36 -11.52
C LYS A 111 -1.09 -17.44 -12.58
N LYS A 112 -2.24 -17.45 -13.23
CA LYS A 112 -2.53 -18.43 -14.27
C LYS A 112 -1.43 -18.43 -15.33
N LYS A 113 -0.83 -17.27 -15.55
CA LYS A 113 0.23 -17.13 -16.53
C LYS A 113 1.59 -17.03 -15.86
N ALA A 114 1.71 -16.11 -14.91
CA ALA A 114 2.95 -15.92 -14.18
C ALA A 114 4.08 -15.50 -15.11
N GLN A 115 3.94 -14.34 -15.74
CA GLN A 115 4.94 -13.84 -16.67
C GLN A 115 5.73 -12.69 -16.05
N GLN A 116 5.01 -11.69 -15.54
CA GLN A 116 5.65 -10.54 -14.92
C GLN A 116 6.29 -10.91 -13.60
N ALA A 117 5.75 -11.95 -12.95
CA ALA A 117 6.27 -12.41 -11.67
C ALA A 117 7.78 -12.63 -11.75
N ALA A 118 8.24 -13.17 -12.87
CA ALA A 118 9.66 -13.43 -13.06
C ALA A 118 10.40 -12.16 -13.46
N ALA A 119 11.65 -12.31 -13.90
CA ALA A 119 12.47 -11.18 -14.30
C ALA A 119 12.81 -10.29 -13.11
N ASP A 120 12.80 -10.87 -11.92
CA ASP A 120 13.10 -10.12 -10.70
C ASP A 120 14.30 -10.74 -9.98
N THR A 121 15.31 -11.14 -10.75
CA THR A 121 16.51 -11.74 -10.18
C THR A 121 17.51 -10.67 -9.77
N GLY A 122 17.35 -10.14 -8.56
CA GLY A 122 18.24 -9.12 -8.06
C GLY A 122 19.08 -9.60 -6.90
N ASN A 123 20.05 -8.78 -6.48
CA ASN A 123 20.92 -9.13 -5.37
C ASN A 123 20.93 -8.02 -4.32
N ASN A 124 21.04 -6.78 -4.79
CA ASN A 124 21.06 -5.63 -3.89
C ASN A 124 19.87 -5.65 -2.95
N SER A 125 19.89 -4.76 -1.96
CA SER A 125 18.81 -4.67 -0.98
C SER A 125 18.68 -5.97 -0.19
N GLN A 126 19.72 -6.30 0.57
CA GLN A 126 19.72 -7.52 1.37
C GLN A 126 19.84 -7.19 2.86
N VAL A 127 18.71 -7.31 3.57
CA VAL A 127 18.69 -7.03 5.00
C VAL A 127 17.65 -7.89 5.71
N SER A 128 18.06 -8.51 6.82
CA SER A 128 17.17 -9.35 7.59
C SER A 128 17.73 -9.61 8.99
N GLN A 129 17.07 -10.48 9.74
CA GLN A 129 17.49 -10.82 11.09
C GLN A 129 17.69 -9.56 11.92
N ASN A 130 16.92 -8.52 11.62
CA ASN A 130 17.01 -7.26 12.33
C ASN A 130 16.70 -7.45 13.82
N TYR A 131 17.74 -7.41 14.63
CA TYR A 131 17.59 -7.57 16.08
C TYR A 131 17.43 -6.23 16.77
P1 PBU B . 0.74 6.08 15.51
P4 PBU B . -4.60 -0.78 15.01
P5 PBU B . -0.86 -1.34 12.79
C3' PBU B . 2.96 5.67 14.40
C2' PBU B . 2.52 6.08 12.97
O2' PBU B . 3.35 5.41 12.04
C1' PBU B . 2.66 7.61 12.74
O1' PBU B . 3.89 8.05 13.29
C1 PBU B . -0.64 3.57 14.85
O1 PBU B . 0.53 4.42 15.36
C2 PBU B . -1.91 3.55 15.76
O2 PBU B . -1.63 3.14 17.10
C3 PBU B . -2.99 2.62 15.17
O3 PBU B . -4.13 2.65 16.05
C4 PBU B . -2.44 1.16 14.96
O4 PBU B . -3.53 0.30 14.33
C5 PBU B . -1.17 1.22 14.03
O5 PBU B . -0.62 -0.13 13.89
C6 PBU B . -0.06 2.15 14.60
O6 PBU B . 1.04 2.30 13.70
C7 PBU B . 2.84 4.21 11.46
O7 PBU B . 3.47 3.18 11.55
C8 PBU B . 1.48 4.23 10.74
C9 PBU B . 1.41 3.09 9.71
C10 PBU B . -0.05 2.89 9.26
C11 PBU B . 3.95 9.02 14.31
O11 PBU B . 4.31 8.79 15.45
C12 PBU B . 3.44 10.43 13.92
C13 PBU B . 4.54 11.51 13.96
C14 PBU B . 4.18 12.70 13.06
O41 PBU B . -4.71 -1.76 13.85
O42 PBU B . -3.91 -1.33 16.23
O43 PBU B . -5.88 -0.06 15.38
O51 PBU B . -1.11 -2.51 13.72
O52 PBU B . -2.03 -0.83 11.96
O53 PBU B . 0.46 -1.40 12.06
OP1 PBU B . 2.21 6.36 15.38
OP2 PBU B . -0.10 6.62 14.34
OP3 PBU B . 0.26 6.39 16.90
H3'1 PBU B . 3.97 5.89 14.52
H3'2 PBU B . 2.79 4.62 14.48
H2' PBU B . 1.51 5.84 12.83
H1'1 PBU B . 2.68 7.82 11.71
H1'2 PBU B . 1.84 8.12 13.15
H1 PBU B . -1.01 4.01 13.92
H2 PBU B . -2.29 4.57 15.79
H02 PBU B . -1.18 2.34 17.21
H3 PBU B . -3.29 2.99 14.19
H03 PBU B . -3.91 2.25 16.90
H4 PBU B . -2.15 0.68 15.89
H5 PBU B . -1.52 1.61 13.07
H6 PBU B . 0.30 1.72 15.51
H06 PBU B . 1.62 1.57 13.72
H81 PBU B . 1.34 5.15 10.26
H82 PBU B . 0.72 4.08 11.45
H91 PBU B . 1.77 2.20 10.14
H92 PBU B . 1.99 3.33 8.87
H11 PBU B . -0.41 3.78 8.84
H12 PBU B . -0.64 2.62 10.09
H13 PBU B . -0.09 2.12 8.55
H121 PBU B . 3.05 10.39 12.94
H122 PBU B . 2.69 10.70 14.61
H131 PBU B . 4.65 11.85 14.95
H132 PBU B . 5.44 11.09 13.64
H141 PBU B . 3.25 13.09 13.36
H142 PBU B . 4.13 12.41 12.06
H143 PBU B . 4.92 13.44 13.16
N GLY A 1 8.73 23.24 -12.41
CA GLY A 1 8.13 24.47 -11.91
C GLY A 1 6.79 24.24 -11.25
N ALA A 2 6.75 23.36 -10.26
CA ALA A 2 5.51 23.05 -9.56
C ALA A 2 5.79 22.54 -8.15
N ARG A 3 4.75 22.10 -7.46
CA ARG A 3 4.88 21.58 -6.11
C ARG A 3 4.80 20.06 -6.09
N ALA A 4 5.72 19.43 -5.37
CA ALA A 4 5.76 17.98 -5.27
C ALA A 4 5.08 17.50 -4.00
N SER A 5 3.81 17.11 -4.11
CA SER A 5 3.05 16.63 -2.96
C SER A 5 2.71 15.15 -3.11
N VAL A 6 2.23 14.54 -2.03
CA VAL A 6 1.86 13.14 -2.04
C VAL A 6 0.45 12.93 -2.60
N LEU A 7 -0.53 13.49 -1.91
CA LEU A 7 -1.93 13.38 -2.33
C LEU A 7 -2.48 14.73 -2.75
N SER A 8 -3.19 14.76 -3.87
CA SER A 8 -3.77 15.99 -4.38
C SER A 8 -5.04 16.34 -3.61
N GLY A 9 -5.81 17.29 -4.15
CA GLY A 9 -7.05 17.70 -3.50
C GLY A 9 -8.04 16.57 -3.37
N GLY A 10 -8.49 16.04 -4.50
CA GLY A 10 -9.44 14.95 -4.49
C GLY A 10 -8.94 13.75 -3.70
N GLU A 11 -7.65 13.45 -3.85
CA GLU A 11 -7.06 12.31 -3.15
C GLU A 11 -7.05 12.54 -1.65
N LEU A 12 -6.77 13.77 -1.24
CA LEU A 12 -6.72 14.13 0.18
C LEU A 12 -8.03 13.75 0.86
N ASP A 13 -9.15 14.19 0.29
CA ASP A 13 -10.46 13.90 0.85
C ASP A 13 -10.66 12.39 1.01
N LYS A 14 -10.52 11.67 -0.09
CA LYS A 14 -10.69 10.22 -0.08
C LYS A 14 -9.72 9.57 0.91
N TRP A 15 -8.55 10.18 1.08
CA TRP A 15 -7.55 9.67 2.00
C TRP A 15 -8.03 9.74 3.44
N GLU A 16 -8.57 10.91 3.82
CA GLU A 16 -9.06 11.11 5.17
C GLU A 16 -10.23 10.18 5.48
N LYS A 17 -10.83 9.63 4.42
CA LYS A 17 -11.95 8.72 4.58
C LYS A 17 -11.49 7.37 5.12
N ILE A 18 -10.73 6.63 4.31
CA ILE A 18 -10.22 5.33 4.72
C ILE A 18 -9.66 5.38 6.14
N ARG A 19 -9.83 4.28 6.86
CA ARG A 19 -9.34 4.20 8.24
C ARG A 19 -8.24 3.15 8.36
N LEU A 20 -7.44 3.26 9.42
CA LEU A 20 -6.35 2.32 9.64
C LEU A 20 -6.88 0.91 9.85
N ARG A 21 -8.02 0.80 10.52
CA ARG A 21 -8.63 -0.51 10.77
C ARG A 21 -10.06 -0.54 10.25
N PRO A 22 -10.57 -1.76 10.00
CA PRO A 22 -11.93 -1.96 9.49
C PRO A 22 -12.99 -1.62 10.53
N GLY A 23 -12.75 -2.03 11.77
CA GLY A 23 -13.70 -1.76 12.83
C GLY A 23 -13.20 -0.70 13.81
N GLY A 24 -12.42 0.24 13.29
CA GLY A 24 -11.88 1.30 14.13
C GLY A 24 -12.52 2.64 13.85
N LYS A 25 -12.15 3.66 14.62
CA LYS A 25 -12.69 5.00 14.45
C LYS A 25 -11.60 5.97 14.01
N LYS A 26 -10.37 5.50 13.98
CA LYS A 26 -9.24 6.32 13.57
C LYS A 26 -9.08 6.33 12.05
N GLN A 27 -9.40 7.47 11.44
CA GLN A 27 -9.30 7.60 9.99
C GLN A 27 -7.88 7.96 9.58
N TYR A 28 -7.61 7.90 8.28
CA TYR A 28 -6.29 8.23 7.76
C TYR A 28 -6.04 9.73 7.80
N LYS A 29 -4.80 10.11 8.11
CA LYS A 29 -4.43 11.51 8.18
C LYS A 29 -3.05 11.74 7.57
N LEU A 30 -2.71 13.01 7.36
CA LEU A 30 -1.41 13.36 6.78
C LEU A 30 -0.28 12.66 7.52
N LYS A 31 -0.40 12.59 8.85
CA LYS A 31 0.61 11.94 9.69
C LYS A 31 1.03 10.60 9.09
N HIS A 32 0.04 9.75 8.81
CA HIS A 32 0.31 8.43 8.25
C HIS A 32 1.07 8.55 6.94
N ILE A 33 0.86 9.60 6.15
CA ILE A 33 1.57 9.76 4.89
C ILE A 33 3.03 10.16 5.12
N VAL A 34 3.23 11.37 5.61
CA VAL A 34 4.57 11.87 5.87
C VAL A 34 5.39 10.86 6.68
N TRP A 35 4.71 10.13 7.56
CA TRP A 35 5.37 9.14 8.39
C TRP A 35 6.10 8.11 7.52
N ALA A 36 5.33 7.39 6.70
CA ALA A 36 5.91 6.37 5.83
C ALA A 36 7.06 6.94 5.01
N SER A 37 6.96 8.22 4.65
CA SER A 37 8.00 8.88 3.87
C SER A 37 9.30 8.94 4.65
N ARG A 38 9.21 9.18 5.96
CA ARG A 38 10.38 9.28 6.81
C ARG A 38 11.01 7.91 7.01
N GLU A 39 10.24 6.86 6.77
CA GLU A 39 10.71 5.49 6.93
C GLU A 39 11.31 4.97 5.62
N LEU A 40 10.70 5.37 4.50
CA LEU A 40 11.17 4.94 3.19
C LEU A 40 12.62 5.39 2.96
N GLU A 41 12.93 6.62 3.37
CA GLU A 41 14.27 7.16 3.21
C GLU A 41 15.31 6.26 3.89
N ARG A 42 14.85 5.48 4.86
CA ARG A 42 15.73 4.58 5.60
C ARG A 42 15.81 3.22 4.92
N PHE A 43 14.83 2.93 4.07
CA PHE A 43 14.78 1.66 3.36
C PHE A 43 15.40 1.79 1.97
N ALA A 44 16.29 2.76 1.81
CA ALA A 44 16.95 2.99 0.53
C ALA A 44 15.95 3.39 -0.54
N VAL A 45 14.79 3.87 -0.11
CA VAL A 45 13.74 4.29 -1.03
C VAL A 45 13.42 5.77 -0.88
N ASN A 46 13.55 6.52 -1.97
CA ASN A 46 13.28 7.95 -1.96
C ASN A 46 11.81 8.22 -1.65
N PRO A 47 11.57 9.24 -0.80
CA PRO A 47 10.21 9.62 -0.42
C PRO A 47 9.44 10.26 -1.56
N GLY A 48 10.12 10.49 -2.67
CA GLY A 48 9.48 11.10 -3.83
C GLY A 48 8.66 10.10 -4.62
N LEU A 49 8.72 8.84 -4.22
CA LEU A 49 7.97 7.78 -4.91
C LEU A 49 6.53 7.74 -4.43
N LEU A 50 6.16 8.71 -3.60
CA LEU A 50 4.79 8.78 -3.07
C LEU A 50 3.95 9.76 -3.88
N GLU A 51 4.60 10.49 -4.77
CA GLU A 51 3.91 11.47 -5.61
C GLU A 51 3.71 10.93 -7.02
N THR A 52 3.72 9.61 -7.16
CA THR A 52 3.56 8.97 -8.45
C THR A 52 3.14 7.52 -8.30
N SER A 53 1.91 7.20 -8.72
CA SER A 53 1.39 5.85 -8.62
C SER A 53 2.41 4.84 -9.13
N GLU A 54 3.09 5.18 -10.21
CA GLU A 54 4.09 4.30 -10.80
C GLU A 54 5.12 3.88 -9.76
N GLY A 55 5.48 4.81 -8.88
CA GLY A 55 6.45 4.53 -7.83
C GLY A 55 5.85 3.74 -6.68
N CYS A 56 4.64 4.11 -6.28
CA CYS A 56 3.97 3.43 -5.18
C CYS A 56 3.90 1.93 -5.42
N ARG A 57 3.80 1.55 -6.69
CA ARG A 57 3.74 0.13 -7.06
C ARG A 57 5.06 -0.57 -6.77
N GLN A 58 6.15 0.17 -6.90
CA GLN A 58 7.49 -0.38 -6.65
C GLN A 58 7.74 -0.53 -5.16
N ILE A 59 7.21 0.40 -4.37
CA ILE A 59 7.38 0.37 -2.93
C ILE A 59 6.78 -0.90 -2.32
N LEU A 60 5.63 -1.30 -2.85
CA LEU A 60 4.94 -2.50 -2.37
C LEU A 60 5.64 -3.76 -2.88
N GLY A 61 6.04 -3.74 -4.14
CA GLY A 61 6.71 -4.89 -4.74
C GLY A 61 8.09 -5.12 -4.14
N GLN A 62 8.67 -4.06 -3.56
CA GLN A 62 9.99 -4.15 -2.97
C GLN A 62 9.92 -4.73 -1.56
N LEU A 63 9.07 -4.15 -0.73
CA LEU A 63 8.90 -4.62 0.64
C LEU A 63 8.21 -5.98 0.68
N GLN A 64 7.39 -6.24 -0.33
CA GLN A 64 6.68 -7.51 -0.42
C GLN A 64 7.60 -8.68 -0.11
N PRO A 65 8.63 -8.86 -0.96
CA PRO A 65 9.60 -9.95 -0.80
C PRO A 65 10.51 -9.73 0.41
N SER A 66 10.23 -8.68 1.17
CA SER A 66 11.03 -8.36 2.36
C SER A 66 10.19 -8.47 3.62
N LEU A 67 8.88 -8.65 3.44
CA LEU A 67 7.97 -8.77 4.57
C LEU A 67 8.34 -9.95 5.46
N GLN A 68 8.46 -11.12 4.85
CA GLN A 68 8.82 -12.33 5.58
C GLN A 68 10.00 -12.07 6.51
N THR A 69 11.00 -11.36 6.00
CA THR A 69 12.20 -11.05 6.78
C THR A 69 12.09 -9.68 7.42
N GLY A 70 10.89 -9.33 7.89
CA GLY A 70 10.67 -8.05 8.52
C GLY A 70 9.72 -8.13 9.70
N SER A 71 9.91 -7.24 10.66
CA SER A 71 9.07 -7.22 11.86
C SER A 71 7.82 -6.38 11.62
N GLU A 72 7.15 -6.02 12.71
CA GLU A 72 5.93 -5.22 12.63
C GLU A 72 6.22 -3.84 12.03
N GLU A 73 7.42 -3.34 12.28
CA GLU A 73 7.83 -2.04 11.77
C GLU A 73 7.56 -1.93 10.28
N LEU A 74 7.82 -3.01 9.55
CA LEU A 74 7.60 -3.04 8.11
C LEU A 74 6.13 -3.26 7.79
N ARG A 75 5.40 -3.88 8.73
CA ARG A 75 3.99 -4.16 8.54
C ARG A 75 3.21 -2.87 8.27
N SER A 76 3.45 -1.85 9.10
CA SER A 76 2.78 -0.58 8.95
C SER A 76 3.00 0.00 7.56
N LEU A 77 4.27 0.06 7.15
CA LEU A 77 4.62 0.59 5.83
C LEU A 77 3.81 -0.10 4.74
N TYR A 78 3.86 -1.43 4.73
CA TYR A 78 3.14 -2.22 3.73
C TYR A 78 1.66 -1.84 3.71
N ASN A 79 1.04 -1.82 4.88
CA ASN A 79 -0.36 -1.49 4.99
C ASN A 79 -0.64 -0.09 4.45
N THR A 80 0.01 0.91 5.06
CA THR A 80 -0.17 2.30 4.64
C THR A 80 0.08 2.45 3.14
N ILE A 81 1.27 2.08 2.69
CA ILE A 81 1.62 2.17 1.29
C ILE A 81 0.53 1.57 0.40
N ALA A 82 0.02 0.42 0.81
CA ALA A 82 -1.04 -0.25 0.06
C ALA A 82 -2.21 0.68 -0.19
N VAL A 83 -2.65 1.37 0.86
CA VAL A 83 -3.77 2.30 0.75
C VAL A 83 -3.41 3.49 -0.14
N LEU A 84 -2.25 4.09 0.13
CA LEU A 84 -1.80 5.24 -0.64
C LEU A 84 -1.73 4.91 -2.13
N TYR A 85 -1.21 3.71 -2.43
CA TYR A 85 -1.09 3.27 -3.82
C TYR A 85 -2.45 3.23 -4.50
N CYS A 86 -3.42 2.59 -3.85
CA CYS A 86 -4.76 2.48 -4.39
C CYS A 86 -5.37 3.85 -4.63
N VAL A 87 -5.07 4.79 -3.74
CA VAL A 87 -5.58 6.15 -3.85
C VAL A 87 -5.19 6.78 -5.17
N HIS A 88 -4.01 6.41 -5.68
CA HIS A 88 -3.52 6.95 -6.94
C HIS A 88 -4.21 6.28 -8.12
N GLN A 89 -4.55 4.99 -8.06
CA GLN A 89 -5.21 4.32 -9.16
C GLN A 89 -6.73 4.49 -9.06
N ARG A 90 -7.16 5.58 -8.42
CA ARG A 90 -8.58 5.86 -8.25
C ARG A 90 -9.28 4.70 -7.57
N ILE A 91 -8.65 4.14 -6.56
CA ILE A 91 -9.22 3.02 -5.81
C ILE A 91 -9.52 3.42 -4.37
N ASP A 92 -10.75 3.15 -3.95
CA ASP A 92 -11.17 3.48 -2.58
C ASP A 92 -11.49 2.21 -1.80
N VAL A 93 -10.89 2.08 -0.62
CA VAL A 93 -11.10 0.92 0.23
C VAL A 93 -11.81 1.31 1.52
N LYS A 94 -12.60 0.39 2.06
CA LYS A 94 -13.33 0.63 3.29
C LYS A 94 -12.37 0.77 4.48
N ASP A 95 -11.19 0.17 4.35
CA ASP A 95 -10.19 0.23 5.41
C ASP A 95 -8.84 -0.27 4.90
N THR A 96 -7.80 -0.09 5.71
CA THR A 96 -6.46 -0.52 5.35
C THR A 96 -6.41 -2.04 5.19
N LYS A 97 -7.42 -2.73 5.71
CA LYS A 97 -7.49 -4.18 5.63
C LYS A 97 -7.94 -4.62 4.24
N GLU A 98 -8.85 -3.86 3.64
CA GLU A 98 -9.37 -4.17 2.31
C GLU A 98 -8.25 -4.14 1.28
N ALA A 99 -7.75 -2.94 1.00
CA ALA A 99 -6.69 -2.76 0.02
C ALA A 99 -5.60 -3.81 0.20
N LEU A 100 -5.33 -4.17 1.46
CA LEU A 100 -4.32 -5.17 1.77
C LEU A 100 -4.78 -6.56 1.36
N ASP A 101 -5.98 -6.94 1.82
CA ASP A 101 -6.53 -8.25 1.49
C ASP A 101 -6.49 -8.51 -0.01
N LYS A 102 -6.68 -7.45 -0.79
CA LYS A 102 -6.66 -7.56 -2.24
C LYS A 102 -5.24 -7.80 -2.75
N ILE A 103 -4.40 -6.77 -2.67
CA ILE A 103 -3.03 -6.88 -3.13
C ILE A 103 -2.36 -8.14 -2.60
N GLU A 104 -2.75 -8.56 -1.39
CA GLU A 104 -2.20 -9.75 -0.77
C GLU A 104 -2.77 -11.01 -1.43
N GLU A 105 -4.10 -11.05 -1.53
CA GLU A 105 -4.78 -12.20 -2.12
C GLU A 105 -4.29 -12.44 -3.56
N GLU A 106 -4.08 -11.35 -4.29
CA GLU A 106 -3.62 -11.43 -5.67
C GLU A 106 -2.35 -12.27 -5.77
N GLN A 107 -1.52 -12.21 -4.72
CA GLN A 107 -0.28 -12.97 -4.70
C GLN A 107 -0.46 -14.29 -3.97
N ASN A 108 -1.37 -14.31 -2.99
CA ASN A 108 -1.64 -15.51 -2.21
C ASN A 108 -2.44 -16.52 -3.04
N LYS A 109 -2.96 -16.07 -4.17
CA LYS A 109 -3.74 -16.93 -5.05
C LYS A 109 -2.85 -17.53 -6.15
N SER A 110 -1.56 -17.64 -5.87
CA SER A 110 -0.62 -18.20 -6.83
C SER A 110 0.55 -18.87 -6.12
N LYS A 111 1.16 -18.15 -5.19
CA LYS A 111 2.29 -18.66 -4.44
C LYS A 111 1.90 -19.92 -3.66
N LYS A 112 0.99 -19.76 -2.70
CA LYS A 112 0.52 -20.88 -1.89
C LYS A 112 0.16 -22.07 -2.76
N LYS A 113 -0.37 -21.78 -3.95
CA LYS A 113 -0.75 -22.84 -4.89
C LYS A 113 0.40 -23.82 -5.12
N ALA A 114 1.60 -23.29 -5.25
CA ALA A 114 2.79 -24.11 -5.46
C ALA A 114 2.91 -25.19 -4.39
N GLN A 115 2.28 -24.95 -3.24
CA GLN A 115 2.32 -25.90 -2.14
C GLN A 115 0.92 -26.44 -1.84
N GLN A 116 0.13 -25.65 -1.14
CA GLN A 116 -1.24 -26.04 -0.78
C GLN A 116 -1.28 -27.51 -0.36
N ALA A 117 -0.21 -27.96 0.30
CA ALA A 117 -0.13 -29.34 0.76
C ALA A 117 1.09 -29.55 1.64
N ALA A 118 1.33 -28.62 2.55
CA ALA A 118 2.47 -28.71 3.46
C ALA A 118 2.27 -27.82 4.68
N ALA A 119 1.01 -27.52 4.99
CA ALA A 119 0.68 -26.69 6.13
C ALA A 119 -0.61 -27.16 6.81
N ASP A 120 -0.64 -28.44 7.18
CA ASP A 120 -1.81 -29.01 7.83
C ASP A 120 -1.41 -30.17 8.74
N THR A 121 -0.27 -30.01 9.41
CA THR A 121 0.23 -31.05 10.32
C THR A 121 -0.83 -31.44 11.34
N GLY A 122 -0.62 -32.58 11.99
CA GLY A 122 -1.57 -33.05 12.99
C GLY A 122 -1.84 -32.01 14.06
N ASN A 123 -3.07 -31.51 14.11
CA ASN A 123 -3.44 -30.51 15.10
C ASN A 123 -4.22 -31.15 16.26
N ASN A 124 -4.62 -30.33 17.22
CA ASN A 124 -5.35 -30.81 18.38
C ASN A 124 -6.84 -30.93 18.07
N SER A 125 -7.22 -30.45 16.89
CA SER A 125 -8.63 -30.49 16.47
C SER A 125 -9.52 -29.79 17.49
N GLN A 126 -10.82 -29.81 17.22
CA GLN A 126 -11.79 -29.17 18.12
C GLN A 126 -11.38 -27.73 18.41
N VAL A 127 -11.37 -26.90 17.37
CA VAL A 127 -11.01 -25.50 17.51
C VAL A 127 -11.33 -24.71 16.24
N SER A 128 -11.78 -23.47 16.41
CA SER A 128 -12.13 -22.62 15.29
C SER A 128 -11.50 -21.24 15.44
N GLN A 129 -11.95 -20.50 16.46
CA GLN A 129 -11.44 -19.16 16.71
C GLN A 129 -11.23 -18.93 18.20
N ASN A 130 -10.21 -18.16 18.55
CA ASN A 130 -9.91 -17.86 19.94
C ASN A 130 -8.99 -16.65 20.05
N TYR A 131 -8.98 -16.02 21.22
CA TYR A 131 -8.14 -14.85 21.45
C TYR A 131 -8.56 -13.70 20.55
P1 PBU B . 0.65 6.56 15.63
P4 PBU B . -4.40 -0.40 16.08
P5 PBU B . 0.45 -1.21 15.44
C3' PBU B . 2.84 6.30 14.44
C2' PBU B . 2.31 6.52 13.01
O2' PBU B . 3.11 5.75 12.11
C1' PBU B . 2.39 8.00 12.57
O1' PBU B . 3.56 8.59 13.09
C1 PBU B . -0.37 3.84 15.26
O1 PBU B . 0.65 4.90 15.69
C2 PBU B . -1.85 4.14 15.65
O2 PBU B . -2.03 4.37 17.05
C3 PBU B . -2.79 3.00 15.20
O3 PBU B . -4.11 3.33 15.59
C4 PBU B . -2.32 1.61 15.81
O4 PBU B . -3.23 0.51 15.30
C5 PBU B . -0.82 1.35 15.38
O5 PBU B . -0.37 0.10 16.00
C6 PBU B . 0.12 2.49 15.82
O6 PBU B . 1.46 2.30 15.33
C7 PBU B . 2.56 4.54 11.62
O7 PBU B . 3.15 3.50 11.77
C8 PBU B . 1.20 4.56 10.92
C9 PBU B . 1.08 3.36 9.95
C10 PBU B . -0.37 3.22 9.46
C11 PBU B . 3.55 9.81 13.80
O11 PBU B . 2.84 10.04 14.75
C12 PBU B . 4.49 10.91 13.24
C13 PBU B . 3.92 12.33 13.37
C14 PBU B . 5.04 13.37 13.47
O41 PBU B . -3.63 -1.72 16.17
O42 PBU B . -4.61 0.28 17.40
O43 PBU B . -5.67 -0.43 15.26
O51 PBU B . -0.68 -2.05 14.90
O52 PBU B . 1.43 -0.61 14.44
O53 PBU B . 1.10 -1.77 16.69
OP1 PBU B . 2.06 7.00 15.39
OP2 PBU B . -0.30 6.85 14.47
OP3 PBU B . 0.20 6.99 17.01
H3'1 PBU B . 3.83 6.65 14.49
H3'2 PBU B . 2.81 5.27 14.65
H2' PBU B . 1.30 6.24 12.96
H1'1 PBU B . 2.43 8.08 11.52
H1'2 PBU B . 1.52 8.52 12.88
H1 PBU B . -0.41 3.81 14.17
H2 PBU B . -2.13 5.05 15.12
H02 PBU B . -1.70 3.71 17.62
H3 PBU B . -2.74 2.89 14.12
H03 PBU B . -4.19 3.35 16.55
H4 PBU B . -2.36 1.60 16.89
H5 PBU B . -0.84 1.27 14.30
H6 PBU B . 0.17 2.51 16.89
H06 PBU B . 1.94 1.67 15.84
H81 PBU B . 1.10 5.45 10.37
H82 PBU B . 0.43 4.49 11.63
H91 PBU B . 1.38 2.49 10.44
H92 PBU B . 1.70 3.52 9.11
H11 PBU B . -0.66 4.11 8.99
H12 PBU B . -1.00 3.05 10.29
H13 PBU B . -0.44 2.42 8.79
H121 PBU B . 5.41 10.86 13.77
H122 PBU B . 4.66 10.71 12.22
H131 PBU B . 3.33 12.54 12.53
H132 PBU B . 3.32 12.38 14.24
H141 PBU B . 5.66 13.29 12.63
H142 PBU B . 5.61 13.24 14.34
H143 PBU B . 4.62 14.33 13.50
N GLY A 1 -3.89 21.98 -6.16
CA GLY A 1 -4.00 21.69 -7.57
C GLY A 1 -2.64 21.45 -8.22
N ALA A 2 -1.64 22.19 -7.76
CA ALA A 2 -0.29 22.07 -8.31
C ALA A 2 0.75 22.27 -7.21
N ARG A 3 0.79 21.35 -6.26
CA ARG A 3 1.74 21.43 -5.16
C ARG A 3 2.58 20.15 -5.07
N ALA A 4 3.72 20.25 -4.41
CA ALA A 4 4.61 19.10 -4.24
C ALA A 4 4.26 18.31 -2.98
N SER A 5 3.18 17.54 -3.06
CA SER A 5 2.74 16.73 -1.93
C SER A 5 2.36 15.32 -2.37
N VAL A 6 2.33 14.39 -1.43
CA VAL A 6 1.99 13.00 -1.73
C VAL A 6 0.60 12.90 -2.32
N LEU A 7 -0.34 13.67 -1.76
CA LEU A 7 -1.72 13.66 -2.24
C LEU A 7 -2.24 15.08 -2.40
N SER A 8 -3.05 15.30 -3.42
CA SER A 8 -3.63 16.61 -3.70
C SER A 8 -4.96 16.79 -2.97
N GLY A 9 -5.33 18.04 -2.73
CA GLY A 9 -6.58 18.32 -2.04
C GLY A 9 -7.66 17.32 -2.37
N GLY A 10 -7.80 17.00 -3.66
CA GLY A 10 -8.81 16.05 -4.10
C GLY A 10 -8.58 14.67 -3.53
N GLU A 11 -7.37 14.16 -3.70
CA GLU A 11 -7.03 12.83 -3.19
C GLU A 11 -7.07 12.79 -1.67
N LEU A 12 -6.62 13.86 -1.04
CA LEU A 12 -6.61 13.95 0.42
C LEU A 12 -7.96 13.55 0.99
N ASP A 13 -9.03 14.02 0.35
CA ASP A 13 -10.39 13.70 0.80
C ASP A 13 -10.56 12.21 1.00
N LYS A 14 -10.43 11.45 -0.07
CA LYS A 14 -10.57 9.99 -0.02
C LYS A 14 -9.61 9.40 1.01
N TRP A 15 -8.37 9.86 0.99
CA TRP A 15 -7.36 9.37 1.93
C TRP A 15 -7.86 9.48 3.37
N GLU A 16 -8.33 10.66 3.73
CA GLU A 16 -8.83 10.90 5.08
C GLU A 16 -10.04 10.02 5.38
N LYS A 17 -10.69 9.53 4.31
CA LYS A 17 -11.86 8.67 4.45
C LYS A 17 -11.46 7.30 4.99
N ILE A 18 -10.63 6.60 4.23
CA ILE A 18 -10.17 5.27 4.63
C ILE A 18 -9.71 5.26 6.08
N ARG A 19 -9.94 4.14 6.77
CA ARG A 19 -9.55 4.00 8.16
C ARG A 19 -8.47 2.94 8.32
N LEU A 20 -7.67 3.06 9.37
CA LEU A 20 -6.59 2.12 9.63
C LEU A 20 -7.14 0.70 9.77
N ARG A 21 -8.31 0.58 10.39
CA ARG A 21 -8.95 -0.71 10.60
C ARG A 21 -10.37 -0.71 10.05
N PRO A 22 -10.91 -1.92 9.79
CA PRO A 22 -12.27 -2.08 9.27
C PRO A 22 -13.34 -1.72 10.29
N GLY A 23 -13.05 -2.03 11.55
CA GLY A 23 -14.00 -1.73 12.62
C GLY A 23 -13.47 -0.71 13.60
N GLY A 24 -12.62 0.20 13.11
CA GLY A 24 -12.05 1.22 13.96
C GLY A 24 -12.65 2.59 13.70
N LYS A 25 -12.18 3.59 14.44
CA LYS A 25 -12.67 4.95 14.29
C LYS A 25 -11.53 5.89 13.90
N LYS A 26 -10.31 5.37 13.90
CA LYS A 26 -9.14 6.16 13.54
C LYS A 26 -8.95 6.21 12.03
N GLN A 27 -9.30 7.34 11.43
CA GLN A 27 -9.17 7.50 9.98
C GLN A 27 -7.74 7.82 9.60
N TYR A 28 -7.47 7.89 8.30
CA TYR A 28 -6.13 8.19 7.80
C TYR A 28 -5.88 9.69 7.79
N LYS A 29 -4.66 10.08 8.07
CA LYS A 29 -4.28 11.49 8.09
C LYS A 29 -2.89 11.70 7.49
N LEU A 30 -2.53 12.95 7.25
CA LEU A 30 -1.23 13.28 6.67
C LEU A 30 -0.11 12.62 7.46
N LYS A 31 -0.26 12.58 8.78
CA LYS A 31 0.74 11.98 9.66
C LYS A 31 1.18 10.62 9.12
N HIS A 32 0.21 9.76 8.85
CA HIS A 32 0.50 8.42 8.33
C HIS A 32 1.26 8.50 7.01
N ILE A 33 1.05 9.53 6.20
CA ILE A 33 1.76 9.66 4.92
C ILE A 33 3.20 10.10 5.14
N VAL A 34 3.37 11.34 5.59
CA VAL A 34 4.69 11.89 5.84
C VAL A 34 5.54 10.92 6.67
N TRP A 35 4.88 10.21 7.58
CA TRP A 35 5.57 9.25 8.44
C TRP A 35 6.36 8.25 7.62
N ALA A 36 5.67 7.52 6.75
CA ALA A 36 6.31 6.52 5.90
C ALA A 36 7.42 7.15 5.07
N SER A 37 7.22 8.41 4.67
CA SER A 37 8.21 9.11 3.87
C SER A 37 9.53 9.24 4.61
N ARG A 38 9.46 9.28 5.93
CA ARG A 38 10.66 9.39 6.76
C ARG A 38 11.33 8.04 6.94
N GLU A 39 10.54 6.98 6.88
CA GLU A 39 11.06 5.62 7.04
C GLU A 39 11.70 5.13 5.74
N LEU A 40 11.09 5.48 4.61
CA LEU A 40 11.59 5.08 3.31
C LEU A 40 12.95 5.74 3.03
N GLU A 41 13.06 7.02 3.39
CA GLU A 41 14.29 7.76 3.18
C GLU A 41 15.42 7.23 4.07
N ARG A 42 15.03 6.54 5.13
CA ARG A 42 16.00 5.98 6.08
C ARG A 42 16.41 4.57 5.64
N PHE A 43 15.49 3.86 5.02
CA PHE A 43 15.76 2.50 4.56
C PHE A 43 16.69 2.50 3.35
N ALA A 44 16.24 3.10 2.26
CA ALA A 44 17.03 3.18 1.04
C ALA A 44 16.18 3.62 -0.14
N VAL A 45 14.98 4.10 0.15
CA VAL A 45 14.07 4.56 -0.89
C VAL A 45 13.73 6.04 -0.73
N ASN A 46 13.55 6.73 -1.85
CA ASN A 46 13.23 8.15 -1.84
C ASN A 46 11.75 8.37 -1.54
N PRO A 47 11.46 9.40 -0.73
CA PRO A 47 10.09 9.74 -0.35
C PRO A 47 9.28 10.29 -1.51
N GLY A 48 9.97 10.71 -2.56
CA GLY A 48 9.30 11.25 -3.73
C GLY A 48 8.52 10.20 -4.49
N LEU A 49 8.87 8.93 -4.28
CA LEU A 49 8.20 7.83 -4.95
C LEU A 49 6.73 7.76 -4.56
N LEU A 50 6.37 8.45 -3.48
CA LEU A 50 5.00 8.48 -3.01
C LEU A 50 4.17 9.50 -3.79
N GLU A 51 4.85 10.30 -4.60
CA GLU A 51 4.19 11.32 -5.40
C GLU A 51 3.92 10.81 -6.81
N THR A 52 3.81 9.49 -6.95
CA THR A 52 3.55 8.88 -8.24
C THR A 52 3.04 7.45 -8.09
N SER A 53 1.81 7.22 -8.52
CA SER A 53 1.20 5.90 -8.42
C SER A 53 2.16 4.81 -8.92
N GLU A 54 2.86 5.11 -10.01
CA GLU A 54 3.81 4.17 -10.59
C GLU A 54 4.89 3.80 -9.57
N GLY A 55 5.24 4.75 -8.71
CA GLY A 55 6.26 4.50 -7.71
C GLY A 55 5.73 3.71 -6.52
N CYS A 56 4.51 4.03 -6.10
CA CYS A 56 3.89 3.34 -4.97
C CYS A 56 3.78 1.84 -5.24
N ARG A 57 3.70 1.48 -6.52
CA ARG A 57 3.58 0.08 -6.91
C ARG A 57 4.90 -0.65 -6.69
N GLN A 58 6.01 0.02 -7.00
CA GLN A 58 7.33 -0.57 -6.84
C GLN A 58 7.65 -0.78 -5.37
N ILE A 59 7.26 0.17 -4.53
CA ILE A 59 7.49 0.09 -3.10
C ILE A 59 6.87 -1.18 -2.51
N LEU A 60 5.58 -1.35 -2.74
CA LEU A 60 4.86 -2.53 -2.24
C LEU A 60 5.50 -3.82 -2.75
N GLY A 61 5.90 -3.80 -4.01
CA GLY A 61 6.52 -4.98 -4.60
C GLY A 61 7.84 -5.34 -3.93
N GLN A 62 8.43 -4.38 -3.25
CA GLN A 62 9.70 -4.61 -2.56
C GLN A 62 9.47 -5.21 -1.19
N LEU A 63 8.60 -4.58 -0.40
CA LEU A 63 8.29 -5.08 0.94
C LEU A 63 7.51 -6.38 0.89
N GLN A 64 6.69 -6.53 -0.15
CA GLN A 64 5.89 -7.74 -0.33
C GLN A 64 6.73 -8.98 -0.09
N PRO A 65 7.77 -9.17 -0.92
CA PRO A 65 8.67 -10.32 -0.83
C PRO A 65 9.55 -10.26 0.41
N SER A 66 9.45 -9.17 1.16
CA SER A 66 10.24 -8.99 2.37
C SER A 66 9.36 -9.13 3.61
N LEU A 67 8.06 -9.32 3.41
CA LEU A 67 7.13 -9.47 4.51
C LEU A 67 7.44 -10.72 5.33
N GLN A 68 7.88 -11.77 4.65
CA GLN A 68 8.21 -13.02 5.32
C GLN A 68 9.15 -12.78 6.50
N THR A 69 10.16 -11.95 6.28
CA THR A 69 11.13 -11.64 7.33
C THR A 69 11.17 -10.13 7.59
N GLY A 70 10.03 -9.47 7.45
CA GLY A 70 9.96 -8.04 7.67
C GLY A 70 9.51 -7.70 9.08
N SER A 71 10.30 -6.88 9.77
CA SER A 71 9.97 -6.47 11.14
C SER A 71 8.68 -5.64 11.16
N GLU A 72 8.39 -5.06 12.32
CA GLU A 72 7.19 -4.25 12.48
C GLU A 72 7.32 -2.94 11.69
N GLU A 73 8.53 -2.38 11.67
CA GLU A 73 8.78 -1.14 10.95
C GLU A 73 8.42 -1.26 9.48
N LEU A 74 8.47 -2.48 8.97
CA LEU A 74 8.15 -2.75 7.56
C LEU A 74 6.66 -3.00 7.39
N ARG A 75 6.03 -3.54 8.43
CA ARG A 75 4.60 -3.84 8.39
C ARG A 75 3.80 -2.56 8.15
N SER A 76 4.02 -1.56 9.00
CA SER A 76 3.31 -0.29 8.90
C SER A 76 3.42 0.27 7.48
N LEU A 77 4.62 0.24 6.93
CA LEU A 77 4.87 0.74 5.58
C LEU A 77 3.97 0.05 4.57
N TYR A 78 4.12 -1.27 4.47
CA TYR A 78 3.32 -2.05 3.52
C TYR A 78 1.84 -1.72 3.66
N ASN A 79 1.35 -1.67 4.89
CA ASN A 79 -0.04 -1.35 5.15
C ASN A 79 -0.40 0.03 4.61
N THR A 80 0.28 1.06 5.11
CA THR A 80 0.03 2.43 4.68
C THR A 80 0.15 2.55 3.16
N ILE A 81 1.33 2.24 2.63
CA ILE A 81 1.57 2.31 1.20
C ILE A 81 0.44 1.66 0.42
N ALA A 82 -0.02 0.51 0.90
CA ALA A 82 -1.11 -0.20 0.26
C ALA A 82 -2.33 0.68 0.07
N VAL A 83 -2.67 1.44 1.11
CA VAL A 83 -3.81 2.34 1.06
C VAL A 83 -3.57 3.50 0.10
N LEU A 84 -2.41 4.13 0.24
CA LEU A 84 -2.04 5.26 -0.62
C LEU A 84 -2.04 4.85 -2.09
N TYR A 85 -1.29 3.80 -2.40
CA TYR A 85 -1.20 3.31 -3.78
C TYR A 85 -2.58 3.20 -4.41
N CYS A 86 -3.51 2.57 -3.69
CA CYS A 86 -4.87 2.41 -4.18
C CYS A 86 -5.51 3.76 -4.47
N VAL A 87 -5.26 4.73 -3.61
CA VAL A 87 -5.81 6.07 -3.78
C VAL A 87 -5.43 6.65 -5.13
N HIS A 88 -4.14 6.58 -5.46
CA HIS A 88 -3.65 7.10 -6.73
C HIS A 88 -4.32 6.40 -7.91
N GLN A 89 -4.60 5.10 -7.82
CA GLN A 89 -5.23 4.39 -8.92
C GLN A 89 -6.75 4.54 -8.86
N ARG A 90 -7.21 5.60 -8.20
CA ARG A 90 -8.65 5.85 -8.07
C ARG A 90 -9.36 4.63 -7.49
N ILE A 91 -8.73 3.99 -6.51
CA ILE A 91 -9.31 2.82 -5.87
C ILE A 91 -9.85 3.15 -4.48
N ASP A 92 -11.14 2.97 -4.29
CA ASP A 92 -11.76 3.25 -3.00
C ASP A 92 -11.83 1.98 -2.15
N VAL A 93 -11.13 2.00 -1.02
CA VAL A 93 -11.12 0.86 -0.11
C VAL A 93 -11.90 1.14 1.15
N LYS A 94 -12.54 0.11 1.70
CA LYS A 94 -13.32 0.26 2.92
C LYS A 94 -12.42 0.43 4.13
N ASP A 95 -11.19 -0.07 4.03
CA ASP A 95 -10.23 0.04 5.12
C ASP A 95 -8.87 -0.49 4.69
N THR A 96 -7.87 -0.34 5.57
CA THR A 96 -6.52 -0.80 5.28
C THR A 96 -6.49 -2.31 5.05
N LYS A 97 -7.56 -2.99 5.46
CA LYS A 97 -7.65 -4.44 5.30
C LYS A 97 -8.02 -4.80 3.86
N GLU A 98 -9.18 -4.33 3.42
CA GLU A 98 -9.65 -4.60 2.07
C GLU A 98 -8.69 -4.03 1.02
N ALA A 99 -7.86 -3.08 1.46
CA ALA A 99 -6.89 -2.45 0.57
C ALA A 99 -5.77 -3.41 0.23
N LEU A 100 -5.38 -4.24 1.19
CA LEU A 100 -4.30 -5.21 0.99
C LEU A 100 -4.77 -6.34 0.08
N ASP A 101 -6.05 -6.67 0.14
CA ASP A 101 -6.61 -7.72 -0.69
C ASP A 101 -6.89 -7.22 -2.10
N LYS A 102 -7.32 -5.97 -2.21
CA LYS A 102 -7.62 -5.37 -3.50
C LYS A 102 -6.37 -5.29 -4.37
N ILE A 103 -5.26 -4.90 -3.76
CA ILE A 103 -3.99 -4.78 -4.47
C ILE A 103 -3.60 -6.11 -5.11
N GLU A 104 -3.68 -7.18 -4.33
CA GLU A 104 -3.33 -8.51 -4.82
C GLU A 104 -4.21 -8.89 -6.01
N GLU A 105 -5.47 -8.48 -5.97
CA GLU A 105 -6.40 -8.79 -7.05
C GLU A 105 -5.92 -8.19 -8.37
N GLU A 106 -5.33 -7.00 -8.30
CA GLU A 106 -4.83 -6.33 -9.49
C GLU A 106 -3.64 -7.09 -10.09
N GLN A 107 -2.75 -7.57 -9.23
CA GLN A 107 -1.58 -8.31 -9.67
C GLN A 107 -1.97 -9.69 -10.17
N ASN A 108 -2.89 -10.34 -9.46
CA ASN A 108 -3.35 -11.67 -9.82
C ASN A 108 -3.92 -11.68 -11.24
N LYS A 109 -4.54 -10.57 -11.63
CA LYS A 109 -5.13 -10.44 -12.95
C LYS A 109 -4.07 -10.55 -14.03
N SER A 110 -2.80 -10.36 -13.64
CA SER A 110 -1.69 -10.43 -14.57
C SER A 110 -0.80 -11.63 -14.27
N LYS A 111 -1.25 -12.47 -13.34
CA LYS A 111 -0.50 -13.66 -12.96
C LYS A 111 -0.79 -14.82 -13.90
N LYS A 112 -2.01 -14.87 -14.42
CA LYS A 112 -2.42 -15.93 -15.33
C LYS A 112 -1.68 -15.81 -16.67
N LYS A 113 -1.26 -14.59 -17.00
CA LYS A 113 -0.53 -14.34 -18.23
C LYS A 113 0.96 -14.27 -17.99
N ALA A 114 1.37 -14.57 -16.76
CA ALA A 114 2.78 -14.54 -16.40
C ALA A 114 3.46 -15.87 -16.69
N GLN A 115 2.71 -16.96 -16.50
CA GLN A 115 3.25 -18.29 -16.75
C GLN A 115 2.11 -19.31 -16.89
N GLN A 116 1.16 -19.00 -17.77
CA GLN A 116 0.02 -19.89 -18.01
C GLN A 116 0.49 -21.25 -18.53
N ALA A 117 1.72 -21.29 -19.02
CA ALA A 117 2.29 -22.53 -19.55
C ALA A 117 3.14 -23.24 -18.50
N ALA A 118 3.67 -22.47 -17.56
CA ALA A 118 4.51 -23.02 -16.50
C ALA A 118 3.89 -22.77 -15.13
N ALA A 119 2.56 -22.78 -15.08
CA ALA A 119 1.84 -22.57 -13.83
C ALA A 119 1.40 -23.89 -13.21
N ASP A 120 1.04 -24.84 -14.06
CA ASP A 120 0.60 -26.15 -13.59
C ASP A 120 1.78 -26.97 -13.05
N THR A 121 2.50 -27.63 -13.95
CA THR A 121 3.65 -28.43 -13.57
C THR A 121 3.29 -29.40 -12.44
N GLY A 122 4.30 -30.07 -11.90
CA GLY A 122 4.06 -31.02 -10.82
C GLY A 122 4.28 -30.40 -9.45
N ASN A 123 4.96 -29.25 -9.42
CA ASN A 123 5.23 -28.55 -8.17
C ASN A 123 5.50 -27.07 -8.42
N ASN A 124 4.93 -26.22 -7.56
CA ASN A 124 5.10 -24.78 -7.68
C ASN A 124 5.88 -24.23 -6.49
N SER A 125 6.83 -23.35 -6.77
CA SER A 125 7.65 -22.74 -5.72
C SER A 125 6.78 -22.00 -4.72
N GLN A 126 7.11 -22.13 -3.44
CA GLN A 126 6.36 -21.47 -2.38
C GLN A 126 7.29 -21.02 -1.26
N VAL A 127 7.08 -19.79 -0.79
CA VAL A 127 7.90 -19.23 0.28
C VAL A 127 7.78 -20.07 1.55
N SER A 128 8.90 -20.25 2.24
CA SER A 128 8.92 -21.04 3.48
C SER A 128 10.17 -20.73 4.29
N GLN A 129 10.00 -19.86 5.29
CA GLN A 129 11.11 -19.47 6.15
C GLN A 129 10.63 -19.20 7.57
N ASN A 130 11.00 -20.08 8.50
CA ASN A 130 10.60 -19.93 9.89
C ASN A 130 11.78 -20.22 10.82
N TYR A 131 11.96 -19.37 11.83
CA TYR A 131 13.03 -19.53 12.78
C TYR A 131 12.51 -19.50 14.21
P1 PBU B . 0.54 6.70 15.48
P4 PBU B . -5.04 0.10 15.75
P5 PBU B . -2.04 -0.05 12.20
C3' PBU B . 2.76 6.05 14.52
C2' PBU B . 2.47 6.41 13.04
O2' PBU B . 3.38 5.71 12.22
C1' PBU B . 2.61 7.93 12.78
O1' PBU B . 3.82 8.39 13.35
C1 PBU B . -1.05 4.25 15.20
O1 PBU B . 0.23 5.06 15.47
C2 PBU B . -1.92 3.90 16.44
O2 PBU B . -1.19 3.21 17.46
C3 PBU B . -3.14 3.05 16.04
O3 PBU B . -3.89 2.76 17.23
C4 PBU B . -2.71 1.73 15.28
O4 PBU B . -3.94 0.96 14.86
C5 PBU B . -1.84 2.15 14.03
O5 PBU B . -1.38 0.93 13.36
C6 PBU B . -0.60 3.01 14.41
O6 PBU B . 0.11 3.46 13.25
C7 PBU B . 2.91 4.54 11.57
O7 PBU B . 3.51 3.50 11.69
C8 PBU B . 1.63 4.60 10.73
C9 PBU B . 1.56 3.38 9.78
C10 PBU B . 0.09 3.09 9.42
C11 PBU B . 3.88 9.57 14.11
O11 PBU B . 3.02 9.93 14.90
C12 PBU B . 5.12 10.48 13.84
C13 PBU B . 5.79 10.99 15.12
C14 PBU B . 6.07 9.84 16.10
O41 PBU B . -6.31 0.81 15.32
O42 PBU B . -4.93 -1.33 15.26
O43 PBU B . -4.71 0.19 17.23
O51 PBU B . -1.69 -1.42 12.77
O52 PBU B . -3.50 0.36 12.20
O53 PBU B . -1.27 0.32 10.95
OP1 PBU B . 2.03 6.87 15.41
OP2 PBU B . -0.20 7.19 14.25
OP3 PBU B . 0.03 7.17 16.83
H3'1 PBU B . 3.79 6.18 14.70
H3'2 PBU B . 2.50 5.04 14.66
H2' PBU B . 1.46 6.16 12.82
H1'1 PBU B . 2.68 8.11 11.73
H1'2 PBU B . 1.78 8.45 13.14
H1 PBU B . -1.73 4.87 14.61
H2 PBU B . -2.26 4.85 16.87
H02 PBU B . -0.72 2.45 17.19
H3 PBU B . -3.77 3.62 15.35
H03 PBU B . -3.38 2.18 17.81
H4 PBU B . -2.10 1.08 15.89
H5 PBU B . -2.51 2.72 13.38
H6 PBU B . 0.07 2.39 15.00
H06 PBU B . 0.67 2.80 12.89
H81 PBU B . 1.62 5.48 10.16
H82 PBU B . 0.79 4.58 11.37
H91 PBU B . 1.98 2.54 10.25
H92 PBU B . 2.08 3.59 8.89
H11 PBU B . -0.33 3.93 8.96
H12 PBU B . -0.45 2.86 10.30
H13 PBU B . 0.05 2.28 8.77
H121 PBU B . 5.82 9.91 13.30
H122 PBU B . 4.80 11.30 13.28
H131 PBU B . 6.70 11.45 14.87
H132 PBU B . 5.15 11.69 15.59
H141 PBU B . 6.66 9.12 15.63
H142 PBU B . 5.17 9.39 16.43
H143 PBU B . 6.58 10.22 16.95
N GLY A 1 -1.40 12.83 -13.06
CA GLY A 1 -1.97 14.08 -12.55
C GLY A 1 -1.19 14.63 -11.37
N ALA A 2 -0.39 13.78 -10.75
CA ALA A 2 0.42 14.20 -9.60
C ALA A 2 1.60 15.06 -10.04
N ARG A 3 1.79 16.18 -9.36
CA ARG A 3 2.88 17.10 -9.67
C ARG A 3 3.69 17.44 -8.43
N ALA A 4 2.99 17.81 -7.36
CA ALA A 4 3.63 18.17 -6.11
C ALA A 4 2.94 17.48 -4.92
N SER A 5 3.69 17.32 -3.83
CA SER A 5 3.14 16.69 -2.64
C SER A 5 2.79 15.22 -2.90
N VAL A 6 2.48 14.50 -1.84
CA VAL A 6 2.12 13.08 -1.96
C VAL A 6 0.73 12.92 -2.56
N LEU A 7 -0.27 13.50 -1.90
CA LEU A 7 -1.65 13.42 -2.38
C LEU A 7 -2.17 14.79 -2.79
N SER A 8 -2.86 14.84 -3.92
CA SER A 8 -3.41 16.09 -4.42
C SER A 8 -4.63 16.52 -3.63
N GLY A 9 -5.37 17.49 -4.15
CA GLY A 9 -6.55 17.97 -3.47
C GLY A 9 -7.61 16.89 -3.31
N GLY A 10 -8.11 16.39 -4.43
CA GLY A 10 -9.13 15.35 -4.39
C GLY A 10 -8.66 14.12 -3.64
N GLU A 11 -7.39 13.78 -3.78
CA GLU A 11 -6.82 12.62 -3.11
C GLU A 11 -6.75 12.84 -1.61
N LEU A 12 -6.40 14.07 -1.22
CA LEU A 12 -6.30 14.41 0.20
C LEU A 12 -7.58 14.07 0.95
N ASP A 13 -8.70 14.52 0.41
CA ASP A 13 -10.01 14.26 1.02
C ASP A 13 -10.28 12.76 1.10
N LYS A 14 -10.09 12.08 -0.02
CA LYS A 14 -10.32 10.64 -0.08
C LYS A 14 -9.39 9.90 0.88
N TRP A 15 -8.22 10.46 1.11
CA TRP A 15 -7.24 9.86 2.01
C TRP A 15 -7.77 9.83 3.44
N GLU A 16 -8.33 10.94 3.88
CA GLU A 16 -8.87 11.04 5.23
C GLU A 16 -10.08 10.11 5.41
N LYS A 17 -10.61 9.62 4.29
CA LYS A 17 -11.75 8.72 4.31
C LYS A 17 -11.36 7.35 4.86
N ILE A 18 -10.51 6.64 4.11
CA ILE A 18 -10.07 5.32 4.52
C ILE A 18 -9.62 5.32 5.98
N ARG A 19 -9.89 4.21 6.67
CA ARG A 19 -9.52 4.08 8.07
C ARG A 19 -8.41 3.05 8.25
N LEU A 20 -7.68 3.15 9.35
CA LEU A 20 -6.59 2.23 9.64
C LEU A 20 -7.11 0.79 9.76
N ARG A 21 -8.27 0.64 10.38
CA ARG A 21 -8.88 -0.66 10.56
C ARG A 21 -10.28 -0.71 9.95
N PRO A 22 -10.77 -1.92 9.69
CA PRO A 22 -12.10 -2.14 9.11
C PRO A 22 -13.22 -1.79 10.09
N GLY A 23 -12.98 -2.03 11.37
CA GLY A 23 -13.97 -1.74 12.38
C GLY A 23 -13.49 -0.72 13.39
N GLY A 24 -12.66 0.21 12.94
CA GLY A 24 -12.13 1.23 13.83
C GLY A 24 -12.80 2.58 13.63
N LYS A 25 -12.54 3.51 14.55
CA LYS A 25 -13.14 4.84 14.47
C LYS A 25 -12.10 5.88 14.04
N LYS A 26 -10.84 5.43 13.93
CA LYS A 26 -9.76 6.32 13.52
C LYS A 26 -9.56 6.27 12.01
N GLN A 27 -9.52 7.45 11.39
CA GLN A 27 -9.33 7.54 9.95
C GLN A 27 -7.87 7.83 9.61
N TYR A 28 -7.58 7.94 8.32
CA TYR A 28 -6.22 8.21 7.86
C TYR A 28 -5.92 9.71 7.91
N LYS A 29 -4.68 10.04 8.26
CA LYS A 29 -4.26 11.43 8.35
C LYS A 29 -2.86 11.62 7.77
N LEU A 30 -2.47 12.86 7.57
CA LEU A 30 -1.14 13.17 7.03
C LEU A 30 -0.05 12.44 7.79
N LYS A 31 -0.23 12.32 9.10
CA LYS A 31 0.74 11.63 9.95
C LYS A 31 1.13 10.29 9.36
N HIS A 32 0.13 9.48 9.01
CA HIS A 32 0.37 8.17 8.41
C HIS A 32 1.17 8.29 7.13
N ILE A 33 1.01 9.36 6.35
CA ILE A 33 1.76 9.52 5.11
C ILE A 33 3.22 9.87 5.39
N VAL A 34 3.44 11.07 5.89
CA VAL A 34 4.80 11.53 6.21
C VAL A 34 5.57 10.48 6.99
N TRP A 35 4.86 9.73 7.82
CA TRP A 35 5.47 8.69 8.62
C TRP A 35 6.20 7.68 7.73
N ALA A 36 5.45 7.04 6.82
CA ALA A 36 6.03 6.07 5.91
C ALA A 36 7.12 6.69 5.05
N SER A 37 6.91 7.94 4.64
CA SER A 37 7.87 8.65 3.81
C SER A 37 9.20 8.82 4.54
N ARG A 38 9.13 8.96 5.86
CA ARG A 38 10.33 9.13 6.68
C ARG A 38 11.06 7.80 6.85
N GLU A 39 10.36 6.71 6.58
CA GLU A 39 10.95 5.38 6.71
C GLU A 39 11.60 4.94 5.40
N LEU A 40 10.92 5.21 4.29
CA LEU A 40 11.43 4.84 2.97
C LEU A 40 12.80 5.46 2.73
N GLU A 41 12.96 6.72 3.14
CA GLU A 41 14.23 7.42 2.96
C GLU A 41 15.31 6.82 3.86
N ARG A 42 14.89 6.14 4.92
CA ARG A 42 15.82 5.52 5.85
C ARG A 42 16.21 4.12 5.38
N PHE A 43 15.28 3.44 4.71
CA PHE A 43 15.52 2.10 4.21
C PHE A 43 16.48 2.13 3.02
N ALA A 44 16.05 2.77 1.94
CA ALA A 44 16.88 2.87 0.74
C ALA A 44 16.05 3.36 -0.45
N VAL A 45 14.88 3.90 -0.16
CA VAL A 45 13.99 4.40 -1.21
C VAL A 45 13.68 5.88 -1.00
N ASN A 46 13.57 6.62 -2.10
CA ASN A 46 13.27 8.05 -2.04
C ASN A 46 11.78 8.28 -1.80
N PRO A 47 11.47 9.29 -0.97
CA PRO A 47 10.08 9.65 -0.65
C PRO A 47 9.34 10.26 -1.83
N GLY A 48 10.07 10.48 -2.92
CA GLY A 48 9.47 11.06 -4.11
C GLY A 48 8.61 10.06 -4.87
N LEU A 49 8.70 8.80 -4.48
CA LEU A 49 7.93 7.75 -5.14
C LEU A 49 6.52 7.67 -4.57
N LEU A 50 6.20 8.59 -3.66
CA LEU A 50 4.88 8.64 -3.04
C LEU A 50 3.93 9.51 -3.85
N GLU A 51 4.50 10.40 -4.66
CA GLU A 51 3.69 11.30 -5.49
C GLU A 51 3.52 10.73 -6.89
N THR A 52 3.55 9.40 -7.00
CA THR A 52 3.39 8.75 -8.29
C THR A 52 2.90 7.32 -8.11
N SER A 53 1.65 7.07 -8.52
CA SER A 53 1.06 5.74 -8.40
C SER A 53 2.01 4.67 -8.91
N GLU A 54 2.73 4.98 -9.99
CA GLU A 54 3.67 4.05 -10.58
C GLU A 54 4.72 3.62 -9.56
N GLY A 55 5.09 4.55 -8.68
CA GLY A 55 6.09 4.26 -7.66
C GLY A 55 5.50 3.50 -6.48
N CYS A 56 4.31 3.92 -6.05
CA CYS A 56 3.64 3.28 -4.92
C CYS A 56 3.50 1.78 -5.15
N ARG A 57 3.38 1.39 -6.42
CA ARG A 57 3.24 -0.02 -6.76
C ARG A 57 4.56 -0.76 -6.58
N GLN A 58 5.67 -0.06 -6.85
CA GLN A 58 6.99 -0.66 -6.72
C GLN A 58 7.37 -0.83 -5.26
N ILE A 59 7.02 0.16 -4.45
CA ILE A 59 7.33 0.12 -3.02
C ILE A 59 6.75 -1.13 -2.37
N LEU A 60 5.53 -1.48 -2.76
CA LEU A 60 4.87 -2.65 -2.20
C LEU A 60 5.47 -3.93 -2.77
N GLY A 61 5.85 -3.90 -4.04
CA GLY A 61 6.44 -5.06 -4.68
C GLY A 61 7.88 -5.27 -4.27
N GLN A 62 8.49 -4.24 -3.69
CA GLN A 62 9.88 -4.32 -3.25
C GLN A 62 9.97 -4.90 -1.84
N LEU A 63 9.06 -4.49 -0.98
CA LEU A 63 9.04 -4.98 0.40
C LEU A 63 8.43 -6.37 0.48
N GLN A 64 7.68 -6.75 -0.55
CA GLN A 64 7.05 -8.06 -0.60
C GLN A 64 7.88 -9.09 0.16
N PRO A 65 9.13 -9.30 -0.29
CA PRO A 65 10.04 -10.25 0.33
C PRO A 65 10.51 -9.81 1.71
N SER A 66 10.93 -8.55 1.80
CA SER A 66 11.41 -7.99 3.07
C SER A 66 10.38 -8.21 4.18
N LEU A 67 9.11 -8.36 3.79
CA LEU A 67 8.04 -8.58 4.75
C LEU A 67 8.28 -9.85 5.55
N GLN A 68 8.88 -10.85 4.91
CA GLN A 68 9.16 -12.12 5.56
C GLN A 68 10.24 -11.95 6.63
N THR A 69 11.31 -11.25 6.27
CA THR A 69 12.41 -11.02 7.20
C THR A 69 12.34 -9.63 7.80
N GLY A 70 11.13 -9.19 8.12
CA GLY A 70 10.93 -7.88 8.71
C GLY A 70 9.84 -7.86 9.76
N SER A 71 9.95 -6.95 10.72
CA SER A 71 8.96 -6.84 11.79
C SER A 71 7.92 -5.77 11.45
N GLU A 72 7.16 -5.37 12.46
CA GLU A 72 6.12 -4.35 12.27
C GLU A 72 6.69 -3.14 11.53
N GLU A 73 7.94 -2.81 11.81
CA GLU A 73 8.59 -1.67 11.18
C GLU A 73 8.35 -1.68 9.67
N LEU A 74 8.29 -2.87 9.09
CA LEU A 74 8.07 -3.03 7.66
C LEU A 74 6.59 -3.29 7.36
N ARG A 75 5.90 -3.90 8.31
CA ARG A 75 4.48 -4.21 8.15
C ARG A 75 3.68 -2.93 7.96
N SER A 76 3.83 -2.00 8.88
CA SER A 76 3.10 -0.72 8.83
C SER A 76 3.23 -0.10 7.44
N LEU A 77 4.44 -0.12 6.90
CA LEU A 77 4.70 0.45 5.58
C LEU A 77 3.76 -0.15 4.54
N TYR A 78 3.87 -1.47 4.34
CA TYR A 78 3.03 -2.17 3.37
C TYR A 78 1.57 -1.77 3.53
N ASN A 79 1.10 -1.69 4.77
CA ASN A 79 -0.27 -1.32 5.06
C ASN A 79 -0.57 0.08 4.53
N THR A 80 0.10 1.08 5.09
CA THR A 80 -0.09 2.46 4.67
C THR A 80 0.05 2.61 3.16
N ILE A 81 1.19 2.20 2.63
CA ILE A 81 1.44 2.29 1.20
C ILE A 81 0.29 1.67 0.41
N ALA A 82 -0.20 0.53 0.87
CA ALA A 82 -1.30 -0.17 0.20
C ALA A 82 -2.50 0.75 0.03
N VAL A 83 -2.82 1.50 1.09
CA VAL A 83 -3.96 2.42 1.06
C VAL A 83 -3.70 3.57 0.10
N LEU A 84 -2.53 4.20 0.24
CA LEU A 84 -2.17 5.32 -0.61
C LEU A 84 -2.16 4.92 -2.08
N TYR A 85 -1.47 3.83 -2.39
CA TYR A 85 -1.39 3.32 -3.75
C TYR A 85 -2.78 3.27 -4.40
N CYS A 86 -3.73 2.68 -3.69
CA CYS A 86 -5.10 2.56 -4.19
C CYS A 86 -5.67 3.94 -4.51
N VAL A 87 -5.48 4.88 -3.60
CA VAL A 87 -5.98 6.23 -3.79
C VAL A 87 -5.60 6.78 -5.17
N HIS A 88 -4.35 6.55 -5.56
CA HIS A 88 -3.86 7.01 -6.86
C HIS A 88 -4.58 6.31 -7.99
N GLN A 89 -4.89 5.03 -7.88
CA GLN A 89 -5.58 4.30 -8.95
C GLN A 89 -7.08 4.57 -8.90
N ARG A 90 -7.46 5.67 -8.24
CA ARG A 90 -8.87 6.03 -8.11
C ARG A 90 -9.60 5.08 -7.16
N ILE A 91 -8.84 4.22 -6.49
CA ILE A 91 -9.41 3.27 -5.56
C ILE A 91 -9.55 3.88 -4.16
N ASP A 92 -10.69 3.64 -3.52
CA ASP A 92 -10.94 4.17 -2.18
C ASP A 92 -11.36 3.05 -1.24
N VAL A 93 -10.53 2.02 -1.14
CA VAL A 93 -10.82 0.89 -0.26
C VAL A 93 -11.51 1.34 1.01
N LYS A 94 -12.48 0.55 1.48
CA LYS A 94 -13.22 0.87 2.70
C LYS A 94 -12.27 1.02 3.87
N ASP A 95 -11.24 0.20 3.91
CA ASP A 95 -10.26 0.24 4.99
C ASP A 95 -8.92 -0.35 4.54
N THR A 96 -7.92 -0.25 5.41
CA THR A 96 -6.59 -0.77 5.10
C THR A 96 -6.62 -2.28 4.90
N LYS A 97 -7.71 -2.91 5.34
CA LYS A 97 -7.87 -4.35 5.20
C LYS A 97 -8.26 -4.72 3.77
N GLU A 98 -9.32 -4.12 3.27
CA GLU A 98 -9.79 -4.38 1.92
C GLU A 98 -8.74 -3.98 0.89
N ALA A 99 -7.79 -3.16 1.31
CA ALA A 99 -6.73 -2.70 0.43
C ALA A 99 -5.73 -3.82 0.13
N LEU A 100 -5.49 -4.67 1.13
CA LEU A 100 -4.56 -5.78 0.96
C LEU A 100 -5.20 -6.91 0.16
N ASP A 101 -6.52 -7.00 0.22
CA ASP A 101 -7.26 -8.03 -0.50
C ASP A 101 -7.46 -7.63 -1.96
N LYS A 102 -7.49 -6.32 -2.21
CA LYS A 102 -7.68 -5.81 -3.56
C LYS A 102 -6.35 -5.74 -4.31
N ILE A 103 -5.28 -5.43 -3.59
CA ILE A 103 -3.95 -5.33 -4.18
C ILE A 103 -3.49 -6.69 -4.69
N GLU A 104 -3.98 -7.76 -4.07
CA GLU A 104 -3.61 -9.11 -4.46
C GLU A 104 -4.32 -9.51 -5.76
N GLU A 105 -5.55 -9.04 -5.93
CA GLU A 105 -6.33 -9.35 -7.12
C GLU A 105 -5.96 -8.41 -8.27
N GLU A 106 -5.56 -7.20 -7.92
CA GLU A 106 -5.18 -6.20 -8.93
C GLU A 106 -3.84 -6.57 -9.58
N GLN A 107 -2.88 -6.96 -8.74
CA GLN A 107 -1.56 -7.33 -9.24
C GLN A 107 -1.66 -8.43 -10.29
N ASN A 108 -2.70 -9.25 -10.18
CA ASN A 108 -2.92 -10.34 -11.13
C ASN A 108 -3.15 -9.80 -12.54
N LYS A 109 -3.75 -8.62 -12.62
CA LYS A 109 -4.03 -7.99 -13.91
C LYS A 109 -2.75 -7.48 -14.55
N SER A 110 -1.82 -7.01 -13.73
CA SER A 110 -0.55 -6.48 -14.22
C SER A 110 0.46 -7.61 -14.41
N LYS A 111 0.24 -8.72 -13.71
CA LYS A 111 1.14 -9.86 -13.80
C LYS A 111 1.32 -10.30 -15.25
N LYS A 112 0.23 -10.30 -16.01
CA LYS A 112 0.27 -10.70 -17.41
C LYS A 112 1.20 -9.78 -18.20
N LYS A 113 1.31 -8.53 -17.76
CA LYS A 113 2.16 -7.56 -18.43
C LYS A 113 3.63 -7.98 -18.35
N ALA A 114 3.98 -8.67 -17.27
CA ALA A 114 5.34 -9.14 -17.07
C ALA A 114 5.58 -10.48 -17.77
N GLN A 115 4.48 -11.18 -18.06
CA GLN A 115 4.57 -12.48 -18.72
C GLN A 115 3.56 -12.57 -19.86
N GLN A 116 3.58 -11.59 -20.75
CA GLN A 116 2.67 -11.56 -21.89
C GLN A 116 2.69 -12.89 -22.63
N ALA A 117 3.83 -13.56 -22.61
CA ALA A 117 3.98 -14.85 -23.28
C ALA A 117 3.21 -15.94 -22.56
N ALA A 118 3.67 -16.30 -21.37
CA ALA A 118 3.02 -17.33 -20.57
C ALA A 118 1.51 -17.11 -20.50
N ALA A 119 1.11 -15.84 -20.37
CA ALA A 119 -0.29 -15.48 -20.28
C ALA A 119 -0.99 -15.72 -21.62
N ASP A 120 -0.49 -15.09 -22.67
CA ASP A 120 -1.06 -15.25 -24.00
C ASP A 120 -1.28 -16.71 -24.34
N THR A 121 -0.33 -17.55 -23.94
CA THR A 121 -0.41 -18.98 -24.21
C THR A 121 -1.16 -19.71 -23.09
N GLY A 122 -2.27 -20.35 -23.45
CA GLY A 122 -3.05 -21.07 -22.46
C GLY A 122 -4.45 -20.51 -22.32
N ASN A 123 -5.30 -21.22 -21.56
CA ASN A 123 -6.67 -20.79 -21.35
C ASN A 123 -6.78 -19.95 -20.08
N ASN A 124 -6.43 -20.56 -18.94
CA ASN A 124 -6.50 -19.87 -17.65
C ASN A 124 -7.94 -19.50 -17.30
N SER A 125 -8.09 -18.65 -16.30
CA SER A 125 -9.42 -18.22 -15.86
C SER A 125 -10.21 -19.40 -15.30
N GLN A 126 -10.09 -19.62 -14.00
CA GLN A 126 -10.80 -20.71 -13.34
C GLN A 126 -10.72 -20.58 -11.83
N VAL A 127 -11.23 -19.46 -11.31
CA VAL A 127 -11.22 -19.21 -9.87
C VAL A 127 -12.63 -18.94 -9.35
N SER A 128 -12.72 -18.66 -8.06
CA SER A 128 -14.01 -18.38 -7.43
C SER A 128 -13.86 -17.37 -6.30
N GLN A 129 -14.92 -17.20 -5.53
CA GLN A 129 -14.92 -16.26 -4.42
C GLN A 129 -13.96 -16.72 -3.32
N ASN A 130 -13.70 -15.85 -2.35
CA ASN A 130 -12.80 -16.17 -1.26
C ASN A 130 -13.36 -15.66 0.07
N TYR A 131 -14.67 -15.45 0.11
CA TYR A 131 -15.32 -14.94 1.32
C TYR A 131 -14.84 -13.54 1.66
P1 PBU B . 0.11 6.21 15.52
P4 PBU B . -2.92 -1.63 13.06
P5 PBU B . 0.67 -0.84 15.02
C3' PBU B . 2.39 5.67 14.66
C2' PBU B . 2.13 5.96 13.16
O2' PBU B . 3.06 5.21 12.38
C1' PBU B . 2.31 7.46 12.83
O1' PBU B . 3.50 7.94 13.42
C1 PBU B . -0.91 3.59 14.69
O1 PBU B . -0.12 4.56 15.57
C2 PBU B . -2.41 3.39 15.09
O2 PBU B . -2.58 2.97 16.45
C3 PBU B . -3.09 2.37 14.15
O3 PBU B . -4.45 2.22 14.58
C4 PBU B . -2.33 0.98 14.17
O4 PBU B . -3.00 0.02 13.20
C5 PBU B . -0.83 1.24 13.74
O5 PBU B . -0.10 -0.03 13.81
C6 PBU B . -0.12 2.27 14.66
O6 PBU B . 1.21 2.58 14.21
C7 PBU B . 2.57 4.07 11.71
O7 PBU B . 3.13 3.00 11.79
C8 PBU B . 1.29 4.19 10.85
C9 PBU B . 1.16 2.97 9.91
C10 PBU B . -0.27 2.90 9.37
C11 PBU B . 3.49 8.65 14.64
O11 PBU B . 2.70 9.54 14.90
C12 PBU B . 4.61 8.28 15.64
C13 PBU B . 5.91 7.83 14.97
C14 PBU B . 6.88 7.19 15.98
O41 PBU B . -3.54 -2.01 14.40
O42 PBU B . -3.75 -1.97 11.85
O43 PBU B . -1.48 -2.06 12.86
O51 PBU B . 0.82 -2.20 14.38
O52 PBU B . 1.92 -0.03 15.26
O53 PBU B . -0.34 -0.80 16.15
OP1 PBU B . 1.58 6.46 15.49
OP2 PBU B . -0.62 6.63 14.23
OP3 PBU B . -0.49 6.69 16.82
H3'1 PBU B . 3.41 5.87 14.87
H3'2 PBU B . 2.19 4.64 14.82
H2' PBU B . 1.15 5.71 12.92
H1'1 PBU B . 2.41 7.59 11.78
H1'2 PBU B . 1.47 8.01 13.13
H1 PBU B . -0.99 4.01 13.69
H2 PBU B . -2.90 4.36 14.98
H02 PBU B . -2.10 2.21 16.71
H3 PBU B . -3.07 2.73 13.13
H03 PBU B . -4.50 1.82 15.46
H4 PBU B . -2.32 0.51 15.13
H5 PBU B . -0.86 1.62 12.73
H6 PBU B . -0.05 1.84 15.65
H06 PBU B . 1.82 1.91 14.44
H81 PBU B . 1.33 5.06 10.28
H82 PBU B . 0.46 4.22 11.49
H91 PBU B . 1.39 2.09 10.44
H92 PBU B . 1.83 3.07 9.10
H11 PBU B . -0.49 3.78 8.85
H12 PBU B . -0.94 2.78 10.17
H13 PBU B . -0.36 2.07 8.72
H121 PBU B . 4.81 9.12 16.24
H122 PBU B . 4.25 7.49 16.25
H131 PBU B . 5.68 7.12 14.23
H132 PBU B . 6.38 8.66 14.52
H141 PBU B . 6.40 6.38 16.46
H142 PBU B . 7.18 7.88 16.70
H143 PBU B . 7.73 6.83 15.47
N GLY A 1 1.26 14.90 -14.69
CA GLY A 1 1.35 15.23 -13.28
C GLY A 1 2.60 16.02 -12.96
N ALA A 2 2.42 17.24 -12.47
CA ALA A 2 3.55 18.10 -12.12
C ALA A 2 4.08 17.76 -10.73
N ARG A 3 4.97 18.60 -10.22
CA ARG A 3 5.56 18.40 -8.91
C ARG A 3 4.63 18.93 -7.81
N ALA A 4 4.44 18.12 -6.77
CA ALA A 4 3.57 18.51 -5.65
C ALA A 4 3.71 17.54 -4.49
N SER A 5 2.91 17.76 -3.46
CA SER A 5 2.94 16.90 -2.27
C SER A 5 2.63 15.46 -2.64
N VAL A 6 2.51 14.60 -1.63
CA VAL A 6 2.21 13.19 -1.84
C VAL A 6 0.82 13.01 -2.43
N LEU A 7 -0.17 13.65 -1.80
CA LEU A 7 -1.55 13.56 -2.25
C LEU A 7 -2.06 14.92 -2.72
N SER A 8 -2.74 14.94 -3.86
CA SER A 8 -3.29 16.17 -4.40
C SER A 8 -4.54 16.59 -3.65
N GLY A 9 -5.26 17.57 -4.20
CA GLY A 9 -6.47 18.05 -3.56
C GLY A 9 -7.53 16.98 -3.46
N GLY A 10 -7.98 16.48 -4.61
CA GLY A 10 -9.01 15.45 -4.62
C GLY A 10 -8.59 14.21 -3.85
N GLU A 11 -7.31 13.85 -3.94
CA GLU A 11 -6.79 12.69 -3.25
C GLU A 11 -6.79 12.90 -1.74
N LEU A 12 -6.38 14.09 -1.32
CA LEU A 12 -6.32 14.43 0.10
C LEU A 12 -7.65 14.09 0.79
N ASP A 13 -8.74 14.55 0.20
CA ASP A 13 -10.07 14.29 0.75
C ASP A 13 -10.30 12.79 0.94
N LYS A 14 -10.15 12.04 -0.15
CA LYS A 14 -10.34 10.60 -0.11
C LYS A 14 -9.44 9.95 0.94
N TRP A 15 -8.20 10.42 1.00
CA TRP A 15 -7.23 9.89 1.96
C TRP A 15 -7.79 9.93 3.37
N GLU A 16 -8.33 11.08 3.76
CA GLU A 16 -8.89 11.25 5.09
C GLU A 16 -10.12 10.36 5.28
N LYS A 17 -10.66 9.88 4.16
CA LYS A 17 -11.84 9.02 4.20
C LYS A 17 -11.49 7.63 4.73
N ILE A 18 -10.72 6.88 3.96
CA ILE A 18 -10.32 5.54 4.37
C ILE A 18 -9.85 5.52 5.82
N ARG A 19 -10.10 4.40 6.51
CA ARG A 19 -9.70 4.26 7.90
C ARG A 19 -8.61 3.20 8.05
N LEU A 20 -7.89 3.26 9.16
CA LEU A 20 -6.82 2.30 9.43
C LEU A 20 -7.38 0.92 9.70
N ARG A 21 -8.52 0.86 10.38
CA ARG A 21 -9.16 -0.40 10.70
C ARG A 21 -10.56 -0.47 10.11
N PRO A 22 -11.07 -1.69 9.91
CA PRO A 22 -12.41 -1.92 9.34
C PRO A 22 -13.51 -1.52 10.31
N GLY A 23 -13.34 -1.86 11.58
CA GLY A 23 -14.33 -1.53 12.58
C GLY A 23 -13.84 -0.46 13.54
N GLY A 24 -13.02 0.45 13.05
CA GLY A 24 -12.49 1.51 13.89
C GLY A 24 -13.11 2.86 13.57
N LYS A 25 -12.64 3.90 14.25
CA LYS A 25 -13.16 5.25 14.04
C LYS A 25 -12.03 6.21 13.66
N LYS A 26 -10.80 5.70 13.68
CA LYS A 26 -9.64 6.51 13.33
C LYS A 26 -9.38 6.49 11.83
N GLN A 27 -9.59 7.63 11.18
CA GLN A 27 -9.37 7.75 9.74
C GLN A 27 -7.90 8.04 9.44
N TYR A 28 -7.58 8.11 8.15
CA TYR A 28 -6.22 8.38 7.72
C TYR A 28 -5.90 9.87 7.78
N LYS A 29 -4.68 10.20 8.19
CA LYS A 29 -4.26 11.58 8.31
C LYS A 29 -2.83 11.75 7.80
N LEU A 30 -2.42 13.00 7.61
CA LEU A 30 -1.07 13.30 7.14
C LEU A 30 -0.03 12.54 7.95
N LYS A 31 -0.26 12.44 9.25
CA LYS A 31 0.66 11.73 10.14
C LYS A 31 1.07 10.39 9.54
N HIS A 32 0.08 9.61 9.13
CA HIS A 32 0.34 8.30 8.54
C HIS A 32 1.19 8.42 7.28
N ILE A 33 1.04 9.49 6.49
CA ILE A 33 1.83 9.66 5.28
C ILE A 33 3.27 10.02 5.61
N VAL A 34 3.46 11.23 6.12
CA VAL A 34 4.80 11.71 6.48
C VAL A 34 5.58 10.62 7.23
N TRP A 35 4.87 9.84 8.02
CA TRP A 35 5.50 8.76 8.80
C TRP A 35 6.28 7.82 7.88
N ALA A 36 5.57 7.23 6.93
CA ALA A 36 6.19 6.30 5.98
C ALA A 36 7.27 7.00 5.15
N SER A 37 6.99 8.24 4.76
CA SER A 37 7.93 9.01 3.97
C SER A 37 9.26 9.21 4.72
N ARG A 38 9.16 9.35 6.03
CA ARG A 38 10.35 9.54 6.87
C ARG A 38 11.05 8.21 7.11
N GLU A 39 10.36 7.12 6.84
CA GLU A 39 10.93 5.78 7.04
C GLU A 39 11.60 5.29 5.76
N LEU A 40 11.02 5.64 4.61
CA LEU A 40 11.56 5.23 3.33
C LEU A 40 12.97 5.80 3.13
N GLU A 41 13.16 7.06 3.53
CA GLU A 41 14.44 7.71 3.38
C GLU A 41 15.54 6.93 4.12
N ARG A 42 15.13 6.10 5.08
CA ARG A 42 16.07 5.30 5.84
C ARG A 42 16.36 3.98 5.14
N PHE A 43 15.47 3.59 4.23
CA PHE A 43 15.64 2.35 3.48
C PHE A 43 16.22 2.61 2.09
N ALA A 44 16.93 3.73 1.96
CA ALA A 44 17.54 4.09 0.69
C ALA A 44 16.49 4.36 -0.37
N VAL A 45 15.30 4.79 0.08
CA VAL A 45 14.20 5.09 -0.84
C VAL A 45 13.73 6.52 -0.68
N ASN A 46 13.58 7.23 -1.79
CA ASN A 46 13.13 8.62 -1.77
C ASN A 46 11.64 8.70 -1.49
N PRO A 47 11.24 9.64 -0.61
CA PRO A 47 9.84 9.84 -0.24
C PRO A 47 9.01 10.42 -1.39
N GLY A 48 9.69 10.81 -2.46
CA GLY A 48 9.00 11.38 -3.60
C GLY A 48 8.35 10.31 -4.47
N LEU A 49 8.66 9.06 -4.19
CA LEU A 49 8.10 7.95 -4.95
C LEU A 49 6.66 7.64 -4.51
N LEU A 50 6.33 8.06 -3.28
CA LEU A 50 5.00 7.85 -2.74
C LEU A 50 3.99 8.81 -3.35
N GLU A 51 4.50 9.87 -3.96
CA GLU A 51 3.65 10.88 -4.58
C GLU A 51 3.04 10.35 -5.88
N THR A 52 3.72 9.37 -6.49
CA THR A 52 3.25 8.78 -7.73
C THR A 52 2.86 7.32 -7.53
N SER A 53 1.64 6.96 -7.95
CA SER A 53 1.16 5.60 -7.81
C SER A 53 2.19 4.60 -8.32
N GLU A 54 2.86 4.96 -9.41
CA GLU A 54 3.87 4.08 -10.00
C GLU A 54 4.95 3.73 -8.97
N GLY A 55 5.31 4.70 -8.14
CA GLY A 55 6.33 4.47 -7.13
C GLY A 55 5.93 3.40 -6.14
N CYS A 56 4.73 3.55 -5.57
CA CYS A 56 4.23 2.59 -4.59
C CYS A 56 4.12 1.20 -5.21
N ARG A 57 3.48 1.12 -6.37
CA ARG A 57 3.29 -0.15 -7.06
C ARG A 57 4.61 -0.94 -7.09
N GLN A 58 5.72 -0.23 -7.16
CA GLN A 58 7.03 -0.86 -7.19
C GLN A 58 7.53 -1.16 -5.78
N ILE A 59 7.28 -0.23 -4.86
CA ILE A 59 7.72 -0.39 -3.48
C ILE A 59 7.08 -1.63 -2.85
N LEU A 60 5.77 -1.79 -3.04
CA LEU A 60 5.05 -2.92 -2.50
C LEU A 60 5.63 -4.24 -3.03
N GLY A 61 5.97 -4.26 -4.31
CA GLY A 61 6.53 -5.45 -4.92
C GLY A 61 7.90 -5.78 -4.37
N GLN A 62 8.57 -4.79 -3.78
CA GLN A 62 9.89 -4.98 -3.22
C GLN A 62 9.81 -5.51 -1.79
N LEU A 63 8.98 -4.88 -0.98
CA LEU A 63 8.82 -5.28 0.42
C LEU A 63 7.98 -6.55 0.51
N GLN A 64 7.11 -6.75 -0.46
CA GLN A 64 6.24 -7.93 -0.49
C GLN A 64 7.05 -9.19 -0.19
N PRO A 65 8.06 -9.46 -1.02
CA PRO A 65 8.92 -10.64 -0.86
C PRO A 65 9.83 -10.53 0.36
N SER A 66 9.75 -9.40 1.05
CA SER A 66 10.57 -9.17 2.24
C SER A 66 9.70 -9.20 3.51
N LEU A 67 8.40 -9.36 3.32
CA LEU A 67 7.46 -9.40 4.45
C LEU A 67 7.69 -10.66 5.29
N GLN A 68 8.36 -11.64 4.71
CA GLN A 68 8.64 -12.89 5.40
C GLN A 68 9.49 -12.64 6.65
N THR A 69 10.54 -11.83 6.49
CA THR A 69 11.42 -11.51 7.60
C THR A 69 11.51 -10.01 7.81
N GLY A 70 10.40 -9.31 7.57
CA GLY A 70 10.37 -7.88 7.75
C GLY A 70 9.92 -7.47 9.13
N SER A 71 10.72 -6.65 9.80
CA SER A 71 10.39 -6.20 11.15
C SER A 71 9.08 -5.41 11.15
N GLU A 72 8.75 -4.82 12.30
CA GLU A 72 7.53 -4.04 12.43
C GLU A 72 7.57 -2.80 11.54
N GLU A 73 8.78 -2.26 11.35
CA GLU A 73 8.96 -1.07 10.53
C GLU A 73 8.49 -1.32 9.10
N LEU A 74 8.79 -2.51 8.59
CA LEU A 74 8.39 -2.88 7.24
C LEU A 74 6.92 -3.23 7.17
N ARG A 75 6.39 -3.78 8.26
CA ARG A 75 4.99 -4.16 8.33
C ARG A 75 4.08 -2.94 8.16
N SER A 76 4.32 -1.93 8.99
CA SER A 76 3.53 -0.70 8.94
C SER A 76 3.58 -0.08 7.55
N LEU A 77 4.77 -0.07 6.95
CA LEU A 77 4.96 0.50 5.63
C LEU A 77 4.00 -0.12 4.63
N TYR A 78 4.07 -1.43 4.48
CA TYR A 78 3.20 -2.15 3.54
C TYR A 78 1.74 -1.71 3.72
N ASN A 79 1.33 -1.53 4.97
CA ASN A 79 -0.04 -1.11 5.27
C ASN A 79 -0.34 0.24 4.64
N THR A 80 0.39 1.28 5.07
CA THR A 80 0.19 2.62 4.56
C THR A 80 0.32 2.64 3.03
N ILE A 81 1.44 2.13 2.53
CA ILE A 81 1.69 2.10 1.09
C ILE A 81 0.50 1.48 0.35
N ALA A 82 -0.03 0.39 0.90
CA ALA A 82 -1.17 -0.29 0.28
C ALA A 82 -2.31 0.69 0.02
N VAL A 83 -2.63 1.52 1.01
CA VAL A 83 -3.69 2.50 0.88
C VAL A 83 -3.29 3.64 -0.05
N LEU A 84 -2.12 4.21 0.20
CA LEU A 84 -1.61 5.31 -0.61
C LEU A 84 -1.70 4.97 -2.10
N TYR A 85 -1.63 3.69 -2.41
CA TYR A 85 -1.70 3.24 -3.81
C TYR A 85 -3.14 3.32 -4.33
N CYS A 86 -4.09 2.89 -3.49
CA CYS A 86 -5.49 2.91 -3.86
C CYS A 86 -6.00 4.34 -4.02
N VAL A 87 -5.31 5.27 -3.37
CA VAL A 87 -5.68 6.69 -3.43
C VAL A 87 -5.33 7.28 -4.79
N HIS A 88 -4.21 6.85 -5.35
CA HIS A 88 -3.77 7.35 -6.66
C HIS A 88 -4.45 6.57 -7.79
N GLN A 89 -4.68 5.27 -7.65
CA GLN A 89 -5.33 4.49 -8.70
C GLN A 89 -6.84 4.56 -8.59
N ARG A 90 -7.32 5.30 -7.59
CA ARG A 90 -8.76 5.44 -7.37
C ARG A 90 -9.41 4.09 -7.10
N ILE A 91 -8.77 3.29 -6.26
CA ILE A 91 -9.29 1.96 -5.92
C ILE A 91 -10.13 2.01 -4.65
N ASP A 92 -11.42 1.77 -4.79
CA ASP A 92 -12.33 1.79 -3.65
C ASP A 92 -11.84 0.87 -2.54
N VAL A 93 -11.82 1.38 -1.32
CA VAL A 93 -11.36 0.60 -0.17
C VAL A 93 -12.13 0.98 1.09
N LYS A 94 -12.82 0.00 1.67
CA LYS A 94 -13.59 0.23 2.89
C LYS A 94 -12.68 0.48 4.08
N ASP A 95 -11.43 0.02 3.98
CA ASP A 95 -10.46 0.20 5.04
C ASP A 95 -9.09 -0.29 4.62
N THR A 96 -8.09 -0.08 5.47
CA THR A 96 -6.72 -0.51 5.18
C THR A 96 -6.64 -2.02 5.01
N LYS A 97 -7.66 -2.72 5.48
CA LYS A 97 -7.71 -4.17 5.38
C LYS A 97 -8.04 -4.62 3.96
N GLU A 98 -8.98 -3.92 3.33
CA GLU A 98 -9.39 -4.24 1.97
C GLU A 98 -8.21 -4.08 1.00
N ALA A 99 -7.79 -2.84 0.78
CA ALA A 99 -6.69 -2.55 -0.12
C ALA A 99 -5.57 -3.58 0.05
N LEU A 100 -5.31 -3.98 1.29
CA LEU A 100 -4.27 -4.95 1.58
C LEU A 100 -4.55 -6.27 0.86
N ASP A 101 -5.68 -6.89 1.17
CA ASP A 101 -6.06 -8.16 0.56
C ASP A 101 -6.26 -7.99 -0.94
N LYS A 102 -6.61 -6.78 -1.36
CA LYS A 102 -6.83 -6.49 -2.77
C LYS A 102 -5.51 -6.47 -3.53
N ILE A 103 -4.43 -6.15 -2.83
CA ILE A 103 -3.11 -6.10 -3.45
C ILE A 103 -2.34 -7.39 -3.21
N GLU A 104 -2.71 -8.11 -2.15
CA GLU A 104 -2.06 -9.37 -1.81
C GLU A 104 -2.70 -10.54 -2.57
N GLU A 105 -4.02 -10.64 -2.50
CA GLU A 105 -4.74 -11.70 -3.19
C GLU A 105 -4.37 -11.73 -4.67
N GLU A 106 -4.11 -10.57 -5.24
CA GLU A 106 -3.74 -10.46 -6.65
C GLU A 106 -2.48 -11.27 -6.95
N GLN A 107 -1.62 -11.40 -5.95
CA GLN A 107 -0.38 -12.14 -6.10
C GLN A 107 -0.49 -13.53 -5.47
N ASN A 108 -1.40 -13.66 -4.51
CA ASN A 108 -1.61 -14.93 -3.83
C ASN A 108 -2.09 -16.01 -4.79
N LYS A 109 -2.87 -15.59 -5.79
CA LYS A 109 -3.40 -16.52 -6.79
C LYS A 109 -2.27 -17.26 -7.49
N SER A 110 -1.21 -16.54 -7.81
CA SER A 110 -0.06 -17.12 -8.49
C SER A 110 0.86 -17.83 -7.51
N LYS A 111 0.80 -17.40 -6.25
CA LYS A 111 1.62 -18.00 -5.19
C LYS A 111 1.21 -19.45 -4.94
N LYS A 112 0.00 -19.63 -4.44
CA LYS A 112 -0.52 -20.96 -4.15
C LYS A 112 -0.49 -21.83 -5.39
N LYS A 113 -0.47 -21.20 -6.56
CA LYS A 113 -0.44 -21.92 -7.83
C LYS A 113 0.94 -21.85 -8.47
N ALA A 114 1.98 -21.93 -7.63
CA ALA A 114 3.35 -21.88 -8.12
C ALA A 114 4.23 -22.91 -7.41
N GLN A 115 3.67 -23.55 -6.39
CA GLN A 115 4.39 -24.55 -5.62
C GLN A 115 5.13 -25.51 -6.55
N GLN A 116 4.48 -25.87 -7.66
CA GLN A 116 5.07 -26.78 -8.63
C GLN A 116 5.56 -28.05 -7.95
N ALA A 117 4.75 -28.60 -7.05
CA ALA A 117 5.11 -29.81 -6.32
C ALA A 117 4.03 -30.17 -5.30
N ALA A 118 3.64 -29.19 -4.49
CA ALA A 118 2.62 -29.42 -3.47
C ALA A 118 1.27 -29.73 -4.10
N ALA A 119 1.20 -29.60 -5.42
CA ALA A 119 -0.04 -29.88 -6.15
C ALA A 119 -0.25 -31.37 -6.32
N ASP A 120 -1.51 -31.79 -6.35
CA ASP A 120 -1.85 -33.20 -6.51
C ASP A 120 -1.51 -33.98 -5.25
N THR A 121 -1.44 -33.28 -4.12
CA THR A 121 -1.13 -33.91 -2.84
C THR A 121 -2.33 -33.87 -1.90
N GLY A 122 -2.51 -34.94 -1.14
CA GLY A 122 -3.62 -35.00 -0.20
C GLY A 122 -3.72 -33.77 0.68
N ASN A 123 -4.77 -32.99 0.50
CA ASN A 123 -4.97 -31.78 1.28
C ASN A 123 -6.41 -31.70 1.80
N ASN A 124 -6.58 -31.01 2.92
CA ASN A 124 -7.90 -30.86 3.52
C ASN A 124 -8.11 -29.43 4.04
N SER A 125 -9.33 -29.14 4.49
CA SER A 125 -9.65 -27.81 4.99
C SER A 125 -10.05 -27.87 6.46
N GLN A 126 -11.25 -28.37 6.73
CA GLN A 126 -11.75 -28.49 8.08
C GLN A 126 -11.62 -27.17 8.83
N VAL A 127 -11.74 -26.07 8.09
CA VAL A 127 -11.64 -24.73 8.69
C VAL A 127 -13.01 -24.10 8.87
N SER A 128 -13.23 -23.52 10.05
CA SER A 128 -14.50 -22.88 10.36
C SER A 128 -14.75 -21.70 9.43
N GLN A 129 -15.93 -21.09 9.57
CA GLN A 129 -16.29 -19.94 8.74
C GLN A 129 -16.97 -18.86 9.58
N ASN A 130 -17.35 -17.77 8.92
CA ASN A 130 -18.01 -16.66 9.61
C ASN A 130 -17.19 -16.21 10.82
N TYR A 131 -16.09 -15.51 10.55
CA TYR A 131 -15.22 -15.02 11.62
C TYR A 131 -15.30 -13.50 11.73
P1 PBU B . 0.22 6.45 15.57
P4 PBU B . -5.41 0.13 16.28
P5 PBU B . -0.33 -0.92 13.91
C3' PBU B . 2.51 5.96 14.65
C2' PBU B . 2.13 6.14 13.15
O2' PBU B . 3.05 5.42 12.36
C1' PBU B . 2.18 7.63 12.73
O1' PBU B . 3.34 8.24 13.25
C1 PBU B . -1.11 3.85 15.36
O1 PBU B . 0.07 4.78 15.65
C2 PBU B . -2.33 3.97 16.34
O2 PBU B . -1.96 3.79 17.70
C3 PBU B . -3.42 2.94 15.97
O3 PBU B . -4.50 3.11 16.91
C4 PBU B . -2.86 1.47 15.97
O4 PBU B . -3.96 0.51 15.57
C5 PBU B . -1.64 1.39 14.97
O5 PBU B . -1.08 0.04 15.03
C6 PBU B . -0.52 2.42 15.31
O6 PBU B . 0.52 2.43 14.33
C7 PBU B . 2.59 4.23 11.76
O7 PBU B . 3.19 3.18 11.90
C8 PBU B . 1.30 4.25 10.91
C9 PBU B . 1.36 3.17 9.82
C10 PBU B . -0.03 3.00 9.17
C11 PBU B . 3.37 9.58 13.65
O11 PBU B . 3.17 10.53 12.91
C12 PBU B . 3.74 9.83 15.14
C13 PBU B . 2.94 10.96 15.80
C14 PBU B . 3.20 11.03 17.31
O41 PBU B . -5.31 -1.39 16.25
O42 PBU B . -5.35 0.74 17.66
O43 PBU B . -6.55 0.73 15.47
O51 PBU B . 0.23 -2.00 14.81
O52 PBU B . -1.45 -1.30 12.96
O53 PBU B . 0.72 0.00 13.32
OP1 PBU B . 1.69 6.75 15.49
OP2 PBU B . -0.56 6.80 14.30
OP3 PBU B . -0.33 6.94 16.88
H3'1 PBU B . 3.51 6.24 14.78
H3'2 PBU B . 2.38 4.94 14.88
H2' PBU B . 1.14 5.82 12.99
H1'1 PBU B . 2.23 7.71 11.68
H1'2 PBU B . 1.30 8.13 13.03
H1 PBU B . -1.55 4.12 14.40
H2 PBU B . -2.72 4.98 16.21
H02 PBU B . -1.49 3.03 17.91
H3 PBU B . -3.80 3.13 14.96
H03 PBU B . -4.22 2.86 17.79
H4 PBU B . -2.50 1.16 16.94
H5 PBU B . -2.06 1.61 13.99
H6 PBU B . -0.09 2.14 16.26
H06 PBU B . 1.12 1.71 14.44
H81 PBU B . 1.18 5.19 10.47
H82 PBU B . 0.48 4.05 11.54
H91 PBU B . 1.66 2.26 10.24
H92 PBU B . 2.04 3.46 9.07
H11 PBU B . -0.34 3.92 8.77
H12 PBU B . -0.72 2.71 9.91
H13 PBU B . 0.01 2.29 8.41
H121 PBU B . 3.56 8.94 15.67
H122 PBU B . 4.76 10.07 15.18
H131 PBU B . 3.22 11.88 15.36
H132 PBU B . 1.92 10.80 15.63
H141 PBU B . 4.23 11.14 17.48
H142 PBU B . 2.87 10.16 17.79
H143 PBU B . 2.69 11.86 17.71
N GLY A 1 9.35 12.34 -9.47
CA GLY A 1 8.75 13.55 -8.94
C GLY A 1 7.49 13.95 -9.67
N ALA A 2 6.50 14.46 -8.93
CA ALA A 2 5.24 14.88 -9.53
C ALA A 2 5.04 16.38 -9.37
N ARG A 3 3.82 16.84 -9.64
CA ARG A 3 3.49 18.26 -9.53
C ARG A 3 3.97 18.82 -8.19
N ALA A 4 3.26 18.46 -7.12
CA ALA A 4 3.61 18.94 -5.79
C ALA A 4 2.88 18.14 -4.71
N SER A 5 3.54 17.93 -3.59
CA SER A 5 2.96 17.17 -2.49
C SER A 5 2.70 15.72 -2.90
N VAL A 6 2.31 14.91 -1.93
CA VAL A 6 2.04 13.50 -2.18
C VAL A 6 0.62 13.31 -2.72
N LEU A 7 -0.36 13.88 -2.03
CA LEU A 7 -1.75 13.78 -2.44
C LEU A 7 -2.31 15.14 -2.82
N SER A 8 -3.02 15.20 -3.94
CA SER A 8 -3.62 16.44 -4.41
C SER A 8 -4.81 16.83 -3.56
N GLY A 9 -5.58 17.81 -4.04
CA GLY A 9 -6.75 18.26 -3.31
C GLY A 9 -7.78 17.16 -3.12
N GLY A 10 -8.32 16.68 -4.24
CA GLY A 10 -9.32 15.63 -4.19
C GLY A 10 -8.83 14.40 -3.47
N GLU A 11 -7.57 14.04 -3.71
CA GLU A 11 -6.98 12.87 -3.06
C GLU A 11 -6.88 13.06 -1.55
N LEU A 12 -6.43 14.25 -1.14
CA LEU A 12 -6.28 14.56 0.27
C LEU A 12 -7.56 14.21 1.05
N ASP A 13 -8.70 14.68 0.53
CA ASP A 13 -9.98 14.40 1.16
C ASP A 13 -10.23 12.91 1.28
N LYS A 14 -10.15 12.21 0.16
CA LYS A 14 -10.36 10.77 0.13
C LYS A 14 -9.43 10.06 1.10
N TRP A 15 -8.20 10.54 1.19
CA TRP A 15 -7.21 9.95 2.09
C TRP A 15 -7.73 9.91 3.52
N GLU A 16 -8.27 11.04 3.98
CA GLU A 16 -8.81 11.12 5.33
C GLU A 16 -10.02 10.22 5.49
N LYS A 17 -10.59 9.79 4.38
CA LYS A 17 -11.76 8.92 4.40
C LYS A 17 -11.39 7.52 4.86
N ILE A 18 -10.57 6.83 4.07
CA ILE A 18 -10.13 5.49 4.42
C ILE A 18 -9.72 5.38 5.88
N ARG A 19 -10.04 4.26 6.51
CA ARG A 19 -9.70 4.04 7.90
C ARG A 19 -8.58 3.01 8.04
N LEU A 20 -7.91 3.03 9.18
CA LEU A 20 -6.82 2.09 9.44
C LEU A 20 -7.34 0.67 9.62
N ARG A 21 -8.48 0.55 10.29
CA ARG A 21 -9.09 -0.75 10.53
C ARG A 21 -10.52 -0.79 10.00
N PRO A 22 -11.03 -2.01 9.75
CA PRO A 22 -12.39 -2.20 9.25
C PRO A 22 -13.45 -1.85 10.27
N GLY A 23 -13.22 -2.25 11.52
CA GLY A 23 -14.17 -1.97 12.58
C GLY A 23 -13.66 -0.94 13.56
N GLY A 24 -12.86 0.01 13.06
CA GLY A 24 -12.32 1.05 13.90
C GLY A 24 -12.96 2.40 13.65
N LYS A 25 -12.47 3.42 14.35
CA LYS A 25 -13.00 4.77 14.20
C LYS A 25 -11.89 5.75 13.84
N LYS A 26 -10.66 5.25 13.80
CA LYS A 26 -9.51 6.08 13.47
C LYS A 26 -9.27 6.12 11.97
N GLN A 27 -9.42 7.30 11.38
CA GLN A 27 -9.23 7.48 9.94
C GLN A 27 -7.77 7.78 9.63
N TYR A 28 -7.48 8.01 8.35
CA TYR A 28 -6.13 8.31 7.91
C TYR A 28 -5.84 9.81 7.99
N LYS A 29 -4.61 10.16 8.35
CA LYS A 29 -4.22 11.55 8.46
C LYS A 29 -2.81 11.77 7.88
N LEU A 30 -2.44 13.03 7.71
CA LEU A 30 -1.13 13.37 7.17
C LEU A 30 -0.02 12.64 7.93
N LYS A 31 -0.20 12.50 9.24
CA LYS A 31 0.79 11.82 10.08
C LYS A 31 1.19 10.49 9.45
N HIS A 32 0.20 9.67 9.10
CA HIS A 32 0.46 8.37 8.49
C HIS A 32 1.26 8.53 7.20
N ILE A 33 1.08 9.61 6.44
CA ILE A 33 1.82 9.80 5.20
C ILE A 33 3.27 10.18 5.47
N VAL A 34 3.47 11.37 6.00
CA VAL A 34 4.81 11.86 6.32
C VAL A 34 5.62 10.79 7.06
N TRP A 35 4.93 10.02 7.89
CA TRP A 35 5.58 8.96 8.66
C TRP A 35 6.31 8.00 7.75
N ALA A 36 5.57 7.37 6.84
CA ALA A 36 6.16 6.41 5.90
C ALA A 36 7.23 7.08 5.04
N SER A 37 6.98 8.33 4.66
CA SER A 37 7.92 9.07 3.83
C SER A 37 9.26 9.22 4.53
N ARG A 38 9.24 9.24 5.86
CA ARG A 38 10.45 9.37 6.65
C ARG A 38 11.11 8.02 6.87
N GLU A 39 10.32 6.96 6.78
CA GLU A 39 10.83 5.60 6.95
C GLU A 39 11.41 5.06 5.65
N LEU A 40 10.84 5.48 4.53
CA LEU A 40 11.28 5.03 3.23
C LEU A 40 12.70 5.53 2.93
N GLU A 41 12.95 6.80 3.27
CA GLU A 41 14.26 7.39 3.04
C GLU A 41 15.33 6.68 3.86
N ARG A 42 14.90 5.98 4.92
CA ARG A 42 15.83 5.26 5.77
C ARG A 42 15.87 3.77 5.40
N PHE A 43 14.77 3.28 4.84
CA PHE A 43 14.67 1.89 4.43
C PHE A 43 15.53 1.62 3.20
N ALA A 44 15.21 2.29 2.10
CA ALA A 44 15.96 2.12 0.86
C ALA A 44 15.19 2.70 -0.33
N VAL A 45 14.01 3.26 -0.04
CA VAL A 45 13.18 3.85 -1.08
C VAL A 45 13.10 5.36 -0.93
N ASN A 46 13.08 6.07 -2.05
CA ASN A 46 13.01 7.53 -2.04
C ASN A 46 11.60 8.01 -1.71
N PRO A 47 11.51 9.08 -0.92
CA PRO A 47 10.22 9.65 -0.50
C PRO A 47 9.49 10.32 -1.67
N GLY A 48 10.17 10.43 -2.80
CA GLY A 48 9.57 11.05 -3.97
C GLY A 48 8.73 10.08 -4.78
N LEU A 49 8.80 8.80 -4.41
CA LEU A 49 8.04 7.77 -5.10
C LEU A 49 6.63 7.64 -4.51
N LEU A 50 6.29 8.55 -3.62
CA LEU A 50 4.97 8.54 -2.98
C LEU A 50 3.99 9.40 -3.77
N GLU A 51 4.51 10.30 -4.57
CA GLU A 51 3.66 11.19 -5.38
C GLU A 51 3.49 10.63 -6.79
N THR A 52 3.58 9.31 -6.91
CA THR A 52 3.43 8.64 -8.21
C THR A 52 2.94 7.21 -8.03
N SER A 53 1.69 6.96 -8.41
CA SER A 53 1.11 5.63 -8.30
C SER A 53 2.05 4.57 -8.85
N GLU A 54 2.73 4.90 -9.95
CA GLU A 54 3.67 3.98 -10.57
C GLU A 54 4.87 3.72 -9.67
N GLY A 55 5.19 4.70 -8.83
CA GLY A 55 6.32 4.56 -7.93
C GLY A 55 5.92 3.95 -6.60
N CYS A 56 4.64 4.08 -6.26
CA CYS A 56 4.13 3.54 -4.99
C CYS A 56 4.02 2.01 -5.06
N ARG A 57 3.77 1.50 -6.26
CA ARG A 57 3.63 0.06 -6.46
C ARG A 57 4.97 -0.64 -6.25
N GLN A 58 6.03 -0.03 -6.77
CA GLN A 58 7.37 -0.59 -6.64
C GLN A 58 7.75 -0.79 -5.19
N ILE A 59 7.12 -0.01 -4.31
CA ILE A 59 7.39 -0.10 -2.87
C ILE A 59 6.84 -1.39 -2.29
N LEU A 60 5.65 -1.78 -2.74
CA LEU A 60 5.01 -3.00 -2.26
C LEU A 60 5.65 -4.23 -2.88
N GLY A 61 5.99 -4.13 -4.16
CA GLY A 61 6.62 -5.25 -4.85
C GLY A 61 8.05 -5.47 -4.42
N GLN A 62 8.61 -4.49 -3.71
CA GLN A 62 9.99 -4.58 -3.25
C GLN A 62 10.05 -5.25 -1.88
N LEU A 63 9.12 -4.88 -1.00
CA LEU A 63 9.07 -5.44 0.34
C LEU A 63 8.44 -6.83 0.33
N GLN A 64 7.70 -7.13 -0.72
CA GLN A 64 7.05 -8.43 -0.85
C GLN A 64 7.86 -9.52 -0.14
N PRO A 65 9.12 -9.70 -0.59
CA PRO A 65 10.02 -10.70 -0.02
C PRO A 65 10.47 -10.34 1.40
N SER A 66 10.89 -9.09 1.57
CA SER A 66 11.35 -8.62 2.87
C SER A 66 10.29 -8.86 3.94
N LEU A 67 9.04 -8.98 3.52
CA LEU A 67 7.93 -9.22 4.43
C LEU A 67 8.11 -10.54 5.17
N GLN A 68 8.87 -11.45 4.57
CA GLN A 68 9.12 -12.75 5.18
C GLN A 68 9.60 -12.60 6.62
N THR A 69 10.51 -11.66 6.84
CA THR A 69 11.05 -11.42 8.17
C THR A 69 11.26 -9.93 8.41
N GLY A 70 10.32 -9.12 7.94
CA GLY A 70 10.43 -7.68 8.11
C GLY A 70 9.95 -7.22 9.48
N SER A 71 10.60 -6.21 10.03
CA SER A 71 10.24 -5.68 11.34
C SER A 71 8.96 -4.85 11.25
N GLU A 72 8.51 -4.35 12.40
CA GLU A 72 7.30 -3.54 12.45
C GLU A 72 7.39 -2.37 11.49
N GLU A 73 8.60 -1.82 11.34
CA GLU A 73 8.83 -0.69 10.46
C GLU A 73 8.44 -1.04 9.02
N LEU A 74 8.71 -2.28 8.64
CA LEU A 74 8.39 -2.75 7.29
C LEU A 74 6.91 -3.06 7.16
N ARG A 75 6.34 -3.69 8.20
CA ARG A 75 4.93 -4.06 8.19
C ARG A 75 4.06 -2.82 8.07
N SER A 76 4.27 -1.85 8.96
CA SER A 76 3.50 -0.62 8.96
C SER A 76 3.53 0.04 7.58
N LEU A 77 4.70 -0.01 6.94
CA LEU A 77 4.87 0.60 5.62
C LEU A 77 3.88 0.00 4.63
N TYR A 78 3.96 -1.31 4.43
CA TYR A 78 3.07 -1.99 3.49
C TYR A 78 1.63 -1.56 3.70
N ASN A 79 1.22 -1.42 4.96
CA ASN A 79 -0.13 -1.01 5.29
C ASN A 79 -0.45 0.35 4.69
N THR A 80 0.33 1.36 5.07
CA THR A 80 0.13 2.71 4.56
C THR A 80 0.23 2.75 3.03
N ILE A 81 1.32 2.21 2.51
CA ILE A 81 1.54 2.18 1.07
C ILE A 81 0.31 1.65 0.34
N ALA A 82 -0.26 0.56 0.86
CA ALA A 82 -1.44 -0.05 0.26
C ALA A 82 -2.52 0.99 0.01
N VAL A 83 -2.80 1.81 1.02
CA VAL A 83 -3.82 2.84 0.91
C VAL A 83 -3.37 3.96 -0.02
N LEU A 84 -2.14 4.44 0.20
CA LEU A 84 -1.59 5.52 -0.62
C LEU A 84 -1.72 5.20 -2.10
N TYR A 85 -1.62 3.91 -2.43
CA TYR A 85 -1.72 3.47 -3.81
C TYR A 85 -3.17 3.57 -4.31
N CYS A 86 -4.10 3.08 -3.49
CA CYS A 86 -5.51 3.10 -3.83
C CYS A 86 -6.01 4.53 -3.97
N VAL A 87 -5.27 5.48 -3.38
CA VAL A 87 -5.64 6.89 -3.43
C VAL A 87 -5.34 7.49 -4.80
N HIS A 88 -4.25 7.03 -5.40
CA HIS A 88 -3.84 7.53 -6.72
C HIS A 88 -4.50 6.71 -7.83
N GLN A 89 -4.58 5.39 -7.72
CA GLN A 89 -5.20 4.57 -8.74
C GLN A 89 -6.72 4.66 -8.67
N ARG A 90 -7.23 5.35 -7.66
CA ARG A 90 -8.66 5.52 -7.47
C ARG A 90 -9.32 4.17 -7.16
N ILE A 91 -8.69 3.41 -6.26
CA ILE A 91 -9.22 2.11 -5.87
C ILE A 91 -10.01 2.21 -4.58
N ASP A 92 -11.33 2.04 -4.68
CA ASP A 92 -12.21 2.11 -3.51
C ASP A 92 -11.79 1.08 -2.46
N VAL A 93 -11.77 1.51 -1.21
CA VAL A 93 -11.39 0.62 -0.10
C VAL A 93 -12.13 0.99 1.18
N LYS A 94 -12.92 0.06 1.69
CA LYS A 94 -13.68 0.28 2.91
C LYS A 94 -12.75 0.44 4.11
N ASP A 95 -11.52 -0.03 3.97
CA ASP A 95 -10.53 0.06 5.04
C ASP A 95 -9.16 -0.41 4.56
N THR A 96 -8.15 -0.26 5.41
CA THR A 96 -6.80 -0.66 5.08
C THR A 96 -6.74 -2.16 4.76
N LYS A 97 -7.79 -2.88 5.14
CA LYS A 97 -7.85 -4.32 4.89
C LYS A 97 -8.19 -4.60 3.43
N GLU A 98 -9.25 -3.98 2.94
CA GLU A 98 -9.69 -4.17 1.57
C GLU A 98 -8.66 -3.61 0.59
N ALA A 99 -7.81 -2.71 1.09
CA ALA A 99 -6.76 -2.10 0.27
C ALA A 99 -5.63 -3.07 0.01
N LEU A 100 -5.45 -4.03 0.92
CA LEU A 100 -4.39 -5.03 0.78
C LEU A 100 -4.88 -6.23 0.00
N ASP A 101 -6.14 -6.60 0.21
CA ASP A 101 -6.73 -7.74 -0.48
C ASP A 101 -6.90 -7.46 -1.96
N LYS A 102 -7.07 -6.18 -2.31
CA LYS A 102 -7.24 -5.77 -3.69
C LYS A 102 -5.93 -5.93 -4.47
N ILE A 103 -4.82 -5.88 -3.75
CA ILE A 103 -3.51 -6.02 -4.38
C ILE A 103 -2.94 -7.42 -4.14
N GLU A 104 -3.47 -8.11 -3.14
CA GLU A 104 -3.01 -9.45 -2.80
C GLU A 104 -3.81 -10.50 -3.57
N GLU A 105 -5.12 -10.29 -3.67
CA GLU A 105 -5.99 -11.21 -4.38
C GLU A 105 -5.47 -11.48 -5.80
N GLU A 106 -4.93 -10.44 -6.42
CA GLU A 106 -4.40 -10.55 -7.78
C GLU A 106 -3.30 -11.59 -7.85
N GLN A 107 -2.62 -11.80 -6.72
CA GLN A 107 -1.53 -12.76 -6.64
C GLN A 107 -2.01 -14.07 -6.02
N ASN A 108 -2.98 -13.98 -5.12
CA ASN A 108 -3.52 -15.14 -4.45
C ASN A 108 -4.27 -16.04 -5.43
N LYS A 109 -4.93 -15.42 -6.40
CA LYS A 109 -5.68 -16.15 -7.41
C LYS A 109 -4.81 -17.19 -8.10
N SER A 110 -3.52 -16.86 -8.27
CA SER A 110 -2.58 -17.76 -8.92
C SER A 110 -1.99 -18.75 -7.91
N LYS A 111 -2.00 -18.36 -6.63
CA LYS A 111 -1.47 -19.20 -5.57
C LYS A 111 -2.48 -20.28 -5.19
N LYS A 112 -3.60 -19.86 -4.59
CA LYS A 112 -4.63 -20.79 -4.17
C LYS A 112 -4.96 -21.78 -5.29
N LYS A 113 -4.88 -21.30 -6.53
CA LYS A 113 -5.18 -22.14 -7.69
C LYS A 113 -4.39 -23.45 -7.63
N ALA A 114 -3.08 -23.34 -7.38
CA ALA A 114 -2.23 -24.51 -7.30
C ALA A 114 -2.77 -25.52 -6.30
N GLN A 115 -3.44 -25.02 -5.26
CA GLN A 115 -4.01 -25.88 -4.24
C GLN A 115 -5.53 -25.74 -4.19
N GLN A 116 -6.14 -25.51 -5.35
CA GLN A 116 -7.59 -25.35 -5.43
C GLN A 116 -8.29 -26.68 -5.18
N ALA A 117 -7.61 -27.77 -5.47
CA ALA A 117 -8.17 -29.11 -5.27
C ALA A 117 -7.78 -29.68 -3.92
N ALA A 118 -6.48 -29.60 -3.60
CA ALA A 118 -5.98 -30.11 -2.33
C ALA A 118 -6.07 -29.06 -1.24
N ALA A 119 -7.30 -28.81 -0.78
CA ALA A 119 -7.53 -27.82 0.27
C ALA A 119 -8.90 -28.01 0.91
N ASP A 120 -9.95 -27.81 0.12
CA ASP A 120 -11.31 -27.97 0.61
C ASP A 120 -11.60 -29.42 1.00
N THR A 121 -11.52 -30.31 0.02
CA THR A 121 -11.76 -31.72 0.26
C THR A 121 -13.09 -31.93 0.98
N GLY A 122 -13.33 -33.17 1.42
CA GLY A 122 -14.56 -33.48 2.12
C GLY A 122 -14.31 -34.01 3.52
N ASN A 123 -13.68 -33.20 4.35
CA ASN A 123 -13.38 -33.59 5.73
C ASN A 123 -13.65 -32.43 6.70
N ASN A 124 -14.58 -32.64 7.61
CA ASN A 124 -14.92 -31.62 8.59
C ASN A 124 -15.72 -32.22 9.76
N SER A 125 -15.35 -31.86 10.98
CA SER A 125 -16.02 -32.36 12.17
C SER A 125 -15.79 -31.43 13.36
N GLN A 126 -14.53 -31.22 13.70
CA GLN A 126 -14.17 -30.35 14.82
C GLN A 126 -12.71 -29.96 14.77
N VAL A 127 -12.37 -28.86 15.44
CA VAL A 127 -10.99 -28.38 15.47
C VAL A 127 -10.85 -27.17 16.39
N SER A 128 -9.78 -27.17 17.19
CA SER A 128 -9.54 -26.08 18.13
C SER A 128 -9.01 -24.85 17.40
N GLN A 129 -9.89 -23.89 17.15
CA GLN A 129 -9.52 -22.67 16.46
C GLN A 129 -10.05 -21.44 17.20
N ASN A 130 -9.20 -20.42 17.31
CA ASN A 130 -9.59 -19.19 18.00
C ASN A 130 -9.86 -18.07 17.00
N TYR A 131 -11.08 -17.56 17.00
CA TYR A 131 -11.47 -16.49 16.09
C TYR A 131 -10.74 -15.19 16.44
P1 PBU B . 0.49 6.24 15.54
P4 PBU B . -4.39 -0.96 15.02
P5 PBU B . -0.36 -1.46 13.42
C3' PBU B . 2.77 5.86 14.56
C2' PBU B . 2.38 6.16 13.09
O2' PBU B . 3.29 5.47 12.24
C1' PBU B . 2.46 7.67 12.76
O1' PBU B . 3.63 8.21 13.32
C1 PBU B . -0.67 3.61 14.95
O1 PBU B . 0.38 4.57 15.52
C2 PBU B . -2.07 3.64 15.66
O2 PBU B . -1.98 3.39 17.06
C3 PBU B . -3.02 2.60 15.02
O3 PBU B . -4.28 2.67 15.72
C4 PBU B . -2.41 1.15 15.07
O4 PBU B . -3.35 0.18 14.39
C5 PBU B . -1.00 1.17 14.33
O5 PBU B . -0.41 -0.16 14.44
C6 PBU B . -0.02 2.21 14.95
O6 PBU B . 1.20 2.31 14.22
C7 PBU B . 2.83 4.27 11.63
O7 PBU B . 3.44 3.24 11.76
C8 PBU B . 1.53 4.30 10.80
C9 PBU B . 1.54 3.15 9.78
C10 PBU B . 0.12 2.97 9.20
C11 PBU B . 3.67 9.52 13.85
O11 PBU B . 4.17 10.48 13.30
C12 PBU B . 3.08 9.67 15.27
C13 PBU B . 3.65 10.86 16.06
C14 PBU B . 2.53 11.67 16.73
O41 PBU B . -5.67 -0.53 14.30
O42 PBU B . -3.84 -2.30 14.58
O43 PBU B . -4.42 -0.85 16.54
O51 PBU B . -0.02 -2.56 14.40
O52 PBU B . -1.75 -1.47 12.80
O53 PBU B . 0.76 -1.12 12.46
OP1 PBU B . 1.95 6.59 15.46
OP2 PBU B . -0.31 6.64 14.30
OP3 PBU B . -0.07 6.63 16.88
H3'1 PBU B . 3.77 6.15 14.71
H3'2 PBU B . 2.66 4.83 14.72
H2' PBU B . 1.39 5.86 12.92
H1'1 PBU B . 2.51 7.81 11.72
H1'2 PBU B . 1.59 8.16 13.10
H1 PBU B . -0.92 3.92 13.94
H2 PBU B . -2.47 4.64 15.51
H02 PBU B . -1.53 2.63 17.32
H3 PBU B . -3.18 2.85 13.97
H03 PBU B . -4.18 2.38 16.63
H4 PBU B . -2.25 0.79 16.08
H5 PBU B . -1.21 1.43 13.31
H6 PBU B . 0.21 1.89 15.96
H06 PBU B . 1.79 1.60 14.41
H81 PBU B . 1.46 5.21 10.29
H82 PBU B . 0.71 4.18 11.44
H91 PBU B . 1.84 2.25 10.25
H92 PBU B . 2.20 3.37 8.98
H11 PBU B . -0.18 3.86 8.73
H12 PBU B . -0.55 2.73 9.98
H13 PBU B . 0.13 2.19 8.49
H121 PBU B . 2.04 9.79 15.18
H122 PBU B . 3.30 8.78 15.81
H131 PBU B . 4.30 10.50 16.80
H132 PBU B . 4.17 11.49 15.39
H141 PBU B . 1.97 11.03 17.36
H142 PBU B . 1.89 12.10 16.01
H143 PBU B . 2.95 12.44 17.30
N GLY A 1 13.10 17.52 -6.55
CA GLY A 1 12.49 18.73 -6.04
C GLY A 1 12.36 18.72 -4.53
N ALA A 2 12.56 19.89 -3.91
CA ALA A 2 12.45 20.00 -2.45
C ALA A 2 11.01 19.80 -1.99
N ARG A 3 10.07 20.20 -2.83
CA ARG A 3 8.65 20.07 -2.49
C ARG A 3 8.00 18.99 -3.35
N ALA A 4 7.23 18.11 -2.70
CA ALA A 4 6.54 17.03 -3.39
C ALA A 4 5.24 16.67 -2.71
N SER A 5 4.13 16.84 -3.42
CA SER A 5 2.81 16.54 -2.88
C SER A 5 2.45 15.07 -3.09
N VAL A 6 2.23 14.36 -2.00
CA VAL A 6 1.87 12.94 -2.07
C VAL A 6 0.47 12.75 -2.61
N LEU A 7 -0.50 13.41 -1.99
CA LEU A 7 -1.89 13.32 -2.42
C LEU A 7 -2.44 14.68 -2.82
N SER A 8 -3.10 14.74 -3.97
CA SER A 8 -3.67 15.98 -4.47
C SER A 8 -4.93 16.36 -3.69
N GLY A 9 -5.67 17.33 -4.21
CA GLY A 9 -6.89 17.77 -3.55
C GLY A 9 -7.92 16.66 -3.45
N GLY A 10 -8.38 16.17 -4.59
CA GLY A 10 -9.37 15.10 -4.60
C GLY A 10 -8.90 13.87 -3.84
N GLU A 11 -7.62 13.54 -3.97
CA GLU A 11 -7.05 12.39 -3.29
C GLU A 11 -7.04 12.60 -1.78
N LEU A 12 -6.69 13.80 -1.36
CA LEU A 12 -6.63 14.13 0.06
C LEU A 12 -7.93 13.74 0.76
N ASP A 13 -9.05 14.14 0.19
CA ASP A 13 -10.36 13.82 0.75
C ASP A 13 -10.50 12.32 0.97
N LYS A 14 -10.40 11.56 -0.11
CA LYS A 14 -10.53 10.11 -0.04
C LYS A 14 -9.60 9.53 1.02
N TRP A 15 -8.37 10.02 1.06
CA TRP A 15 -7.39 9.56 2.03
C TRP A 15 -7.94 9.65 3.45
N GLU A 16 -8.47 10.82 3.81
CA GLU A 16 -9.03 11.03 5.12
C GLU A 16 -10.20 10.07 5.38
N LYS A 17 -10.78 9.57 4.31
CA LYS A 17 -11.91 8.65 4.41
C LYS A 17 -11.46 7.30 4.94
N ILE A 18 -10.60 6.61 4.18
CA ILE A 18 -10.10 5.31 4.58
C ILE A 18 -9.66 5.32 6.04
N ARG A 19 -9.87 4.20 6.73
CA ARG A 19 -9.50 4.07 8.13
C ARG A 19 -8.44 3.00 8.31
N LEU A 20 -7.71 3.06 9.43
CA LEU A 20 -6.67 2.09 9.73
C LEU A 20 -7.26 0.70 9.93
N ARG A 21 -8.40 0.64 10.60
CA ARG A 21 -9.07 -0.64 10.86
C ARG A 21 -10.47 -0.65 10.26
N PRO A 22 -10.96 -1.85 9.92
CA PRO A 22 -12.29 -2.03 9.33
C PRO A 22 -13.41 -1.75 10.33
N GLY A 23 -13.16 -2.07 11.59
CA GLY A 23 -14.15 -1.86 12.63
C GLY A 23 -13.71 -0.83 13.65
N GLY A 24 -12.92 0.14 13.20
CA GLY A 24 -12.43 1.18 14.10
C GLY A 24 -13.04 2.53 13.80
N LYS A 25 -12.53 3.57 14.45
CA LYS A 25 -13.03 4.93 14.25
C LYS A 25 -11.90 5.86 13.88
N LYS A 26 -10.68 5.33 13.84
CA LYS A 26 -9.51 6.14 13.49
C LYS A 26 -9.29 6.17 11.99
N GLN A 27 -9.55 7.33 11.39
CA GLN A 27 -9.38 7.49 9.95
C GLN A 27 -7.93 7.82 9.60
N TYR A 28 -7.64 7.88 8.30
CA TYR A 28 -6.30 8.19 7.84
C TYR A 28 -6.05 9.70 7.86
N LYS A 29 -4.82 10.09 8.20
CA LYS A 29 -4.44 11.49 8.26
C LYS A 29 -3.05 11.70 7.68
N LEU A 30 -2.69 12.97 7.47
CA LEU A 30 -1.38 13.31 6.92
C LEU A 30 -0.27 12.62 7.71
N LYS A 31 -0.45 12.53 9.03
CA LYS A 31 0.53 11.89 9.89
C LYS A 31 0.98 10.55 9.31
N HIS A 32 0.01 9.70 8.98
CA HIS A 32 0.30 8.39 8.42
C HIS A 32 1.08 8.51 7.12
N ILE A 33 0.89 9.56 6.33
CA ILE A 33 1.63 9.73 5.08
C ILE A 33 3.07 10.14 5.34
N VAL A 34 3.25 11.37 5.82
CA VAL A 34 4.58 11.89 6.12
C VAL A 34 5.39 10.88 6.92
N TRP A 35 4.72 10.15 7.79
CA TRP A 35 5.38 9.14 8.62
C TRP A 35 6.13 8.13 7.76
N ALA A 36 5.40 7.48 6.86
CA ALA A 36 5.99 6.48 5.98
C ALA A 36 7.01 7.12 5.04
N SER A 37 6.70 8.32 4.56
CA SER A 37 7.59 9.04 3.66
C SER A 37 8.94 9.31 4.31
N ARG A 38 8.95 9.31 5.64
CA ARG A 38 10.17 9.56 6.40
C ARG A 38 10.92 8.25 6.67
N GLU A 39 10.18 7.15 6.66
CA GLU A 39 10.77 5.84 6.90
C GLU A 39 11.40 5.27 5.64
N LEU A 40 10.83 5.63 4.49
CA LEU A 40 11.33 5.16 3.20
C LEU A 40 12.73 5.73 2.92
N GLU A 41 12.91 7.01 3.24
CA GLU A 41 14.20 7.67 3.03
C GLU A 41 15.29 7.01 3.86
N ARG A 42 14.88 6.29 4.89
CA ARG A 42 15.82 5.61 5.78
C ARG A 42 15.90 4.12 5.46
N PHE A 43 14.82 3.59 4.89
CA PHE A 43 14.75 2.18 4.53
C PHE A 43 15.62 1.88 3.32
N ALA A 44 15.29 2.51 2.19
CA ALA A 44 16.05 2.31 0.97
C ALA A 44 15.29 2.86 -0.24
N VAL A 45 14.10 3.38 0.01
CA VAL A 45 13.27 3.94 -1.05
C VAL A 45 13.17 5.46 -0.94
N ASN A 46 13.16 6.14 -2.08
CA ASN A 46 13.07 7.59 -2.11
C ASN A 46 11.65 8.05 -1.81
N PRO A 47 11.54 9.15 -1.04
CA PRO A 47 10.25 9.72 -0.66
C PRO A 47 9.52 10.35 -1.83
N GLY A 48 10.23 10.51 -2.95
CA GLY A 48 9.64 11.10 -4.14
C GLY A 48 8.82 10.10 -4.94
N LEU A 49 8.93 8.83 -4.58
CA LEU A 49 8.19 7.77 -5.26
C LEU A 49 6.76 7.70 -4.77
N LEU A 50 6.42 8.56 -3.83
CA LEU A 50 5.07 8.60 -3.27
C LEU A 50 4.17 9.55 -4.06
N GLU A 51 4.80 10.42 -4.85
CA GLU A 51 4.06 11.38 -5.67
C GLU A 51 3.78 10.81 -7.05
N THR A 52 3.73 9.49 -7.15
CA THR A 52 3.47 8.83 -8.42
C THR A 52 3.00 7.39 -8.21
N SER A 53 1.75 7.12 -8.57
CA SER A 53 1.19 5.78 -8.42
C SER A 53 2.13 4.73 -8.99
N GLU A 54 2.78 5.06 -10.10
CA GLU A 54 3.71 4.14 -10.74
C GLU A 54 4.92 3.88 -9.86
N GLY A 55 5.30 4.88 -9.08
CA GLY A 55 6.45 4.74 -8.20
C GLY A 55 6.08 4.11 -6.87
N CYS A 56 4.80 4.17 -6.52
CA CYS A 56 4.31 3.60 -5.27
C CYS A 56 4.31 2.07 -5.33
N ARG A 57 4.17 1.53 -6.54
CA ARG A 57 4.16 0.09 -6.73
C ARG A 57 5.53 -0.52 -6.42
N GLN A 58 6.58 0.15 -6.88
CA GLN A 58 7.94 -0.32 -6.66
C GLN A 58 8.20 -0.52 -5.18
N ILE A 59 7.47 0.21 -4.34
CA ILE A 59 7.63 0.11 -2.90
C ILE A 59 7.06 -1.20 -2.37
N LEU A 60 5.78 -1.43 -2.65
CA LEU A 60 5.11 -2.65 -2.20
C LEU A 60 5.78 -3.88 -2.78
N GLY A 61 6.18 -3.79 -4.04
CA GLY A 61 6.82 -4.92 -4.71
C GLY A 61 8.15 -5.27 -4.07
N GLN A 62 8.67 -4.37 -3.23
CA GLN A 62 9.94 -4.60 -2.56
C GLN A 62 9.72 -5.24 -1.18
N LEU A 63 8.85 -4.64 -0.39
CA LEU A 63 8.55 -5.15 0.95
C LEU A 63 7.74 -6.45 0.86
N GLN A 64 6.90 -6.55 -0.16
CA GLN A 64 6.08 -7.73 -0.35
C GLN A 64 6.89 -9.00 -0.17
N PRO A 65 7.93 -9.18 -1.01
CA PRO A 65 8.80 -10.35 -0.95
C PRO A 65 9.69 -10.35 0.29
N SER A 66 9.65 -9.26 1.05
CA SER A 66 10.44 -9.13 2.26
C SER A 66 9.57 -9.27 3.51
N LEU A 67 8.28 -9.49 3.29
CA LEU A 67 7.33 -9.63 4.39
C LEU A 67 7.66 -10.86 5.24
N GLN A 68 8.49 -11.75 4.68
CA GLN A 68 8.89 -12.95 5.38
C GLN A 68 9.84 -12.63 6.52
N THR A 69 10.83 -11.77 6.25
CA THR A 69 11.80 -11.38 7.25
C THR A 69 11.75 -9.88 7.52
N GLY A 70 10.54 -9.31 7.44
CA GLY A 70 10.38 -7.88 7.68
C GLY A 70 9.91 -7.59 9.08
N SER A 71 10.67 -6.76 9.79
CA SER A 71 10.32 -6.38 11.16
C SER A 71 8.96 -5.68 11.21
N GLU A 72 8.61 -5.18 12.39
CA GLU A 72 7.34 -4.48 12.57
C GLU A 72 7.32 -3.18 11.77
N GLU A 73 8.43 -2.45 11.81
CA GLU A 73 8.54 -1.19 11.09
C GLU A 73 8.18 -1.37 9.61
N LEU A 74 8.48 -2.54 9.08
CA LEU A 74 8.19 -2.84 7.68
C LEU A 74 6.70 -3.13 7.48
N ARG A 75 6.08 -3.72 8.50
CA ARG A 75 4.66 -4.04 8.44
C ARG A 75 3.82 -2.78 8.24
N SER A 76 4.00 -1.81 9.13
CA SER A 76 3.26 -0.56 9.06
C SER A 76 3.38 0.06 7.67
N LEU A 77 4.58 0.05 7.12
CA LEU A 77 4.82 0.61 5.80
C LEU A 77 3.94 -0.04 4.75
N TYR A 78 4.08 -1.36 4.61
CA TYR A 78 3.28 -2.11 3.65
C TYR A 78 1.80 -1.76 3.77
N ASN A 79 1.30 -1.72 4.99
CA ASN A 79 -0.09 -1.40 5.25
C ASN A 79 -0.44 -0.02 4.70
N THR A 80 0.27 1.00 5.17
CA THR A 80 0.04 2.37 4.73
C THR A 80 0.18 2.49 3.21
N ILE A 81 1.36 2.12 2.71
CA ILE A 81 1.61 2.19 1.27
C ILE A 81 0.48 1.56 0.48
N ALA A 82 -0.01 0.41 0.95
CA ALA A 82 -1.09 -0.29 0.29
C ALA A 82 -2.30 0.62 0.10
N VAL A 83 -2.62 1.38 1.14
CA VAL A 83 -3.76 2.30 1.10
C VAL A 83 -3.47 3.49 0.18
N LEU A 84 -2.30 4.10 0.37
CA LEU A 84 -1.90 5.25 -0.44
C LEU A 84 -1.93 4.90 -1.93
N TYR A 85 -1.11 3.94 -2.32
CA TYR A 85 -1.04 3.52 -3.71
C TYR A 85 -2.44 3.37 -4.31
N CYS A 86 -3.33 2.74 -3.56
CA CYS A 86 -4.70 2.54 -4.02
C CYS A 86 -5.37 3.87 -4.35
N VAL A 87 -5.23 4.83 -3.46
CA VAL A 87 -5.83 6.15 -3.67
C VAL A 87 -5.43 6.73 -5.02
N HIS A 88 -4.17 6.53 -5.40
CA HIS A 88 -3.67 7.02 -6.67
C HIS A 88 -4.34 6.30 -7.83
N GLN A 89 -4.59 5.00 -7.75
CA GLN A 89 -5.24 4.27 -8.84
C GLN A 89 -6.74 4.44 -8.79
N ARG A 90 -7.19 5.54 -8.19
CA ARG A 90 -8.62 5.83 -8.08
C ARG A 90 -9.32 4.79 -7.22
N ILE A 91 -8.64 4.35 -6.16
CA ILE A 91 -9.19 3.34 -5.26
C ILE A 91 -9.42 3.93 -3.87
N ASP A 92 -10.62 3.70 -3.32
CA ASP A 92 -10.95 4.20 -1.99
C ASP A 92 -11.35 3.06 -1.07
N VAL A 93 -10.47 2.05 -0.97
CA VAL A 93 -10.73 0.90 -0.11
C VAL A 93 -11.47 1.31 1.16
N LYS A 94 -12.40 0.46 1.58
CA LYS A 94 -13.18 0.72 2.79
C LYS A 94 -12.26 0.92 3.99
N ASP A 95 -11.21 0.13 4.07
CA ASP A 95 -10.25 0.22 5.17
C ASP A 95 -8.89 -0.31 4.75
N THR A 96 -7.92 -0.21 5.65
CA THR A 96 -6.56 -0.68 5.37
C THR A 96 -6.55 -2.18 5.05
N LYS A 97 -7.64 -2.85 5.39
CA LYS A 97 -7.77 -4.28 5.13
C LYS A 97 -8.06 -4.55 3.66
N GLU A 98 -9.14 -3.96 3.15
CA GLU A 98 -9.52 -4.14 1.77
C GLU A 98 -8.41 -3.69 0.82
N ALA A 99 -7.49 -2.89 1.35
CA ALA A 99 -6.36 -2.40 0.56
C ALA A 99 -5.38 -3.52 0.24
N LEU A 100 -5.26 -4.46 1.17
CA LEU A 100 -4.34 -5.59 0.98
C LEU A 100 -4.96 -6.63 0.06
N ASP A 101 -6.29 -6.67 0.00
CA ASP A 101 -7.00 -7.62 -0.83
C ASP A 101 -7.16 -7.08 -2.25
N LYS A 102 -7.32 -5.77 -2.36
CA LYS A 102 -7.49 -5.12 -3.66
C LYS A 102 -6.19 -5.14 -4.45
N ILE A 103 -5.08 -4.92 -3.76
CA ILE A 103 -3.77 -4.92 -4.40
C ILE A 103 -3.55 -6.19 -5.21
N GLU A 104 -4.17 -7.28 -4.79
CA GLU A 104 -4.06 -8.55 -5.48
C GLU A 104 -4.81 -8.53 -6.80
N GLU A 105 -5.88 -7.73 -6.84
CA GLU A 105 -6.70 -7.62 -8.04
C GLU A 105 -6.17 -6.52 -8.96
N GLU A 106 -5.75 -5.41 -8.36
CA GLU A 106 -5.23 -4.28 -9.12
C GLU A 106 -4.11 -4.73 -10.05
N GLN A 107 -3.38 -5.76 -9.63
CA GLN A 107 -2.27 -6.29 -10.43
C GLN A 107 -2.75 -6.70 -11.81
N ASN A 108 -4.03 -7.02 -11.92
CA ASN A 108 -4.62 -7.44 -13.19
C ASN A 108 -4.87 -6.24 -14.10
N LYS A 109 -4.46 -5.07 -13.64
CA LYS A 109 -4.64 -3.84 -14.40
C LYS A 109 -3.33 -3.06 -14.51
N SER A 110 -2.28 -3.73 -14.95
CA SER A 110 -0.97 -3.10 -15.09
C SER A 110 0.09 -4.12 -15.52
N LYS A 111 0.05 -5.29 -14.90
CA LYS A 111 1.00 -6.35 -15.22
C LYS A 111 1.13 -6.52 -16.73
N LYS A 112 -0.01 -6.65 -17.40
CA LYS A 112 -0.04 -6.82 -18.86
C LYS A 112 0.47 -5.57 -19.56
N LYS A 113 0.23 -4.42 -18.95
CA LYS A 113 0.66 -3.14 -19.52
C LYS A 113 1.93 -2.64 -18.84
N ALA A 114 2.75 -3.59 -18.37
CA ALA A 114 3.99 -3.25 -17.70
C ALA A 114 5.02 -2.70 -18.69
N GLN A 115 4.96 -3.18 -19.92
CA GLN A 115 5.87 -2.74 -20.97
C GLN A 115 5.45 -1.38 -21.53
N GLN A 116 4.14 -1.17 -21.62
CA GLN A 116 3.60 0.09 -22.14
C GLN A 116 3.52 1.14 -21.04
N ALA A 117 2.66 0.90 -20.05
CA ALA A 117 2.48 1.83 -18.94
C ALA A 117 3.82 2.20 -18.31
N ALA A 118 4.49 1.20 -17.73
CA ALA A 118 5.78 1.42 -17.09
C ALA A 118 6.89 1.56 -18.13
N ALA A 119 6.83 2.65 -18.89
CA ALA A 119 7.82 2.92 -19.92
C ALA A 119 7.75 4.36 -20.40
N ASP A 120 6.62 4.73 -20.98
CA ASP A 120 6.41 6.08 -21.48
C ASP A 120 5.91 7.00 -20.37
N THR A 121 6.85 7.53 -19.57
CA THR A 121 6.49 8.42 -18.47
C THR A 121 6.61 9.88 -18.90
N GLY A 122 6.24 10.78 -17.99
CA GLY A 122 6.32 12.20 -18.29
C GLY A 122 5.00 12.92 -18.02
N ASN A 123 4.92 13.60 -16.88
CA ASN A 123 3.71 14.33 -16.53
C ASN A 123 3.82 15.81 -16.92
N ASN A 124 2.87 16.61 -16.45
CA ASN A 124 2.87 18.03 -16.75
C ASN A 124 3.25 18.85 -15.52
N SER A 125 2.95 18.30 -14.34
CA SER A 125 3.26 18.98 -13.08
C SER A 125 2.46 20.28 -12.96
N GLN A 126 2.70 21.01 -11.88
CA GLN A 126 2.00 22.27 -11.64
C GLN A 126 0.50 22.06 -11.58
N VAL A 127 0.01 21.53 -10.46
CA VAL A 127 -1.42 21.27 -10.29
C VAL A 127 -2.00 22.18 -9.22
N SER A 128 -1.47 23.39 -9.13
CA SER A 128 -1.94 24.36 -8.14
C SER A 128 -1.71 23.84 -6.72
N GLN A 129 -0.47 23.95 -6.25
CA GLN A 129 -0.12 23.49 -4.92
C GLN A 129 -0.90 24.25 -3.85
N ASN A 130 -1.46 25.40 -4.24
CA ASN A 130 -2.24 26.22 -3.33
C ASN A 130 -1.33 26.90 -2.30
N TYR A 131 -0.76 26.10 -1.41
CA TYR A 131 0.13 26.63 -0.38
C TYR A 131 -0.64 27.48 0.62
P1 PBU B . 0.45 6.19 15.66
P4 PBU B . -4.31 -1.11 15.49
P5 PBU B . -0.04 -0.95 16.24
C3' PBU B . 2.69 5.89 14.57
C2' PBU B . 2.24 6.25 13.13
O2' PBU B . 3.08 5.58 12.21
C1' PBU B . 2.33 7.77 12.86
O1' PBU B . 3.50 8.28 13.45
C1 PBU B . -0.77 3.59 15.07
O1 PBU B . 0.35 4.52 15.54
C2 PBU B . -2.16 3.79 15.78
O2 PBU B . -2.08 3.70 17.20
C3 PBU B . -3.20 2.77 15.26
O3 PBU B . -4.43 3.02 15.94
C4 PBU B . -2.69 1.29 15.46
O4 PBU B . -3.71 0.32 14.89
C5 PBU B . -1.30 1.13 14.73
O5 PBU B . -0.80 -0.22 14.97
C6 PBU B . -0.24 2.15 15.23
O6 PBU B . 0.98 2.08 14.47
C7 PBU B . 2.60 4.36 11.66
O7 PBU B . 3.24 3.34 11.79
C8 PBU B . 1.26 4.34 10.92
C9 PBU B . 1.23 3.17 9.91
C10 PBU B . -0.20 2.99 9.38
C11 PBU B . 3.47 9.09 14.61
O11 PBU B . 2.46 9.50 15.14
C12 PBU B . 4.86 9.48 15.18
C13 PBU B . 5.29 8.65 16.40
C14 PBU B . 5.14 9.46 17.70
O41 PBU B . -3.70 -2.06 14.45
O42 PBU B . -3.74 -1.24 16.87
O43 PBU B . -5.83 -1.06 15.53
O51 PBU B . 0.02 -2.38 15.75
O52 PBU B . 1.27 -0.18 16.36
O53 PBU B . -1.01 -0.73 17.38
OP1 PBU B . 1.90 6.55 15.54
OP2 PBU B . -0.41 6.65 14.48
OP3 PBU B . -0.05 6.51 17.05
H3'1 PBU B . 3.69 6.18 14.68
H3'2 PBU B . 2.60 4.84 14.68
H2' PBU B . 1.23 5.99 13.00
H1'1 PBU B . 2.40 7.96 11.82
H1'2 PBU B . 1.46 8.26 13.20
H1 PBU B . -1.00 3.81 14.03
H2 PBU B . -2.49 4.80 15.52
H02 PBU B . -1.69 2.94 17.55
H3 PBU B . -3.34 2.91 14.19
H03 PBU B . -4.35 2.81 16.88
H4 PBU B . -2.54 1.03 16.50
H5 PBU B . -1.50 1.29 13.67
H6 PBU B . -0.02 1.94 16.26
H06 PBU B . 1.52 1.36 14.75
H81 PBU B . 1.13 5.23 10.40
H82 PBU B . 0.48 4.22 11.62
H91 PBU B . 1.54 2.28 10.40
H92 PBU B . 1.86 3.37 9.11
H11 PBU B . -0.52 3.87 8.91
H12 PBU B . -0.86 2.77 10.18
H13 PBU B . -0.22 2.20 8.69
H121 PBU B . 5.58 9.36 14.41
H122 PBU B . 4.82 10.50 15.47
H131 PBU B . 4.68 7.79 16.46
H132 PBU B . 6.29 8.36 16.28
H141 PBU B . 4.14 9.79 17.80
H142 PBU B . 5.79 10.28 17.71
H143 PBU B . 5.39 8.84 18.52
N GLY A 1 8.55 20.91 -13.48
CA GLY A 1 8.60 21.26 -12.08
C GLY A 1 7.33 20.88 -11.32
N ALA A 2 7.15 19.57 -11.12
CA ALA A 2 5.97 19.09 -10.41
C ALA A 2 6.26 18.87 -8.93
N ARG A 3 6.31 19.96 -8.17
CA ARG A 3 6.58 19.88 -6.75
C ARG A 3 5.33 20.19 -5.94
N ALA A 4 4.66 19.15 -5.46
CA ALA A 4 3.45 19.32 -4.67
C ALA A 4 3.29 18.18 -3.67
N SER A 5 2.25 18.25 -2.85
CA SER A 5 1.99 17.24 -1.84
C SER A 5 1.95 15.84 -2.47
N VAL A 6 1.87 14.83 -1.63
CA VAL A 6 1.82 13.45 -2.09
C VAL A 6 0.50 13.14 -2.79
N LEU A 7 -0.60 13.54 -2.16
CA LEU A 7 -1.93 13.32 -2.72
C LEU A 7 -2.53 14.61 -3.24
N SER A 8 -3.20 14.53 -4.38
CA SER A 8 -3.82 15.69 -5.00
C SER A 8 -5.09 16.08 -4.26
N GLY A 9 -5.93 16.89 -4.92
CA GLY A 9 -7.18 17.32 -4.31
C GLY A 9 -8.18 16.19 -4.18
N GLY A 10 -8.51 15.57 -5.31
CA GLY A 10 -9.46 14.47 -5.28
C GLY A 10 -9.00 13.30 -4.43
N GLU A 11 -7.70 13.03 -4.48
CA GLU A 11 -7.13 11.93 -3.71
C GLU A 11 -7.19 12.23 -2.21
N LEU A 12 -6.96 13.48 -1.85
CA LEU A 12 -6.99 13.90 -0.45
C LEU A 12 -8.29 13.44 0.23
N ASP A 13 -9.41 13.64 -0.46
CA ASP A 13 -10.70 13.25 0.07
C ASP A 13 -10.70 11.77 0.47
N LYS A 14 -10.44 10.90 -0.49
CA LYS A 14 -10.41 9.47 -0.25
C LYS A 14 -9.47 9.14 0.91
N TRP A 15 -8.25 9.64 0.83
CA TRP A 15 -7.25 9.40 1.88
C TRP A 15 -7.85 9.64 3.26
N GLU A 16 -8.30 10.86 3.50
CA GLU A 16 -8.89 11.21 4.79
C GLU A 16 -10.08 10.30 5.10
N LYS A 17 -10.66 9.71 4.07
CA LYS A 17 -11.79 8.82 4.23
C LYS A 17 -11.37 7.50 4.88
N ILE A 18 -10.68 6.67 4.11
CA ILE A 18 -10.21 5.38 4.61
C ILE A 18 -9.60 5.52 6.01
N ARG A 19 -9.64 4.43 6.77
CA ARG A 19 -9.10 4.44 8.12
C ARG A 19 -8.07 3.31 8.29
N LEU A 20 -7.35 3.34 9.41
CA LEU A 20 -6.34 2.33 9.69
C LEU A 20 -6.99 1.01 10.08
N ARG A 21 -8.08 1.09 10.84
CA ARG A 21 -8.78 -0.11 11.28
C ARG A 21 -10.18 -0.17 10.67
N PRO A 22 -10.69 -1.40 10.47
CA PRO A 22 -12.01 -1.62 9.89
C PRO A 22 -13.13 -1.19 10.83
N GLY A 23 -13.01 -1.56 12.10
CA GLY A 23 -14.02 -1.21 13.08
C GLY A 23 -13.54 -0.15 14.06
N GLY A 24 -12.65 0.72 13.60
CA GLY A 24 -12.12 1.77 14.46
C GLY A 24 -12.69 3.14 14.10
N LYS A 25 -12.14 4.17 14.73
CA LYS A 25 -12.59 5.54 14.49
C LYS A 25 -11.45 6.41 14.01
N LYS A 26 -10.25 5.83 13.96
CA LYS A 26 -9.07 6.56 13.52
C LYS A 26 -8.91 6.48 12.00
N GLN A 27 -9.22 7.57 11.31
CA GLN A 27 -9.12 7.62 9.86
C GLN A 27 -7.70 8.00 9.43
N TYR A 28 -7.48 8.04 8.12
CA TYR A 28 -6.17 8.37 7.58
C TYR A 28 -5.95 9.89 7.59
N LYS A 29 -4.77 10.31 8.00
CA LYS A 29 -4.43 11.73 8.05
C LYS A 29 -2.99 11.96 7.61
N LEU A 30 -2.61 13.23 7.46
CA LEU A 30 -1.27 13.59 7.05
C LEU A 30 -0.22 12.81 7.86
N LYS A 31 -0.49 12.66 9.15
CA LYS A 31 0.42 11.94 10.03
C LYS A 31 1.03 10.73 9.32
N HIS A 32 0.19 10.02 8.58
CA HIS A 32 0.65 8.84 7.84
C HIS A 32 1.41 9.24 6.58
N ILE A 33 0.99 10.28 5.86
CA ILE A 33 1.69 10.69 4.66
C ILE A 33 3.07 11.24 4.98
N VAL A 34 3.34 11.42 6.27
CA VAL A 34 4.63 11.94 6.71
C VAL A 34 5.45 10.85 7.41
N TRP A 35 4.76 9.97 8.13
CA TRP A 35 5.43 8.88 8.83
C TRP A 35 6.00 7.86 7.85
N ALA A 36 5.26 7.60 6.78
CA ALA A 36 5.70 6.66 5.76
C ALA A 36 6.93 7.17 5.02
N SER A 37 6.89 8.43 4.61
CA SER A 37 8.01 9.05 3.90
C SER A 37 9.26 9.09 4.76
N ARG A 38 9.06 9.25 6.06
CA ARG A 38 10.17 9.31 7.00
C ARG A 38 10.74 7.92 7.26
N GLU A 39 9.93 6.89 7.01
CA GLU A 39 10.36 5.51 7.22
C GLU A 39 11.05 4.97 5.98
N LEU A 40 10.51 5.30 4.81
CA LEU A 40 11.08 4.85 3.55
C LEU A 40 12.53 5.32 3.40
N GLU A 41 12.78 6.56 3.80
CA GLU A 41 14.12 7.12 3.72
C GLU A 41 15.12 6.28 4.49
N ARG A 42 14.61 5.48 5.44
CA ARG A 42 15.46 4.63 6.26
C ARG A 42 15.59 3.25 5.63
N PHE A 43 14.69 2.92 4.72
CA PHE A 43 14.70 1.63 4.05
C PHE A 43 15.38 1.73 2.69
N ALA A 44 16.26 2.71 2.54
CA ALA A 44 16.96 2.92 1.28
C ALA A 44 16.01 3.28 0.16
N VAL A 45 14.85 3.83 0.52
CA VAL A 45 13.85 4.22 -0.46
C VAL A 45 13.51 5.70 -0.34
N ASN A 46 13.49 6.39 -1.46
CA ASN A 46 13.18 7.82 -1.49
C ASN A 46 11.69 8.06 -1.28
N PRO A 47 11.36 9.07 -0.48
CA PRO A 47 9.97 9.43 -0.19
C PRO A 47 9.25 10.02 -1.39
N GLY A 48 10.01 10.25 -2.46
CA GLY A 48 9.43 10.81 -3.67
C GLY A 48 8.66 9.79 -4.48
N LEU A 49 8.81 8.52 -4.12
CA LEU A 49 8.13 7.43 -4.81
C LEU A 49 6.74 7.20 -4.24
N LEU A 50 6.24 8.19 -3.51
CA LEU A 50 4.91 8.10 -2.91
C LEU A 50 3.97 9.13 -3.51
N GLU A 51 4.54 10.21 -4.05
CA GLU A 51 3.75 11.27 -4.66
C GLU A 51 3.14 10.81 -5.98
N THR A 52 3.74 9.78 -6.57
CA THR A 52 3.26 9.25 -7.84
C THR A 52 2.95 7.76 -7.72
N SER A 53 1.80 7.36 -8.27
CA SER A 53 1.39 5.96 -8.22
C SER A 53 2.51 5.04 -8.68
N GLU A 54 3.23 5.46 -9.72
CA GLU A 54 4.32 4.68 -10.25
C GLU A 54 5.36 4.38 -9.17
N GLY A 55 5.61 5.36 -8.31
CA GLY A 55 6.58 5.19 -7.25
C GLY A 55 6.20 4.06 -6.30
N CYS A 56 4.97 4.09 -5.81
CA CYS A 56 4.49 3.08 -4.89
C CYS A 56 4.48 1.71 -5.55
N ARG A 57 4.01 1.66 -6.79
CA ARG A 57 3.94 0.41 -7.54
C ARG A 57 5.27 -0.35 -7.45
N GLN A 58 6.37 0.40 -7.34
CA GLN A 58 7.69 -0.20 -7.25
C GLN A 58 8.03 -0.54 -5.80
N ILE A 59 7.59 0.30 -4.88
CA ILE A 59 7.85 0.09 -3.46
C ILE A 59 7.20 -1.19 -2.96
N LEU A 60 5.91 -1.35 -3.27
CA LEU A 60 5.17 -2.54 -2.87
C LEU A 60 5.84 -3.81 -3.37
N GLY A 61 6.31 -3.77 -4.61
CA GLY A 61 6.98 -4.92 -5.20
C GLY A 61 8.33 -5.19 -4.55
N GLN A 62 8.88 -4.20 -3.87
CA GLN A 62 10.17 -4.34 -3.22
C GLN A 62 10.00 -4.88 -1.80
N LEU A 63 9.10 -4.27 -1.04
CA LEU A 63 8.85 -4.69 0.34
C LEU A 63 8.10 -6.02 0.37
N GLN A 64 7.38 -6.31 -0.71
CA GLN A 64 6.61 -7.55 -0.81
C GLN A 64 7.46 -8.75 -0.40
N PRO A 65 8.55 -8.99 -1.16
CA PRO A 65 9.46 -10.10 -0.89
C PRO A 65 10.28 -9.89 0.38
N SER A 66 10.01 -8.80 1.07
CA SER A 66 10.72 -8.47 2.30
C SER A 66 9.78 -8.50 3.51
N LEU A 67 8.49 -8.65 3.23
CA LEU A 67 7.47 -8.69 4.28
C LEU A 67 7.72 -9.85 5.23
N GLN A 68 8.55 -10.81 4.79
CA GLN A 68 8.87 -11.97 5.61
C GLN A 68 10.17 -11.75 6.37
N THR A 69 11.18 -11.22 5.69
CA THR A 69 12.47 -10.97 6.30
C THR A 69 12.45 -9.66 7.09
N GLY A 70 11.26 -9.11 7.28
CA GLY A 70 11.13 -7.87 8.02
C GLY A 70 10.17 -7.99 9.19
N SER A 71 10.39 -7.20 10.23
CA SER A 71 9.55 -7.22 11.42
C SER A 71 8.25 -6.44 11.18
N GLU A 72 7.61 -6.04 12.26
CA GLU A 72 6.35 -5.29 12.17
C GLU A 72 6.58 -3.93 11.51
N GLU A 73 7.80 -3.41 11.64
CA GLU A 73 8.15 -2.12 11.05
C GLU A 73 7.75 -2.07 9.59
N LEU A 74 8.03 -3.15 8.87
CA LEU A 74 7.70 -3.23 7.44
C LEU A 74 6.21 -3.49 7.24
N ARG A 75 5.57 -4.04 8.26
CA ARG A 75 4.15 -4.35 8.19
C ARG A 75 3.33 -3.07 8.01
N SER A 76 3.68 -2.04 8.76
CA SER A 76 2.98 -0.75 8.69
C SER A 76 3.15 -0.12 7.32
N LEU A 77 4.36 -0.22 6.78
CA LEU A 77 4.67 0.35 5.47
C LEU A 77 3.76 -0.25 4.39
N TYR A 78 3.82 -1.57 4.24
CA TYR A 78 3.02 -2.26 3.25
C TYR A 78 1.55 -1.87 3.37
N ASN A 79 1.08 -1.76 4.60
CA ASN A 79 -0.31 -1.39 4.86
C ASN A 79 -0.62 0.00 4.30
N THR A 80 0.07 1.00 4.84
CA THR A 80 -0.13 2.38 4.39
C THR A 80 0.04 2.50 2.88
N ILE A 81 1.21 2.10 2.39
CA ILE A 81 1.51 2.16 0.96
C ILE A 81 0.37 1.54 0.14
N ALA A 82 -0.18 0.44 0.65
CA ALA A 82 -1.27 -0.25 -0.03
C ALA A 82 -2.47 0.67 -0.20
N VAL A 83 -2.76 1.46 0.81
CA VAL A 83 -3.89 2.38 0.78
C VAL A 83 -3.61 3.54 -0.18
N LEU A 84 -2.44 4.14 -0.05
CA LEU A 84 -2.05 5.26 -0.90
C LEU A 84 -2.08 4.86 -2.37
N TYR A 85 -1.29 3.86 -2.72
CA TYR A 85 -1.23 3.39 -4.11
C TYR A 85 -2.63 3.20 -4.68
N CYS A 86 -3.50 2.59 -3.89
CA CYS A 86 -4.88 2.34 -4.31
C CYS A 86 -5.57 3.65 -4.68
N VAL A 87 -5.36 4.68 -3.87
CA VAL A 87 -5.96 5.98 -4.11
C VAL A 87 -5.56 6.54 -5.48
N HIS A 88 -4.27 6.39 -5.81
CA HIS A 88 -3.75 6.87 -7.07
C HIS A 88 -4.45 6.18 -8.25
N GLN A 89 -4.81 4.90 -8.13
CA GLN A 89 -5.48 4.20 -9.22
C GLN A 89 -6.98 4.40 -9.16
N ARG A 90 -7.41 5.37 -8.35
CA ARG A 90 -8.84 5.65 -8.20
C ARG A 90 -9.55 4.51 -7.49
N ILE A 91 -8.86 3.90 -6.54
CA ILE A 91 -9.43 2.78 -5.78
C ILE A 91 -9.72 3.19 -4.34
N ASP A 92 -10.94 2.94 -3.89
CA ASP A 92 -11.34 3.27 -2.53
C ASP A 92 -11.64 2.01 -1.72
N VAL A 93 -11.00 1.90 -0.56
CA VAL A 93 -11.18 0.74 0.31
C VAL A 93 -11.85 1.14 1.62
N LYS A 94 -12.58 0.21 2.22
CA LYS A 94 -13.27 0.46 3.47
C LYS A 94 -12.27 0.77 4.58
N ASP A 95 -11.18 0.01 4.61
CA ASP A 95 -10.14 0.20 5.62
C ASP A 95 -8.80 -0.34 5.14
N THR A 96 -7.75 -0.10 5.93
CA THR A 96 -6.42 -0.57 5.58
C THR A 96 -6.36 -2.10 5.54
N LYS A 97 -7.40 -2.74 6.07
CA LYS A 97 -7.47 -4.19 6.10
C LYS A 97 -8.00 -4.74 4.78
N GLU A 98 -8.98 -4.04 4.21
CA GLU A 98 -9.57 -4.45 2.94
C GLU A 98 -8.71 -4.01 1.77
N ALA A 99 -7.84 -3.04 2.01
CA ALA A 99 -6.96 -2.52 0.97
C ALA A 99 -5.78 -3.47 0.73
N LEU A 100 -5.40 -4.21 1.77
CA LEU A 100 -4.30 -5.15 1.68
C LEU A 100 -4.73 -6.43 0.97
N ASP A 101 -5.97 -6.83 1.19
CA ASP A 101 -6.51 -8.04 0.58
C ASP A 101 -6.84 -7.79 -0.90
N LYS A 102 -7.37 -6.60 -1.19
CA LYS A 102 -7.73 -6.24 -2.55
C LYS A 102 -6.50 -6.22 -3.46
N ILE A 103 -5.37 -5.78 -2.90
CA ILE A 103 -4.12 -5.72 -3.65
C ILE A 103 -3.47 -7.09 -3.77
N GLU A 104 -3.86 -8.00 -2.87
CA GLU A 104 -3.32 -9.35 -2.88
C GLU A 104 -4.16 -10.28 -3.76
N GLU A 105 -5.46 -10.00 -3.82
CA GLU A 105 -6.37 -10.81 -4.62
C GLU A 105 -6.22 -10.49 -6.11
N GLU A 106 -6.02 -9.22 -6.42
CA GLU A 106 -5.85 -8.79 -7.80
C GLU A 106 -4.69 -9.52 -8.48
N GLN A 107 -3.65 -9.80 -7.69
CA GLN A 107 -2.47 -10.50 -8.21
C GLN A 107 -2.74 -11.99 -8.34
N ASN A 108 -3.66 -12.49 -7.52
CA ASN A 108 -4.01 -13.91 -7.55
C ASN A 108 -5.01 -14.20 -8.67
N LYS A 109 -5.90 -13.25 -8.93
CA LYS A 109 -6.89 -13.40 -9.98
C LYS A 109 -6.24 -13.44 -11.36
N SER A 110 -5.04 -12.90 -11.45
CA SER A 110 -4.30 -12.86 -12.71
C SER A 110 -3.17 -13.89 -12.71
N LYS A 111 -3.28 -14.87 -11.82
CA LYS A 111 -2.27 -15.92 -11.71
C LYS A 111 -2.34 -16.86 -12.90
N LYS A 112 -3.38 -16.71 -13.71
CA LYS A 112 -3.56 -17.54 -14.89
C LYS A 112 -3.47 -16.71 -16.17
N LYS A 113 -4.00 -15.49 -16.12
CA LYS A 113 -3.98 -14.60 -17.27
C LYS A 113 -2.76 -13.67 -17.21
N ALA A 114 -2.55 -13.05 -16.05
CA ALA A 114 -1.42 -12.15 -15.87
C ALA A 114 -1.33 -11.15 -17.01
N GLN A 115 -2.46 -10.49 -17.30
CA GLN A 115 -2.51 -9.50 -18.36
C GLN A 115 -3.43 -8.34 -17.99
N GLN A 116 -3.33 -7.91 -16.73
CA GLN A 116 -4.14 -6.80 -16.24
C GLN A 116 -3.31 -5.55 -16.04
N ALA A 117 -2.01 -5.74 -15.84
CA ALA A 117 -1.10 -4.62 -15.63
C ALA A 117 -0.83 -3.88 -16.93
N ALA A 118 -1.07 -4.56 -18.06
CA ALA A 118 -0.86 -3.97 -19.37
C ALA A 118 -2.13 -3.33 -19.90
N ALA A 119 -2.83 -2.61 -19.04
CA ALA A 119 -4.07 -1.94 -19.42
C ALA A 119 -4.27 -0.65 -18.62
N ASP A 120 -3.19 -0.13 -18.08
CA ASP A 120 -3.24 1.10 -17.30
C ASP A 120 -2.53 2.24 -18.02
N THR A 121 -1.40 1.92 -18.64
CA THR A 121 -0.61 2.92 -19.37
C THR A 121 -1.46 3.63 -20.41
N GLY A 122 -1.10 4.87 -20.72
CA GLY A 122 -1.84 5.63 -21.70
C GLY A 122 -2.66 6.75 -21.08
N ASN A 123 -2.20 7.24 -19.94
CA ASN A 123 -2.91 8.31 -19.23
C ASN A 123 -1.97 9.49 -18.96
N ASN A 124 -2.51 10.51 -18.30
CA ASN A 124 -1.72 11.70 -17.98
C ASN A 124 -1.44 11.77 -16.48
N SER A 125 -0.27 12.28 -16.13
CA SER A 125 0.13 12.40 -14.72
C SER A 125 -0.33 13.74 -14.15
N GLN A 126 -0.19 13.90 -12.84
CA GLN A 126 -0.60 15.12 -12.17
C GLN A 126 0.47 16.20 -12.31
N VAL A 127 0.04 17.44 -12.52
CA VAL A 127 0.96 18.56 -12.67
C VAL A 127 1.25 19.21 -11.34
N SER A 128 0.24 19.84 -10.74
CA SER A 128 0.39 20.51 -9.46
C SER A 128 -0.96 20.64 -8.75
N GLN A 129 -1.99 21.00 -9.52
CA GLN A 129 -3.32 21.18 -8.96
C GLN A 129 -3.35 22.25 -7.90
N ASN A 130 -4.50 22.45 -7.27
CA ASN A 130 -4.65 23.46 -6.23
C ASN A 130 -5.43 22.90 -5.04
N TYR A 131 -5.57 23.71 -4.00
CA TYR A 131 -6.29 23.29 -2.80
C TYR A 131 -5.58 22.13 -2.12
P1 PBU B . 0.70 5.79 15.41
P4 PBU B . -4.52 -1.09 15.84
P5 PBU B . 0.24 -1.38 16.31
C3' PBU B . 2.82 5.40 14.12
C2' PBU B . 2.23 5.64 12.71
O2' PBU B . 2.93 4.83 11.78
C1' PBU B . 2.34 7.12 12.27
O1' PBU B . 3.42 7.73 12.96
C1 PBU B . -0.52 3.16 15.02
O1 PBU B . 0.60 4.12 15.42
C2 PBU B . -1.88 3.35 15.77
O2 PBU B . -1.75 3.29 17.19
C3 PBU B . -2.92 2.29 15.31
O3 PBU B . -4.13 2.52 16.05
C4 PBU B . -2.36 0.83 15.53
O4 PBU B . -3.38 -0.17 15.03
C5 PBU B . -0.99 0.68 14.75
O5 PBU B . -0.46 -0.67 15.00
C6 PBU B . 0.05 1.74 15.19
O6 PBU B . 1.25 1.67 14.39
C7 PBU B . 2.28 3.68 11.28
O7 PBU B . 2.80 2.58 11.41
C8 PBU B . 0.91 3.81 10.61
C9 PBU B . 0.74 2.71 9.53
C10 PBU B . -0.70 2.76 8.98
C11 PBU B . 3.31 9.00 13.55
O11 PBU B . 2.68 9.92 13.08
C12 PBU B . 4.12 9.20 14.86
C13 PBU B . 3.78 10.51 15.59
C14 PBU B . 4.65 10.68 16.85
O41 PBU B . -4.60 -2.26 14.86
O42 PBU B . -3.89 -1.44 17.16
O43 PBU B . -5.79 -0.30 16.02
O51 PBU B . 0.29 -2.82 15.84
O52 PBU B . 1.55 -0.63 16.46
O53 PBU B . -0.77 -1.13 17.41
OP1 PBU B . 2.13 6.14 15.10
OP2 PBU B . -0.28 6.14 14.29
OP3 PBU B . 0.34 6.23 16.81
H3'1 PBU B . 3.83 5.69 14.11
H3'2 PBU B . 2.74 4.37 14.33
H2' PBU B . 1.20 5.40 12.71
H1'1 PBU B . 2.55 7.18 11.24
H1'2 PBU B . 1.43 7.63 12.44
H1 PBU B . -0.80 3.35 13.99
H2 PBU B . -2.25 4.34 15.50
H02 PBU B . -1.32 2.54 17.54
H3 PBU B . -3.11 2.40 14.25
H03 PBU B . -4.00 2.35 16.98
H4 PBU B . -2.17 0.60 16.57
H5 PBU B . -1.25 0.81 13.70
H6 PBU B . 0.32 1.54 16.22
H06 PBU B . 1.81 0.96 14.67
H81 PBU B . 0.83 4.75 10.14
H82 PBU B . 0.16 3.71 11.33
H91 PBU B . 0.93 1.77 9.97
H92 PBU B . 1.41 2.87 8.74
H11 PBU B . -0.88 3.69 8.56
H12 PBU B . -1.38 2.58 9.76
H13 PBU B . -0.81 2.01 8.24
H121 PBU B . 3.90 8.39 15.50
H122 PBU B . 5.14 9.21 14.61
H131 PBU B . 3.97 11.32 14.95
H132 PBU B . 2.77 10.50 15.86
H141 PBU B . 5.66 10.64 16.59
H142 PBU B . 4.44 9.93 17.55
H143 PBU B . 4.43 11.62 17.29
N GLY A 1 0.34 25.26 4.80
CA GLY A 1 0.86 24.02 4.30
C GLY A 1 -0.22 23.09 3.79
N ALA A 2 -1.32 23.68 3.31
CA ALA A 2 -2.44 22.89 2.79
C ALA A 2 -2.17 22.44 1.36
N ARG A 3 -1.01 22.83 0.82
CA ARG A 3 -0.64 22.46 -0.54
C ARG A 3 -0.47 20.95 -0.67
N ALA A 4 -0.92 20.40 -1.80
CA ALA A 4 -0.80 18.97 -2.04
C ALA A 4 0.55 18.62 -2.64
N SER A 5 1.26 17.69 -2.01
CA SER A 5 2.57 17.27 -2.48
C SER A 5 2.54 15.82 -2.95
N VAL A 6 1.77 14.99 -2.25
CA VAL A 6 1.64 13.58 -2.61
C VAL A 6 0.24 13.25 -3.07
N LEU A 7 -0.75 13.66 -2.28
CA LEU A 7 -2.15 13.40 -2.60
C LEU A 7 -2.84 14.67 -3.08
N SER A 8 -3.50 14.58 -4.24
CA SER A 8 -4.20 15.73 -4.80
C SER A 8 -5.49 16.02 -4.04
N GLY A 9 -6.35 16.84 -4.63
CA GLY A 9 -7.61 17.18 -3.99
C GLY A 9 -8.50 15.97 -3.77
N GLY A 10 -8.89 15.32 -4.87
CA GLY A 10 -9.74 14.15 -4.78
C GLY A 10 -9.11 13.03 -3.98
N GLU A 11 -7.78 12.94 -4.04
CA GLU A 11 -7.06 11.90 -3.32
C GLU A 11 -7.03 12.20 -1.83
N LEU A 12 -6.83 13.47 -1.49
CA LEU A 12 -6.78 13.89 -0.09
C LEU A 12 -8.05 13.48 0.65
N ASP A 13 -9.20 13.79 0.08
CA ASP A 13 -10.48 13.45 0.68
C ASP A 13 -10.52 11.97 1.03
N LYS A 14 -10.49 11.12 0.01
CA LYS A 14 -10.53 9.68 0.21
C LYS A 14 -9.52 9.24 1.26
N TRP A 15 -8.29 9.72 1.12
CA TRP A 15 -7.23 9.37 2.07
C TRP A 15 -7.71 9.51 3.50
N GLU A 16 -8.20 10.70 3.85
CA GLU A 16 -8.69 10.96 5.20
C GLU A 16 -9.89 10.07 5.52
N LYS A 17 -10.54 9.55 4.48
CA LYS A 17 -11.69 8.68 4.64
C LYS A 17 -11.27 7.31 5.18
N ILE A 18 -10.59 6.55 4.34
CA ILE A 18 -10.12 5.22 4.74
C ILE A 18 -9.55 5.23 6.14
N ARG A 19 -9.67 4.10 6.84
CA ARG A 19 -9.17 3.98 8.20
C ARG A 19 -8.07 2.93 8.28
N LEU A 20 -7.28 2.98 9.36
CA LEU A 20 -6.19 2.03 9.55
C LEU A 20 -6.73 0.62 9.75
N ARG A 21 -7.87 0.51 10.43
CA ARG A 21 -8.49 -0.78 10.69
C ARG A 21 -9.92 -0.81 10.15
N PRO A 22 -10.44 -2.03 9.95
CA PRO A 22 -11.80 -2.23 9.44
C PRO A 22 -12.87 -1.84 10.46
N GLY A 23 -12.66 -2.24 11.70
CA GLY A 23 -13.62 -1.91 12.75
C GLY A 23 -13.06 -0.94 13.77
N GLY A 24 -12.15 -0.07 13.31
CA GLY A 24 -11.54 0.90 14.20
C GLY A 24 -12.17 2.27 14.06
N LYS A 25 -11.64 3.24 14.82
CA LYS A 25 -12.16 4.61 14.77
C LYS A 25 -11.07 5.57 14.32
N LYS A 26 -9.85 5.07 14.20
CA LYS A 26 -8.72 5.90 13.77
C LYS A 26 -8.61 5.92 12.25
N GLN A 27 -8.97 7.06 11.65
CA GLN A 27 -8.91 7.21 10.21
C GLN A 27 -7.51 7.65 9.76
N TYR A 28 -7.33 7.76 8.45
CA TYR A 28 -6.04 8.18 7.90
C TYR A 28 -5.91 9.69 7.94
N LYS A 29 -4.70 10.17 8.26
CA LYS A 29 -4.44 11.60 8.32
C LYS A 29 -3.00 11.91 7.89
N LEU A 30 -2.66 13.19 7.86
CA LEU A 30 -1.32 13.61 7.47
C LEU A 30 -0.25 12.82 8.22
N LYS A 31 -0.47 12.64 9.52
CA LYS A 31 0.46 11.89 10.35
C LYS A 31 1.05 10.71 9.58
N HIS A 32 0.20 9.99 8.86
CA HIS A 32 0.63 8.84 8.08
C HIS A 32 1.35 9.28 6.81
N ILE A 33 0.91 10.35 6.15
CA ILE A 33 1.57 10.81 4.94
C ILE A 33 2.96 11.35 5.23
N VAL A 34 3.29 11.46 6.52
CA VAL A 34 4.59 11.97 6.94
C VAL A 34 5.43 10.87 7.57
N TRP A 35 4.77 9.96 8.28
CA TRP A 35 5.46 8.85 8.93
C TRP A 35 5.99 7.86 7.91
N ALA A 36 5.19 7.60 6.88
CA ALA A 36 5.58 6.67 5.82
C ALA A 36 6.77 7.20 5.02
N SER A 37 6.69 8.48 4.65
CA SER A 37 7.74 9.11 3.87
C SER A 37 9.03 9.22 4.69
N ARG A 38 8.88 9.49 5.98
CA ARG A 38 10.03 9.62 6.87
C ARG A 38 10.70 8.26 7.09
N GLU A 39 9.95 7.19 6.85
CA GLU A 39 10.47 5.84 7.01
C GLU A 39 11.09 5.32 5.72
N LEU A 40 10.50 5.72 4.59
CA LEU A 40 11.00 5.30 3.28
C LEU A 40 12.44 5.74 3.08
N GLU A 41 12.76 6.96 3.51
CA GLU A 41 14.10 7.50 3.38
C GLU A 41 15.11 6.62 4.12
N ARG A 42 14.62 5.83 5.07
CA ARG A 42 15.47 4.95 5.86
C ARG A 42 15.60 3.59 5.17
N PHE A 43 14.67 3.28 4.28
CA PHE A 43 14.69 2.01 3.57
C PHE A 43 15.39 2.15 2.21
N ALA A 44 16.27 3.14 2.12
CA ALA A 44 17.00 3.38 0.89
C ALA A 44 16.05 3.70 -0.27
N VAL A 45 14.82 4.08 0.08
CA VAL A 45 13.82 4.42 -0.94
C VAL A 45 13.46 5.90 -0.87
N ASN A 46 13.61 6.58 -2.00
CA ASN A 46 13.30 8.01 -2.07
C ASN A 46 11.81 8.25 -1.85
N PRO A 47 11.49 9.28 -1.05
CA PRO A 47 10.10 9.64 -0.73
C PRO A 47 9.38 10.23 -1.94
N GLY A 48 10.11 10.44 -3.03
CA GLY A 48 9.51 10.99 -4.23
C GLY A 48 8.65 9.98 -4.97
N LEU A 49 8.83 8.71 -4.65
CA LEU A 49 8.06 7.65 -5.29
C LEU A 49 6.63 7.63 -4.76
N LEU A 50 6.36 8.45 -3.75
CA LEU A 50 5.03 8.52 -3.16
C LEU A 50 4.13 9.45 -3.96
N GLU A 51 4.74 10.32 -4.76
CA GLU A 51 3.99 11.26 -5.59
C GLU A 51 3.79 10.71 -7.00
N THR A 52 3.75 9.38 -7.10
CA THR A 52 3.56 8.73 -8.40
C THR A 52 3.16 7.27 -8.21
N SER A 53 1.91 6.96 -8.59
CA SER A 53 1.40 5.60 -8.46
C SER A 53 2.37 4.59 -9.07
N GLU A 54 3.02 4.98 -10.17
CA GLU A 54 3.97 4.12 -10.84
C GLU A 54 5.20 3.88 -9.96
N GLY A 55 5.56 4.90 -9.18
CA GLY A 55 6.71 4.78 -8.31
C GLY A 55 6.37 4.14 -6.97
N CYS A 56 5.11 4.21 -6.59
CA CYS A 56 4.65 3.64 -5.33
C CYS A 56 4.67 2.12 -5.39
N ARG A 57 4.57 1.58 -6.59
CA ARG A 57 4.57 0.14 -6.79
C ARG A 57 5.93 -0.46 -6.43
N GLN A 58 7.00 0.24 -6.80
CA GLN A 58 8.35 -0.23 -6.51
C GLN A 58 8.56 -0.43 -5.02
N ILE A 59 7.76 0.27 -4.21
CA ILE A 59 7.85 0.16 -2.77
C ILE A 59 7.20 -1.12 -2.26
N LEU A 60 5.91 -1.27 -2.57
CA LEU A 60 5.18 -2.46 -2.15
C LEU A 60 5.78 -3.73 -2.75
N GLY A 61 6.19 -3.64 -4.01
CA GLY A 61 6.79 -4.79 -4.68
C GLY A 61 8.09 -5.22 -4.04
N GLN A 62 8.65 -4.36 -3.19
CA GLN A 62 9.89 -4.66 -2.50
C GLN A 62 9.64 -5.31 -1.15
N LEU A 63 8.76 -4.69 -0.35
CA LEU A 63 8.43 -5.19 0.97
C LEU A 63 7.55 -6.45 0.86
N GLN A 64 6.73 -6.49 -0.19
CA GLN A 64 5.84 -7.62 -0.41
C GLN A 64 6.58 -8.94 -0.22
N PRO A 65 7.62 -9.16 -1.03
CA PRO A 65 8.43 -10.38 -0.98
C PRO A 65 9.29 -10.45 0.29
N SER A 66 9.28 -9.37 1.05
CA SER A 66 10.06 -9.31 2.29
C SER A 66 9.15 -9.41 3.51
N LEU A 67 7.84 -9.52 3.26
CA LEU A 67 6.87 -9.63 4.34
C LEU A 67 7.11 -10.89 5.17
N GLN A 68 7.83 -11.85 4.59
CA GLN A 68 8.13 -13.09 5.28
C GLN A 68 8.74 -12.83 6.65
N THR A 69 9.69 -11.90 6.70
CA THR A 69 10.36 -11.56 7.96
C THR A 69 10.45 -10.05 8.12
N GLY A 70 9.32 -9.36 7.96
CA GLY A 70 9.30 -7.92 8.10
C GLY A 70 8.81 -7.47 9.47
N SER A 71 9.59 -6.64 10.13
CA SER A 71 9.23 -6.14 11.46
C SER A 71 8.06 -5.17 11.38
N GLU A 72 7.69 -4.59 12.52
CA GLU A 72 6.59 -3.64 12.58
C GLU A 72 6.82 -2.47 11.62
N GLU A 73 8.06 -2.00 11.55
CA GLU A 73 8.40 -0.89 10.68
C GLU A 73 8.09 -1.22 9.22
N LEU A 74 8.36 -2.46 8.83
CA LEU A 74 8.11 -2.92 7.47
C LEU A 74 6.62 -3.15 7.24
N ARG A 75 5.96 -3.74 8.22
CA ARG A 75 4.53 -4.03 8.13
C ARG A 75 3.73 -2.73 7.99
N SER A 76 4.01 -1.78 8.87
CA SER A 76 3.31 -0.49 8.84
C SER A 76 3.40 0.14 7.46
N LEU A 77 4.60 0.16 6.90
CA LEU A 77 4.83 0.75 5.58
C LEU A 77 3.90 0.12 4.55
N TYR A 78 3.97 -1.20 4.43
CA TYR A 78 3.14 -1.92 3.47
C TYR A 78 1.67 -1.53 3.61
N ASN A 79 1.19 -1.48 4.84
CA ASN A 79 -0.20 -1.12 5.11
C ASN A 79 -0.50 0.27 4.58
N THR A 80 0.28 1.26 5.03
CA THR A 80 0.10 2.64 4.59
C THR A 80 0.24 2.77 3.08
N ILE A 81 1.43 2.44 2.58
CA ILE A 81 1.69 2.51 1.14
C ILE A 81 0.55 1.90 0.34
N ALA A 82 0.07 0.75 0.79
CA ALA A 82 -1.02 0.06 0.12
C ALA A 82 -2.22 1.00 -0.11
N VAL A 83 -2.63 1.68 0.96
CA VAL A 83 -3.76 2.60 0.89
C VAL A 83 -3.44 3.77 -0.05
N LEU A 84 -2.24 4.30 0.07
CA LEU A 84 -1.81 5.42 -0.76
C LEU A 84 -1.84 5.05 -2.24
N TYR A 85 -1.09 4.01 -2.60
CA TYR A 85 -1.04 3.56 -3.98
C TYR A 85 -2.44 3.38 -4.55
N CYS A 86 -3.29 2.67 -3.80
CA CYS A 86 -4.66 2.43 -4.22
C CYS A 86 -5.36 3.73 -4.59
N VAL A 87 -5.20 4.74 -3.74
CA VAL A 87 -5.81 6.05 -3.98
C VAL A 87 -5.41 6.61 -5.34
N HIS A 88 -4.14 6.44 -5.69
CA HIS A 88 -3.62 6.93 -6.97
C HIS A 88 -4.36 6.29 -8.14
N GLN A 89 -4.74 5.01 -8.05
CA GLN A 89 -5.45 4.36 -9.15
C GLN A 89 -6.96 4.50 -8.97
N ARG A 90 -7.38 5.54 -8.27
CA ARG A 90 -8.80 5.79 -8.03
C ARG A 90 -9.45 4.59 -7.36
N ILE A 91 -8.69 3.91 -6.50
CA ILE A 91 -9.20 2.74 -5.79
C ILE A 91 -9.69 3.11 -4.39
N ASP A 92 -10.99 2.99 -4.18
CA ASP A 92 -11.58 3.31 -2.89
C ASP A 92 -11.74 2.07 -2.03
N VAL A 93 -11.07 2.04 -0.89
CA VAL A 93 -11.13 0.90 0.02
C VAL A 93 -11.78 1.28 1.34
N LYS A 94 -12.59 0.37 1.88
CA LYS A 94 -13.28 0.61 3.14
C LYS A 94 -12.28 0.78 4.28
N ASP A 95 -11.22 -0.01 4.25
CA ASP A 95 -10.19 0.05 5.29
C ASP A 95 -8.85 -0.44 4.74
N THR A 96 -7.80 -0.26 5.53
CA THR A 96 -6.46 -0.68 5.13
C THR A 96 -6.40 -2.18 4.91
N LYS A 97 -7.43 -2.89 5.36
CA LYS A 97 -7.50 -4.33 5.22
C LYS A 97 -7.91 -4.72 3.80
N GLU A 98 -9.01 -4.14 3.33
CA GLU A 98 -9.50 -4.43 1.99
C GLU A 98 -8.54 -3.89 0.93
N ALA A 99 -7.68 -2.96 1.34
CA ALA A 99 -6.70 -2.37 0.43
C ALA A 99 -5.58 -3.35 0.12
N LEU A 100 -5.15 -4.09 1.12
CA LEU A 100 -4.07 -5.07 0.95
C LEU A 100 -4.55 -6.26 0.11
N ASP A 101 -5.82 -6.63 0.27
CA ASP A 101 -6.38 -7.74 -0.47
C ASP A 101 -6.50 -7.40 -1.95
N LYS A 102 -7.08 -6.24 -2.25
CA LYS A 102 -7.26 -5.80 -3.63
C LYS A 102 -5.91 -5.70 -4.34
N ILE A 103 -4.87 -5.38 -3.57
CA ILE A 103 -3.53 -5.26 -4.15
C ILE A 103 -2.84 -6.61 -4.23
N GLU A 104 -3.21 -7.51 -3.33
CA GLU A 104 -2.63 -8.86 -3.30
C GLU A 104 -3.09 -9.66 -4.51
N GLU A 105 -4.40 -9.69 -4.73
CA GLU A 105 -4.97 -10.43 -5.85
C GLU A 105 -4.46 -9.88 -7.19
N GLU A 106 -4.45 -8.55 -7.30
CA GLU A 106 -3.99 -7.90 -8.52
C GLU A 106 -2.51 -8.18 -8.76
N GLN A 107 -1.72 -8.13 -7.69
CA GLN A 107 -0.29 -8.37 -7.79
C GLN A 107 0.00 -9.71 -8.46
N ASN A 108 -0.85 -10.70 -8.18
CA ASN A 108 -0.68 -12.03 -8.76
C ASN A 108 -0.87 -11.99 -10.27
N LYS A 109 -1.90 -11.26 -10.70
CA LYS A 109 -2.19 -11.15 -12.13
C LYS A 109 -1.15 -10.27 -12.83
N SER A 110 -0.46 -9.44 -12.05
CA SER A 110 0.55 -8.55 -12.60
C SER A 110 1.90 -9.25 -12.68
N LYS A 111 2.22 -10.05 -11.65
CA LYS A 111 3.48 -10.78 -11.61
C LYS A 111 3.62 -11.68 -12.83
N LYS A 112 2.50 -12.17 -13.34
CA LYS A 112 2.50 -13.05 -14.50
C LYS A 112 3.14 -12.35 -15.70
N LYS A 113 3.15 -11.02 -15.67
CA LYS A 113 3.74 -10.24 -16.75
C LYS A 113 5.23 -10.05 -16.53
N ALA A 114 5.67 -10.16 -15.28
CA ALA A 114 7.08 -10.00 -14.95
C ALA A 114 7.86 -11.28 -15.24
N GLN A 115 7.23 -12.43 -15.02
CA GLN A 115 7.87 -13.71 -15.27
C GLN A 115 6.90 -14.68 -15.96
N GLN A 116 6.27 -14.21 -17.02
CA GLN A 116 5.32 -15.03 -17.76
C GLN A 116 5.95 -16.36 -18.16
N ALA A 117 7.24 -16.33 -18.48
CA ALA A 117 7.96 -17.54 -18.86
C ALA A 117 8.84 -18.05 -17.74
N ALA A 118 8.48 -17.70 -16.50
CA ALA A 118 9.24 -18.12 -15.33
C ALA A 118 8.34 -18.18 -14.10
N ALA A 119 7.04 -18.27 -14.32
CA ALA A 119 6.08 -18.33 -13.23
C ALA A 119 5.00 -19.38 -13.50
N ASP A 120 5.40 -20.47 -14.15
CA ASP A 120 4.47 -21.55 -14.48
C ASP A 120 4.61 -22.70 -13.48
N THR A 121 5.82 -23.21 -13.33
CA THR A 121 6.08 -24.32 -12.42
C THR A 121 5.29 -25.56 -12.81
N GLY A 122 5.29 -26.56 -11.94
CA GLY A 122 4.56 -27.79 -12.22
C GLY A 122 3.69 -28.22 -11.06
N ASN A 123 4.30 -28.43 -9.90
CA ASN A 123 3.56 -28.85 -8.71
C ASN A 123 3.77 -27.85 -7.57
N ASN A 124 2.87 -27.89 -6.59
CA ASN A 124 2.95 -27.00 -5.44
C ASN A 124 3.72 -27.65 -4.31
N SER A 125 3.82 -26.94 -3.18
CA SER A 125 4.55 -27.45 -2.03
C SER A 125 3.68 -27.37 -0.77
N GLN A 126 3.43 -28.52 -0.16
CA GLN A 126 2.61 -28.58 1.05
C GLN A 126 3.32 -27.91 2.22
N VAL A 127 2.56 -27.57 3.25
CA VAL A 127 3.12 -26.92 4.43
C VAL A 127 2.41 -27.40 5.71
N SER A 128 3.21 -27.69 6.73
CA SER A 128 2.65 -28.15 8.00
C SER A 128 2.52 -27.00 8.99
N GLN A 129 1.60 -27.16 9.94
CA GLN A 129 1.36 -26.13 10.95
C GLN A 129 2.37 -26.24 12.09
N ASN A 130 2.76 -25.10 12.64
CA ASN A 130 3.72 -25.07 13.74
C ASN A 130 3.02 -24.89 15.08
N TYR A 131 3.49 -25.61 16.09
CA TYR A 131 2.91 -25.53 17.43
C TYR A 131 3.69 -24.59 18.32
P1 PBU B . 0.87 5.92 15.55
P4 PBU B . -4.85 0.42 14.53
P5 PBU B . -0.85 -0.91 12.33
C3' PBU B . 3.00 5.44 14.29
C2' PBU B . 2.40 5.71 12.88
O2' PBU B . 3.20 5.03 11.92
C1' PBU B . 2.39 7.23 12.54
O1' PBU B . 3.41 7.87 13.27
C1 PBU B . -0.57 3.39 15.23
O1 PBU B . 0.66 4.26 15.47
C2 PBU B . -1.49 3.15 16.48
O2 PBU B . -0.79 2.60 17.59
C3 PBU B . -2.67 2.23 16.12
O3 PBU B . -3.46 2.05 17.30
C4 PBU B . -2.17 0.85 15.53
O4 PBU B . -3.36 0.00 15.16
C5 PBU B . -1.26 1.14 14.28
O5 PBU B . -0.74 -0.14 13.77
C6 PBU B . -0.07 2.07 14.61
O6 PBU B . 0.69 2.43 13.44
C7 PBU B . 2.68 3.83 11.39
O7 PBU B . 3.30 2.79 11.48
C8 PBU B . 1.30 3.82 10.70
C9 PBU B . 1.23 2.71 9.64
C10 PBU B . -0.22 2.57 9.15
C11 PBU B . 3.24 9.17 13.82
O11 PBU B . 3.02 10.17 13.16
C12 PBU B . 3.43 9.26 15.36
C13 PBU B . 3.94 10.63 15.82
C14 PBU B . 5.38 10.88 15.34
O41 PBU B . -5.58 -0.92 14.76
O42 PBU B . -5.35 1.54 15.39
O43 PBU B . -4.71 0.85 13.08
O51 PBU B . -1.79 -2.04 12.70
O52 PBU B . -1.37 0.16 11.39
O53 PBU B . 0.57 -1.35 12.05
OP1 PBU B . 2.33 6.19 15.28
OP2 PBU B . -0.05 6.38 14.42
OP3 PBU B . 0.51 6.33 16.94
H3'1 PBU B . 4.01 5.71 14.29
H3'2 PBU B . 2.89 4.41 14.48
H2' PBU B . 1.40 5.39 12.86
H1'1 PBU B . 2.60 7.37 11.52
H1'2 PBU B . 1.45 7.65 12.74
H1 PBU B . -1.25 3.92 14.54
H2 PBU B . -1.88 4.13 16.77
H02 PBU B . -0.31 1.83 17.43
H3 PBU B . -3.29 2.69 15.34
H03 PBU B . -2.98 1.57 17.96
H4 PBU B . -1.58 0.29 16.24
H5 PBU B . -1.91 1.61 13.55
H6 PBU B . 0.59 1.56 15.30
H06 PBU B . 1.28 1.74 13.18
H81 PBU B . 1.14 4.76 10.23
H82 PBU B . 0.56 3.67 11.42
H91 PBU B . 1.55 1.80 10.07
H92 PBU B . 1.85 2.95 8.83
H11 PBU B . -0.53 3.48 8.72
H12 PBU B . -0.85 2.32 9.94
H13 PBU B . -0.26 1.81 8.41
H121 PBU B . 2.50 9.08 15.81
H122 PBU B . 4.12 8.53 15.64
H131 PBU B . 3.31 11.39 15.43
H132 PBU B . 3.91 10.67 16.88
H141 PBU B . 5.41 10.80 14.30
H142 PBU B . 6.04 10.19 15.77
H143 PBU B . 5.68 11.85 15.63
#